data_5F9H
#
_entry.id   5F9H
#
_cell.length_a   111.180
_cell.length_b   174.810
_cell.length_c   309.280
_cell.angle_alpha   90.00
_cell.angle_beta   90.00
_cell.angle_gamma   90.00
#
_symmetry.space_group_name_H-M   'P 21 21 21'
#
loop_
_entity.id
_entity.type
_entity.pdbx_description
1 polymer 'Probable ATP-dependent RNA helicase DDX58'
2 polymer "RNA (5'-R(P*AP*AP*UP*AP*UP*AP*AP*UP*AP*GP*UP*GP*AP*UP*AP*UP*UP*AP*UP*AP*UP*UP*C)-3')"
3 non-polymer 'ZINC ION'
4 non-polymer 'MAGNESIUM ION'
5 non-polymer "GUANOSINE-5'-TRIPHOSPHATE"
#
loop_
_entity_poly.entity_id
_entity_poly.type
_entity_poly.pdbx_seq_one_letter_code
_entity_poly.pdbx_strand_id
1 'polypeptide(L)'
;SVSDTNLYSPFKPRNYQLELALPAMKGKNTIICAPTGCGKTFVSLLICEHHLKKFPQGQKGKVVFFANQIPVYEQQKSVF
SKYFERHGYRVTGISGATAENVPVEQIVENNDIIILTPQILVNNLKKGTIPSLSIFTLMIFDECHNTSKQHPYNMIMFNY
LDQKLGGSSGPLPQVIGLTASVGVGDAKNTDEALDYICKLCASLDASVIATVKHNLEELEQVVYKPQKFFRKVESRISDK
FKYIIAQLMRDTESLAKRICKDLENLSQIQNREFGTQKYEQWIVTVQKACMVFQMPDKDEESRICKALFLYTSHLRKYND
ALIISEHARMKDALDYLKDFFSNVRAAGFDEIEQDLTQRFEEKLQELESVSRDPSNENPKLEDLCFILQEEYHLNPETIT
ILFVKTRALVDALKNWIEGNPKLSFLKPGILTGRGKTNQNTGMTLPAQKCILDAFKASGDHNILIATSVADEGIDIAQCN
LVILYEYVGNVIKMIQTRGRGRARGSKCFLLTSNAGVIEKEQINMYKEKMMNDSILRLQTWDEAVFREKILHIQTHEKFI
RDSQEKPKPVPDKENKKLLCRKCKALACYTADVRVIEECHYTVLGDAFKECFVSRPHPKPKQFSSFEKRAKIFCARQNCS
HDWGIHVKYKTFEIPVIKIESFVVEDIATGVQTLYSKWKDFHFEKIPFDPAEMSK
;
A,C,E,G,I,K
2 'polyribonucleotide' AAUAUAAUAGUGAUAUUAUAUUC B,D,F,H,J,L
#
# COMPACT_ATOMS: atom_id res chain seq x y z
N PHE A 11 -11.46 13.63 -3.29
CA PHE A 11 -11.72 13.23 -4.68
C PHE A 11 -11.60 11.72 -4.84
N LYS A 12 -11.65 11.27 -6.09
CA LYS A 12 -11.60 9.84 -6.39
C LYS A 12 -10.44 9.51 -7.33
N PRO A 13 -9.27 9.20 -6.76
CA PRO A 13 -8.07 8.89 -7.54
C PRO A 13 -8.17 7.58 -8.29
N ARG A 14 -7.63 7.54 -9.51
CA ARG A 14 -7.56 6.30 -10.26
C ARG A 14 -6.46 5.42 -9.68
N ASN A 15 -6.61 4.11 -9.83
CA ASN A 15 -5.71 3.16 -9.19
C ASN A 15 -4.25 3.30 -9.62
N TYR A 16 -4.02 3.65 -10.88
CA TYR A 16 -2.65 3.77 -11.37
C TYR A 16 -1.97 5.00 -10.77
N GLN A 17 -2.77 5.96 -10.32
CA GLN A 17 -2.23 7.15 -9.65
C GLN A 17 -1.71 6.78 -8.26
N LEU A 18 -2.49 5.98 -7.54
CA LEU A 18 -2.08 5.45 -6.25
C LEU A 18 -0.84 4.57 -6.42
N GLU A 19 -0.82 3.79 -7.49
CA GLU A 19 0.31 2.92 -7.80
C GLU A 19 1.57 3.73 -8.07
N LEU A 20 1.44 4.82 -8.82
CA LEU A 20 2.56 5.68 -9.13
C LEU A 20 3.06 6.41 -7.89
N ALA A 21 2.14 6.80 -7.03
CA ALA A 21 2.51 7.56 -5.83
C ALA A 21 3.09 6.68 -4.74
N LEU A 22 2.77 5.38 -4.78
CA LEU A 22 3.16 4.45 -3.72
C LEU A 22 4.65 4.40 -3.39
N PRO A 23 5.55 4.37 -4.41
CA PRO A 23 6.96 4.37 -4.05
C PRO A 23 7.40 5.64 -3.32
N ALA A 24 6.75 6.75 -3.63
CA ALA A 24 7.08 8.04 -3.01
C ALA A 24 6.55 8.11 -1.58
N MET A 25 5.36 7.55 -1.37
CA MET A 25 4.72 7.59 -0.07
C MET A 25 5.43 6.68 0.93
N LYS A 26 6.34 5.85 0.43
CA LYS A 26 7.15 5.00 1.29
C LYS A 26 8.48 5.67 1.60
N GLY A 27 8.66 6.89 1.11
CA GLY A 27 9.81 7.71 1.46
C GLY A 27 10.99 7.59 0.50
N LYS A 28 10.83 6.77 -0.53
CA LYS A 28 11.91 6.55 -1.48
C LYS A 28 11.99 7.69 -2.48
N ASN A 29 13.22 8.10 -2.82
CA ASN A 29 13.39 9.12 -3.85
C ASN A 29 13.02 8.50 -5.19
N THR A 30 12.07 9.13 -5.88
CA THR A 30 11.38 8.44 -6.97
C THR A 30 11.18 9.29 -8.21
N ILE A 31 11.59 8.76 -9.35
CA ILE A 31 11.25 9.38 -10.64
C ILE A 31 9.97 8.75 -11.18
N ILE A 32 8.91 9.54 -11.27
CA ILE A 32 7.63 9.04 -11.75
C ILE A 32 7.48 9.25 -13.25
N CYS A 33 7.43 8.15 -13.99
CA CYS A 33 7.35 8.21 -15.44
C CYS A 33 6.01 7.67 -15.93
N ALA A 34 5.16 8.57 -16.43
CA ALA A 34 3.82 8.22 -16.87
C ALA A 34 3.41 9.10 -18.06
N PRO A 35 2.51 8.57 -18.92
CA PRO A 35 2.08 9.32 -20.11
C PRO A 35 1.51 10.70 -19.80
N THR A 36 1.66 11.63 -20.73
CA THR A 36 1.16 12.98 -20.54
C THR A 36 -0.36 13.01 -20.47
N GLY A 37 -0.90 13.62 -19.42
CA GLY A 37 -2.33 13.75 -19.27
C GLY A 37 -2.97 12.65 -18.45
N CYS A 38 -2.15 11.95 -17.67
CA CYS A 38 -2.65 10.89 -16.81
C CYS A 38 -3.04 11.44 -15.45
N GLY A 39 -3.01 12.77 -15.32
CA GLY A 39 -3.30 13.42 -14.07
C GLY A 39 -2.19 13.37 -13.03
N LYS A 40 -1.00 13.80 -13.41
CA LYS A 40 0.14 13.88 -12.50
C LYS A 40 -0.08 14.89 -11.37
N THR A 41 -0.98 15.84 -11.59
CA THR A 41 -1.28 16.86 -10.59
C THR A 41 -1.80 16.23 -9.31
N PHE A 42 -2.76 15.32 -9.47
CA PHE A 42 -3.34 14.64 -8.31
C PHE A 42 -2.35 13.68 -7.68
N VAL A 43 -1.39 13.20 -8.46
CA VAL A 43 -0.32 12.37 -7.94
C VAL A 43 0.53 13.19 -6.98
N SER A 44 0.91 14.38 -7.43
CA SER A 44 1.65 15.32 -6.60
C SER A 44 0.87 15.66 -5.34
N LEU A 45 -0.43 15.89 -5.49
CA LEU A 45 -1.29 16.20 -4.35
C LEU A 45 -1.31 15.05 -3.34
N LEU A 46 -1.40 13.82 -3.83
CA LEU A 46 -1.39 12.64 -2.97
C LEU A 46 -0.08 12.52 -2.19
N ILE A 47 1.03 12.50 -2.92
CA ILE A 47 2.34 12.38 -2.31
C ILE A 47 2.58 13.47 -1.27
N CYS A 48 2.22 14.70 -1.62
CA CYS A 48 2.40 15.84 -0.74
C CYS A 48 1.55 15.75 0.52
N GLU A 49 0.27 15.39 0.35
CA GLU A 49 -0.63 15.24 1.47
C GLU A 49 -0.13 14.18 2.45
N HIS A 50 0.23 13.02 1.91
CA HIS A 50 0.74 11.94 2.74
C HIS A 50 2.03 12.34 3.44
N HIS A 51 2.89 13.07 2.74
CA HIS A 51 4.15 13.53 3.31
C HIS A 51 3.94 14.48 4.48
N LEU A 52 3.00 15.42 4.31
CA LEU A 52 2.76 16.41 5.34
C LEU A 52 2.04 15.83 6.55
N LYS A 53 1.17 14.84 6.32
CA LYS A 53 0.38 14.29 7.41
C LYS A 53 1.12 13.22 8.22
N LYS A 54 2.26 12.77 7.72
CA LYS A 54 2.98 11.67 8.35
C LYS A 54 3.76 12.10 9.60
N PHE A 55 4.04 13.39 9.71
CA PHE A 55 4.83 13.91 10.82
C PHE A 55 4.04 13.92 12.12
N PRO A 56 4.72 13.61 13.24
CA PRO A 56 4.10 13.68 14.57
C PRO A 56 3.74 15.11 14.94
N GLN A 57 3.16 15.30 16.11
CA GLN A 57 2.66 16.61 16.51
C GLN A 57 3.78 17.65 16.64
N GLY A 58 4.86 17.27 17.32
CA GLY A 58 5.95 18.20 17.59
C GLY A 58 6.82 18.52 16.40
N GLN A 59 6.50 17.95 15.25
CA GLN A 59 7.29 18.18 14.04
C GLN A 59 6.40 18.59 12.87
N LYS A 60 7.03 19.19 11.86
CA LYS A 60 6.31 19.55 10.64
C LYS A 60 7.26 19.52 9.43
N GLY A 61 6.71 19.19 8.27
CA GLY A 61 7.50 19.12 7.06
C GLY A 61 7.33 20.33 6.18
N LYS A 62 8.22 20.47 5.20
CA LYS A 62 8.16 21.59 4.26
C LYS A 62 8.39 21.07 2.84
N VAL A 63 7.39 21.28 1.98
CA VAL A 63 7.46 20.77 0.62
C VAL A 63 7.75 21.88 -0.38
N VAL A 64 8.67 21.63 -1.30
CA VAL A 64 8.93 22.61 -2.37
C VAL A 64 8.66 22.01 -3.75
N PHE A 65 7.78 22.67 -4.50
CA PHE A 65 7.42 22.23 -5.84
C PHE A 65 8.10 23.11 -6.89
N PHE A 66 8.83 22.48 -7.81
CA PHE A 66 9.55 23.20 -8.85
C PHE A 66 8.80 23.16 -10.17
N ALA A 67 8.29 24.32 -10.56
CA ALA A 67 7.65 24.49 -11.86
C ALA A 67 8.58 25.31 -12.74
N ASN A 68 8.82 24.82 -13.95
CA ASN A 68 9.79 25.45 -14.84
C ASN A 68 9.22 26.65 -15.59
N GLN A 69 7.90 26.74 -15.64
CA GLN A 69 7.23 27.80 -16.39
C GLN A 69 6.23 28.56 -15.52
N ILE A 70 6.10 29.86 -15.76
CA ILE A 70 5.18 30.71 -15.01
C ILE A 70 3.71 30.25 -15.08
N PRO A 71 3.20 29.85 -16.26
CA PRO A 71 1.82 29.35 -16.24
C PRO A 71 1.63 28.13 -15.34
N VAL A 72 2.56 27.18 -15.42
CA VAL A 72 2.54 26.00 -14.57
C VAL A 72 2.71 26.41 -13.11
N TYR A 73 3.54 27.41 -12.87
CA TYR A 73 3.74 27.97 -11.54
C TYR A 73 2.42 28.44 -10.93
N GLU A 74 1.71 29.29 -11.67
CA GLU A 74 0.46 29.86 -11.20
C GLU A 74 -0.62 28.80 -11.02
N GLN A 75 -0.70 27.88 -11.99
CA GLN A 75 -1.69 26.80 -11.91
C GLN A 75 -1.47 25.94 -10.67
N GLN A 76 -0.25 25.46 -10.51
CA GLN A 76 0.09 24.58 -9.39
C GLN A 76 -0.08 25.29 -8.05
N LYS A 77 0.32 26.57 -8.00
CA LYS A 77 0.15 27.36 -6.79
C LYS A 77 -1.32 27.46 -6.42
N SER A 78 -2.15 27.73 -7.43
CA SER A 78 -3.59 27.82 -7.22
C SER A 78 -4.20 26.52 -6.71
N VAL A 79 -3.91 25.42 -7.42
CA VAL A 79 -4.46 24.11 -7.06
C VAL A 79 -4.02 23.67 -5.67
N PHE A 80 -2.73 23.81 -5.39
CA PHE A 80 -2.20 23.45 -4.08
C PHE A 80 -2.82 24.29 -2.97
N SER A 81 -2.99 25.58 -3.24
CA SER A 81 -3.61 26.47 -2.25
C SER A 81 -5.05 26.07 -1.97
N LYS A 82 -5.82 25.80 -3.01
CA LYS A 82 -7.22 25.42 -2.83
C LYS A 82 -7.35 24.05 -2.17
N TYR A 83 -6.38 23.18 -2.40
CA TYR A 83 -6.42 21.83 -1.85
C TYR A 83 -6.01 21.76 -0.39
N PHE A 84 -4.91 22.43 -0.04
CA PHE A 84 -4.30 22.27 1.28
C PHE A 84 -4.64 23.34 2.32
N GLU A 85 -5.44 24.33 1.94
CA GLU A 85 -5.81 25.38 2.87
C GLU A 85 -6.67 24.81 4.00
N ARG A 86 -7.56 23.90 3.64
CA ARG A 86 -8.47 23.29 4.60
C ARG A 86 -7.74 22.40 5.61
N HIS A 87 -6.63 21.82 5.20
CA HIS A 87 -5.89 20.91 6.05
C HIS A 87 -4.93 21.64 6.98
N GLY A 88 -4.89 22.97 6.85
CA GLY A 88 -4.07 23.78 7.73
C GLY A 88 -2.64 23.93 7.27
N TYR A 89 -2.41 23.82 5.97
CA TYR A 89 -1.07 24.01 5.41
C TYR A 89 -1.01 25.25 4.53
N ARG A 90 -0.10 26.17 4.86
CA ARG A 90 0.04 27.40 4.12
C ARG A 90 0.78 27.16 2.81
N VAL A 91 0.15 27.54 1.70
CA VAL A 91 0.77 27.41 0.39
C VAL A 91 1.13 28.79 -0.17
N THR A 92 2.36 28.92 -0.64
CA THR A 92 2.79 30.17 -1.26
C THR A 92 3.66 29.89 -2.48
N GLY A 93 4.18 30.95 -3.09
CA GLY A 93 5.07 30.79 -4.22
C GLY A 93 5.99 31.98 -4.38
N ILE A 94 7.14 31.75 -5.02
CA ILE A 94 8.04 32.86 -5.36
C ILE A 94 8.51 32.74 -6.80
N SER A 95 8.13 33.72 -7.62
CA SER A 95 8.55 33.75 -9.01
C SER A 95 9.43 34.97 -9.24
N GLY A 96 9.87 35.16 -10.48
CA GLY A 96 10.77 36.25 -10.82
C GLY A 96 10.23 37.62 -10.48
N ALA A 97 8.90 37.77 -10.56
CA ALA A 97 8.27 39.06 -10.31
C ALA A 97 8.26 39.41 -8.82
N THR A 98 8.02 38.41 -7.98
CA THR A 98 7.93 38.61 -6.54
C THR A 98 9.23 38.33 -5.78
N ALA A 99 10.30 38.01 -6.51
CA ALA A 99 11.53 37.52 -5.88
C ALA A 99 12.42 38.63 -5.32
N GLU A 100 12.20 39.87 -5.75
CA GLU A 100 13.10 40.96 -5.38
C GLU A 100 12.64 41.73 -4.16
N ASN A 101 13.60 42.11 -3.32
CA ASN A 101 13.35 42.92 -2.12
C ASN A 101 12.36 42.28 -1.16
N VAL A 102 12.40 40.96 -1.06
CA VAL A 102 11.54 40.23 -0.15
C VAL A 102 12.36 39.26 0.72
N PRO A 103 11.93 39.06 1.96
CA PRO A 103 12.60 38.11 2.87
C PRO A 103 12.34 36.67 2.46
N VAL A 104 13.01 36.22 1.40
CA VAL A 104 12.82 34.89 0.85
C VAL A 104 13.00 33.78 1.90
N GLU A 105 13.95 33.96 2.80
CA GLU A 105 14.20 32.99 3.86
C GLU A 105 12.99 32.88 4.80
N GLN A 106 12.43 34.03 5.18
CA GLN A 106 11.25 34.04 6.04
C GLN A 106 10.02 33.49 5.32
N ILE A 107 9.90 33.82 4.04
CA ILE A 107 8.79 33.32 3.23
C ILE A 107 8.83 31.80 3.16
N VAL A 108 10.03 31.25 2.96
CA VAL A 108 10.20 29.80 2.96
C VAL A 108 9.90 29.22 4.34
N GLU A 109 10.40 29.89 5.37
CA GLU A 109 10.24 29.43 6.74
C GLU A 109 8.79 29.43 7.22
N ASN A 110 8.03 30.44 6.79
CA ASN A 110 6.68 30.65 7.29
C ASN A 110 5.60 29.90 6.50
N ASN A 111 6.02 29.11 5.52
CA ASN A 111 5.07 28.38 4.70
C ASN A 111 5.41 26.89 4.58
N ASP A 112 4.37 26.06 4.58
CA ASP A 112 4.52 24.62 4.52
C ASP A 112 4.77 24.10 3.10
N ILE A 113 4.05 24.67 2.13
CA ILE A 113 4.23 24.28 0.74
C ILE A 113 4.59 25.50 -0.10
N ILE A 114 5.71 25.41 -0.82
CA ILE A 114 6.25 26.54 -1.55
C ILE A 114 6.48 26.18 -3.01
N ILE A 115 5.85 26.92 -3.92
CA ILE A 115 6.07 26.70 -5.34
C ILE A 115 7.09 27.71 -5.87
N LEU A 116 8.16 27.18 -6.45
CA LEU A 116 9.24 28.00 -6.96
C LEU A 116 9.52 27.71 -8.43
N THR A 117 9.99 28.72 -9.14
CA THR A 117 10.72 28.50 -10.37
C THR A 117 12.16 28.31 -9.93
N PRO A 118 12.84 27.28 -10.48
CA PRO A 118 14.12 26.79 -9.95
C PRO A 118 15.20 27.87 -9.79
N GLN A 119 15.18 28.87 -10.66
CA GLN A 119 16.19 29.92 -10.64
C GLN A 119 16.18 30.70 -9.34
N ILE A 120 15.01 30.81 -8.71
CA ILE A 120 14.91 31.48 -7.42
C ILE A 120 15.74 30.75 -6.40
N LEU A 121 15.59 29.43 -6.33
CA LEU A 121 16.32 28.63 -5.36
C LEU A 121 17.80 28.60 -5.69
N VAL A 122 18.14 28.52 -6.97
CA VAL A 122 19.55 28.55 -7.37
C VAL A 122 20.22 29.84 -6.91
N ASN A 123 19.63 30.96 -7.31
CA ASN A 123 20.17 32.28 -6.97
C ASN A 123 20.23 32.52 -5.47
N ASN A 124 19.22 32.06 -4.74
CA ASN A 124 19.17 32.28 -3.30
C ASN A 124 20.09 31.34 -2.53
N LEU A 125 20.39 30.19 -3.10
CA LEU A 125 21.37 29.29 -2.52
C LEU A 125 22.74 29.88 -2.71
N LYS A 126 23.01 30.39 -3.91
CA LYS A 126 24.29 30.99 -4.22
C LYS A 126 24.53 32.29 -3.43
N LYS A 127 23.46 33.03 -3.20
CA LYS A 127 23.54 34.29 -2.47
C LYS A 127 23.77 34.03 -0.98
N GLY A 128 23.26 32.91 -0.50
CA GLY A 128 23.43 32.52 0.89
C GLY A 128 22.20 32.75 1.74
N THR A 129 21.15 33.31 1.14
CA THR A 129 19.91 33.59 1.87
C THR A 129 19.22 32.31 2.29
N ILE A 130 19.32 31.28 1.46
CA ILE A 130 18.93 29.94 1.88
C ILE A 130 20.21 29.14 2.13
N PRO A 131 20.52 28.91 3.41
CA PRO A 131 21.80 28.30 3.78
C PRO A 131 21.93 26.84 3.35
N SER A 132 20.83 26.11 3.37
CA SER A 132 20.86 24.69 3.04
C SER A 132 19.51 24.19 2.53
N LEU A 133 19.54 23.07 1.82
CA LEU A 133 18.33 22.43 1.34
C LEU A 133 17.72 21.58 2.45
N SER A 134 18.36 21.59 3.60
CA SER A 134 17.90 20.84 4.76
C SER A 134 16.62 21.42 5.35
N ILE A 135 16.25 22.61 4.89
CA ILE A 135 15.04 23.27 5.36
C ILE A 135 13.81 22.60 4.77
N PHE A 136 13.98 21.98 3.60
CA PHE A 136 12.90 21.26 2.94
C PHE A 136 12.93 19.78 3.33
N THR A 137 11.78 19.22 3.66
CA THR A 137 11.69 17.78 3.88
C THR A 137 11.28 17.03 2.62
N LEU A 138 10.82 17.76 1.60
CA LEU A 138 10.45 17.15 0.34
C LEU A 138 10.62 18.10 -0.85
N MET A 139 11.10 17.54 -1.97
CA MET A 139 11.27 18.28 -3.21
C MET A 139 10.56 17.57 -4.34
N ILE A 140 9.84 18.32 -5.16
CA ILE A 140 9.19 17.75 -6.33
C ILE A 140 9.60 18.52 -7.57
N PHE A 141 10.21 17.83 -8.54
CA PHE A 141 10.61 18.46 -9.78
C PHE A 141 9.61 18.18 -10.89
N ASP A 142 8.94 19.20 -11.39
CA ASP A 142 8.07 19.01 -12.54
C ASP A 142 8.93 18.96 -13.80
N GLU A 143 8.62 18.01 -14.68
CA GLU A 143 9.42 17.78 -15.89
C GLU A 143 10.88 17.53 -15.54
N CYS A 144 11.10 16.55 -14.66
CA CYS A 144 12.42 16.30 -14.07
C CYS A 144 13.48 15.83 -15.04
N HIS A 145 13.10 15.52 -16.27
CA HIS A 145 14.05 15.13 -17.29
C HIS A 145 14.97 16.30 -17.64
N ASN A 146 14.55 17.49 -17.23
CA ASN A 146 15.34 18.70 -17.42
C ASN A 146 16.56 18.75 -16.51
N THR A 147 16.71 17.77 -15.64
CA THR A 147 17.83 17.81 -14.72
C THR A 147 19.01 17.14 -15.41
N SER A 148 19.94 18.00 -15.84
CA SER A 148 21.10 17.61 -16.65
C SER A 148 21.80 18.88 -17.06
N LYS A 149 23.05 18.76 -17.48
CA LYS A 149 23.84 19.88 -17.97
C LYS A 149 23.81 21.08 -17.01
N GLN A 150 23.63 22.27 -17.55
CA GLN A 150 23.66 23.49 -16.74
C GLN A 150 22.27 24.02 -16.36
N HIS A 151 21.22 23.28 -16.70
CA HIS A 151 19.85 23.64 -16.33
C HIS A 151 19.72 23.81 -14.82
N PRO A 152 18.96 24.82 -14.37
CA PRO A 152 18.79 25.17 -12.95
C PRO A 152 18.48 23.98 -12.04
N TYR A 153 17.66 23.04 -12.51
CA TYR A 153 17.37 21.82 -11.78
C TYR A 153 18.67 21.12 -11.39
N ASN A 154 19.56 20.99 -12.35
CA ASN A 154 20.82 20.29 -12.13
C ASN A 154 21.74 21.06 -11.21
N MET A 155 21.60 22.39 -11.17
CA MET A 155 22.37 23.22 -10.25
C MET A 155 21.91 22.96 -8.82
N ILE A 156 20.59 22.98 -8.63
CA ILE A 156 20.00 22.64 -7.35
C ILE A 156 20.47 21.26 -6.89
N MET A 157 20.42 20.30 -7.79
CA MET A 157 20.85 18.95 -7.45
C MET A 157 22.36 18.86 -7.23
N PHE A 158 23.10 19.80 -7.80
CA PHE A 158 24.53 19.89 -7.52
C PHE A 158 24.73 20.31 -6.08
N ASN A 159 23.92 21.26 -5.62
CA ASN A 159 23.97 21.66 -4.21
C ASN A 159 23.60 20.48 -3.30
N TYR A 160 22.51 19.80 -3.65
CA TYR A 160 22.03 18.63 -2.91
C TYR A 160 23.11 17.55 -2.79
N LEU A 161 23.74 17.22 -3.91
CA LEU A 161 24.74 16.16 -3.94
C LEU A 161 26.03 16.57 -3.28
N ASP A 162 26.35 17.86 -3.34
CA ASP A 162 27.54 18.36 -2.65
C ASP A 162 27.33 18.28 -1.15
N GLN A 163 26.09 18.50 -0.71
CA GLN A 163 25.77 18.35 0.71
C GLN A 163 25.80 16.88 1.13
N LYS A 164 25.25 16.02 0.27
CA LYS A 164 25.18 14.59 0.56
C LYS A 164 26.56 13.95 0.65
N LEU A 165 27.37 14.20 -0.38
CA LEU A 165 28.67 13.57 -0.52
C LEU A 165 29.74 14.29 0.31
N GLY A 166 29.41 15.47 0.79
CA GLY A 166 30.33 16.25 1.61
C GLY A 166 30.49 15.66 3.00
N GLY A 167 31.48 16.16 3.73
CA GLY A 167 31.80 15.63 5.06
C GLY A 167 30.70 15.85 6.09
N SER A 168 30.32 17.11 6.29
CA SER A 168 29.25 17.42 7.22
C SER A 168 27.93 17.53 6.47
N SER A 169 27.04 16.57 6.71
CA SER A 169 25.78 16.51 5.99
C SER A 169 24.59 16.44 6.94
N GLY A 170 23.76 17.49 6.89
CA GLY A 170 22.55 17.50 7.68
C GLY A 170 21.48 16.63 7.03
N PRO A 171 20.25 16.70 7.52
CA PRO A 171 19.15 15.93 6.94
C PRO A 171 18.82 16.40 5.53
N LEU A 172 18.49 15.48 4.64
CA LEU A 172 18.22 15.83 3.25
C LEU A 172 16.78 15.55 2.87
N PRO A 173 16.21 16.38 1.98
CA PRO A 173 14.83 16.21 1.54
C PRO A 173 14.66 15.04 0.59
N GLN A 174 13.52 14.35 0.69
CA GLN A 174 13.16 13.33 -0.28
C GLN A 174 13.06 13.99 -1.65
N VAL A 175 13.44 13.29 -2.70
CA VAL A 175 13.40 13.88 -4.04
C VAL A 175 12.52 13.09 -5.00
N ILE A 176 11.47 13.74 -5.47
CA ILE A 176 10.54 13.13 -6.41
C ILE A 176 10.55 13.88 -7.74
N GLY A 177 10.94 13.18 -8.80
CA GLY A 177 10.86 13.74 -10.13
C GLY A 177 9.56 13.35 -10.83
N LEU A 178 9.14 14.15 -11.79
CA LEU A 178 7.95 13.86 -12.57
C LEU A 178 8.22 14.07 -14.05
N THR A 179 8.04 13.01 -14.86
CA THR A 179 8.26 13.16 -16.30
C THR A 179 7.45 12.16 -17.12
N ALA A 180 7.16 12.53 -18.36
CA ALA A 180 6.57 11.60 -19.32
C ALA A 180 7.65 10.74 -19.95
N SER A 181 8.83 11.33 -20.12
CA SER A 181 9.97 10.63 -20.69
C SER A 181 11.28 11.05 -20.02
N VAL A 182 12.08 10.08 -19.61
CA VAL A 182 13.38 10.37 -19.00
C VAL A 182 14.42 10.69 -20.07
N GLY A 183 14.21 10.14 -21.27
CA GLY A 183 15.10 10.37 -22.39
C GLY A 183 16.24 9.36 -22.40
N VAL A 184 16.70 9.00 -23.58
CA VAL A 184 17.89 8.15 -23.71
C VAL A 184 19.15 8.92 -24.10
N GLY A 185 19.02 10.22 -24.34
CA GLY A 185 20.13 11.00 -24.86
C GLY A 185 20.46 10.64 -26.29
N ASP A 186 21.74 10.55 -26.60
CA ASP A 186 22.20 10.22 -27.96
C ASP A 186 22.45 8.72 -28.13
N ALA A 187 22.08 7.94 -27.11
CA ALA A 187 22.33 6.50 -27.05
C ALA A 187 21.88 5.74 -28.31
N LYS A 188 22.78 4.92 -28.85
CA LYS A 188 22.49 4.13 -30.03
C LYS A 188 22.06 2.69 -29.74
N ASN A 189 22.08 2.31 -28.46
CA ASN A 189 21.67 0.96 -28.06
C ASN A 189 21.21 0.91 -26.60
N THR A 190 20.53 -0.18 -26.24
CA THR A 190 19.89 -0.30 -24.93
C THR A 190 20.84 -0.16 -23.74
N ASP A 191 22.10 -0.52 -23.93
CA ASP A 191 23.07 -0.39 -22.85
C ASP A 191 23.42 1.07 -22.59
N GLU A 192 23.68 1.82 -23.65
CA GLU A 192 23.95 3.24 -23.55
C GLU A 192 22.74 3.98 -22.99
N ALA A 193 21.55 3.54 -23.39
CA ALA A 193 20.31 4.08 -22.86
C ALA A 193 20.23 3.84 -21.36
N LEU A 194 20.55 2.62 -20.95
CA LEU A 194 20.55 2.25 -19.55
C LEU A 194 21.51 3.14 -18.77
N ASP A 195 22.67 3.42 -19.35
CA ASP A 195 23.65 4.30 -18.73
C ASP A 195 23.12 5.72 -18.59
N TYR A 196 22.45 6.22 -19.62
CA TYR A 196 21.88 7.57 -19.58
C TYR A 196 20.82 7.68 -18.48
N ILE A 197 19.93 6.69 -18.44
CA ILE A 197 18.87 6.69 -17.44
C ILE A 197 19.43 6.60 -16.03
N CYS A 198 20.46 5.77 -15.86
CA CYS A 198 21.13 5.65 -14.56
C CYS A 198 21.82 6.96 -14.15
N LYS A 199 22.37 7.66 -15.14
CA LYS A 199 23.00 8.95 -14.87
C LYS A 199 21.97 10.00 -14.47
N LEU A 200 20.80 9.95 -15.11
CA LEU A 200 19.71 10.85 -14.74
C LEU A 200 19.22 10.57 -13.33
N CYS A 201 19.04 9.29 -13.02
CA CYS A 201 18.62 8.90 -11.68
C CYS A 201 19.66 9.33 -10.65
N ALA A 202 20.93 9.30 -11.06
CA ALA A 202 22.02 9.73 -10.20
C ALA A 202 21.98 11.24 -9.99
N SER A 203 21.52 11.96 -11.00
CA SER A 203 21.41 13.41 -10.91
C SER A 203 20.34 13.83 -9.91
N LEU A 204 19.25 13.07 -9.87
CA LEU A 204 18.14 13.37 -8.97
C LEU A 204 18.20 12.57 -7.67
N ASP A 205 19.25 11.76 -7.52
CA ASP A 205 19.43 10.90 -6.35
C ASP A 205 18.23 9.97 -6.19
N ALA A 206 17.72 9.46 -7.30
CA ALA A 206 16.53 8.61 -7.28
C ALA A 206 16.88 7.13 -7.37
N SER A 207 16.38 6.35 -6.41
CA SER A 207 16.64 4.92 -6.39
C SER A 207 15.51 4.09 -6.99
N VAL A 208 14.43 4.77 -7.39
CA VAL A 208 13.25 4.08 -7.92
C VAL A 208 12.66 4.80 -9.12
N ILE A 209 12.37 4.05 -10.18
CA ILE A 209 11.60 4.59 -11.30
C ILE A 209 10.21 3.98 -11.29
N ALA A 210 9.20 4.80 -11.01
CA ALA A 210 7.83 4.32 -10.90
C ALA A 210 7.08 4.47 -12.21
N THR A 211 6.54 3.36 -12.70
CA THR A 211 5.72 3.36 -13.90
C THR A 211 4.46 2.55 -13.66
N VAL A 212 3.48 2.69 -14.55
CA VAL A 212 2.23 1.94 -14.41
C VAL A 212 2.37 0.56 -15.04
N LYS A 213 2.17 -0.47 -14.22
CA LYS A 213 2.32 -1.85 -14.69
C LYS A 213 1.09 -2.69 -14.35
N HIS A 214 0.80 -2.82 -13.06
CA HIS A 214 -0.36 -3.59 -12.61
C HIS A 214 -1.67 -3.04 -13.19
N ASN A 215 -1.78 -1.72 -13.22
CA ASN A 215 -3.00 -1.02 -13.59
C ASN A 215 -3.13 -0.59 -15.06
N LEU A 216 -2.21 -1.07 -15.91
CA LEU A 216 -2.10 -0.61 -17.30
C LEU A 216 -3.42 -0.48 -18.08
N GLU A 217 -4.34 -1.40 -17.88
CA GLU A 217 -5.61 -1.35 -18.60
C GLU A 217 -6.39 -0.07 -18.29
N GLU A 218 -6.47 0.26 -17.00
CA GLU A 218 -7.13 1.47 -16.55
C GLU A 218 -6.50 2.72 -17.17
N LEU A 219 -5.18 2.76 -17.20
CA LEU A 219 -4.46 3.89 -17.78
C LEU A 219 -4.73 4.01 -19.27
N GLU A 220 -4.78 2.86 -19.95
CA GLU A 220 -4.99 2.83 -21.40
C GLU A 220 -6.44 3.14 -21.73
N GLN A 221 -7.31 3.12 -20.73
CA GLN A 221 -8.69 3.59 -20.93
C GLN A 221 -8.79 5.12 -20.77
N VAL A 222 -7.73 5.72 -20.25
CA VAL A 222 -7.70 7.17 -20.03
C VAL A 222 -6.87 7.87 -21.10
N VAL A 223 -5.57 7.56 -21.15
CA VAL A 223 -4.70 8.13 -22.16
C VAL A 223 -4.52 7.17 -23.34
N TYR A 224 -5.07 7.56 -24.50
CA TYR A 224 -4.94 6.76 -25.70
C TYR A 224 -3.78 7.24 -26.56
N LYS A 225 -3.10 6.32 -27.20
CA LYS A 225 -1.98 6.65 -28.08
C LYS A 225 -2.46 6.96 -29.49
N PRO A 226 -2.26 8.20 -29.94
CA PRO A 226 -2.70 8.63 -31.27
C PRO A 226 -1.95 7.92 -32.39
N GLN A 227 -2.67 7.56 -33.45
CA GLN A 227 -2.07 6.91 -34.60
C GLN A 227 -1.23 7.90 -35.40
N LYS A 228 -0.01 7.52 -35.73
CA LYS A 228 0.88 8.43 -36.43
C LYS A 228 1.11 8.02 -37.89
N PHE A 229 0.87 8.96 -38.80
CA PHE A 229 1.13 8.78 -40.22
C PHE A 229 2.27 9.70 -40.65
N PHE A 230 3.02 9.28 -41.66
CA PHE A 230 4.09 10.11 -42.20
C PHE A 230 3.82 10.42 -43.67
N ARG A 231 3.67 11.70 -43.99
CA ARG A 231 3.42 12.14 -45.35
C ARG A 231 4.70 12.68 -45.99
N LYS A 232 5.23 11.91 -46.93
CA LYS A 232 6.41 12.29 -47.68
C LYS A 232 6.01 12.85 -49.03
N VAL A 233 6.23 14.15 -49.21
CA VAL A 233 5.92 14.81 -50.46
C VAL A 233 7.21 15.30 -51.10
N GLU A 234 7.11 16.00 -52.22
CA GLU A 234 8.29 16.52 -52.89
C GLU A 234 8.28 18.04 -52.97
N SER A 235 9.47 18.62 -53.02
CA SER A 235 9.63 20.07 -53.12
C SER A 235 9.17 20.55 -54.49
N ARG A 236 8.89 21.84 -54.60
CA ARG A 236 8.37 22.40 -55.83
C ARG A 236 9.43 22.38 -56.94
N ILE A 237 9.07 21.77 -58.06
CA ILE A 237 9.96 21.74 -59.23
C ILE A 237 9.57 22.85 -60.21
N SER A 238 8.52 23.59 -59.86
CA SER A 238 7.94 24.60 -60.73
C SER A 238 8.44 26.01 -60.45
N ASP A 239 9.39 26.17 -59.54
CA ASP A 239 9.67 27.47 -58.96
C ASP A 239 10.48 28.38 -59.90
N LYS A 240 9.86 29.47 -60.33
CA LYS A 240 10.54 30.56 -61.05
C LYS A 240 10.94 31.72 -60.14
N PHE A 241 10.43 31.70 -58.91
CA PHE A 241 10.62 32.78 -57.95
C PHE A 241 12.06 32.80 -57.45
N LYS A 242 12.55 31.59 -57.15
CA LYS A 242 13.92 31.38 -56.69
C LYS A 242 14.94 31.91 -57.69
N TYR A 243 14.62 31.83 -58.97
CA TYR A 243 15.52 32.31 -60.02
C TYR A 243 15.71 33.83 -59.93
N ILE A 244 14.60 34.56 -59.93
CA ILE A 244 14.63 36.01 -59.82
C ILE A 244 15.33 36.46 -58.55
N ILE A 245 14.91 35.90 -57.42
CA ILE A 245 15.50 36.28 -56.14
C ILE A 245 17.00 35.94 -56.12
N ALA A 246 17.38 34.88 -56.81
CA ALA A 246 18.79 34.51 -56.92
C ALA A 246 19.55 35.56 -57.72
N GLN A 247 18.93 36.07 -58.78
CA GLN A 247 19.54 37.14 -59.56
C GLN A 247 19.79 38.36 -58.67
N LEU A 248 18.78 38.72 -57.88
CA LEU A 248 18.92 39.84 -56.95
C LEU A 248 20.08 39.61 -55.98
N MET A 249 20.14 38.39 -55.45
CA MET A 249 21.19 38.01 -54.50
C MET A 249 22.57 38.14 -55.13
N ARG A 250 22.69 37.74 -56.39
CA ARG A 250 23.94 37.85 -57.11
C ARG A 250 24.34 39.31 -57.31
N ASP A 251 23.35 40.15 -57.62
CA ASP A 251 23.60 41.58 -57.79
C ASP A 251 24.11 42.22 -56.51
N THR A 252 23.40 41.98 -55.41
CA THR A 252 23.80 42.54 -54.11
C THR A 252 25.16 42.01 -53.68
N GLU A 253 25.42 40.73 -53.98
CA GLU A 253 26.73 40.15 -53.75
C GLU A 253 27.80 40.90 -54.52
N SER A 254 27.47 41.30 -55.75
CA SER A 254 28.41 42.04 -56.60
C SER A 254 28.66 43.45 -56.05
N LEU A 255 27.62 44.05 -55.49
CA LEU A 255 27.76 45.37 -54.87
C LEU A 255 28.61 45.26 -53.60
N ALA A 256 28.57 44.10 -52.96
CA ALA A 256 29.44 43.83 -51.82
C ALA A 256 30.85 43.50 -52.31
N LYS A 257 30.95 42.93 -53.50
CA LYS A 257 32.24 42.61 -54.10
C LYS A 257 32.88 43.84 -54.72
N ARG A 258 32.14 44.95 -54.75
CA ARG A 258 32.64 46.18 -55.35
C ARG A 258 33.61 46.89 -54.41
N ILE A 259 33.28 46.93 -53.13
CA ILE A 259 34.08 47.63 -52.14
C ILE A 259 35.03 46.68 -51.40
N CYS A 260 34.99 45.40 -51.76
CA CYS A 260 35.91 44.42 -51.18
C CYS A 260 36.50 43.50 -52.24
N LYS A 261 37.53 42.75 -51.86
CA LYS A 261 38.15 41.82 -52.79
C LYS A 261 38.10 40.38 -52.29
N ASP A 262 37.32 39.56 -53.00
CA ASP A 262 37.34 38.11 -52.86
C ASP A 262 37.04 37.53 -51.48
N LEU A 263 37.98 36.72 -50.98
CA LEU A 263 37.82 35.85 -49.81
C LEU A 263 36.86 34.69 -50.10
N ARG A 272 27.16 28.52 -50.42
CA ARG A 272 27.39 27.54 -51.47
C ARG A 272 26.20 27.47 -52.42
N GLU A 273 25.01 27.26 -51.87
CA GLU A 273 23.78 27.39 -52.64
C GLU A 273 22.92 28.49 -52.05
N PHE A 274 22.20 29.21 -52.90
CA PHE A 274 21.24 30.19 -52.43
C PHE A 274 20.08 29.50 -51.72
N GLY A 275 19.52 30.15 -50.71
CA GLY A 275 18.34 29.66 -50.05
C GLY A 275 18.53 28.47 -49.12
N THR A 276 19.71 28.35 -48.53
CA THR A 276 19.98 27.28 -47.57
C THR A 276 20.64 27.82 -46.30
N GLN A 277 20.65 27.00 -45.25
CA GLN A 277 21.27 27.35 -43.98
C GLN A 277 22.75 27.69 -44.13
N LYS A 278 23.42 26.97 -45.03
CA LYS A 278 24.86 27.09 -45.19
C LYS A 278 25.22 28.49 -45.68
N TYR A 279 24.41 29.00 -46.61
CA TYR A 279 24.60 30.36 -47.11
C TYR A 279 24.29 31.38 -46.02
N GLU A 280 23.45 31.00 -45.07
CA GLU A 280 23.13 31.87 -43.94
C GLU A 280 24.34 31.99 -43.02
N GLN A 281 24.96 30.85 -42.71
CA GLN A 281 26.20 30.85 -41.94
C GLN A 281 27.26 31.67 -42.65
N TRP A 282 27.38 31.43 -43.95
CA TRP A 282 28.36 32.13 -44.78
C TRP A 282 28.17 33.65 -44.73
N ILE A 283 26.95 34.10 -44.97
CA ILE A 283 26.67 35.53 -45.04
C ILE A 283 26.79 36.19 -43.66
N VAL A 284 26.50 35.44 -42.60
CA VAL A 284 26.67 35.98 -41.25
C VAL A 284 28.15 36.17 -40.93
N THR A 285 28.94 35.11 -41.16
CA THR A 285 30.38 35.18 -40.92
C THR A 285 31.04 36.28 -41.76
N VAL A 286 30.59 36.42 -43.00
CA VAL A 286 31.06 37.48 -43.88
C VAL A 286 30.71 38.85 -43.30
N GLN A 287 29.48 38.98 -42.81
CA GLN A 287 29.03 40.22 -42.17
C GLN A 287 29.94 40.56 -40.99
N LYS A 288 30.40 39.53 -40.27
CA LYS A 288 31.35 39.74 -39.19
C LYS A 288 32.71 40.18 -39.74
N ALA A 289 33.09 39.62 -40.89
CA ALA A 289 34.38 39.93 -41.50
C ALA A 289 34.47 41.38 -41.95
N CYS A 290 33.36 41.91 -42.45
CA CYS A 290 33.32 43.29 -42.91
C CYS A 290 33.44 44.28 -41.76
N MET A 291 33.22 43.80 -40.54
CA MET A 291 33.28 44.65 -39.36
C MET A 291 34.70 44.85 -38.84
N VAL A 292 35.60 43.93 -39.19
CA VAL A 292 36.98 44.04 -38.74
C VAL A 292 37.86 44.82 -39.74
N PHE A 293 37.37 44.98 -40.97
CA PHE A 293 38.10 45.72 -41.99
C PHE A 293 38.24 47.18 -41.61
N GLN A 294 39.44 47.75 -41.72
CA GLN A 294 39.60 49.14 -41.31
C GLN A 294 40.42 49.99 -42.27
N MET A 295 40.16 51.30 -42.21
CA MET A 295 40.74 52.31 -43.09
C MET A 295 41.60 53.25 -42.26
N PRO A 296 42.61 53.88 -42.86
CA PRO A 296 43.26 54.98 -42.14
C PRO A 296 42.41 56.27 -42.09
N ASP A 297 41.62 56.54 -43.12
CA ASP A 297 40.66 57.65 -43.07
C ASP A 297 39.28 57.02 -42.82
N LYS A 298 38.81 57.13 -41.58
CA LYS A 298 37.73 56.27 -41.06
C LYS A 298 36.31 56.86 -41.09
N ASP A 299 36.12 58.09 -41.57
CA ASP A 299 34.74 58.50 -41.73
C ASP A 299 34.25 58.12 -43.12
N GLU A 300 35.18 57.61 -43.93
CA GLU A 300 34.85 56.72 -45.03
C GLU A 300 34.61 55.30 -44.51
N GLU A 301 35.19 54.94 -43.36
CA GLU A 301 34.83 53.67 -42.71
C GLU A 301 33.34 53.68 -42.35
N SER A 302 32.88 54.78 -41.76
CA SER A 302 31.45 54.92 -41.42
C SER A 302 30.58 54.63 -42.65
N ARG A 303 31.04 55.08 -43.82
CA ARG A 303 30.33 54.81 -45.07
C ARG A 303 30.45 53.36 -45.56
N ILE A 304 31.69 52.88 -45.70
CA ILE A 304 31.97 51.57 -46.29
C ILE A 304 31.36 50.44 -45.47
N CYS A 305 31.63 50.43 -44.17
CA CYS A 305 31.18 49.31 -43.35
C CYS A 305 29.67 49.30 -43.17
N LYS A 306 29.06 50.49 -43.22
CA LYS A 306 27.61 50.61 -43.16
C LYS A 306 27.00 50.04 -44.43
N ALA A 307 27.62 50.38 -45.57
CA ALA A 307 27.19 49.86 -46.85
C ALA A 307 27.25 48.33 -46.87
N LEU A 308 28.39 47.79 -46.43
CA LEU A 308 28.58 46.34 -46.39
C LEU A 308 27.60 45.66 -45.44
N PHE A 309 27.34 46.31 -44.31
CA PHE A 309 26.38 45.82 -43.34
C PHE A 309 25.00 45.71 -43.96
N LEU A 310 24.59 46.78 -44.66
CA LEU A 310 23.30 46.79 -45.35
C LEU A 310 23.22 45.71 -46.41
N TYR A 311 24.32 45.53 -47.15
CA TYR A 311 24.38 44.50 -48.20
C TYR A 311 24.18 43.11 -47.62
N THR A 312 24.99 42.75 -46.64
CA THR A 312 24.90 41.43 -46.01
C THR A 312 23.53 41.21 -45.37
N SER A 313 22.97 42.27 -44.78
CA SER A 313 21.64 42.19 -44.18
C SER A 313 20.58 41.88 -45.23
N HIS A 314 20.60 42.61 -46.34
CA HIS A 314 19.65 42.40 -47.42
C HIS A 314 19.79 40.99 -48.01
N LEU A 315 21.03 40.52 -48.12
CA LEU A 315 21.28 39.17 -48.60
C LEU A 315 20.64 38.15 -47.66
N ARG A 316 20.83 38.35 -46.36
CA ARG A 316 20.21 37.51 -45.34
C ARG A 316 18.69 37.46 -45.51
N LYS A 317 18.07 38.63 -45.62
CA LYS A 317 16.62 38.72 -45.77
C LYS A 317 16.12 38.01 -47.03
N TYR A 318 16.84 38.19 -48.13
CA TYR A 318 16.51 37.50 -49.38
C TYR A 318 16.56 35.98 -49.20
N ASN A 319 17.62 35.51 -48.55
CA ASN A 319 17.76 34.09 -48.26
C ASN A 319 16.58 33.56 -47.45
N ASP A 320 16.22 34.30 -46.40
CA ASP A 320 15.06 33.96 -45.59
C ASP A 320 13.80 33.87 -46.43
N ALA A 321 13.65 34.80 -47.35
CA ALA A 321 12.51 34.80 -48.28
C ALA A 321 12.49 33.52 -49.11
N LEU A 322 13.66 33.10 -49.57
CA LEU A 322 13.75 31.85 -50.33
C LEU A 322 13.32 30.66 -49.50
N ILE A 323 13.78 30.59 -48.25
CA ILE A 323 13.38 29.50 -47.37
C ILE A 323 11.86 29.48 -47.14
N ILE A 324 11.31 30.65 -46.86
CA ILE A 324 9.87 30.79 -46.68
C ILE A 324 9.11 30.31 -47.90
N SER A 325 9.59 30.68 -49.09
CA SER A 325 8.96 30.25 -50.33
C SER A 325 9.09 28.73 -50.50
N GLU A 326 10.14 28.16 -49.93
CA GLU A 326 10.33 26.72 -49.99
C GLU A 326 9.29 26.01 -49.14
N HIS A 327 9.03 26.55 -47.94
CA HIS A 327 8.10 25.91 -47.02
C HIS A 327 6.68 26.46 -47.06
N ALA A 328 6.44 27.47 -47.89
CA ALA A 328 5.13 28.13 -47.93
C ALA A 328 4.87 28.80 -49.27
N ARG A 329 3.84 29.63 -49.33
CA ARG A 329 3.51 30.36 -50.54
C ARG A 329 4.61 31.34 -50.95
N MET A 330 4.67 31.65 -52.23
CA MET A 330 5.59 32.68 -52.71
C MET A 330 5.13 34.04 -52.21
N LYS A 331 3.82 34.21 -52.09
CA LYS A 331 3.23 35.44 -51.61
C LYS A 331 3.71 35.77 -50.20
N ASP A 332 3.95 34.73 -49.39
CA ASP A 332 4.43 34.92 -48.03
C ASP A 332 5.87 35.45 -48.03
N ALA A 333 6.66 34.97 -48.97
CA ALA A 333 8.03 35.45 -49.14
C ALA A 333 8.03 36.90 -49.61
N LEU A 334 7.20 37.20 -50.60
CA LEU A 334 7.10 38.56 -51.12
C LEU A 334 6.57 39.53 -50.07
N ASP A 335 5.69 39.05 -49.20
CA ASP A 335 5.16 39.87 -48.12
C ASP A 335 6.23 40.09 -47.05
N TYR A 336 7.04 39.06 -46.85
CA TYR A 336 8.18 39.15 -45.94
C TYR A 336 9.14 40.26 -46.41
N LEU A 337 9.50 40.20 -47.68
CA LEU A 337 10.38 41.20 -48.27
C LEU A 337 9.76 42.59 -48.28
N LYS A 338 8.47 42.66 -48.61
CA LYS A 338 7.74 43.93 -48.64
C LYS A 338 7.74 44.60 -47.27
N ASP A 339 7.48 43.81 -46.24
CA ASP A 339 7.48 44.32 -44.87
C ASP A 339 8.89 44.73 -44.47
N PHE A 340 9.88 43.98 -44.96
CA PHE A 340 11.27 44.31 -44.68
C PHE A 340 11.67 45.66 -45.26
N PHE A 341 11.36 45.87 -46.53
CA PHE A 341 11.68 47.13 -47.20
C PHE A 341 10.79 48.26 -46.67
N SER A 342 9.66 47.89 -46.09
CA SER A 342 8.81 48.86 -45.42
C SER A 342 9.47 49.32 -44.13
N ASN A 343 10.19 48.40 -43.48
CA ASN A 343 10.95 48.74 -42.29
C ASN A 343 12.25 49.45 -42.62
N VAL A 344 12.73 49.26 -43.85
CA VAL A 344 13.89 49.98 -44.33
C VAL A 344 13.53 51.46 -44.47
N ARG A 345 12.36 51.73 -45.02
CA ARG A 345 11.82 53.07 -45.05
C ARG A 345 11.31 53.44 -43.66
N ALA A 346 10.82 54.67 -43.51
CA ALA A 346 10.35 55.18 -42.22
C ALA A 346 11.39 54.98 -41.13
N ALA A 347 12.65 55.21 -41.48
CA ALA A 347 13.75 55.05 -40.54
C ALA A 347 14.84 56.10 -40.78
N PHE A 349 15.98 56.98 -44.59
CA PHE A 349 16.37 57.49 -45.90
C PHE A 349 17.87 57.28 -46.11
N ASP A 350 18.28 56.02 -46.15
CA ASP A 350 19.69 55.68 -46.15
C ASP A 350 20.33 55.53 -47.51
N GLU A 351 21.48 56.17 -47.69
CA GLU A 351 22.63 55.54 -48.33
C GLU A 351 22.33 54.72 -49.57
N ILE A 352 22.68 53.44 -49.44
CA ILE A 352 22.44 52.41 -50.44
C ILE A 352 21.03 51.82 -50.29
N GLU A 353 20.35 52.18 -49.21
CA GLU A 353 19.02 51.60 -48.93
C GLU A 353 18.01 51.96 -50.01
N GLN A 354 18.00 53.21 -50.45
CA GLN A 354 17.12 53.64 -51.51
C GLN A 354 17.51 52.95 -52.81
N ASP A 355 18.82 52.78 -53.00
CA ASP A 355 19.37 52.07 -54.14
C ASP A 355 18.83 50.64 -54.20
N LEU A 356 19.02 49.90 -53.12
CA LEU A 356 18.58 48.50 -53.05
C LEU A 356 17.06 48.39 -53.15
N THR A 357 16.35 49.32 -52.52
CA THR A 357 14.90 49.35 -52.59
C THR A 357 14.43 49.47 -54.04
N GLN A 358 14.99 50.46 -54.75
CA GLN A 358 14.69 50.64 -56.16
C GLN A 358 14.99 49.39 -56.96
N ARG A 359 16.15 48.78 -56.69
CA ARG A 359 16.54 47.55 -57.37
C ARG A 359 15.54 46.42 -57.12
N PHE A 360 14.90 46.43 -55.96
CA PHE A 360 13.89 45.44 -55.63
C PHE A 360 12.59 45.73 -56.38
N GLU A 361 12.22 47.00 -56.43
CA GLU A 361 11.02 47.43 -57.13
C GLU A 361 11.14 47.17 -58.62
N GLU A 362 12.37 47.07 -59.11
CA GLU A 362 12.62 46.68 -60.50
C GLU A 362 11.95 45.35 -60.81
N LYS A 363 12.18 44.36 -59.96
CA LYS A 363 11.66 43.02 -60.18
C LYS A 363 10.35 42.73 -59.45
N LEU A 364 9.85 43.71 -58.69
CA LEU A 364 8.63 43.51 -57.92
C LEU A 364 7.43 43.10 -58.79
N GLN A 365 7.28 43.75 -59.94
CA GLN A 365 6.16 43.45 -60.84
C GLN A 365 6.21 42.00 -61.34
N GLU A 366 7.39 41.58 -61.77
CA GLU A 366 7.58 40.22 -62.26
C GLU A 366 7.34 39.20 -61.15
N LEU A 367 7.93 39.48 -59.98
CA LEU A 367 7.77 38.62 -58.81
C LEU A 367 6.31 38.44 -58.44
N GLU A 368 5.56 39.54 -58.40
CA GLU A 368 4.14 39.47 -58.07
C GLU A 368 3.37 38.76 -59.17
N SER A 369 3.84 38.89 -60.41
CA SER A 369 3.22 38.19 -61.53
C SER A 369 3.39 36.68 -61.37
N VAL A 370 4.52 36.28 -60.78
CA VAL A 370 4.80 34.87 -60.55
C VAL A 370 4.04 34.33 -59.33
N SER A 371 3.91 35.17 -58.31
CA SER A 371 3.28 34.75 -57.06
C SER A 371 1.77 34.53 -57.22
N ARG A 372 1.18 35.18 -58.20
CA ARG A 372 -0.27 35.09 -58.41
C ARG A 372 -0.65 33.98 -59.38
N ASP A 373 0.35 33.21 -59.81
CA ASP A 373 0.12 32.10 -60.73
C ASP A 373 -0.25 30.82 -59.97
N PRO A 374 -1.49 30.34 -60.16
CA PRO A 374 -1.99 29.14 -59.49
C PRO A 374 -1.24 27.87 -59.91
N SER A 375 -0.58 27.94 -61.06
CA SER A 375 0.19 26.80 -61.58
C SER A 375 1.47 26.58 -60.78
N ASN A 376 1.87 27.61 -60.03
CA ASN A 376 3.16 27.60 -59.35
C ASN A 376 3.11 27.15 -57.89
N GLU A 377 1.95 26.72 -57.43
CA GLU A 377 1.71 26.53 -56.00
C GLU A 377 2.48 25.36 -55.38
N ASN A 378 2.74 25.49 -54.08
CA ASN A 378 3.51 24.51 -53.32
C ASN A 378 2.74 23.22 -53.09
N PRO A 379 3.30 22.09 -53.53
CA PRO A 379 2.69 20.76 -53.35
C PRO A 379 2.57 20.36 -51.88
N LYS A 380 3.45 20.88 -51.03
CA LYS A 380 3.40 20.61 -49.60
C LYS A 380 2.11 21.16 -49.01
N LEU A 381 1.80 22.41 -49.35
CA LEU A 381 0.56 23.05 -48.93
C LEU A 381 -0.64 22.36 -49.56
N GLU A 382 -0.44 21.78 -50.74
CA GLU A 382 -1.48 21.05 -51.42
C GLU A 382 -1.87 19.80 -50.63
N ASP A 383 -0.85 19.04 -50.23
CA ASP A 383 -1.05 17.82 -49.46
C ASP A 383 -1.62 18.14 -48.07
N LEU A 384 -1.12 19.22 -47.47
CA LEU A 384 -1.62 19.67 -46.18
C LEU A 384 -3.11 20.00 -46.26
N CYS A 385 -3.47 20.79 -47.28
CA CYS A 385 -4.85 21.14 -47.56
C CYS A 385 -5.69 19.88 -47.76
N PHE A 386 -5.11 18.89 -48.42
CA PHE A 386 -5.79 17.61 -48.65
C PHE A 386 -6.12 16.94 -47.32
N ILE A 387 -5.11 16.81 -46.46
CA ILE A 387 -5.29 16.21 -45.14
C ILE A 387 -6.40 16.92 -44.35
N LEU A 388 -6.31 18.25 -44.29
CA LEU A 388 -7.31 19.05 -43.59
C LEU A 388 -8.71 18.81 -44.14
N GLN A 389 -8.83 18.85 -45.46
CA GLN A 389 -10.11 18.63 -46.13
C GLN A 389 -10.72 17.28 -45.77
N GLU A 390 -9.93 16.22 -45.91
CA GLU A 390 -10.40 14.88 -45.63
C GLU A 390 -10.84 14.72 -44.17
N GLU A 391 -9.97 15.11 -43.26
CA GLU A 391 -10.24 14.92 -41.83
C GLU A 391 -11.43 15.76 -41.35
N TYR A 392 -11.60 16.95 -41.91
CA TYR A 392 -12.73 17.79 -41.52
C TYR A 392 -14.01 17.41 -42.26
N HIS A 393 -13.87 16.65 -43.34
CA HIS A 393 -15.03 16.10 -44.03
C HIS A 393 -15.57 14.94 -43.22
N LEU A 394 -14.66 14.10 -42.73
CA LEU A 394 -15.05 12.96 -41.92
C LEU A 394 -15.50 13.39 -40.53
N ASN A 395 -14.84 14.40 -39.98
CA ASN A 395 -15.19 14.92 -38.66
C ASN A 395 -15.14 16.45 -38.59
N PRO A 396 -16.26 17.11 -38.93
CA PRO A 396 -16.34 18.58 -38.94
C PRO A 396 -16.09 19.23 -37.58
N GLU A 397 -16.15 18.45 -36.50
CA GLU A 397 -15.95 18.98 -35.15
C GLU A 397 -14.48 18.92 -34.73
N THR A 398 -13.63 18.53 -35.67
CA THR A 398 -12.21 18.35 -35.41
C THR A 398 -11.51 19.61 -34.90
N ILE A 399 -10.75 19.46 -33.82
CA ILE A 399 -9.84 20.51 -33.37
C ILE A 399 -8.42 20.11 -33.77
N THR A 400 -7.75 20.99 -34.52
CA THR A 400 -6.43 20.67 -35.05
C THR A 400 -5.36 21.55 -34.43
N ILE A 401 -4.16 21.00 -34.24
CA ILE A 401 -3.02 21.82 -33.84
C ILE A 401 -1.87 21.61 -34.81
N LEU A 402 -1.31 22.71 -35.30
CA LEU A 402 -0.30 22.65 -36.36
C LEU A 402 1.03 23.24 -35.93
N PHE A 403 2.04 22.38 -35.81
CA PHE A 403 3.37 22.82 -35.37
C PHE A 403 4.27 23.14 -36.56
N VAL A 404 4.88 24.32 -36.53
CA VAL A 404 5.85 24.71 -37.55
C VAL A 404 7.13 25.20 -36.90
N LYS A 405 8.20 25.32 -37.68
CA LYS A 405 9.50 25.66 -37.14
C LYS A 405 9.65 27.12 -36.71
N THR A 406 9.26 28.04 -37.57
CA THR A 406 9.50 29.46 -37.32
C THR A 406 8.23 30.30 -37.28
N ARG A 407 8.32 31.48 -36.68
CA ARG A 407 7.18 32.39 -36.55
C ARG A 407 6.72 32.91 -37.90
N ALA A 408 7.67 33.06 -38.82
CA ALA A 408 7.36 33.48 -40.18
C ALA A 408 6.40 32.49 -40.81
N LEU A 409 6.64 31.21 -40.56
CA LEU A 409 5.76 30.16 -41.06
C LEU A 409 4.41 30.18 -40.34
N VAL A 410 4.40 30.58 -39.09
CA VAL A 410 3.16 30.72 -38.33
C VAL A 410 2.27 31.75 -39.02
N ASP A 411 2.80 32.95 -39.21
CA ASP A 411 2.05 34.01 -39.88
C ASP A 411 1.69 33.62 -41.31
N ALA A 412 2.61 32.95 -41.99
CA ALA A 412 2.41 32.54 -43.37
C ALA A 412 1.24 31.57 -43.52
N LEU A 413 1.23 30.51 -42.71
CA LEU A 413 0.17 29.53 -42.78
C LEU A 413 -1.14 30.08 -42.21
N LYS A 414 -1.03 31.04 -41.31
CA LYS A 414 -2.20 31.77 -40.82
C LYS A 414 -2.90 32.46 -41.99
N ASN A 415 -2.14 33.27 -42.72
CA ASN A 415 -2.67 33.99 -43.86
C ASN A 415 -3.11 33.07 -44.98
N TRP A 416 -2.41 31.96 -45.14
CA TRP A 416 -2.75 30.98 -46.18
C TRP A 416 -4.07 30.29 -45.90
N ILE A 417 -4.27 29.89 -44.65
CA ILE A 417 -5.52 29.26 -44.24
C ILE A 417 -6.67 30.27 -44.34
N GLU A 418 -6.43 31.49 -43.88
CA GLU A 418 -7.46 32.52 -43.96
C GLU A 418 -7.77 32.92 -45.40
N GLY A 419 -6.81 32.72 -46.29
CA GLY A 419 -6.96 33.11 -47.68
C GLY A 419 -7.24 31.96 -48.61
N ASN A 420 -7.71 30.84 -48.07
CA ASN A 420 -8.02 29.67 -48.89
C ASN A 420 -9.50 29.32 -48.88
N PRO A 421 -10.15 29.39 -50.06
CA PRO A 421 -11.56 29.05 -50.21
C PRO A 421 -11.85 27.59 -49.85
N LYS A 422 -10.87 26.71 -50.09
CA LYS A 422 -11.03 25.31 -49.76
C LYS A 422 -11.06 25.08 -48.25
N LEU A 423 -10.31 25.91 -47.53
CA LEU A 423 -10.14 25.78 -46.09
C LEU A 423 -11.11 26.63 -45.28
N SER A 424 -12.10 27.22 -45.95
CA SER A 424 -13.02 28.17 -45.32
C SER A 424 -13.68 27.67 -44.04
N PHE A 425 -13.73 26.34 -43.86
CA PHE A 425 -14.28 25.76 -42.64
C PHE A 425 -13.34 25.93 -41.45
N LEU A 426 -12.13 26.42 -41.71
CA LEU A 426 -11.12 26.61 -40.66
C LEU A 426 -11.15 28.02 -40.10
N LYS A 427 -10.94 28.13 -38.79
CA LYS A 427 -10.77 29.42 -38.13
C LYS A 427 -9.48 29.40 -37.32
N PRO A 428 -8.36 29.69 -37.98
CA PRO A 428 -7.01 29.55 -37.39
C PRO A 428 -6.75 30.49 -36.22
N GLY A 429 -5.75 30.15 -35.43
CA GLY A 429 -5.35 30.96 -34.29
C GLY A 429 -3.85 30.87 -34.09
N ILE A 430 -3.30 31.81 -33.32
CA ILE A 430 -1.85 31.92 -33.21
C ILE A 430 -1.35 31.63 -31.80
N LEU A 431 -0.33 30.78 -31.72
CA LEU A 431 0.36 30.52 -30.47
C LEU A 431 1.87 30.60 -30.69
N THR A 432 2.51 31.58 -30.06
CA THR A 432 3.95 31.77 -30.23
C THR A 432 4.61 32.04 -28.87
N GLY A 433 5.91 32.30 -28.90
CA GLY A 433 6.65 32.56 -27.68
C GLY A 433 6.62 34.01 -27.28
N ARG A 434 7.35 34.34 -26.20
CA ARG A 434 7.43 35.68 -25.61
C ARG A 434 6.16 36.51 -25.75
N ASP A 460 -14.19 29.16 -30.70
CA ASP A 460 -13.81 30.30 -31.53
C ASP A 460 -12.85 29.89 -32.63
N HIS A 461 -11.93 28.99 -32.30
CA HIS A 461 -10.90 28.57 -33.24
C HIS A 461 -10.89 27.06 -33.48
N ASN A 462 -10.93 26.67 -34.75
CA ASN A 462 -10.86 25.25 -35.11
C ASN A 462 -9.44 24.72 -35.09
N ILE A 463 -8.51 25.51 -35.60
CA ILE A 463 -7.12 25.07 -35.70
C ILE A 463 -6.16 26.07 -35.07
N LEU A 464 -5.19 25.57 -34.31
CA LEU A 464 -4.22 26.40 -33.61
C LEU A 464 -2.82 26.20 -34.16
N ILE A 465 -2.27 27.24 -34.77
CA ILE A 465 -0.92 27.19 -35.33
C ILE A 465 0.11 27.62 -34.29
N ALA A 466 1.14 26.82 -34.08
CA ALA A 466 2.13 27.10 -33.05
C ALA A 466 3.54 26.74 -33.48
N THR A 467 4.53 27.30 -32.79
CA THR A 467 5.93 26.99 -33.06
C THR A 467 6.34 25.73 -32.30
N SER A 468 6.50 25.88 -30.98
CA SER A 468 6.75 24.75 -30.11
C SER A 468 6.37 25.12 -28.69
N VAL A 469 6.12 24.11 -27.86
CA VAL A 469 5.82 24.33 -26.45
C VAL A 469 6.76 23.52 -25.58
N ALA A 470 7.48 24.19 -24.69
CA ALA A 470 8.42 23.50 -23.82
C ALA A 470 7.69 22.54 -22.91
N ASP A 471 8.13 21.28 -22.95
CA ASP A 471 7.52 20.19 -22.19
C ASP A 471 6.02 20.09 -22.39
N GLU A 472 5.29 19.76 -21.33
CA GLU A 472 3.85 19.57 -21.41
C GLU A 472 3.06 20.87 -21.35
N GLY A 473 3.41 21.73 -20.40
CA GLY A 473 2.70 22.98 -20.18
C GLY A 473 1.27 22.76 -19.71
N ILE A 474 0.48 23.83 -19.69
CA ILE A 474 -0.91 23.77 -19.27
C ILE A 474 -1.74 23.03 -20.32
N ASP A 475 -2.66 22.18 -19.87
CA ASP A 475 -3.55 21.47 -20.77
C ASP A 475 -4.45 22.42 -21.53
N ILE A 476 -4.43 22.32 -22.85
CA ILE A 476 -5.34 23.08 -23.71
C ILE A 476 -6.42 22.16 -24.24
N ALA A 477 -7.27 22.68 -25.11
CA ALA A 477 -8.33 21.88 -25.75
C ALA A 477 -7.74 20.66 -26.45
N GLN A 478 -8.41 19.52 -26.31
CA GLN A 478 -7.94 18.29 -26.90
C GLN A 478 -8.00 18.33 -28.42
N CYS A 479 -6.89 17.95 -29.06
CA CYS A 479 -6.81 17.94 -30.51
C CYS A 479 -6.79 16.52 -31.04
N ASN A 480 -7.82 16.15 -31.80
CA ASN A 480 -7.85 14.83 -32.41
C ASN A 480 -7.07 14.81 -33.71
N LEU A 481 -6.53 15.97 -34.08
CA LEU A 481 -5.63 16.06 -35.22
C LEU A 481 -4.41 16.92 -34.90
N VAL A 482 -3.22 16.31 -34.97
CA VAL A 482 -1.98 17.03 -34.77
C VAL A 482 -1.14 16.95 -36.04
N ILE A 483 -0.81 18.10 -36.61
CA ILE A 483 0.00 18.13 -37.82
C ILE A 483 1.37 18.72 -37.54
N LEU A 484 2.41 17.94 -37.83
CA LEU A 484 3.78 18.40 -37.68
C LEU A 484 4.32 18.77 -39.05
N TYR A 485 4.54 20.05 -39.27
CA TYR A 485 4.92 20.56 -40.58
C TYR A 485 6.42 20.84 -40.60
N GLU A 486 7.16 19.99 -41.31
CA GLU A 486 8.63 20.02 -41.31
C GLU A 486 9.17 20.11 -39.89
N TYR A 487 8.69 19.23 -39.02
CA TYR A 487 9.07 19.23 -37.61
C TYR A 487 10.13 18.19 -37.27
N VAL A 488 11.15 18.61 -36.53
CA VAL A 488 12.16 17.70 -36.02
C VAL A 488 12.42 17.98 -34.54
N GLY A 489 12.34 16.95 -33.73
CA GLY A 489 12.52 17.08 -32.29
C GLY A 489 13.04 15.79 -31.68
N ASN A 490 13.18 15.77 -30.35
CA ASN A 490 13.68 14.58 -29.67
C ASN A 490 12.56 13.65 -29.24
N VAL A 491 12.94 12.56 -28.58
CA VAL A 491 11.99 11.53 -28.17
C VAL A 491 11.03 12.06 -27.10
N ILE A 492 11.55 12.86 -26.18
CA ILE A 492 10.76 13.40 -25.07
C ILE A 492 9.58 14.24 -25.58
N LYS A 493 9.87 15.18 -26.47
CA LYS A 493 8.83 16.03 -27.03
C LYS A 493 7.84 15.20 -27.85
N MET A 494 8.33 14.14 -28.48
CA MET A 494 7.47 13.22 -29.20
C MET A 494 6.44 12.60 -28.27
N ILE A 495 6.90 12.07 -27.14
CA ILE A 495 6.01 11.43 -26.18
C ILE A 495 5.08 12.45 -25.53
N GLN A 496 5.57 13.68 -25.36
CA GLN A 496 4.78 14.73 -24.72
C GLN A 496 3.69 15.27 -25.62
N THR A 497 3.92 15.27 -26.92
CA THR A 497 2.96 15.80 -27.88
C THR A 497 1.70 14.93 -27.92
N ARG A 498 1.87 13.64 -27.64
CA ARG A 498 0.76 12.69 -27.60
C ARG A 498 -0.32 13.11 -26.62
N GLY A 499 0.07 13.89 -25.61
CA GLY A 499 -0.85 14.36 -24.59
C GLY A 499 -1.95 15.25 -25.13
N ARG A 500 -1.74 15.78 -26.33
CA ARG A 500 -2.76 16.59 -26.99
C ARG A 500 -3.73 15.67 -27.73
N GLY A 501 -3.31 14.42 -27.91
CA GLY A 501 -4.11 13.42 -28.60
C GLY A 501 -4.71 12.35 -27.71
N ARG A 502 -4.89 12.67 -26.43
CA ARG A 502 -5.33 11.70 -25.43
C ARG A 502 -6.59 10.90 -25.79
N ALA A 503 -7.53 11.54 -26.48
CA ALA A 503 -8.78 10.88 -26.84
C ALA A 503 -8.56 9.76 -27.84
N ARG A 504 -9.42 8.75 -27.80
CA ARG A 504 -9.34 7.63 -28.73
C ARG A 504 -9.63 8.08 -30.15
N GLY A 505 -8.79 7.65 -31.09
CA GLY A 505 -9.01 7.96 -32.48
C GLY A 505 -8.27 9.20 -32.95
N SER A 506 -7.50 9.80 -32.05
CA SER A 506 -6.70 10.98 -32.41
C SER A 506 -5.63 10.58 -33.43
N LYS A 507 -5.28 11.52 -34.31
CA LYS A 507 -4.33 11.25 -35.37
C LYS A 507 -3.21 12.29 -35.39
N CYS A 508 -2.03 11.86 -35.83
CA CYS A 508 -0.89 12.76 -35.95
C CYS A 508 -0.17 12.54 -37.26
N PHE A 509 -0.14 13.57 -38.11
CA PHE A 509 0.56 13.49 -39.38
C PHE A 509 1.91 14.20 -39.30
N LEU A 510 2.94 13.62 -39.92
CA LEU A 510 4.20 14.32 -40.07
C LEU A 510 4.45 14.60 -41.55
N LEU A 511 4.29 15.86 -41.95
CA LEU A 511 4.36 16.21 -43.36
C LEU A 511 5.70 16.84 -43.70
N THR A 512 6.42 16.26 -44.65
CA THR A 512 7.70 16.82 -45.03
C THR A 512 8.14 16.46 -46.45
N SER A 513 9.00 17.30 -47.01
CA SER A 513 9.63 17.02 -48.31
C SER A 513 11.02 16.43 -48.10
N ASN A 514 11.38 16.24 -46.84
CA ASN A 514 12.69 15.70 -46.48
C ASN A 514 12.56 14.30 -45.88
N ALA A 515 13.40 13.37 -46.32
CA ALA A 515 13.37 12.00 -45.80
C ALA A 515 14.05 11.92 -44.44
N GLY A 516 15.10 12.74 -44.28
CA GLY A 516 15.85 12.81 -43.04
C GLY A 516 14.95 13.06 -41.85
N VAL A 517 13.98 13.95 -42.03
CA VAL A 517 13.00 14.25 -40.99
C VAL A 517 12.27 12.99 -40.52
N ILE A 518 11.69 12.29 -41.48
CA ILE A 518 10.96 11.05 -41.22
C ILE A 518 11.83 10.05 -40.47
N GLU A 519 13.03 9.79 -40.98
CA GLU A 519 13.87 8.79 -40.33
C GLU A 519 14.35 9.26 -38.95
N LYS A 520 14.40 10.57 -38.74
CA LYS A 520 14.69 11.11 -37.41
C LYS A 520 13.55 10.75 -36.45
N GLU A 521 12.32 10.91 -36.93
CA GLU A 521 11.17 10.54 -36.12
C GLU A 521 11.21 9.04 -35.81
N GLN A 522 11.63 8.25 -36.79
CA GLN A 522 11.70 6.80 -36.62
C GLN A 522 12.76 6.37 -35.61
N ILE A 523 13.95 6.98 -35.68
CA ILE A 523 14.99 6.68 -34.70
C ILE A 523 14.57 7.20 -33.33
N ASN A 524 13.69 8.19 -33.30
CA ASN A 524 13.12 8.64 -32.04
C ASN A 524 12.16 7.60 -31.45
N MET A 525 11.39 6.95 -32.31
CA MET A 525 10.52 5.85 -31.87
C MET A 525 11.35 4.70 -31.31
N TYR A 526 12.40 4.33 -32.04
CA TYR A 526 13.30 3.29 -31.57
C TYR A 526 13.92 3.69 -30.23
N LYS A 527 14.23 4.98 -30.11
CA LYS A 527 14.75 5.52 -28.85
C LYS A 527 13.75 5.32 -27.72
N GLU A 528 12.48 5.51 -28.03
CA GLU A 528 11.43 5.27 -27.03
C GLU A 528 11.42 3.81 -26.60
N LYS A 529 11.59 2.91 -27.56
CA LYS A 529 11.68 1.48 -27.26
C LYS A 529 12.84 1.20 -26.29
N MET A 530 14.02 1.72 -26.63
CA MET A 530 15.20 1.58 -25.79
C MET A 530 14.96 2.12 -24.39
N MET A 531 14.26 3.24 -24.30
CA MET A 531 13.95 3.87 -23.03
C MET A 531 13.09 2.95 -22.17
N ASN A 532 11.95 2.54 -22.70
CA ASN A 532 11.05 1.67 -21.97
C ASN A 532 11.70 0.36 -21.54
N ASP A 533 12.47 -0.24 -22.44
CA ASP A 533 13.15 -1.50 -22.14
C ASP A 533 14.20 -1.33 -21.05
N SER A 534 14.98 -0.26 -21.13
CA SER A 534 16.00 0.01 -20.13
C SER A 534 15.37 0.25 -18.76
N ILE A 535 14.28 1.00 -18.73
CA ILE A 535 13.55 1.25 -17.48
C ILE A 535 13.04 -0.06 -16.90
N LEU A 536 12.42 -0.88 -17.74
CA LEU A 536 11.89 -2.16 -17.30
C LEU A 536 12.99 -3.06 -16.77
N ARG A 537 14.19 -2.93 -17.31
CA ARG A 537 15.34 -3.69 -16.82
C ARG A 537 15.81 -3.16 -15.47
N LEU A 538 15.84 -1.84 -15.32
CA LEU A 538 16.25 -1.23 -14.07
C LEU A 538 15.33 -1.59 -12.92
N GLN A 539 14.03 -1.66 -13.22
CA GLN A 539 13.03 -1.95 -12.19
C GLN A 539 13.19 -3.36 -11.61
N THR A 540 13.87 -4.23 -12.35
CA THR A 540 14.09 -5.61 -11.91
C THR A 540 15.30 -5.73 -10.98
N TRP A 541 16.15 -4.72 -10.98
CA TRP A 541 17.35 -4.72 -10.14
C TRP A 541 17.00 -4.62 -8.66
N ASP A 542 17.93 -5.04 -7.82
CA ASP A 542 17.80 -4.86 -6.38
C ASP A 542 17.93 -3.37 -6.06
N GLU A 543 17.08 -2.89 -5.15
CA GLU A 543 17.06 -1.47 -4.83
C GLU A 543 18.39 -0.99 -4.25
N ALA A 544 19.02 -1.82 -3.42
CA ALA A 544 20.27 -1.46 -2.78
C ALA A 544 21.41 -1.31 -3.79
N VAL A 545 21.51 -2.27 -4.69
CA VAL A 545 22.52 -2.25 -5.75
C VAL A 545 22.40 -0.98 -6.57
N PHE A 546 21.17 -0.64 -6.93
CA PHE A 546 20.90 0.56 -7.72
C PHE A 546 21.26 1.81 -6.93
N ARG A 547 20.92 1.81 -5.64
CA ARG A 547 21.29 2.90 -4.74
C ARG A 547 22.79 3.15 -4.76
N GLU A 548 23.57 2.07 -4.67
CA GLU A 548 25.02 2.20 -4.64
C GLU A 548 25.60 2.63 -5.99
N LYS A 549 25.09 2.05 -7.07
CA LYS A 549 25.52 2.44 -8.41
C LYS A 549 25.31 3.94 -8.59
N ILE A 550 24.11 4.39 -8.25
CA ILE A 550 23.78 5.81 -8.22
C ILE A 550 24.81 6.57 -7.39
N LEU A 551 25.15 6.03 -6.22
CA LEU A 551 26.09 6.68 -5.31
C LEU A 551 27.46 6.92 -5.96
N HIS A 552 27.97 5.92 -6.66
CA HIS A 552 29.29 6.07 -7.29
C HIS A 552 29.22 6.91 -8.55
N ILE A 553 28.08 6.94 -9.23
CA ILE A 553 27.92 7.84 -10.36
C ILE A 553 27.98 9.28 -9.84
N GLN A 554 27.30 9.51 -8.71
CA GLN A 554 27.31 10.81 -8.06
C GLN A 554 28.70 11.21 -7.62
N THR A 555 29.42 10.28 -6.99
CA THR A 555 30.75 10.55 -6.47
C THR A 555 31.75 10.84 -7.59
N HIS A 556 31.70 10.02 -8.64
CA HIS A 556 32.54 10.19 -9.80
C HIS A 556 32.27 11.55 -10.46
N GLU A 557 30.99 11.83 -10.72
CA GLU A 557 30.60 13.09 -11.34
C GLU A 557 30.99 14.28 -10.48
N LYS A 558 31.00 14.09 -9.17
CA LYS A 558 31.39 15.18 -8.27
C LYS A 558 32.90 15.40 -8.30
N PHE A 559 33.65 14.32 -8.42
CA PHE A 559 35.09 14.42 -8.58
C PHE A 559 35.43 15.18 -9.85
N ILE A 560 34.77 14.80 -10.95
CA ILE A 560 34.95 15.47 -12.22
C ILE A 560 34.54 16.95 -12.14
N ARG A 561 33.43 17.21 -11.47
CA ARG A 561 32.88 18.55 -11.37
C ARG A 561 33.76 19.48 -10.53
N ASP A 562 34.39 18.91 -9.51
CA ASP A 562 35.32 19.65 -8.66
C ASP A 562 36.68 19.80 -9.34
N SER A 563 36.97 18.90 -10.28
CA SER A 563 38.23 18.94 -11.02
C SER A 563 38.33 20.17 -11.90
N GLN A 564 37.20 20.57 -12.50
CA GLN A 564 37.17 21.69 -13.41
C GLN A 564 37.42 23.02 -12.69
N PRO A 567 40.16 27.71 -14.93
CA PRO A 567 40.43 28.37 -13.66
C PRO A 567 40.12 29.86 -13.75
N LYS A 568 41.05 30.69 -13.26
CA LYS A 568 40.88 32.13 -13.30
C LYS A 568 41.76 32.75 -14.39
N PRO A 569 41.11 33.25 -15.46
CA PRO A 569 41.82 33.87 -16.58
C PRO A 569 42.45 35.21 -16.19
N VAL A 570 43.62 35.50 -16.74
CA VAL A 570 44.32 36.74 -16.44
C VAL A 570 43.65 37.93 -17.11
N PRO A 571 43.18 38.90 -16.31
CA PRO A 571 42.53 40.10 -16.84
C PRO A 571 43.52 41.11 -17.43
N ASP A 572 43.12 41.75 -18.53
CA ASP A 572 43.95 42.78 -19.17
C ASP A 572 43.42 44.16 -18.81
N LYS A 573 44.32 45.05 -18.40
CA LYS A 573 43.90 46.39 -17.98
C LYS A 573 44.04 47.46 -19.07
N GLU A 574 44.54 47.08 -20.25
CA GLU A 574 44.70 48.03 -21.34
C GLU A 574 43.35 48.60 -21.78
N ASN A 575 43.28 49.92 -21.88
CA ASN A 575 42.05 50.59 -22.28
C ASN A 575 41.70 50.33 -23.74
N LYS A 576 40.44 49.97 -23.98
CA LYS A 576 39.97 49.73 -25.33
C LYS A 576 38.93 50.77 -25.72
N LYS A 577 38.38 50.62 -26.92
CA LYS A 577 37.33 51.50 -27.39
C LYS A 577 36.18 50.66 -27.95
N LEU A 578 34.96 51.08 -27.65
CA LEU A 578 33.79 50.39 -28.18
C LEU A 578 33.18 51.26 -29.26
N LEU A 579 33.28 50.80 -30.51
CA LEU A 579 32.62 51.50 -31.61
C LEU A 579 31.40 50.71 -32.06
N CYS A 580 30.69 51.23 -33.06
CA CYS A 580 29.47 50.61 -33.57
C CYS A 580 29.75 49.59 -34.66
N ARG A 581 29.11 48.42 -34.58
CA ARG A 581 29.33 47.37 -35.57
C ARG A 581 28.81 47.75 -36.94
N LYS A 582 27.97 48.77 -37.00
CA LYS A 582 27.41 49.23 -38.27
C LYS A 582 28.19 50.41 -38.85
N CYS A 583 28.16 51.54 -38.16
CA CYS A 583 28.79 52.77 -38.67
C CYS A 583 30.18 53.04 -38.12
N LYS A 584 30.68 52.16 -37.26
CA LYS A 584 32.04 52.27 -36.71
C LYS A 584 32.30 53.57 -35.93
N ALA A 585 31.23 54.17 -35.41
CA ALA A 585 31.38 55.41 -34.65
C ALA A 585 31.80 55.15 -33.21
N LEU A 586 32.58 56.05 -32.64
CA LEU A 586 33.02 55.90 -31.26
C LEU A 586 31.85 55.99 -30.30
N ALA A 587 31.71 54.96 -29.47
CA ALA A 587 30.66 54.93 -28.46
C ALA A 587 31.24 55.06 -27.07
N CYS A 588 32.07 54.09 -26.68
CA CYS A 588 32.59 54.07 -25.32
C CYS A 588 34.09 53.84 -25.23
N TYR A 589 34.62 54.04 -24.02
CA TYR A 589 35.93 53.53 -23.64
C TYR A 589 35.71 52.54 -22.51
N THR A 590 36.52 51.48 -22.46
CA THR A 590 36.36 50.45 -21.44
C THR A 590 36.59 51.01 -20.03
N ALA A 591 37.19 52.18 -19.94
CA ALA A 591 37.41 52.84 -18.66
C ALA A 591 36.10 53.41 -18.13
N ASP A 592 35.14 53.65 -19.03
CA ASP A 592 33.84 54.19 -18.65
C ASP A 592 32.83 53.09 -18.34
N VAL A 593 33.19 51.85 -18.62
CA VAL A 593 32.28 50.72 -18.46
C VAL A 593 32.35 50.10 -17.08
N ARG A 594 31.19 49.94 -16.44
CA ARG A 594 31.12 49.31 -15.13
C ARG A 594 30.26 48.04 -15.17
N VAL A 595 30.55 47.10 -14.28
CA VAL A 595 29.80 45.85 -14.25
C VAL A 595 28.92 45.74 -13.00
N ILE A 596 27.63 45.56 -13.24
CA ILE A 596 26.63 45.39 -12.20
C ILE A 596 26.28 43.92 -12.01
N GLU A 597 26.42 43.46 -10.76
CA GLU A 597 26.00 42.13 -10.33
C GLU A 597 26.64 41.00 -11.13
N GLU A 598 27.88 41.22 -11.55
CA GLU A 598 28.68 40.23 -12.28
C GLU A 598 28.00 39.77 -13.57
N CYS A 599 27.07 40.58 -14.06
CA CYS A 599 26.31 40.22 -15.26
C CYS A 599 26.22 41.37 -16.25
N HIS A 600 25.58 42.45 -15.82
CA HIS A 600 25.17 43.51 -16.74
C HIS A 600 26.22 44.60 -16.83
N TYR A 601 26.38 45.22 -17.99
CA TYR A 601 27.40 46.25 -18.16
C TYR A 601 26.81 47.60 -18.53
N THR A 602 27.22 48.64 -17.80
CA THR A 602 26.71 50.00 -18.03
C THR A 602 27.81 51.01 -18.32
N VAL A 603 27.40 52.23 -18.60
CA VAL A 603 28.31 53.31 -18.98
C VAL A 603 28.12 54.53 -18.08
N LEU A 604 29.22 55.20 -17.74
CA LEU A 604 29.18 56.31 -16.80
C LEU A 604 29.20 57.68 -17.48
N GLY A 605 30.28 57.96 -18.21
CA GLY A 605 30.53 59.28 -18.75
C GLY A 605 29.43 59.88 -19.61
N ASP A 606 29.40 61.21 -19.65
CA ASP A 606 28.39 61.95 -20.40
C ASP A 606 28.72 61.98 -21.88
N ALA A 607 29.93 61.52 -22.22
CA ALA A 607 30.35 61.43 -23.61
C ALA A 607 29.51 60.42 -24.38
N PHE A 608 28.97 59.45 -23.65
CA PHE A 608 28.13 58.41 -24.25
C PHE A 608 26.72 58.92 -24.52
N LYS A 609 26.24 59.84 -23.68
CA LYS A 609 24.89 60.35 -23.81
C LYS A 609 24.66 61.06 -25.15
N GLU A 610 25.74 61.49 -25.80
CA GLU A 610 25.64 62.13 -27.09
C GLU A 610 25.73 61.11 -28.22
N CYS A 611 26.09 59.88 -27.89
CA CYS A 611 26.31 58.85 -28.89
C CYS A 611 25.08 57.99 -29.18
N PHE A 612 24.04 58.11 -28.36
CA PHE A 612 22.90 57.21 -28.50
C PHE A 612 21.55 57.93 -28.44
N VAL A 613 20.56 57.34 -29.10
CA VAL A 613 19.18 57.77 -28.96
C VAL A 613 18.37 56.65 -28.32
N SER A 614 17.09 56.92 -28.05
CA SER A 614 16.25 55.96 -27.37
C SER A 614 14.81 55.96 -27.88
N ARG A 615 14.25 54.77 -28.04
CA ARG A 615 12.87 54.61 -28.46
C ARG A 615 12.15 53.77 -27.41
N PRO A 616 10.87 54.06 -27.14
CA PRO A 616 10.15 53.29 -26.13
C PRO A 616 10.18 51.78 -26.39
N HIS A 617 10.53 51.01 -25.38
CA HIS A 617 10.75 49.56 -25.53
C HIS A 617 9.47 48.83 -25.95
N PRO A 618 9.56 48.01 -27.00
CA PRO A 618 8.42 47.26 -27.52
C PRO A 618 7.86 46.25 -26.52
N LYS A 619 8.73 45.65 -25.73
CA LYS A 619 8.30 44.69 -24.72
C LYS A 619 8.94 45.00 -23.37
N PRO A 620 8.45 46.04 -22.68
CA PRO A 620 8.99 46.42 -21.38
C PRO A 620 8.71 45.35 -20.32
N LYS A 621 9.74 45.00 -19.56
CA LYS A 621 9.61 44.01 -18.51
C LYS A 621 10.65 44.28 -17.43
N GLN A 622 10.41 43.79 -16.23
CA GLN A 622 11.40 43.93 -15.16
C GLN A 622 12.12 42.61 -14.93
N PHE A 623 13.44 42.62 -15.13
CA PHE A 623 14.25 41.45 -14.88
C PHE A 623 15.19 41.72 -13.71
N SER A 624 15.18 40.81 -12.73
CA SER A 624 15.95 40.98 -11.50
C SER A 624 15.63 42.32 -10.85
N SER A 625 16.67 43.09 -10.56
CA SER A 625 16.51 44.40 -9.94
C SER A 625 16.40 45.51 -10.99
N PHE A 626 16.37 45.12 -12.26
CA PHE A 626 16.30 46.07 -13.36
C PHE A 626 14.88 46.22 -13.89
N GLU A 627 14.54 47.43 -14.33
CA GLU A 627 13.25 47.63 -14.99
C GLU A 627 13.42 48.24 -16.37
N LYS A 628 13.09 47.50 -17.42
CA LYS A 628 13.24 47.98 -18.79
C LYS A 628 12.35 49.18 -19.06
N ARG A 629 12.93 50.21 -19.68
CA ARG A 629 12.19 51.40 -20.04
C ARG A 629 12.22 51.60 -21.55
N ALA A 630 13.42 51.78 -22.10
CA ALA A 630 13.54 52.02 -23.53
C ALA A 630 14.63 51.17 -24.20
N LYS A 631 14.56 51.15 -25.53
CA LYS A 631 15.59 50.57 -26.39
C LYS A 631 16.57 51.66 -26.80
N ILE A 632 17.85 51.29 -26.91
CA ILE A 632 18.89 52.25 -27.23
C ILE A 632 19.49 52.00 -28.61
N PHE A 633 19.51 53.04 -29.44
CA PHE A 633 20.03 52.93 -30.80
C PHE A 633 21.18 53.92 -31.01
N CYS A 634 21.96 53.71 -32.07
CA CYS A 634 23.04 54.64 -32.41
C CYS A 634 22.46 55.97 -32.87
N ALA A 635 23.09 57.06 -32.43
CA ALA A 635 22.58 58.40 -32.72
C ALA A 635 23.18 59.02 -33.97
N ARG A 636 24.21 58.39 -34.53
CA ARG A 636 24.94 58.99 -35.64
C ARG A 636 24.25 58.77 -36.99
N GLN A 637 23.85 59.87 -37.62
CA GLN A 637 23.43 59.87 -39.02
C GLN A 637 22.50 58.72 -39.38
N ASN A 638 21.42 58.59 -38.62
CA ASN A 638 20.37 57.56 -38.79
C ASN A 638 20.86 56.11 -38.72
N CYS A 639 22.00 55.89 -38.08
CA CYS A 639 22.56 54.55 -37.99
C CYS A 639 21.57 53.57 -37.37
N SER A 640 20.97 53.99 -36.25
CA SER A 640 19.92 53.23 -35.59
C SER A 640 20.27 51.76 -35.41
N HIS A 641 21.53 51.49 -35.10
CA HIS A 641 21.97 50.13 -34.78
C HIS A 641 21.60 49.85 -33.33
N ASP A 642 21.20 48.61 -33.03
CA ASP A 642 20.74 48.33 -31.68
C ASP A 642 21.94 48.14 -30.77
N TRP A 643 22.10 49.08 -29.83
CA TRP A 643 23.18 49.05 -28.86
C TRP A 643 22.85 48.24 -27.61
N GLY A 644 21.62 48.39 -27.13
CA GLY A 644 21.23 47.82 -25.85
C GLY A 644 19.92 48.37 -25.36
N ILE A 645 19.74 48.36 -24.04
CA ILE A 645 18.49 48.83 -23.43
C ILE A 645 18.75 49.96 -22.44
N HIS A 646 17.70 50.68 -22.07
CA HIS A 646 17.79 51.69 -21.03
C HIS A 646 16.88 51.30 -19.88
N VAL A 647 17.48 51.14 -18.69
CA VAL A 647 16.75 50.58 -17.57
C VAL A 647 16.78 51.43 -16.31
N LYS A 648 15.83 51.18 -15.43
CA LYS A 648 15.81 51.78 -14.10
C LYS A 648 16.38 50.77 -13.11
N TYR A 649 17.49 51.14 -12.50
CA TYR A 649 18.16 50.32 -11.50
C TYR A 649 18.25 51.09 -10.19
N LYS A 650 17.51 50.63 -9.18
CA LYS A 650 17.41 51.31 -7.89
C LYS A 650 17.03 52.78 -8.06
N THR A 651 17.87 53.68 -7.56
CA THR A 651 17.63 55.11 -7.69
C THR A 651 18.03 55.60 -9.08
N PHE A 652 19.04 54.96 -9.67
CA PHE A 652 19.61 55.39 -10.94
C PHE A 652 18.76 54.96 -12.14
N GLU A 653 18.85 55.73 -13.21
CA GLU A 653 18.35 55.31 -14.51
C GLU A 653 19.51 55.31 -15.50
N ILE A 654 19.91 54.12 -15.94
CA ILE A 654 21.15 53.96 -16.68
C ILE A 654 20.99 53.07 -17.91
N PRO A 655 21.85 53.27 -18.92
CA PRO A 655 21.94 52.38 -20.07
C PRO A 655 22.66 51.07 -19.76
N VAL A 656 22.21 49.98 -20.38
CA VAL A 656 22.91 48.70 -20.33
C VAL A 656 23.17 48.22 -21.75
N ILE A 657 24.44 47.95 -22.04
CA ILE A 657 24.85 47.62 -23.41
C ILE A 657 25.35 46.19 -23.54
N LYS A 658 25.25 45.64 -24.74
CA LYS A 658 25.72 44.30 -25.02
C LYS A 658 26.98 44.33 -25.90
N ILE A 659 27.96 43.52 -25.55
CA ILE A 659 29.22 43.47 -26.30
C ILE A 659 29.00 42.86 -27.68
N GLU A 660 27.88 42.15 -27.84
CA GLU A 660 27.51 41.55 -29.11
C GLU A 660 27.22 42.62 -30.15
N SER A 661 26.90 43.83 -29.67
CA SER A 661 26.50 44.93 -30.56
C SER A 661 27.63 45.90 -30.89
N PHE A 662 28.84 45.66 -30.40
CA PHE A 662 29.92 46.64 -30.57
C PHE A 662 31.21 46.03 -31.09
N VAL A 663 32.13 46.91 -31.53
CA VAL A 663 33.44 46.45 -31.96
C VAL A 663 34.50 46.94 -30.97
N VAL A 664 35.49 46.08 -30.73
CA VAL A 664 36.54 46.37 -29.76
C VAL A 664 37.81 46.87 -30.44
N GLU A 665 38.27 48.03 -29.99
CA GLU A 665 39.39 48.74 -30.58
C GLU A 665 40.54 48.86 -29.59
N ASP A 666 41.66 48.19 -29.84
CA ASP A 666 42.80 48.36 -28.97
C ASP A 666 43.63 49.53 -29.49
N ILE A 667 43.71 50.59 -28.70
CA ILE A 667 44.38 51.80 -29.15
C ILE A 667 45.88 51.60 -29.26
N ALA A 668 46.40 50.63 -28.53
CA ALA A 668 47.83 50.32 -28.59
C ALA A 668 48.21 49.64 -29.90
N THR A 669 47.57 48.52 -30.21
CA THR A 669 47.90 47.73 -31.39
C THR A 669 47.05 48.04 -32.62
N GLY A 670 45.97 48.79 -32.43
CA GLY A 670 45.06 49.09 -33.52
C GLY A 670 44.26 47.89 -34.03
N VAL A 671 44.29 46.79 -33.27
CA VAL A 671 43.62 45.56 -33.68
C VAL A 671 42.16 45.54 -33.27
N GLN A 672 41.29 45.18 -34.20
CA GLN A 672 39.86 45.07 -33.92
C GLN A 672 39.43 43.61 -33.80
N THR A 673 38.67 43.30 -32.76
CA THR A 673 38.17 41.95 -32.54
C THR A 673 36.69 41.94 -32.17
N LEU A 674 36.06 40.78 -32.27
CA LEU A 674 34.63 40.64 -31.97
C LEU A 674 34.40 39.62 -30.85
N TYR A 675 33.56 39.99 -29.88
CA TYR A 675 33.22 39.10 -28.78
C TYR A 675 31.71 38.87 -28.72
N SER A 676 31.31 37.60 -28.63
CA SER A 676 29.90 37.24 -28.62
C SER A 676 29.25 37.51 -27.27
N LYS A 677 29.92 37.08 -26.21
CA LYS A 677 29.41 37.28 -24.85
C LYS A 677 30.39 38.09 -24.01
N TRP A 678 29.87 38.83 -23.03
CA TRP A 678 30.71 39.59 -22.12
C TRP A 678 31.63 38.69 -21.32
N LYS A 679 31.23 37.44 -21.14
CA LYS A 679 32.02 36.47 -20.39
C LYS A 679 33.28 36.08 -21.15
N ASP A 680 33.23 36.19 -22.46
CA ASP A 680 34.38 35.83 -23.31
C ASP A 680 35.29 37.03 -23.54
N PHE A 681 34.84 38.21 -23.12
CA PHE A 681 35.64 39.41 -23.23
C PHE A 681 36.41 39.59 -21.95
N HIS A 682 37.72 39.40 -22.01
CA HIS A 682 38.55 39.48 -20.82
C HIS A 682 39.29 40.80 -20.75
N PHE A 683 38.85 41.66 -19.86
CA PHE A 683 39.49 42.92 -19.58
C PHE A 683 39.27 43.17 -18.09
N GLU A 684 39.65 44.35 -17.60
CA GLU A 684 39.43 44.61 -16.18
C GLU A 684 38.07 45.28 -16.01
N LYS A 685 37.15 44.54 -15.42
CA LYS A 685 35.78 44.98 -15.25
C LYS A 685 35.63 45.61 -13.87
N ILE A 686 35.44 46.91 -13.84
CA ILE A 686 35.29 47.63 -12.58
C ILE A 686 33.85 47.55 -12.12
N PRO A 687 33.63 46.97 -10.93
CA PRO A 687 32.28 46.84 -10.37
C PRO A 687 31.56 48.18 -10.26
N PHE A 688 30.24 48.16 -10.33
CA PHE A 688 29.46 49.39 -10.24
C PHE A 688 29.43 49.89 -8.81
N ASP A 689 29.87 51.12 -8.62
CA ASP A 689 29.95 51.72 -7.29
C ASP A 689 28.98 52.91 -7.19
N PRO A 690 27.95 52.78 -6.35
CA PRO A 690 26.97 53.85 -6.14
C PRO A 690 27.58 55.08 -5.48
N ALA A 691 28.77 54.93 -4.91
CA ALA A 691 29.40 56.00 -4.13
C ALA A 691 30.12 57.01 -5.02
N GLU A 692 30.08 56.79 -6.33
CA GLU A 692 30.68 57.73 -7.27
C GLU A 692 29.62 58.67 -7.85
N PHE C 11 -7.63 42.20 -20.21
CA PHE C 11 -8.85 42.53 -19.49
C PHE C 11 -9.54 43.74 -20.11
N LYS C 12 -10.87 43.70 -20.14
CA LYS C 12 -11.66 44.80 -20.69
C LYS C 12 -12.80 45.16 -19.74
N PRO C 13 -12.54 46.08 -18.81
CA PRO C 13 -13.54 46.49 -17.80
C PRO C 13 -14.70 47.26 -18.40
N ARG C 14 -15.90 47.03 -17.88
CA ARG C 14 -17.08 47.76 -18.33
C ARG C 14 -17.08 49.17 -17.74
N ASN C 15 -17.77 50.08 -18.41
CA ASN C 15 -17.74 51.49 -18.02
C ASN C 15 -18.27 51.76 -16.61
N TYR C 16 -19.31 51.06 -16.20
CA TYR C 16 -19.90 51.29 -14.89
C TYR C 16 -18.99 50.79 -13.77
N GLN C 17 -18.09 49.86 -14.11
CA GLN C 17 -17.13 49.36 -13.14
C GLN C 17 -16.06 50.42 -12.86
N LEU C 18 -15.61 51.09 -13.92
CA LEU C 18 -14.70 52.21 -13.78
C LEU C 18 -15.38 53.37 -13.05
N GLU C 19 -16.65 53.58 -13.37
CA GLU C 19 -17.44 54.63 -12.71
C GLU C 19 -17.59 54.38 -11.22
N LEU C 20 -17.76 53.11 -10.85
CA LEU C 20 -17.88 52.73 -9.44
C LEU C 20 -16.54 52.80 -8.74
N ALA C 21 -15.48 52.45 -9.45
CA ALA C 21 -14.15 52.41 -8.87
C ALA C 21 -13.50 53.78 -8.79
N LEU C 22 -14.05 54.75 -9.50
CA LEU C 22 -13.46 56.09 -9.58
C LEU C 22 -13.38 56.83 -8.24
N PRO C 23 -14.45 56.84 -7.43
CA PRO C 23 -14.30 57.54 -6.14
C PRO C 23 -13.26 56.91 -5.23
N ALA C 24 -13.12 55.59 -5.30
CA ALA C 24 -12.16 54.88 -4.47
C ALA C 24 -10.74 55.15 -4.91
N MET C 25 -10.54 55.30 -6.21
CA MET C 25 -9.22 55.58 -6.77
C MET C 25 -8.75 56.99 -6.45
N LYS C 26 -9.67 57.83 -5.99
CA LYS C 26 -9.32 59.20 -5.63
C LYS C 26 -8.92 59.29 -4.16
N GLY C 27 -8.92 58.16 -3.48
CA GLY C 27 -8.50 58.11 -2.09
C GLY C 27 -9.66 58.32 -1.13
N LYS C 28 -10.87 58.39 -1.67
CA LYS C 28 -12.05 58.60 -0.85
C LYS C 28 -12.54 57.30 -0.24
N ASN C 29 -12.80 57.31 1.07
CA ASN C 29 -13.45 56.16 1.71
C ASN C 29 -14.83 55.99 1.11
N THR C 30 -15.11 54.81 0.58
CA THR C 30 -16.26 54.67 -0.31
C THR C 30 -17.06 53.40 -0.07
N ILE C 31 -18.37 53.55 0.07
CA ILE C 31 -19.26 52.41 0.07
C ILE C 31 -19.77 52.19 -1.34
N ILE C 32 -19.38 51.08 -1.95
CA ILE C 32 -19.77 50.80 -3.33
C ILE C 32 -21.02 49.95 -3.37
N CYS C 33 -22.11 50.54 -3.85
CA CYS C 33 -23.41 49.90 -3.90
C CYS C 33 -23.84 49.63 -5.33
N ALA C 34 -23.84 48.36 -5.73
CA ALA C 34 -24.22 47.96 -7.08
C ALA C 34 -24.92 46.61 -7.05
N PRO C 35 -25.79 46.36 -8.03
CA PRO C 35 -26.55 45.10 -8.09
C PRO C 35 -25.67 43.85 -8.03
N THR C 36 -26.19 42.78 -7.43
CA THR C 36 -25.46 41.53 -7.31
C THR C 36 -25.17 40.92 -8.68
N GLY C 37 -23.91 40.61 -8.94
CA GLY C 37 -23.52 39.96 -10.17
C GLY C 37 -23.04 40.93 -11.24
N CYS C 38 -22.86 42.18 -10.87
CA CYS C 38 -22.33 43.20 -11.78
C CYS C 38 -20.83 43.04 -11.99
N GLY C 39 -20.22 42.07 -11.31
CA GLY C 39 -18.79 41.87 -11.36
C GLY C 39 -17.97 42.78 -10.47
N LYS C 40 -18.35 42.85 -9.20
CA LYS C 40 -17.63 43.64 -8.20
C LYS C 40 -16.16 43.24 -8.02
N THR C 41 -15.84 42.00 -8.39
CA THR C 41 -14.47 41.51 -8.24
C THR C 41 -13.51 42.32 -9.10
N PHE C 42 -13.93 42.66 -10.30
CA PHE C 42 -13.12 43.48 -11.20
C PHE C 42 -12.95 44.87 -10.61
N VAL C 43 -13.98 45.36 -9.93
CA VAL C 43 -13.92 46.65 -9.26
C VAL C 43 -12.82 46.62 -8.19
N SER C 44 -12.83 45.56 -7.39
CA SER C 44 -11.81 45.36 -6.36
C SER C 44 -10.42 45.30 -6.98
N LEU C 45 -10.29 44.55 -8.07
CA LEU C 45 -9.00 44.42 -8.75
C LEU C 45 -8.48 45.76 -9.25
N LEU C 46 -9.36 46.56 -9.84
CA LEU C 46 -9.01 47.88 -10.33
C LEU C 46 -8.56 48.80 -9.19
N ILE C 47 -9.38 48.86 -8.15
CA ILE C 47 -9.06 49.69 -6.99
C ILE C 47 -7.72 49.31 -6.37
N CYS C 48 -7.48 48.02 -6.21
CA CYS C 48 -6.23 47.54 -5.61
C CYS C 48 -5.03 47.81 -6.50
N GLU C 49 -5.17 47.55 -7.79
CA GLU C 49 -4.09 47.78 -8.75
C GLU C 49 -3.68 49.25 -8.74
N HIS C 50 -4.67 50.13 -8.86
CA HIS C 50 -4.40 51.56 -8.84
C HIS C 50 -3.79 51.99 -7.51
N HIS C 51 -4.31 51.45 -6.42
CA HIS C 51 -3.83 51.81 -5.09
C HIS C 51 -2.37 51.43 -4.88
N LEU C 52 -1.99 50.27 -5.38
CA LEU C 52 -0.62 49.78 -5.21
C LEU C 52 0.34 50.48 -6.15
N LYS C 53 -0.11 50.79 -7.35
CA LYS C 53 0.78 51.41 -8.34
C LYS C 53 0.91 52.92 -8.17
N LYS C 54 0.14 53.51 -7.25
CA LYS C 54 0.16 54.96 -7.08
C LYS C 54 1.35 55.45 -6.25
N PHE C 55 1.90 54.58 -5.42
CA PHE C 55 2.97 54.95 -4.50
C PHE C 55 4.27 55.25 -5.24
N PRO C 56 5.09 56.15 -4.66
CA PRO C 56 6.44 56.43 -5.19
C PRO C 56 7.37 55.24 -4.96
N GLN C 57 8.62 55.37 -5.38
CA GLN C 57 9.55 54.24 -5.29
C GLN C 57 9.92 53.90 -3.85
N GLY C 58 10.13 54.93 -3.04
CA GLY C 58 10.56 54.74 -1.67
C GLY C 58 9.46 54.29 -0.72
N GLN C 59 8.26 54.11 -1.25
CA GLN C 59 7.13 53.67 -0.43
C GLN C 59 6.38 52.53 -1.09
N LYS C 60 5.61 51.80 -0.30
CA LYS C 60 4.79 50.71 -0.81
C LYS C 60 3.49 50.60 -0.01
N GLY C 61 2.43 50.17 -0.68
CA GLY C 61 1.14 50.04 -0.03
C GLY C 61 0.85 48.62 0.44
N LYS C 62 -0.09 48.49 1.35
CA LYS C 62 -0.51 47.19 1.86
C LYS C 62 -2.03 47.10 1.90
N VAL C 63 -2.58 46.14 1.16
CA VAL C 63 -4.03 46.00 1.04
C VAL C 63 -4.54 44.80 1.82
N VAL C 64 -5.65 44.97 2.52
CA VAL C 64 -6.30 43.85 3.19
C VAL C 64 -7.76 43.71 2.74
N PHE C 65 -8.10 42.51 2.28
CA PHE C 65 -9.44 42.22 1.77
C PHE C 65 -10.18 41.31 2.75
N PHE C 66 -11.38 41.70 3.14
CA PHE C 66 -12.16 40.94 4.10
C PHE C 66 -13.27 40.14 3.43
N ALA C 67 -13.10 38.82 3.45
CA ALA C 67 -14.13 37.90 2.98
C ALA C 67 -14.74 37.22 4.20
N ASN C 68 -16.07 37.23 4.28
CA ASN C 68 -16.76 36.76 5.47
C ASN C 68 -16.93 35.24 5.51
N GLN C 69 -16.87 34.60 4.35
CA GLN C 69 -17.03 33.15 4.28
C GLN C 69 -15.87 32.51 3.52
N ILE C 70 -15.51 31.29 3.93
CA ILE C 70 -14.36 30.57 3.39
C ILE C 70 -14.38 30.39 1.85
N PRO C 71 -15.54 30.04 1.24
CA PRO C 71 -15.50 29.93 -0.21
C PRO C 71 -15.11 31.24 -0.91
N VAL C 72 -15.68 32.36 -0.44
CA VAL C 72 -15.34 33.67 -0.96
C VAL C 72 -13.87 33.98 -0.67
N TYR C 73 -13.40 33.55 0.50
CA TYR C 73 -12.01 33.69 0.88
C TYR C 73 -11.07 33.06 -0.15
N GLU C 74 -11.29 31.77 -0.41
CA GLU C 74 -10.45 31.03 -1.35
C GLU C 74 -10.56 31.58 -2.76
N GLN C 75 -11.78 31.94 -3.17
CA GLN C 75 -12.00 32.50 -4.50
C GLN C 75 -11.21 33.78 -4.69
N GLN C 76 -11.38 34.72 -3.75
CA GLN C 76 -10.72 36.02 -3.83
C GLN C 76 -9.20 35.88 -3.74
N LYS C 77 -8.73 34.99 -2.86
CA LYS C 77 -7.30 34.75 -2.74
C LYS C 77 -6.73 34.26 -4.06
N SER C 78 -7.44 33.32 -4.69
CA SER C 78 -7.00 32.76 -5.96
C SER C 78 -6.95 33.81 -7.06
N VAL C 79 -8.04 34.57 -7.19
CA VAL C 79 -8.14 35.60 -8.23
C VAL C 79 -7.07 36.67 -8.06
N PHE C 80 -6.92 37.15 -6.82
CA PHE C 80 -5.93 38.19 -6.52
C PHE C 80 -4.51 37.70 -6.74
N SER C 81 -4.24 36.45 -6.40
CA SER C 81 -2.92 35.86 -6.61
C SER C 81 -2.61 35.75 -8.10
N LYS C 82 -3.55 35.20 -8.84
CA LYS C 82 -3.38 35.02 -10.28
C LYS C 82 -3.21 36.34 -11.00
N TYR C 83 -3.92 37.36 -10.52
CA TYR C 83 -3.91 38.68 -11.16
C TYR C 83 -2.70 39.53 -10.83
N PHE C 84 -2.31 39.54 -9.55
CA PHE C 84 -1.28 40.47 -9.09
C PHE C 84 0.13 39.90 -9.00
N GLU C 85 0.30 38.62 -9.28
CA GLU C 85 1.63 38.02 -9.24
C GLU C 85 2.51 38.65 -10.31
N ARG C 86 1.94 38.87 -11.50
CA ARG C 86 2.68 39.41 -12.62
C ARG C 86 3.07 40.87 -12.42
N HIS C 87 2.41 41.53 -11.48
CA HIS C 87 2.68 42.94 -11.22
C HIS C 87 3.70 43.13 -10.11
N GLY C 88 4.14 42.02 -9.52
CA GLY C 88 5.17 42.06 -8.49
C GLY C 88 4.63 42.25 -7.09
N TYR C 89 3.37 41.91 -6.90
CA TYR C 89 2.74 42.03 -5.58
C TYR C 89 2.38 40.65 -5.03
N ARG C 90 2.95 40.32 -3.88
CA ARG C 90 2.69 39.03 -3.26
C ARG C 90 1.30 39.01 -2.64
N VAL C 91 0.55 37.95 -2.93
CA VAL C 91 -0.78 37.78 -2.37
C VAL C 91 -0.82 36.57 -1.44
N THR C 92 -1.32 36.78 -0.23
CA THR C 92 -1.48 35.67 0.71
C THR C 92 -2.83 35.76 1.40
N GLY C 93 -3.10 34.82 2.29
CA GLY C 93 -4.32 34.85 3.07
C GLY C 93 -4.20 34.15 4.39
N ILE C 94 -5.03 34.54 5.35
CA ILE C 94 -5.08 33.85 6.64
C ILE C 94 -6.52 33.54 7.00
N SER C 95 -6.85 32.26 7.06
CA SER C 95 -8.19 31.84 7.48
C SER C 95 -8.08 31.07 8.78
N GLY C 96 -9.22 30.63 9.30
CA GLY C 96 -9.26 29.95 10.59
C GLY C 96 -8.39 28.72 10.67
N ALA C 97 -8.26 28.01 9.55
CA ALA C 97 -7.47 26.79 9.51
C ALA C 97 -5.98 27.08 9.64
N THR C 98 -5.52 28.11 8.94
CA THR C 98 -4.10 28.44 8.90
C THR C 98 -3.69 29.52 9.91
N ALA C 99 -4.62 29.94 10.77
CA ALA C 99 -4.37 31.05 11.67
C ALA C 99 -3.56 30.67 12.91
N GLU C 100 -3.55 29.38 13.24
CA GLU C 100 -2.91 28.93 14.48
C GLU C 100 -1.43 28.60 14.30
N ASN C 101 -0.64 28.95 15.31
CA ASN C 101 0.80 28.64 15.35
C ASN C 101 1.57 29.18 14.15
N VAL C 102 1.22 30.39 13.73
CA VAL C 102 1.92 31.05 12.63
C VAL C 102 2.20 32.51 12.97
N PRO C 103 3.34 33.03 12.50
CA PRO C 103 3.71 34.44 12.73
C PRO C 103 2.87 35.40 11.90
N VAL C 104 1.65 35.68 12.36
CA VAL C 104 0.71 36.55 11.66
C VAL C 104 1.32 37.90 11.31
N GLU C 105 2.09 38.46 12.24
CA GLU C 105 2.69 39.77 12.03
C GLU C 105 3.64 39.77 10.84
N GLN C 106 4.49 38.75 10.74
CA GLN C 106 5.43 38.64 9.64
C GLN C 106 4.72 38.36 8.32
N ILE C 107 3.72 37.49 8.37
CA ILE C 107 2.95 37.15 7.18
C ILE C 107 2.26 38.40 6.62
N VAL C 108 1.76 39.25 7.50
CA VAL C 108 1.17 40.52 7.09
C VAL C 108 2.23 41.46 6.56
N GLU C 109 3.36 41.54 7.26
CA GLU C 109 4.43 42.45 6.90
C GLU C 109 5.09 42.09 5.57
N ASN C 110 5.14 40.80 5.25
CA ASN C 110 5.87 40.33 4.08
C ASN C 110 5.01 40.19 2.83
N ASN C 111 3.75 40.59 2.91
CA ASN C 111 2.86 40.51 1.76
C ASN C 111 2.15 41.82 1.47
N ASP C 112 1.95 42.10 0.18
CA ASP C 112 1.31 43.33 -0.27
C ASP C 112 -0.22 43.25 -0.21
N ILE C 113 -0.77 42.09 -0.56
CA ILE C 113 -2.21 41.89 -0.52
C ILE C 113 -2.56 40.69 0.35
N ILE C 114 -3.41 40.91 1.35
CA ILE C 114 -3.75 39.88 2.32
C ILE C 114 -5.26 39.66 2.40
N ILE C 115 -5.70 38.46 2.06
CA ILE C 115 -7.11 38.11 2.17
C ILE C 115 -7.35 37.49 3.55
N LEU C 116 -8.41 37.96 4.22
CA LEU C 116 -8.62 37.65 5.63
C LEU C 116 -10.09 37.47 5.94
N THR C 117 -10.39 36.52 6.80
CA THR C 117 -11.70 36.48 7.44
C THR C 117 -11.57 37.36 8.68
N PRO C 118 -12.55 38.25 8.92
CA PRO C 118 -12.45 39.34 9.89
C PRO C 118 -12.10 38.89 11.30
N GLN C 119 -12.52 37.69 11.68
CA GLN C 119 -12.27 37.20 13.03
C GLN C 119 -10.77 37.06 13.32
N ILE C 120 -10.00 36.74 12.28
CA ILE C 120 -8.54 36.68 12.41
C ILE C 120 -8.00 38.02 12.85
N LEU C 121 -8.44 39.08 12.19
CA LEU C 121 -7.93 40.42 12.49
C LEU C 121 -8.42 40.89 13.84
N VAL C 122 -9.67 40.59 14.18
CA VAL C 122 -10.20 40.95 15.49
C VAL C 122 -9.39 40.30 16.61
N ASN C 123 -9.16 39.00 16.47
CA ASN C 123 -8.39 38.25 17.45
C ASN C 123 -6.95 38.73 17.57
N ASN C 124 -6.30 38.99 16.42
CA ASN C 124 -4.91 39.42 16.42
C ASN C 124 -4.73 40.85 16.91
N LEU C 125 -5.75 41.68 16.74
CA LEU C 125 -5.75 43.02 17.31
C LEU C 125 -5.92 42.91 18.83
N LYS C 126 -6.81 42.02 19.25
CA LYS C 126 -7.07 41.83 20.67
C LYS C 126 -5.86 41.28 21.41
N LYS C 127 -5.11 40.39 20.77
CA LYS C 127 -3.90 39.84 21.37
C LYS C 127 -2.78 40.86 21.38
N GLY C 128 -2.70 41.66 20.33
CA GLY C 128 -1.66 42.67 20.21
C GLY C 128 -0.55 42.28 19.26
N THR C 129 -0.71 41.15 18.59
CA THR C 129 0.27 40.69 17.61
C THR C 129 0.35 41.67 16.45
N ILE C 130 -0.81 42.18 16.03
CA ILE C 130 -0.85 43.29 15.10
C ILE C 130 -1.17 44.55 15.90
N PRO C 131 -0.15 45.41 16.09
CA PRO C 131 -0.24 46.55 17.01
C PRO C 131 -1.26 47.60 16.60
N SER C 132 -1.34 47.88 15.31
CA SER C 132 -2.23 48.93 14.81
C SER C 132 -2.72 48.62 13.41
N LEU C 133 -3.78 49.31 13.00
CA LEU C 133 -4.30 49.18 11.64
C LEU C 133 -3.50 50.05 10.69
N SER C 134 -2.52 50.76 11.24
CA SER C 134 -1.67 51.66 10.47
C SER C 134 -0.80 50.90 9.48
N ILE C 135 -0.70 49.59 9.67
CA ILE C 135 0.14 48.76 8.82
C ILE C 135 -0.50 48.58 7.44
N PHE C 136 -1.81 48.79 7.36
CA PHE C 136 -2.53 48.71 6.10
C PHE C 136 -2.77 50.11 5.53
N THR C 137 -2.55 50.29 4.24
CA THR C 137 -2.93 51.52 3.58
C THR C 137 -4.32 51.44 2.93
N LEU C 138 -4.85 50.23 2.79
CA LEU C 138 -6.18 50.04 2.22
C LEU C 138 -6.91 48.85 2.82
N MET C 139 -8.19 49.04 3.14
CA MET C 139 -9.06 47.97 3.61
C MET C 139 -10.26 47.83 2.68
N ILE C 140 -10.67 46.61 2.42
CA ILE C 140 -11.85 46.37 1.59
C ILE C 140 -12.79 45.39 2.27
N PHE C 141 -14.00 45.84 2.62
CA PHE C 141 -14.97 44.96 3.26
C PHE C 141 -15.93 44.36 2.25
N ASP C 142 -15.87 43.04 2.06
CA ASP C 142 -16.85 42.39 1.20
C ASP C 142 -18.15 42.20 1.98
N GLU C 143 -19.27 42.54 1.35
CA GLU C 143 -20.58 42.58 2.01
C GLU C 143 -20.49 43.48 3.23
N CYS C 144 -20.25 44.77 3.00
CA CYS C 144 -19.98 45.72 4.07
C CYS C 144 -21.22 46.13 4.85
N HIS C 145 -22.39 45.69 4.40
CA HIS C 145 -23.64 45.96 5.09
C HIS C 145 -23.70 45.21 6.42
N ASN C 146 -22.76 44.29 6.60
CA ASN C 146 -22.66 43.52 7.83
C ASN C 146 -21.92 44.30 8.91
N THR C 147 -21.50 45.52 8.60
CA THR C 147 -20.76 46.29 9.57
C THR C 147 -21.76 47.05 10.41
N SER C 148 -21.96 46.55 11.63
CA SER C 148 -22.98 47.02 12.55
C SER C 148 -22.98 46.09 13.74
N LYS C 149 -23.59 46.54 14.84
CA LYS C 149 -23.71 45.73 16.04
C LYS C 149 -22.38 45.13 16.47
N GLN C 150 -22.40 43.84 16.82
CA GLN C 150 -21.21 43.16 17.33
C GLN C 150 -20.45 42.34 16.27
N HIS C 151 -20.90 42.43 15.01
CA HIS C 151 -20.24 41.73 13.91
C HIS C 151 -18.76 42.09 13.81
N PRO C 152 -17.90 41.10 13.51
CA PRO C 152 -16.44 41.27 13.43
C PRO C 152 -15.99 42.48 12.62
N TYR C 153 -16.66 42.75 11.50
CA TYR C 153 -16.41 43.95 10.71
C TYR C 153 -16.47 45.18 11.60
N ASN C 154 -17.55 45.28 12.37
CA ASN C 154 -17.79 46.43 13.22
C ASN C 154 -16.80 46.50 14.38
N MET C 155 -16.24 45.36 14.77
CA MET C 155 -15.21 45.33 15.81
C MET C 155 -13.92 45.94 15.25
N ILE C 156 -13.58 45.52 14.04
CA ILE C 156 -12.45 46.09 13.32
C ILE C 156 -12.61 47.60 13.21
N MET C 157 -13.81 48.03 12.82
CA MET C 157 -14.08 49.47 12.68
C MET C 157 -14.11 50.17 14.03
N PHE C 158 -14.39 49.43 15.10
CA PHE C 158 -14.30 49.99 16.44
C PHE C 158 -12.85 50.32 16.73
N ASN C 159 -11.95 49.42 16.37
CA ASN C 159 -10.52 49.68 16.50
C ASN C 159 -10.11 50.90 15.68
N TYR C 160 -10.53 50.90 14.42
CA TYR C 160 -10.23 51.99 13.49
C TYR C 160 -10.66 53.35 14.05
N LEU C 161 -11.92 53.46 14.42
CA LEU C 161 -12.48 54.72 14.91
C LEU C 161 -11.91 55.12 16.26
N ASP C 162 -11.56 54.12 17.07
CA ASP C 162 -10.89 54.40 18.34
C ASP C 162 -9.54 55.04 18.07
N GLN C 163 -8.88 54.62 17.00
CA GLN C 163 -7.61 55.23 16.63
C GLN C 163 -7.80 56.63 16.02
N LYS C 164 -8.82 56.78 15.20
CA LYS C 164 -9.08 58.07 14.55
C LYS C 164 -9.46 59.15 15.55
N LEU C 165 -10.40 58.83 16.42
CA LEU C 165 -10.94 59.79 17.37
C LEU C 165 -10.00 60.01 18.54
N GLY C 166 -9.06 59.09 18.73
CA GLY C 166 -8.08 59.20 19.79
C GLY C 166 -6.96 60.18 19.43
N GLY C 167 -5.99 60.30 20.33
CA GLY C 167 -4.88 61.22 20.12
C GLY C 167 -3.62 60.53 19.64
N SER C 168 -3.76 59.28 19.20
CA SER C 168 -2.64 58.50 18.71
C SER C 168 -2.03 59.13 17.46
N SER C 169 -2.90 59.70 16.62
CA SER C 169 -2.49 60.43 15.42
C SER C 169 -1.66 59.57 14.47
N GLY C 170 -1.98 58.29 14.39
CA GLY C 170 -1.32 57.40 13.45
C GLY C 170 -2.07 57.40 12.13
N PRO C 171 -1.38 57.12 11.03
CA PRO C 171 -2.01 57.10 9.71
C PRO C 171 -3.01 55.96 9.58
N LEU C 172 -4.13 56.22 8.93
CA LEU C 172 -5.19 55.22 8.78
C LEU C 172 -5.39 54.82 7.33
N PRO C 173 -5.84 53.58 7.10
CA PRO C 173 -6.07 53.08 5.74
C PRO C 173 -7.35 53.62 5.11
N GLN C 174 -7.36 53.69 3.79
CA GLN C 174 -8.58 54.02 3.05
C GLN C 174 -9.58 52.88 3.20
N VAL C 175 -10.83 53.19 3.49
CA VAL C 175 -11.82 52.14 3.70
C VAL C 175 -12.82 52.04 2.55
N ILE C 176 -12.83 50.89 1.89
CA ILE C 176 -13.74 50.64 0.78
C ILE C 176 -14.68 49.48 1.08
N GLY C 177 -15.97 49.78 1.20
CA GLY C 177 -16.97 48.74 1.38
C GLY C 177 -17.59 48.31 0.07
N LEU C 178 -18.10 47.08 0.03
CA LEU C 178 -18.77 46.56 -1.15
C LEU C 178 -20.08 45.90 -0.77
N THR C 179 -21.19 46.35 -1.35
CA THR C 179 -22.47 45.71 -1.07
C THR C 179 -23.48 45.93 -2.20
N ALA C 180 -24.46 45.04 -2.29
CA ALA C 180 -25.60 45.24 -3.17
C ALA C 180 -26.66 46.12 -2.50
N SER C 181 -26.75 46.02 -1.18
CA SER C 181 -27.72 46.83 -0.43
C SER C 181 -27.16 47.26 0.92
N VAL C 182 -27.28 48.55 1.23
CA VAL C 182 -26.86 49.05 2.54
C VAL C 182 -27.93 48.79 3.60
N GLY C 183 -29.18 48.76 3.16
CA GLY C 183 -30.31 48.47 4.04
C GLY C 183 -30.85 49.72 4.70
N VAL C 184 -32.15 49.75 4.96
CA VAL C 184 -32.76 50.85 5.70
C VAL C 184 -33.01 50.53 7.18
N GLY C 185 -32.72 49.29 7.58
CA GLY C 185 -33.01 48.87 8.93
C GLY C 185 -34.51 48.80 9.22
N ASP C 186 -34.91 49.35 10.36
CA ASP C 186 -36.30 49.29 10.81
C ASP C 186 -37.11 50.54 10.41
N ALA C 187 -36.49 51.43 9.64
CA ALA C 187 -37.10 52.70 9.26
C ALA C 187 -38.47 52.56 8.61
N LYS C 188 -39.44 53.32 9.10
CA LYS C 188 -40.79 53.32 8.54
C LYS C 188 -40.97 54.41 7.48
N ASN C 189 -40.01 55.32 7.38
CA ASN C 189 -40.07 56.40 6.39
C ASN C 189 -38.67 56.78 5.89
N THR C 190 -38.64 57.55 4.80
CA THR C 190 -37.38 57.88 4.12
C THR C 190 -36.36 58.60 5.00
N ASP C 191 -36.82 59.48 5.88
CA ASP C 191 -35.92 60.26 6.73
C ASP C 191 -35.13 59.35 7.68
N GLU C 192 -35.85 58.44 8.33
CA GLU C 192 -35.23 57.49 9.23
C GLU C 192 -34.26 56.58 8.49
N ALA C 193 -34.62 56.25 7.25
CA ALA C 193 -33.74 55.47 6.39
C ALA C 193 -32.44 56.23 6.15
N LEU C 194 -32.57 57.53 5.90
CA LEU C 194 -31.41 58.40 5.74
C LEU C 194 -30.53 58.34 6.98
N ASP C 195 -31.17 58.34 8.14
CA ASP C 195 -30.43 58.23 9.40
C ASP C 195 -29.66 56.91 9.49
N TYR C 196 -30.31 55.80 9.19
CA TYR C 196 -29.66 54.49 9.24
C TYR C 196 -28.47 54.44 8.29
N ILE C 197 -28.66 54.88 7.05
CA ILE C 197 -27.60 54.88 6.06
C ILE C 197 -26.43 55.74 6.49
N CYS C 198 -26.73 56.91 7.07
CA CYS C 198 -25.68 57.79 7.57
C CYS C 198 -24.90 57.14 8.71
N LYS C 199 -25.60 56.42 9.58
CA LYS C 199 -24.94 55.70 10.67
C LYS C 199 -24.03 54.60 10.13
N LEU C 200 -24.48 53.93 9.07
CA LEU C 200 -23.65 52.91 8.43
C LEU C 200 -22.39 53.53 7.84
N CYS C 201 -22.55 54.66 7.17
CA CYS C 201 -21.41 55.38 6.63
C CYS C 201 -20.46 55.83 7.73
N ALA C 202 -21.01 56.10 8.90
CA ALA C 202 -20.20 56.47 10.05
C ALA C 202 -19.42 55.27 10.58
N SER C 203 -20.04 54.09 10.50
CA SER C 203 -19.40 52.87 10.95
C SER C 203 -18.20 52.50 10.08
N LEU C 204 -18.33 52.74 8.78
CA LEU C 204 -17.25 52.44 7.84
C LEU C 204 -16.37 53.66 7.55
N ASP C 205 -16.66 54.77 8.21
CA ASP C 205 -15.94 56.02 8.01
C ASP C 205 -15.91 56.40 6.53
N ALA C 206 -17.04 56.24 5.85
CA ALA C 206 -17.13 56.50 4.42
C ALA C 206 -17.77 57.85 4.14
N SER C 207 -17.12 58.65 3.31
CA SER C 207 -17.65 59.96 2.93
C SER C 207 -18.38 59.93 1.59
N VAL C 208 -18.36 58.79 0.91
CA VAL C 208 -18.94 58.68 -0.42
C VAL C 208 -19.70 57.37 -0.61
N ILE C 209 -20.90 57.47 -1.19
CA ILE C 209 -21.63 56.27 -1.61
C ILE C 209 -21.66 56.20 -3.15
N ALA C 210 -20.97 55.21 -3.70
CA ALA C 210 -20.83 55.10 -5.14
C ALA C 210 -21.87 54.18 -5.75
N THR C 211 -22.67 54.71 -6.66
CA THR C 211 -23.64 53.93 -7.40
C THR C 211 -23.53 54.22 -8.89
N VAL C 212 -24.07 53.34 -9.72
CA VAL C 212 -24.05 53.55 -11.16
C VAL C 212 -25.12 54.54 -11.56
N LYS C 213 -24.70 55.64 -12.19
CA LYS C 213 -25.62 56.69 -12.59
C LYS C 213 -25.51 57.00 -14.09
N HIS C 214 -24.34 57.46 -14.50
CA HIS C 214 -24.11 57.83 -15.90
C HIS C 214 -24.23 56.61 -16.83
N ASN C 215 -23.72 55.47 -16.37
CA ASN C 215 -23.65 54.26 -17.18
C ASN C 215 -24.78 53.26 -16.99
N LEU C 216 -25.83 53.64 -16.26
CA LEU C 216 -26.96 52.75 -15.95
C LEU C 216 -27.45 51.95 -17.16
N GLU C 217 -27.49 52.59 -18.32
CA GLU C 217 -27.93 51.94 -19.54
C GLU C 217 -27.06 50.75 -19.91
N GLU C 218 -25.78 50.80 -19.54
CA GLU C 218 -24.87 49.68 -19.77
C GLU C 218 -25.08 48.59 -18.74
N LEU C 219 -25.33 49.00 -17.50
CA LEU C 219 -25.52 48.07 -16.39
C LEU C 219 -26.79 47.24 -16.55
N GLU C 220 -27.83 47.86 -17.09
CA GLU C 220 -29.12 47.19 -17.22
C GLU C 220 -29.12 46.14 -18.33
N GLN C 221 -28.06 46.11 -19.13
CA GLN C 221 -27.91 45.12 -20.18
C GLN C 221 -27.08 43.95 -19.72
N VAL C 222 -26.64 43.99 -18.46
CA VAL C 222 -25.88 42.91 -17.86
C VAL C 222 -26.72 42.22 -16.78
N VAL C 223 -27.07 42.97 -15.74
CA VAL C 223 -27.91 42.44 -14.67
C VAL C 223 -29.35 42.86 -14.85
N TYR C 224 -30.23 41.89 -15.09
CA TYR C 224 -31.66 42.16 -15.28
C TYR C 224 -32.45 41.86 -14.02
N LYS C 225 -33.50 42.64 -13.79
CA LYS C 225 -34.37 42.43 -12.63
C LYS C 225 -35.47 41.42 -12.96
N PRO C 226 -35.48 40.28 -12.25
CA PRO C 226 -36.49 39.24 -12.45
C PRO C 226 -37.88 39.70 -12.00
N GLN C 227 -38.91 39.26 -12.71
CA GLN C 227 -40.28 39.61 -12.36
C GLN C 227 -40.72 38.87 -11.12
N LYS C 228 -41.32 39.57 -10.16
CA LYS C 228 -41.74 38.94 -8.92
C LYS C 228 -43.26 38.73 -8.86
N PHE C 229 -43.66 37.48 -8.67
CA PHE C 229 -45.07 37.12 -8.56
C PHE C 229 -45.40 36.72 -7.12
N PHE C 230 -46.61 37.04 -6.69
CA PHE C 230 -47.07 36.67 -5.35
C PHE C 230 -48.17 35.63 -5.42
N ARG C 231 -47.88 34.41 -4.95
CA ARG C 231 -48.86 33.35 -4.89
C ARG C 231 -49.39 33.17 -3.47
N LYS C 232 -50.66 33.56 -3.30
CA LYS C 232 -51.35 33.42 -2.04
C LYS C 232 -52.34 32.27 -2.14
N VAL C 233 -52.09 31.21 -1.37
CA VAL C 233 -52.93 30.02 -1.41
C VAL C 233 -53.65 29.83 -0.08
N GLU C 234 -54.43 28.76 0.01
CA GLU C 234 -55.22 28.47 1.20
C GLU C 234 -54.58 27.34 2.01
N SER C 235 -54.77 27.36 3.32
CA SER C 235 -54.30 26.26 4.16
C SER C 235 -55.15 25.02 3.87
N ARG C 236 -54.62 23.83 4.17
CA ARG C 236 -55.40 22.62 3.97
C ARG C 236 -56.65 22.66 4.83
N ILE C 237 -57.78 22.29 4.24
CA ILE C 237 -59.08 22.53 4.84
C ILE C 237 -59.36 21.64 6.06
N SER C 238 -58.94 20.39 6.04
CA SER C 238 -59.20 19.50 7.18
C SER C 238 -58.00 18.65 7.57
N ASP C 239 -57.64 18.77 8.85
CA ASP C 239 -56.59 17.95 9.45
C ASP C 239 -57.20 16.74 10.16
N LYS C 240 -57.01 15.54 9.59
CA LYS C 240 -57.29 14.32 10.34
C LYS C 240 -56.08 14.00 11.19
N PHE C 241 -54.92 14.17 10.56
CA PHE C 241 -53.61 13.95 11.17
C PHE C 241 -53.44 14.71 12.48
N LYS C 242 -53.74 16.00 12.46
CA LYS C 242 -53.63 16.84 13.65
C LYS C 242 -54.74 16.50 14.65
N TYR C 243 -55.89 16.06 14.14
CA TYR C 243 -56.99 15.67 15.00
C TYR C 243 -56.58 14.49 15.88
N ILE C 244 -55.90 13.50 15.29
CA ILE C 244 -55.46 12.35 16.07
C ILE C 244 -54.16 12.58 16.84
N ILE C 245 -53.26 13.41 16.32
CA ILE C 245 -51.97 13.61 16.99
C ILE C 245 -52.12 14.59 18.14
N ALA C 246 -53.15 15.43 18.08
CA ALA C 246 -53.47 16.29 19.22
C ALA C 246 -53.91 15.42 20.40
N GLN C 247 -54.34 14.20 20.09
CA GLN C 247 -54.73 13.23 21.12
C GLN C 247 -53.50 12.60 21.76
N LEU C 248 -52.42 12.49 20.99
CA LEU C 248 -51.16 11.98 21.52
C LEU C 248 -50.43 13.07 22.29
N MET C 249 -50.62 14.32 21.88
CA MET C 249 -50.07 15.42 22.63
C MET C 249 -50.83 15.56 23.94
N ARG C 250 -52.15 15.36 23.86
CA ARG C 250 -53.00 15.44 25.02
C ARG C 250 -52.74 14.29 25.99
N ASP C 251 -52.46 13.10 25.45
CA ASP C 251 -52.25 11.94 26.30
C ASP C 251 -50.86 12.01 26.91
N THR C 252 -49.91 12.59 26.17
CA THR C 252 -48.56 12.76 26.69
C THR C 252 -48.53 13.83 27.77
N GLU C 253 -49.30 14.90 27.58
CA GLU C 253 -49.36 15.95 28.60
C GLU C 253 -50.31 15.55 29.71
N SER C 254 -51.05 14.46 29.50
CA SER C 254 -51.84 13.84 30.57
C SER C 254 -50.96 12.93 31.42
N LEU C 255 -50.03 12.25 30.77
CA LEU C 255 -49.02 11.47 31.47
C LEU C 255 -48.17 12.42 32.29
N ALA C 256 -47.80 13.52 31.66
CA ALA C 256 -47.15 14.62 32.34
C ALA C 256 -48.10 15.14 33.40
N LYS C 257 -49.40 15.02 33.15
CA LYS C 257 -50.40 15.49 34.09
C LYS C 257 -50.59 14.57 35.28
N ARG C 258 -49.96 13.40 35.25
CA ARG C 258 -49.92 12.53 36.43
C ARG C 258 -48.83 12.92 37.43
N ILE C 259 -47.64 13.24 36.91
CA ILE C 259 -46.45 13.42 37.74
C ILE C 259 -46.21 14.90 38.14
N CYS C 260 -47.04 15.82 37.65
CA CYS C 260 -46.65 17.24 37.69
C CYS C 260 -46.78 17.79 39.12
N LYS C 261 -47.92 17.50 39.75
CA LYS C 261 -48.47 18.28 40.87
C LYS C 261 -48.67 19.72 40.39
N ASP C 262 -49.06 19.88 39.12
CA ASP C 262 -49.27 21.20 38.53
C ASP C 262 -50.00 21.10 37.19
N ARG C 272 -52.97 28.64 24.45
CA ARG C 272 -51.99 27.74 23.85
C ARG C 272 -52.62 26.85 22.80
N GLU C 273 -52.05 26.89 21.59
CA GLU C 273 -52.55 26.08 20.49
C GLU C 273 -51.49 25.06 20.06
N PHE C 274 -51.93 23.92 19.54
CA PHE C 274 -51.00 22.89 19.07
C PHE C 274 -50.64 23.11 17.61
N GLY C 275 -49.36 22.97 17.29
CA GLY C 275 -48.89 23.16 15.93
C GLY C 275 -48.42 24.58 15.67
N THR C 276 -48.08 25.30 16.73
CA THR C 276 -47.64 26.69 16.63
C THR C 276 -46.32 26.90 17.36
N GLN C 277 -45.69 28.04 17.09
CA GLN C 277 -44.43 28.40 17.75
C GLN C 277 -44.68 28.75 19.21
N LYS C 278 -45.89 29.19 19.52
CA LYS C 278 -46.27 29.50 20.89
C LYS C 278 -46.20 28.26 21.77
N TYR C 279 -46.66 27.13 21.22
CA TYR C 279 -46.62 25.87 21.93
C TYR C 279 -45.19 25.39 22.10
N GLU C 280 -44.33 25.73 21.13
CA GLU C 280 -42.93 25.37 21.21
C GLU C 280 -42.25 26.13 22.34
N GLN C 281 -42.49 27.44 22.39
CA GLN C 281 -41.97 28.27 23.47
C GLN C 281 -42.47 27.76 24.82
N TRP C 282 -43.75 27.44 24.88
CA TRP C 282 -44.37 26.95 26.11
C TRP C 282 -43.74 25.64 26.57
N ILE C 283 -43.57 24.69 25.66
CA ILE C 283 -43.07 23.37 26.02
C ILE C 283 -41.58 23.42 26.35
N VAL C 284 -40.87 24.38 25.76
CA VAL C 284 -39.46 24.59 26.10
C VAL C 284 -39.34 25.16 27.51
N THR C 285 -40.13 26.20 27.79
CA THR C 285 -40.13 26.80 29.12
C THR C 285 -40.56 25.79 30.19
N VAL C 286 -41.51 24.93 29.83
CA VAL C 286 -41.95 23.86 30.72
C VAL C 286 -40.82 22.87 30.97
N GLN C 287 -40.14 22.48 29.90
CA GLN C 287 -39.02 21.55 29.99
C GLN C 287 -37.93 22.11 30.91
N LYS C 288 -37.71 23.42 30.83
CA LYS C 288 -36.73 24.07 31.70
C LYS C 288 -37.26 24.22 33.12
N ALA C 289 -38.58 24.21 33.26
CA ALA C 289 -39.20 24.32 34.57
C ALA C 289 -39.15 22.99 35.33
N CYS C 290 -39.13 21.90 34.59
CA CYS C 290 -39.14 20.56 35.18
C CYS C 290 -37.78 20.17 35.75
N MET C 291 -36.73 20.85 35.31
CA MET C 291 -35.37 20.50 35.71
C MET C 291 -35.02 20.98 37.12
N VAL C 292 -35.74 22.01 37.59
CA VAL C 292 -35.43 22.64 38.86
C VAL C 292 -36.29 22.09 40.01
N PHE C 293 -37.23 21.20 39.70
CA PHE C 293 -38.07 20.60 40.73
C PHE C 293 -37.25 19.65 41.59
N GLN C 294 -37.40 19.73 42.92
CA GLN C 294 -36.59 18.92 43.81
C GLN C 294 -37.35 18.14 44.90
N MET C 295 -36.75 17.02 45.27
CA MET C 295 -37.30 16.10 46.27
C MET C 295 -36.21 15.67 47.24
N PRO C 296 -36.61 15.25 48.45
CA PRO C 296 -35.64 14.69 49.41
C PRO C 296 -34.97 13.42 48.87
N ASP C 297 -35.75 12.56 48.23
CA ASP C 297 -35.20 11.39 47.55
C ASP C 297 -34.67 11.82 46.19
N LYS C 298 -33.37 11.65 45.98
CA LYS C 298 -32.72 12.14 44.77
C LYS C 298 -32.90 11.20 43.57
N ASP C 299 -32.98 9.90 43.85
CA ASP C 299 -33.10 8.92 42.77
C ASP C 299 -34.51 8.96 42.17
N GLU C 300 -35.51 9.10 43.03
CA GLU C 300 -36.88 9.29 42.60
C GLU C 300 -36.97 10.54 41.74
N GLU C 301 -36.33 11.59 42.24
CA GLU C 301 -36.21 12.86 41.54
C GLU C 301 -35.64 12.68 40.14
N SER C 302 -34.57 11.88 40.04
CA SER C 302 -33.97 11.57 38.77
C SER C 302 -34.94 10.84 37.84
N ARG C 303 -35.68 9.90 38.42
CA ARG C 303 -36.66 9.14 37.65
C ARG C 303 -37.73 10.03 37.04
N ILE C 304 -38.35 10.87 37.86
CA ILE C 304 -39.43 11.72 37.38
C ILE C 304 -38.94 12.87 36.50
N CYS C 305 -37.69 13.30 36.71
CA CYS C 305 -37.12 14.36 35.88
C CYS C 305 -36.80 13.82 34.50
N LYS C 306 -36.26 12.61 34.45
CA LYS C 306 -36.05 11.92 33.18
C LYS C 306 -37.38 11.73 32.47
N ALA C 307 -38.39 11.34 33.25
CA ALA C 307 -39.75 11.16 32.72
C ALA C 307 -40.27 12.44 32.07
N LEU C 308 -40.20 13.55 32.81
CA LEU C 308 -40.70 14.84 32.33
C LEU C 308 -39.94 15.32 31.11
N PHE C 309 -38.61 15.14 31.14
CA PHE C 309 -37.76 15.51 30.01
C PHE C 309 -38.18 14.74 28.76
N LEU C 310 -38.42 13.44 28.91
CA LEU C 310 -38.84 12.60 27.80
C LEU C 310 -40.21 13.01 27.26
N TYR C 311 -41.14 13.28 28.18
CA TYR C 311 -42.49 13.69 27.80
C TYR C 311 -42.47 14.98 26.99
N THR C 312 -41.78 15.99 27.51
CA THR C 312 -41.70 17.27 26.81
C THR C 312 -40.96 17.12 25.48
N SER C 313 -39.99 16.21 25.43
CA SER C 313 -39.26 15.96 24.19
C SER C 313 -40.19 15.39 23.12
N HIS C 314 -40.94 14.35 23.46
CA HIS C 314 -41.89 13.76 22.54
C HIS C 314 -42.95 14.77 22.11
N LEU C 315 -43.34 15.62 23.05
CA LEU C 315 -44.29 16.69 22.77
C LEU C 315 -43.74 17.63 21.68
N ARG C 316 -42.49 18.05 21.89
CA ARG C 316 -41.80 18.90 20.92
C ARG C 316 -41.74 18.26 19.54
N LYS C 317 -41.37 16.98 19.50
CA LYS C 317 -41.28 16.27 18.22
C LYS C 317 -42.64 16.18 17.52
N TYR C 318 -43.70 15.94 18.29
CA TYR C 318 -45.05 15.90 17.73
C TYR C 318 -45.43 17.26 17.13
N ASN C 319 -45.14 18.33 17.88
CA ASN C 319 -45.37 19.69 17.41
C ASN C 319 -44.66 19.93 16.07
N ASP C 320 -43.38 19.56 16.03
CA ASP C 320 -42.59 19.66 14.81
C ASP C 320 -43.27 18.93 13.66
N ALA C 321 -43.81 17.74 13.94
CA ALA C 321 -44.52 16.97 12.94
C ALA C 321 -45.72 17.74 12.39
N LEU C 322 -46.49 18.34 13.30
CA LEU C 322 -47.64 19.16 12.92
C LEU C 322 -47.23 20.26 11.95
N ILE C 323 -46.18 21.00 12.31
CA ILE C 323 -45.70 22.08 11.45
C ILE C 323 -45.25 21.57 10.07
N ILE C 324 -44.41 20.53 10.09
CA ILE C 324 -43.90 19.93 8.87
C ILE C 324 -45.03 19.54 7.92
N SER C 325 -46.09 18.96 8.48
CA SER C 325 -47.23 18.55 7.67
C SER C 325 -48.10 19.74 7.26
N GLU C 326 -48.00 20.84 7.99
CA GLU C 326 -48.66 22.06 7.56
C GLU C 326 -47.99 22.56 6.29
N HIS C 327 -46.67 22.53 6.26
CA HIS C 327 -45.93 23.05 5.11
C HIS C 327 -45.61 22.01 4.03
N ALA C 328 -45.90 20.74 4.30
CA ALA C 328 -45.57 19.67 3.38
C ALA C 328 -46.52 18.48 3.48
N ARG C 329 -46.15 17.37 2.87
CA ARG C 329 -46.96 16.15 2.91
C ARG C 329 -47.09 15.63 4.34
N MET C 330 -48.15 14.88 4.60
CA MET C 330 -48.33 14.27 5.91
C MET C 330 -47.43 13.06 6.04
N LYS C 331 -47.04 12.50 4.90
CA LYS C 331 -46.09 11.40 4.86
C LYS C 331 -44.73 11.85 5.40
N ASP C 332 -44.39 13.11 5.13
CA ASP C 332 -43.12 13.66 5.57
C ASP C 332 -43.09 13.85 7.09
N ALA C 333 -44.22 14.26 7.66
CA ALA C 333 -44.34 14.40 9.10
C ALA C 333 -44.30 13.03 9.77
N LEU C 334 -45.05 12.11 9.20
CA LEU C 334 -45.08 10.73 9.70
C LEU C 334 -43.67 10.13 9.69
N ASP C 335 -42.94 10.36 8.60
CA ASP C 335 -41.58 9.85 8.47
C ASP C 335 -40.62 10.56 9.41
N TYR C 336 -40.93 11.82 9.73
CA TYR C 336 -40.16 12.57 10.71
C TYR C 336 -40.29 11.89 12.06
N LEU C 337 -41.53 11.61 12.46
CA LEU C 337 -41.78 10.91 13.72
C LEU C 337 -41.17 9.51 13.74
N LYS C 338 -41.24 8.82 12.60
CA LYS C 338 -40.70 7.47 12.48
C LYS C 338 -39.18 7.47 12.60
N ASP C 339 -38.55 8.47 12.03
CA ASP C 339 -37.10 8.65 12.16
C ASP C 339 -36.76 8.92 13.62
N PHE C 340 -37.56 9.78 14.25
CA PHE C 340 -37.41 10.09 15.66
C PHE C 340 -37.43 8.83 16.53
N PHE C 341 -38.46 8.01 16.35
CA PHE C 341 -38.62 6.81 17.17
C PHE C 341 -37.61 5.75 16.80
N SER C 342 -37.12 5.79 15.56
CA SER C 342 -36.01 4.91 15.16
C SER C 342 -34.79 5.24 16.01
N ASN C 343 -34.46 6.53 16.07
CA ASN C 343 -33.36 6.99 16.90
C ASN C 343 -33.55 6.62 18.37
N VAL C 344 -34.77 6.83 18.86
CA VAL C 344 -35.11 6.48 20.25
C VAL C 344 -34.85 5.00 20.51
N ARG C 345 -35.27 4.15 19.59
CA ARG C 345 -35.03 2.72 19.70
C ARG C 345 -33.54 2.41 19.69
N ALA C 346 -32.78 3.21 18.95
CA ALA C 346 -31.33 3.05 18.90
C ALA C 346 -30.66 3.44 20.21
N ALA C 347 -31.28 4.38 20.93
CA ALA C 347 -30.74 4.87 22.19
C ALA C 347 -30.64 3.78 23.24
N GLY C 348 -31.75 3.09 23.47
CA GLY C 348 -31.81 2.03 24.45
C GLY C 348 -33.23 1.86 24.94
N PHE C 349 -33.46 0.86 25.78
CA PHE C 349 -34.82 0.64 26.28
C PHE C 349 -35.04 1.36 27.59
N ASP C 350 -35.85 2.41 27.54
CA ASP C 350 -36.27 3.13 28.73
C ASP C 350 -37.75 2.83 28.91
N GLU C 351 -38.18 2.65 30.15
CA GLU C 351 -39.57 2.32 30.43
C GLU C 351 -40.52 3.36 29.82
N ILE C 352 -40.21 4.64 30.07
CA ILE C 352 -40.99 5.75 29.55
C ILE C 352 -41.00 5.78 28.03
N GLU C 353 -39.82 5.68 27.43
CA GLU C 353 -39.70 5.71 25.97
C GLU C 353 -40.45 4.55 25.32
N GLN C 354 -40.32 3.37 25.91
CA GLN C 354 -41.04 2.18 25.42
C GLN C 354 -42.54 2.42 25.50
N ASP C 355 -42.99 3.00 26.60
CA ASP C 355 -44.40 3.33 26.77
C ASP C 355 -44.88 4.26 25.65
N LEU C 356 -44.24 5.43 25.54
CA LEU C 356 -44.64 6.44 24.57
C LEU C 356 -44.62 5.90 23.14
N THR C 357 -43.58 5.17 22.80
CA THR C 357 -43.45 4.56 21.48
C THR C 357 -44.59 3.57 21.27
N GLN C 358 -44.97 2.85 22.32
CA GLN C 358 -46.07 1.90 22.24
C GLN C 358 -47.36 2.62 21.89
N ARG C 359 -47.68 3.67 22.64
CA ARG C 359 -48.91 4.42 22.39
C ARG C 359 -48.89 5.07 21.01
N PHE C 360 -47.70 5.40 20.51
CA PHE C 360 -47.58 5.92 19.15
C PHE C 360 -47.86 4.83 18.12
N GLU C 361 -47.35 3.63 18.38
CA GLU C 361 -47.47 2.51 17.46
C GLU C 361 -48.90 2.01 17.40
N GLU C 362 -49.67 2.31 18.45
CA GLU C 362 -51.08 1.96 18.45
C GLU C 362 -51.86 2.74 17.38
N LYS C 363 -51.45 3.99 17.16
CA LYS C 363 -52.14 4.87 16.22
C LYS C 363 -51.48 4.89 14.84
N LEU C 364 -50.43 4.11 14.65
CA LEU C 364 -49.65 4.13 13.42
C LEU C 364 -50.46 3.72 12.18
N GLN C 365 -51.27 2.68 12.34
CA GLN C 365 -52.08 2.16 11.23
C GLN C 365 -53.06 3.22 10.74
N GLU C 366 -53.80 3.79 11.66
CA GLU C 366 -54.73 4.88 11.36
C GLU C 366 -54.00 6.03 10.66
N LEU C 367 -52.83 6.37 11.16
CA LEU C 367 -52.04 7.48 10.62
C LEU C 367 -51.62 7.27 9.16
N GLU C 368 -50.94 6.16 8.91
CA GLU C 368 -50.50 5.85 7.55
C GLU C 368 -51.70 5.64 6.65
N SER C 369 -52.82 5.22 7.24
CA SER C 369 -54.08 5.20 6.51
C SER C 369 -54.41 6.63 6.05
N VAL C 370 -54.21 7.61 6.93
CA VAL C 370 -54.59 8.99 6.62
C VAL C 370 -53.59 9.76 5.71
N SER C 371 -52.32 9.39 5.61
CA SER C 371 -51.48 10.11 4.61
C SER C 371 -51.28 9.38 3.25
N ARG C 372 -51.81 8.17 3.10
CA ARG C 372 -51.69 7.46 1.83
C ARG C 372 -52.76 7.93 0.85
N ASP C 373 -53.76 8.63 1.39
CA ASP C 373 -54.88 9.10 0.58
C ASP C 373 -54.46 10.31 -0.25
N PRO C 374 -54.77 10.28 -1.55
CA PRO C 374 -54.51 11.36 -2.50
C PRO C 374 -55.39 12.57 -2.22
N SER C 375 -56.47 12.36 -1.47
CA SER C 375 -57.43 13.41 -1.18
C SER C 375 -56.88 14.50 -0.27
N ASN C 376 -55.87 14.14 0.52
CA ASN C 376 -55.39 15.03 1.58
C ASN C 376 -54.21 15.93 1.20
N GLU C 377 -53.79 15.92 -0.06
CA GLU C 377 -52.63 16.70 -0.46
C GLU C 377 -52.87 18.21 -0.31
N ASN C 378 -51.93 18.86 0.37
CA ASN C 378 -52.04 20.27 0.72
C ASN C 378 -52.04 21.19 -0.52
N PRO C 379 -52.93 22.19 -0.53
CA PRO C 379 -53.07 23.21 -1.57
C PRO C 379 -51.75 23.90 -1.99
N LYS C 380 -50.85 24.10 -1.04
CA LYS C 380 -49.58 24.76 -1.30
C LYS C 380 -48.67 23.95 -2.24
N LEU C 381 -48.59 22.65 -1.98
CA LEU C 381 -47.82 21.75 -2.84
C LEU C 381 -48.48 21.57 -4.20
N GLU C 382 -49.80 21.65 -4.23
CA GLU C 382 -50.54 21.59 -5.49
C GLU C 382 -50.20 22.80 -6.36
N ASP C 383 -50.23 23.98 -5.74
CA ASP C 383 -49.94 25.21 -6.45
C ASP C 383 -48.48 25.24 -6.91
N LEU C 384 -47.58 24.77 -6.05
CA LEU C 384 -46.16 24.67 -6.41
C LEU C 384 -45.97 23.74 -7.60
N CYS C 385 -46.69 22.61 -7.57
CA CYS C 385 -46.65 21.64 -8.65
C CYS C 385 -47.15 22.27 -9.94
N PHE C 386 -48.17 23.12 -9.84
CA PHE C 386 -48.71 23.82 -10.99
C PHE C 386 -47.68 24.78 -11.59
N ILE C 387 -47.04 25.56 -10.72
CA ILE C 387 -45.99 26.49 -11.14
C ILE C 387 -44.88 25.77 -11.88
N LEU C 388 -44.32 24.74 -11.26
CA LEU C 388 -43.24 23.96 -11.85
C LEU C 388 -43.66 23.33 -13.18
N GLN C 389 -44.86 22.76 -13.21
CA GLN C 389 -45.39 22.13 -14.41
C GLN C 389 -45.48 23.12 -15.58
N GLU C 390 -46.10 24.27 -15.33
CA GLU C 390 -46.24 25.28 -16.37
C GLU C 390 -44.90 25.78 -16.87
N GLU C 391 -44.04 26.17 -15.92
CA GLU C 391 -42.75 26.75 -16.27
C GLU C 391 -41.85 25.78 -17.03
N TYR C 392 -41.89 24.49 -16.67
CA TYR C 392 -41.09 23.50 -17.38
C TYR C 392 -41.75 23.06 -18.67
N HIS C 393 -43.05 23.26 -18.78
CA HIS C 393 -43.76 22.99 -20.03
C HIS C 393 -43.36 24.03 -21.06
N LEU C 394 -43.29 25.29 -20.63
CA LEU C 394 -42.87 26.36 -21.51
C LEU C 394 -41.38 26.26 -21.82
N ASN C 395 -40.58 26.00 -20.78
CA ASN C 395 -39.13 25.87 -20.93
C ASN C 395 -38.56 24.66 -20.20
N PRO C 396 -38.42 23.52 -20.90
CA PRO C 396 -37.90 22.29 -20.30
C PRO C 396 -36.45 22.42 -19.79
N GLU C 397 -35.73 23.43 -20.23
CA GLU C 397 -34.33 23.64 -19.85
C GLU C 397 -34.21 24.51 -18.60
N THR C 398 -35.36 24.84 -18.00
CA THR C 398 -35.42 25.69 -16.81
C THR C 398 -34.60 25.16 -15.64
N ILE C 399 -33.79 26.03 -15.05
CA ILE C 399 -33.11 25.73 -13.80
C ILE C 399 -33.79 26.47 -12.65
N THR C 400 -34.19 25.73 -11.63
CA THR C 400 -34.96 26.30 -10.53
C THR C 400 -34.18 26.26 -9.21
N ILE C 401 -34.42 27.23 -8.34
CA ILE C 401 -33.91 27.14 -6.97
C ILE C 401 -35.04 27.38 -5.97
N LEU C 402 -35.18 26.46 -5.03
CA LEU C 402 -36.32 26.46 -4.12
C LEU C 402 -35.90 26.72 -2.66
N PHE C 403 -36.27 27.88 -2.14
CA PHE C 403 -35.91 28.26 -0.78
C PHE C 403 -36.98 27.88 0.23
N VAL C 404 -36.58 27.18 1.28
CA VAL C 404 -37.48 26.85 2.38
C VAL C 404 -36.82 27.21 3.71
N LYS C 405 -37.62 27.28 4.77
CA LYS C 405 -37.13 27.79 6.05
C LYS C 405 -36.25 26.79 6.79
N THR C 406 -36.67 25.52 6.83
CA THR C 406 -35.97 24.52 7.62
C THR C 406 -35.42 23.36 6.78
N ARG C 407 -34.43 22.67 7.33
CA ARG C 407 -33.79 21.54 6.64
C ARG C 407 -34.75 20.34 6.55
N ALA C 408 -35.61 20.22 7.55
CA ALA C 408 -36.64 19.18 7.53
C ALA C 408 -37.51 19.33 6.29
N LEU C 409 -37.81 20.58 5.94
CA LEU C 409 -38.59 20.87 4.74
C LEU C 409 -37.77 20.64 3.48
N VAL C 410 -36.45 20.78 3.59
CA VAL C 410 -35.57 20.48 2.48
C VAL C 410 -35.68 19.00 2.12
N ASP C 411 -35.51 18.15 3.12
CA ASP C 411 -35.70 16.71 2.91
C ASP C 411 -37.11 16.40 2.44
N ALA C 412 -38.09 17.09 3.05
CA ALA C 412 -39.50 16.89 2.74
C ALA C 412 -39.80 17.10 1.27
N LEU C 413 -39.41 18.26 0.73
CA LEU C 413 -39.66 18.58 -0.66
C LEU C 413 -38.76 17.76 -1.59
N LYS C 414 -37.59 17.40 -1.09
CA LYS C 414 -36.68 16.53 -1.84
C LYS C 414 -37.38 15.21 -2.14
N ASN C 415 -38.02 14.64 -1.13
CA ASN C 415 -38.75 13.38 -1.30
C ASN C 415 -40.06 13.58 -2.04
N TRP C 416 -40.67 14.76 -1.84
CA TRP C 416 -41.94 15.08 -2.47
C TRP C 416 -41.82 15.18 -3.99
N ILE C 417 -40.71 15.74 -4.45
CA ILE C 417 -40.51 15.91 -5.89
C ILE C 417 -40.36 14.59 -6.63
N GLU C 418 -39.48 13.72 -6.15
CA GLU C 418 -39.24 12.44 -6.81
C GLU C 418 -40.30 11.41 -6.45
N GLY C 419 -41.12 11.75 -5.45
CA GLY C 419 -42.25 10.91 -5.09
C GLY C 419 -43.50 11.33 -5.84
N ASN C 420 -43.33 12.30 -6.74
CA ASN C 420 -44.44 12.83 -7.52
C ASN C 420 -44.26 12.52 -9.01
N PRO C 421 -45.17 11.71 -9.57
CA PRO C 421 -45.10 11.27 -10.97
C PRO C 421 -45.16 12.42 -11.98
N LYS C 422 -45.86 13.50 -11.62
CA LYS C 422 -46.04 14.63 -12.52
C LYS C 422 -44.77 15.47 -12.62
N LEU C 423 -43.94 15.40 -11.59
CA LEU C 423 -42.73 16.20 -11.50
C LEU C 423 -41.50 15.46 -12.04
N SER C 424 -41.74 14.31 -12.68
CA SER C 424 -40.67 13.41 -13.12
C SER C 424 -39.57 14.09 -13.95
N PHE C 425 -39.89 15.23 -14.55
CA PHE C 425 -38.90 15.99 -15.32
C PHE C 425 -37.89 16.70 -14.43
N LEU C 426 -38.13 16.70 -13.13
CA LEU C 426 -37.26 17.40 -12.17
C LEU C 426 -36.13 16.50 -11.67
N LYS C 427 -34.94 17.09 -11.54
CA LYS C 427 -33.80 16.39 -10.97
C LYS C 427 -33.28 17.15 -9.76
N PRO C 428 -33.92 16.96 -8.59
CA PRO C 428 -33.66 17.74 -7.39
C PRO C 428 -32.24 17.59 -6.84
N GLY C 429 -31.81 18.59 -6.07
CA GLY C 429 -30.51 18.57 -5.42
C GLY C 429 -30.61 19.31 -4.09
N ILE C 430 -29.62 19.12 -3.23
CA ILE C 430 -29.70 19.66 -1.88
C ILE C 430 -28.58 20.64 -1.56
N LEU C 431 -28.94 21.80 -1.03
CA LEU C 431 -27.97 22.78 -0.58
C LEU C 431 -28.30 23.25 0.84
N THR C 432 -27.44 22.89 1.79
CA THR C 432 -27.62 23.31 3.18
C THR C 432 -26.28 23.71 3.78
N GLY C 433 -26.29 24.04 5.07
CA GLY C 433 -25.07 24.42 5.75
C GLY C 433 -24.43 23.24 6.46
N ARG C 434 -23.15 23.36 6.79
CA ARG C 434 -22.44 22.30 7.49
C ARG C 434 -22.46 22.55 8.99
N GLY C 435 -23.16 21.70 9.73
CA GLY C 435 -23.26 21.82 11.17
C GLY C 435 -24.48 21.12 11.72
N LYS C 436 -24.58 21.05 13.04
CA LYS C 436 -25.71 20.40 13.70
C LYS C 436 -26.70 21.42 14.23
N ALA C 457 -27.13 23.77 -15.04
CA ALA C 457 -27.76 23.70 -16.35
C ALA C 457 -27.19 22.53 -17.16
N SER C 458 -25.88 22.52 -17.31
CA SER C 458 -25.19 21.46 -18.04
C SER C 458 -25.03 20.18 -17.22
N GLY C 459 -24.95 20.29 -15.90
CA GLY C 459 -25.01 19.09 -15.08
C GLY C 459 -26.45 18.59 -15.09
N ASP C 460 -26.76 17.48 -14.44
CA ASP C 460 -28.17 17.15 -14.30
C ASP C 460 -28.60 17.24 -12.83
N HIS C 461 -28.95 18.48 -12.51
CA HIS C 461 -29.77 18.88 -11.40
C HIS C 461 -30.58 20.05 -11.98
N ASN C 462 -31.87 19.85 -12.14
CA ASN C 462 -32.71 20.89 -12.71
C ASN C 462 -33.12 21.87 -11.65
N ILE C 463 -33.40 21.35 -10.46
CA ILE C 463 -33.85 22.17 -9.36
C ILE C 463 -33.01 21.93 -8.11
N LEU C 464 -32.62 23.03 -7.46
CA LEU C 464 -31.82 22.97 -6.26
C LEU C 464 -32.60 23.49 -5.05
N ILE C 465 -32.93 22.60 -4.13
CA ILE C 465 -33.62 22.98 -2.91
C ILE C 465 -32.61 23.41 -1.84
N ALA C 466 -32.86 24.54 -1.20
CA ALA C 466 -31.93 25.07 -0.22
C ALA C 466 -32.63 25.80 0.92
N THR C 467 -31.92 25.98 2.03
CA THR C 467 -32.45 26.72 3.17
C THR C 467 -32.24 28.22 2.96
N SER C 468 -30.99 28.65 3.13
CA SER C 468 -30.62 30.03 2.84
C SER C 468 -29.12 30.12 2.61
N VAL C 469 -28.69 31.19 1.95
CA VAL C 469 -27.27 31.41 1.72
C VAL C 469 -26.88 32.78 2.24
N ALA C 470 -25.84 32.82 3.07
CA ALA C 470 -25.39 34.09 3.63
C ALA C 470 -24.90 35.03 2.53
N ASP C 471 -25.50 36.21 2.48
CA ASP C 471 -25.20 37.23 1.47
C ASP C 471 -25.24 36.69 0.05
N GLU C 472 -24.30 37.15 -0.78
CA GLU C 472 -24.26 36.76 -2.19
C GLU C 472 -23.61 35.40 -2.40
N GLY C 473 -22.47 35.19 -1.76
CA GLY C 473 -21.74 33.93 -1.89
C GLY C 473 -21.16 33.73 -3.28
N ILE C 474 -20.56 32.56 -3.49
CA ILE C 474 -20.00 32.20 -4.80
C ILE C 474 -21.12 32.02 -5.82
N ASP C 475 -20.91 32.55 -7.01
CA ASP C 475 -21.90 32.42 -8.09
C ASP C 475 -22.10 30.96 -8.47
N ILE C 476 -23.36 30.52 -8.45
CA ILE C 476 -23.71 29.18 -8.93
C ILE C 476 -24.37 29.32 -10.29
N ALA C 477 -24.85 28.20 -10.84
CA ALA C 477 -25.56 28.21 -12.11
C ALA C 477 -26.74 29.16 -12.06
N GLN C 478 -26.98 29.87 -13.16
CA GLN C 478 -28.06 30.85 -13.21
C GLN C 478 -29.42 30.18 -13.18
N CYS C 479 -30.24 30.59 -12.24
CA CYS C 479 -31.61 30.09 -12.12
C CYS C 479 -32.58 31.07 -12.74
N ASN C 480 -33.27 30.64 -13.80
CA ASN C 480 -34.29 31.49 -14.41
C ASN C 480 -35.63 31.30 -13.71
N LEU C 481 -35.65 30.45 -12.69
CA LEU C 481 -36.82 30.30 -11.83
C LEU C 481 -36.42 30.21 -10.36
N VAL C 482 -36.94 31.14 -9.56
CA VAL C 482 -36.66 31.18 -8.14
C VAL C 482 -37.95 31.08 -7.35
N ILE C 483 -38.11 30.00 -6.60
CA ILE C 483 -39.32 29.80 -5.81
C ILE C 483 -39.05 29.97 -4.33
N LEU C 484 -39.74 30.92 -3.72
CA LEU C 484 -39.64 31.15 -2.28
C LEU C 484 -40.85 30.54 -1.59
N TYR C 485 -40.62 29.45 -0.87
CA TYR C 485 -41.71 28.74 -0.21
C TYR C 485 -41.74 29.10 1.26
N GLU C 486 -42.75 29.88 1.65
CA GLU C 486 -42.85 30.42 3.00
C GLU C 486 -41.55 31.09 3.43
N TYR C 487 -41.04 31.99 2.60
CA TYR C 487 -39.79 32.67 2.87
C TYR C 487 -40.01 34.08 3.40
N VAL C 488 -39.34 34.41 4.49
CA VAL C 488 -39.37 35.78 5.00
C VAL C 488 -37.95 36.29 5.17
N GLY C 489 -37.54 37.23 4.32
CA GLY C 489 -36.23 37.84 4.42
C GLY C 489 -36.27 39.30 4.82
N ASN C 490 -35.12 39.96 4.68
CA ASN C 490 -35.04 41.42 4.78
C ASN C 490 -34.83 42.00 3.38
N VAL C 491 -34.69 43.32 3.31
CA VAL C 491 -34.53 44.00 2.03
C VAL C 491 -33.22 43.59 1.34
N ILE C 492 -32.16 43.46 2.14
CA ILE C 492 -30.85 43.10 1.62
C ILE C 492 -30.85 41.74 0.95
N LYS C 493 -31.43 40.75 1.62
CA LYS C 493 -31.51 39.40 1.06
C LYS C 493 -32.38 39.39 -0.20
N MET C 494 -33.43 40.20 -0.20
CA MET C 494 -34.28 40.34 -1.38
C MET C 494 -33.49 40.82 -2.58
N ILE C 495 -32.72 41.89 -2.36
CA ILE C 495 -31.92 42.47 -3.44
C ILE C 495 -30.82 41.50 -3.88
N GLN C 496 -30.28 40.75 -2.94
CA GLN C 496 -29.18 39.83 -3.23
C GLN C 496 -29.63 38.59 -3.99
N THR C 497 -30.84 38.11 -3.71
CA THR C 497 -31.35 36.91 -4.38
C THR C 497 -31.60 37.14 -5.87
N ARG C 498 -31.64 38.40 -6.27
CA ARG C 498 -31.81 38.75 -7.69
C ARG C 498 -30.60 38.32 -8.50
N GLY C 499 -29.47 38.15 -7.82
CA GLY C 499 -28.23 37.79 -8.48
C GLY C 499 -28.28 36.43 -9.13
N ARG C 500 -29.22 35.60 -8.69
CA ARG C 500 -29.42 34.28 -9.28
C ARG C 500 -30.26 34.40 -10.54
N GLY C 501 -30.93 35.54 -10.69
CA GLY C 501 -31.81 35.80 -11.81
C GLY C 501 -31.29 36.78 -12.85
N ARG C 502 -29.97 36.97 -12.90
CA ARG C 502 -29.36 37.98 -13.76
C ARG C 502 -29.81 37.94 -15.23
N ALA C 503 -30.09 36.75 -15.73
CA ALA C 503 -30.51 36.60 -17.12
C ALA C 503 -31.87 37.23 -17.37
N ARG C 504 -32.08 37.72 -18.59
CA ARG C 504 -33.37 38.32 -18.96
C ARG C 504 -34.48 37.27 -19.00
N GLY C 505 -35.57 37.55 -18.30
CA GLY C 505 -36.70 36.64 -18.31
C GLY C 505 -36.79 35.77 -17.07
N SER C 506 -35.89 36.01 -16.11
CA SER C 506 -35.93 35.28 -14.86
C SER C 506 -37.19 35.63 -14.08
N LYS C 507 -37.67 34.69 -13.28
CA LYS C 507 -38.91 34.87 -12.53
C LYS C 507 -38.72 34.44 -11.09
N CYS C 508 -39.43 35.11 -10.18
CA CYS C 508 -39.39 34.75 -8.77
C CYS C 508 -40.79 34.70 -8.16
N PHE C 509 -41.22 33.52 -7.73
CA PHE C 509 -42.53 33.36 -7.12
C PHE C 509 -42.42 33.33 -5.60
N LEU C 510 -43.37 33.96 -4.91
CA LEU C 510 -43.44 33.84 -3.46
C LEU C 510 -44.73 33.13 -3.05
N LEU C 511 -44.61 31.89 -2.61
CA LEU C 511 -45.78 31.06 -2.33
C LEU C 511 -46.03 30.95 -0.84
N THR C 512 -47.18 31.39 -0.36
CA THR C 512 -47.44 31.31 1.08
C THR C 512 -48.91 31.19 1.46
N SER C 513 -49.19 30.50 2.57
CA SER C 513 -50.52 30.41 3.12
C SER C 513 -50.79 31.43 4.22
N ASN C 514 -49.74 32.13 4.66
CA ASN C 514 -49.82 32.98 5.85
C ASN C 514 -50.46 34.35 5.59
N ALA C 515 -50.34 34.82 4.35
CA ALA C 515 -50.88 36.11 3.91
C ALA C 515 -50.16 37.32 4.52
N GLY C 516 -49.38 37.07 5.57
CA GLY C 516 -48.54 38.10 6.15
C GLY C 516 -47.26 38.27 5.35
N VAL C 517 -46.69 37.12 4.97
CA VAL C 517 -45.44 37.05 4.21
C VAL C 517 -45.45 37.99 3.01
N ILE C 518 -46.58 37.99 2.31
CA ILE C 518 -46.82 38.90 1.19
C ILE C 518 -46.56 40.35 1.61
N GLU C 519 -47.20 40.74 2.71
CA GLU C 519 -47.07 42.08 3.23
C GLU C 519 -45.63 42.40 3.61
N LYS C 520 -44.92 41.42 4.18
CA LYS C 520 -43.53 41.63 4.59
C LYS C 520 -42.66 41.90 3.36
N GLU C 521 -42.85 41.11 2.31
CA GLU C 521 -42.08 41.29 1.09
C GLU C 521 -42.39 42.63 0.44
N GLN C 522 -43.66 43.00 0.44
CA GLN C 522 -44.08 44.28 -0.13
C GLN C 522 -43.45 45.47 0.58
N ILE C 523 -43.54 45.47 1.92
CA ILE C 523 -42.95 46.56 2.68
C ILE C 523 -41.44 46.53 2.56
N ASN C 524 -40.88 45.36 2.24
CA ASN C 524 -39.44 45.29 1.94
C ASN C 524 -39.12 45.98 0.61
N MET C 525 -40.00 45.83 -0.37
CA MET C 525 -39.84 46.55 -1.63
C MET C 525 -39.89 48.06 -1.40
N TYR C 526 -40.86 48.49 -0.59
CA TYR C 526 -40.95 49.91 -0.23
C TYR C 526 -39.68 50.35 0.47
N LYS C 527 -39.14 49.48 1.32
CA LYS C 527 -37.87 49.74 2.00
C LYS C 527 -36.75 49.95 0.99
N GLU C 528 -36.75 49.17 -0.08
CA GLU C 528 -35.76 49.32 -1.14
C GLU C 528 -35.89 50.70 -1.79
N LYS C 529 -37.13 51.11 -2.07
CA LYS C 529 -37.36 52.44 -2.64
C LYS C 529 -36.79 53.53 -1.73
N MET C 530 -37.15 53.45 -0.45
CA MET C 530 -36.61 54.37 0.56
C MET C 530 -35.08 54.40 0.53
N MET C 531 -34.48 53.23 0.40
CA MET C 531 -33.03 53.10 0.38
C MET C 531 -32.42 53.85 -0.80
N ASN C 532 -32.85 53.52 -2.00
CA ASN C 532 -32.32 54.16 -3.20
C ASN C 532 -32.53 55.67 -3.20
N ASP C 533 -33.73 56.10 -2.78
CA ASP C 533 -34.02 57.53 -2.72
C ASP C 533 -33.12 58.25 -1.73
N SER C 534 -32.97 57.68 -0.54
CA SER C 534 -32.12 58.27 0.49
C SER C 534 -30.66 58.34 0.04
N ILE C 535 -30.21 57.30 -0.65
CA ILE C 535 -28.85 57.27 -1.18
C ILE C 535 -28.65 58.40 -2.19
N LEU C 536 -29.57 58.49 -3.15
CA LEU C 536 -29.48 59.51 -4.19
C LEU C 536 -29.60 60.91 -3.59
N ARG C 537 -30.23 61.01 -2.42
CA ARG C 537 -30.30 62.29 -1.71
C ARG C 537 -28.97 62.60 -1.04
N LEU C 538 -28.34 61.58 -0.47
CA LEU C 538 -27.05 61.76 0.20
C LEU C 538 -25.96 62.13 -0.79
N GLN C 539 -26.04 61.60 -2.00
CA GLN C 539 -25.03 61.87 -3.02
C GLN C 539 -24.99 63.33 -3.44
N THR C 540 -26.08 64.05 -3.19
CA THR C 540 -26.19 65.45 -3.56
C THR C 540 -25.54 66.39 -2.54
N TRP C 541 -25.34 65.90 -1.33
CA TRP C 541 -24.73 66.70 -0.27
C TRP C 541 -23.30 67.08 -0.61
N ASP C 542 -22.82 68.18 -0.02
CA ASP C 542 -21.41 68.53 -0.12
C ASP C 542 -20.60 67.56 0.73
N GLU C 543 -19.53 67.02 0.17
CA GLU C 543 -18.77 65.96 0.83
C GLU C 543 -18.23 66.39 2.19
N ALA C 544 -17.82 67.66 2.30
CA ALA C 544 -17.28 68.19 3.55
C ALA C 544 -18.31 68.10 4.68
N VAL C 545 -19.50 68.64 4.42
CA VAL C 545 -20.59 68.60 5.37
C VAL C 545 -20.89 67.16 5.80
N PHE C 546 -20.91 66.26 4.83
CA PHE C 546 -21.17 64.85 5.10
C PHE C 546 -20.10 64.27 6.03
N ARG C 547 -18.84 64.61 5.77
CA ARG C 547 -17.74 64.20 6.62
C ARG C 547 -17.96 64.69 8.05
N GLU C 548 -18.46 65.92 8.17
CA GLU C 548 -18.71 66.50 9.48
C GLU C 548 -19.81 65.72 10.22
N LYS C 549 -20.91 65.43 9.53
CA LYS C 549 -21.99 64.66 10.13
C LYS C 549 -21.50 63.28 10.56
N ILE C 550 -20.72 62.65 9.69
CA ILE C 550 -20.15 61.34 9.97
C ILE C 550 -19.29 61.37 11.23
N LEU C 551 -18.40 62.35 11.31
CA LEU C 551 -17.55 62.51 12.49
C LEU C 551 -18.39 62.67 13.75
N HIS C 552 -19.46 63.46 13.64
CA HIS C 552 -20.39 63.64 14.74
C HIS C 552 -20.96 62.30 15.22
N ILE C 553 -21.54 61.56 14.29
CA ILE C 553 -22.13 60.25 14.61
C ILE C 553 -21.10 59.33 15.25
N GLN C 554 -19.91 59.27 14.66
CA GLN C 554 -18.83 58.43 15.16
C GLN C 554 -18.48 58.76 16.60
N THR C 555 -18.30 60.05 16.89
CA THR C 555 -17.94 60.48 18.24
C THR C 555 -19.04 60.15 19.23
N HIS C 556 -20.30 60.37 18.84
CA HIS C 556 -21.43 60.01 19.67
C HIS C 556 -21.43 58.52 20.02
N GLU C 557 -21.28 57.71 18.98
CA GLU C 557 -21.26 56.26 19.14
C GLU C 557 -20.10 55.80 20.03
N LYS C 558 -18.96 56.49 19.92
CA LYS C 558 -17.82 56.16 20.77
C LYS C 558 -18.10 56.50 22.22
N PHE C 559 -18.75 57.64 22.43
CA PHE C 559 -19.17 58.03 23.78
C PHE C 559 -20.07 56.97 24.38
N ILE C 560 -21.05 56.49 23.61
CA ILE C 560 -21.93 55.44 24.09
C ILE C 560 -21.19 54.13 24.33
N ARG C 561 -20.22 53.84 23.46
CA ARG C 561 -19.49 52.58 23.51
C ARG C 561 -18.54 52.49 24.71
N ASP C 562 -17.98 53.63 25.10
CA ASP C 562 -17.01 53.66 26.20
C ASP C 562 -17.67 53.49 27.57
N SER C 563 -19.00 53.54 27.61
CA SER C 563 -19.73 53.40 28.87
C SER C 563 -19.61 51.98 29.41
N VAL C 570 -19.67 41.41 41.10
CA VAL C 570 -18.86 40.60 42.00
C VAL C 570 -19.15 39.12 41.82
N PRO C 571 -18.12 38.34 41.45
CA PRO C 571 -18.22 36.90 41.23
C PRO C 571 -18.36 36.09 42.52
N ASP C 572 -19.15 35.03 42.49
CA ASP C 572 -19.43 34.20 43.66
C ASP C 572 -18.36 33.14 43.87
N LYS C 573 -17.78 33.09 45.07
CA LYS C 573 -16.64 32.22 45.33
C LYS C 573 -17.00 30.88 45.99
N GLU C 574 -18.26 30.68 46.34
CA GLU C 574 -18.66 29.46 47.02
C GLU C 574 -19.03 28.37 46.01
N ASN C 575 -18.62 27.13 46.30
CA ASN C 575 -18.73 26.02 45.37
C ASN C 575 -20.15 25.70 44.92
N LYS C 576 -20.28 25.32 43.65
CA LYS C 576 -21.56 24.90 43.08
C LYS C 576 -21.45 23.49 42.50
N LYS C 577 -22.60 22.84 42.35
CA LYS C 577 -22.65 21.53 41.70
C LYS C 577 -23.26 21.65 40.30
N LEU C 578 -22.73 20.85 39.38
CA LEU C 578 -23.25 20.76 38.03
C LEU C 578 -23.89 19.41 37.83
N LEU C 579 -25.21 19.44 37.69
CA LEU C 579 -26.06 18.25 37.56
C LEU C 579 -26.57 18.10 36.13
N CYS C 580 -26.81 16.86 35.69
CA CYS C 580 -27.40 16.62 34.39
C CYS C 580 -28.80 17.23 34.28
N ARG C 581 -29.10 17.88 33.15
CA ARG C 581 -30.41 18.51 32.99
C ARG C 581 -31.50 17.49 32.74
N LYS C 582 -31.11 16.25 32.46
CA LYS C 582 -32.07 15.19 32.21
C LYS C 582 -32.29 14.34 33.46
N CYS C 583 -31.24 13.64 33.89
CA CYS C 583 -31.34 12.71 35.01
C CYS C 583 -30.91 13.30 36.35
N LYS C 584 -30.54 14.57 36.37
CA LYS C 584 -30.18 15.28 37.60
C LYS C 584 -29.00 14.65 38.34
N ALA C 585 -28.17 13.92 37.61
CA ALA C 585 -27.02 13.23 38.21
C ALA C 585 -25.85 14.19 38.43
N LEU C 586 -25.08 13.95 39.48
CA LEU C 586 -23.93 14.79 39.76
C LEU C 586 -22.87 14.58 38.70
N ALA C 587 -22.49 15.66 38.04
CA ALA C 587 -21.47 15.62 37.00
C ALA C 587 -20.20 16.24 37.53
N CYS C 588 -20.25 17.53 37.87
CA CYS C 588 -19.01 18.19 38.25
C CYS C 588 -19.16 19.14 39.44
N TYR C 589 -18.05 19.55 40.02
CA TYR C 589 -18.03 20.63 41.01
C TYR C 589 -17.30 21.82 40.42
N THR C 590 -17.76 23.03 40.73
CA THR C 590 -17.18 24.23 40.16
C THR C 590 -15.71 24.44 40.52
N ALA C 591 -15.23 23.71 41.53
CA ALA C 591 -13.83 23.77 41.91
C ALA C 591 -12.97 22.98 40.93
N ASP C 592 -13.60 22.08 40.18
CA ASP C 592 -12.90 21.24 39.22
C ASP C 592 -12.89 21.86 37.83
N VAL C 593 -13.64 22.95 37.65
CA VAL C 593 -13.79 23.57 36.34
C VAL C 593 -12.70 24.61 36.08
N ARG C 594 -12.02 24.47 34.94
CA ARG C 594 -10.99 25.43 34.55
C ARG C 594 -11.36 26.10 33.23
N VAL C 595 -10.96 27.35 33.08
CA VAL C 595 -11.30 28.10 31.88
C VAL C 595 -10.09 28.32 30.96
N ILE C 596 -10.20 27.79 29.74
CA ILE C 596 -9.21 27.93 28.70
C ILE C 596 -9.52 29.09 27.78
N GLU C 597 -8.54 29.99 27.64
CA GLU C 597 -8.58 31.12 26.71
C GLU C 597 -9.80 32.01 26.91
N GLU C 598 -10.26 32.10 28.16
CA GLU C 598 -11.38 32.96 28.54
C GLU C 598 -12.66 32.62 27.79
N CYS C 599 -12.72 31.42 27.24
CA CYS C 599 -13.86 30.99 26.44
C CYS C 599 -14.36 29.61 26.83
N HIS C 600 -13.50 28.60 26.66
CA HIS C 600 -13.92 27.21 26.77
C HIS C 600 -13.68 26.64 28.16
N TYR C 601 -14.55 25.75 28.61
CA TYR C 601 -14.45 25.25 29.99
C TYR C 601 -14.22 23.75 30.06
N THR C 602 -13.21 23.36 30.84
CA THR C 602 -12.87 21.95 31.01
C THR C 602 -12.95 21.52 32.47
N VAL C 603 -12.71 20.24 32.73
CA VAL C 603 -12.83 19.66 34.06
C VAL C 603 -11.57 18.89 34.44
N LEU C 604 -11.13 19.06 35.69
CA LEU C 604 -9.94 18.38 36.20
C LEU C 604 -10.30 17.24 37.15
N GLY C 605 -9.48 16.20 37.15
CA GLY C 605 -9.65 15.09 38.07
C GLY C 605 -10.14 13.81 37.41
N ASP C 606 -9.87 12.69 38.05
CA ASP C 606 -10.27 11.39 37.54
C ASP C 606 -11.72 11.07 37.94
N ALA C 607 -12.29 11.92 38.77
CA ALA C 607 -13.67 11.73 39.22
C ALA C 607 -14.66 11.91 38.09
N PHE C 608 -14.41 12.93 37.26
CA PHE C 608 -15.30 13.26 36.15
C PHE C 608 -15.27 12.20 35.06
N LYS C 609 -14.17 11.46 34.98
CA LYS C 609 -14.01 10.44 33.95
C LYS C 609 -15.00 9.29 34.12
N GLU C 610 -15.59 9.19 35.31
CA GLU C 610 -16.55 8.13 35.59
C GLU C 610 -17.99 8.57 35.32
N CYS C 611 -18.18 9.85 35.01
CA CYS C 611 -19.51 10.39 34.85
C CYS C 611 -20.02 10.46 33.41
N PHE C 612 -19.16 10.13 32.44
CA PHE C 612 -19.57 10.27 31.05
C PHE C 612 -19.11 9.14 30.14
N VAL C 613 -19.83 8.96 29.05
CA VAL C 613 -19.41 8.06 27.99
C VAL C 613 -19.07 8.90 26.76
N SER C 614 -18.60 8.25 25.71
CA SER C 614 -18.13 8.99 24.54
C SER C 614 -18.25 8.20 23.26
N ARG C 615 -18.49 8.90 22.15
CA ARG C 615 -18.46 8.25 20.83
C ARG C 615 -17.89 9.25 19.82
N PRO C 616 -17.11 8.75 18.84
CA PRO C 616 -16.47 9.62 17.84
C PRO C 616 -17.41 10.65 17.22
N HIS C 617 -16.91 11.89 17.13
CA HIS C 617 -17.71 13.01 16.66
C HIS C 617 -18.14 12.84 15.22
N PRO C 618 -19.45 13.01 14.96
CA PRO C 618 -20.01 12.88 13.60
C PRO C 618 -19.41 13.91 12.65
N LYS C 619 -19.18 15.12 13.14
CA LYS C 619 -18.57 16.16 12.34
C LYS C 619 -17.29 16.68 12.99
N PRO C 620 -16.19 15.93 12.83
CA PRO C 620 -14.90 16.35 13.39
C PRO C 620 -14.46 17.69 12.81
N LYS C 621 -14.09 18.61 13.68
CA LYS C 621 -13.78 19.97 13.26
C LYS C 621 -12.72 20.56 14.17
N GLN C 622 -11.81 21.34 13.61
CA GLN C 622 -10.83 22.01 14.45
C GLN C 622 -11.16 23.48 14.59
N PHE C 623 -11.51 23.88 15.80
CA PHE C 623 -11.79 25.28 16.10
C PHE C 623 -10.68 25.84 16.98
N SER C 624 -10.16 27.00 16.58
CA SER C 624 -9.06 27.64 17.29
C SER C 624 -7.89 26.67 17.47
N SER C 625 -7.42 26.56 18.70
CA SER C 625 -6.31 25.66 19.01
C SER C 625 -6.81 24.27 19.42
N PHE C 626 -8.11 24.07 19.32
CA PHE C 626 -8.74 22.80 19.72
C PHE C 626 -9.00 21.90 18.53
N GLU C 627 -8.91 20.59 18.74
CA GLU C 627 -9.31 19.65 17.70
C GLU C 627 -10.38 18.69 18.22
N LYS C 628 -11.57 18.75 17.64
CA LYS C 628 -12.66 17.88 18.06
C LYS C 628 -12.34 16.42 17.79
N ARG C 629 -12.57 15.58 18.78
CA ARG C 629 -12.33 14.15 18.65
C ARG C 629 -13.63 13.36 18.79
N ALA C 630 -14.26 13.48 19.96
CA ALA C 630 -15.50 12.75 20.21
C ALA C 630 -16.52 13.56 20.98
N LYS C 631 -17.76 13.07 20.97
CA LYS C 631 -18.86 13.62 21.74
C LYS C 631 -18.97 12.90 23.08
N ILE C 632 -19.21 13.67 24.14
CA ILE C 632 -19.39 13.09 25.47
C ILE C 632 -20.85 13.17 25.92
N PHE C 633 -21.34 12.10 26.50
CA PHE C 633 -22.72 12.02 26.95
C PHE C 633 -22.80 11.56 28.40
N CYS C 634 -23.96 11.71 29.02
CA CYS C 634 -24.16 11.28 30.40
C CYS C 634 -24.13 9.76 30.50
N ALA C 635 -23.37 9.24 31.47
CA ALA C 635 -23.16 7.80 31.59
C ALA C 635 -24.13 7.10 32.54
N ARG C 636 -24.91 7.85 33.30
CA ARG C 636 -25.75 7.21 34.32
C ARG C 636 -27.01 6.61 33.72
N GLN C 637 -27.14 5.29 33.87
CA GLN C 637 -28.31 4.54 33.41
C GLN C 637 -28.74 4.89 31.99
N ASN C 638 -27.74 5.01 31.12
CA ASN C 638 -27.95 5.32 29.70
C ASN C 638 -28.78 6.58 29.48
N CYS C 639 -28.53 7.59 30.30
CA CYS C 639 -29.18 8.89 30.14
C CYS C 639 -28.80 9.51 28.81
N SER C 640 -27.51 9.46 28.49
CA SER C 640 -26.98 9.85 27.18
C SER C 640 -27.28 11.30 26.79
N HIS C 641 -27.48 12.16 27.78
CA HIS C 641 -27.68 13.58 27.52
C HIS C 641 -26.37 14.19 27.05
N ASP C 642 -26.44 15.15 26.12
CA ASP C 642 -25.21 15.70 25.56
C ASP C 642 -24.61 16.71 26.52
N TRP C 643 -23.45 16.38 27.07
CA TRP C 643 -22.73 17.26 27.99
C TRP C 643 -21.76 18.22 27.32
N GLY C 644 -21.32 17.89 26.12
CA GLY C 644 -20.25 18.62 25.49
C GLY C 644 -19.44 17.78 24.51
N ILE C 645 -18.19 18.16 24.32
CA ILE C 645 -17.31 17.46 23.38
C ILE C 645 -16.01 17.02 24.05
N HIS C 646 -15.27 16.14 23.39
CA HIS C 646 -13.94 15.78 23.86
C HIS C 646 -12.91 16.20 22.82
N VAL C 647 -11.95 17.02 23.24
CA VAL C 647 -11.01 17.62 22.29
C VAL C 647 -9.55 17.42 22.64
N LYS C 648 -8.70 17.60 21.63
CA LYS C 648 -7.26 17.65 21.80
C LYS C 648 -6.81 19.09 21.82
N TYR C 649 -6.25 19.51 22.96
CA TYR C 649 -5.73 20.86 23.13
C TYR C 649 -4.26 20.80 23.50
N LYS C 650 -3.40 21.26 22.59
CA LYS C 650 -1.96 21.13 22.73
C LYS C 650 -1.55 19.68 22.96
N THR C 651 -0.90 19.41 24.09
CA THR C 651 -0.48 18.06 24.44
C THR C 651 -1.58 17.28 25.15
N PHE C 652 -2.59 18.00 25.63
CA PHE C 652 -3.62 17.42 26.47
C PHE C 652 -4.81 16.87 25.70
N GLU C 653 -5.37 15.76 26.19
CA GLU C 653 -6.66 15.28 25.72
C GLU C 653 -7.69 15.55 26.81
N ILE C 654 -8.59 16.50 26.58
CA ILE C 654 -9.49 16.93 27.64
C ILE C 654 -10.92 17.16 27.17
N PRO C 655 -11.89 16.91 28.07
CA PRO C 655 -13.30 17.22 27.80
C PRO C 655 -13.62 18.71 27.93
N VAL C 656 -14.52 19.20 27.09
CA VAL C 656 -15.03 20.56 27.19
C VAL C 656 -16.55 20.51 27.29
N ILE C 657 -17.09 21.15 28.32
CA ILE C 657 -18.51 21.07 28.60
C ILE C 657 -19.22 22.42 28.43
N LYS C 658 -20.52 22.34 28.15
CA LYS C 658 -21.34 23.54 28.04
C LYS C 658 -22.30 23.64 29.23
N ILE C 659 -22.39 24.82 29.81
CA ILE C 659 -23.24 25.04 30.98
C ILE C 659 -24.71 24.92 30.59
N GLU C 660 -25.00 25.04 29.29
CA GLU C 660 -26.35 24.94 28.77
C GLU C 660 -26.96 23.56 29.04
N SER C 661 -26.10 22.56 29.19
CA SER C 661 -26.57 21.19 29.40
C SER C 661 -26.65 20.80 30.87
N PHE C 662 -26.36 21.74 31.77
CA PHE C 662 -26.33 21.41 33.20
C PHE C 662 -27.19 22.33 34.08
N VAL C 663 -27.46 21.85 35.29
CA VAL C 663 -28.16 22.60 36.32
C VAL C 663 -27.22 22.93 37.45
N VAL C 664 -27.22 24.21 37.88
CA VAL C 664 -26.29 24.65 38.90
C VAL C 664 -26.94 24.68 40.29
N GLU C 665 -26.47 23.81 41.18
CA GLU C 665 -27.02 23.75 42.54
C GLU C 665 -26.04 24.31 43.57
N ASP C 666 -26.47 25.31 44.31
CA ASP C 666 -25.62 25.87 45.36
C ASP C 666 -25.63 24.95 46.59
N ILE C 667 -24.44 24.58 47.04
CA ILE C 667 -24.32 23.66 48.16
C ILE C 667 -24.89 24.25 49.44
N ALA C 668 -24.67 25.55 49.64
CA ALA C 668 -25.11 26.22 50.85
C ALA C 668 -26.63 26.39 50.90
N THR C 669 -27.19 27.03 49.88
CA THR C 669 -28.62 27.32 49.86
C THR C 669 -29.46 26.14 49.40
N GLY C 670 -28.96 25.39 48.41
CA GLY C 670 -29.71 24.29 47.84
C GLY C 670 -30.48 24.73 46.60
N VAL C 671 -30.49 26.04 46.35
CA VAL C 671 -31.20 26.61 45.22
C VAL C 671 -30.57 26.20 43.89
N GLN C 672 -31.39 25.66 42.99
CA GLN C 672 -30.92 25.28 41.67
C GLN C 672 -31.28 26.34 40.62
N THR C 673 -30.32 26.63 39.75
CA THR C 673 -30.48 27.65 38.73
C THR C 673 -30.04 27.12 37.36
N LEU C 674 -30.54 27.76 36.31
CA LEU C 674 -30.17 27.42 34.93
C LEU C 674 -29.47 28.62 34.28
N TYR C 675 -28.52 28.36 33.40
CA TYR C 675 -27.74 29.46 32.83
C TYR C 675 -27.59 29.43 31.31
N SER C 676 -27.64 30.61 30.71
CA SER C 676 -27.58 30.80 29.27
C SER C 676 -26.31 30.20 28.67
N LYS C 677 -25.21 30.87 28.95
CA LYS C 677 -23.89 30.53 28.47
C LYS C 677 -22.96 30.79 29.64
N TRP C 678 -21.70 30.37 29.53
CA TRP C 678 -20.74 30.57 30.60
C TRP C 678 -20.51 32.05 30.93
N LYS C 679 -20.84 32.93 29.99
CA LYS C 679 -20.68 34.36 30.19
C LYS C 679 -21.61 34.87 31.29
N ASP C 680 -22.82 34.32 31.33
CA ASP C 680 -23.82 34.75 32.30
C ASP C 680 -23.70 34.02 33.64
N PHE C 681 -22.96 32.92 33.66
CA PHE C 681 -22.71 32.22 34.92
C PHE C 681 -21.60 32.97 35.65
N HIS C 682 -21.93 33.50 36.82
CA HIS C 682 -20.97 34.35 37.53
C HIS C 682 -20.43 33.67 38.77
N PHE C 683 -19.16 33.27 38.66
CA PHE C 683 -18.40 32.70 39.75
C PHE C 683 -16.95 32.95 39.38
N GLU C 684 -16.02 32.84 40.33
CA GLU C 684 -14.64 33.10 39.97
C GLU C 684 -14.06 31.91 39.22
N LYS C 685 -13.65 32.18 38.00
CA LYS C 685 -13.25 31.16 37.06
C LYS C 685 -11.74 31.01 37.06
N ILE C 686 -11.26 29.86 37.53
CA ILE C 686 -9.83 29.60 37.60
C ILE C 686 -9.28 29.25 36.23
N PRO C 687 -8.32 30.06 35.75
CA PRO C 687 -7.67 29.82 34.46
C PRO C 687 -7.03 28.45 34.37
N PHE C 688 -7.02 27.85 33.19
CA PHE C 688 -6.42 26.54 33.00
C PHE C 688 -4.90 26.64 33.09
N ASP C 689 -4.32 25.88 34.01
CA ASP C 689 -2.87 25.89 34.21
C ASP C 689 -2.30 24.51 33.89
N PRO C 690 -1.44 24.44 32.86
CA PRO C 690 -0.79 23.18 32.45
C PRO C 690 0.06 22.57 33.57
N ALA C 691 0.51 23.41 34.51
CA ALA C 691 1.37 22.97 35.60
C ALA C 691 0.56 22.51 36.80
N GLU C 692 -0.76 22.51 36.67
CA GLU C 692 -1.64 22.10 37.76
C GLU C 692 -1.97 20.61 37.66
N LYS E 12 -18.54 -18.46 -21.63
CA LYS E 12 -17.59 -18.79 -22.68
C LYS E 12 -17.54 -17.75 -23.81
N PRO E 13 -18.70 -17.36 -24.37
CA PRO E 13 -18.58 -16.34 -25.43
C PRO E 13 -18.20 -14.96 -24.90
N ARG E 14 -17.28 -14.29 -25.58
CA ARG E 14 -16.95 -12.91 -25.26
C ARG E 14 -17.92 -11.99 -26.00
N ASN E 15 -18.30 -10.90 -25.34
CA ASN E 15 -19.38 -10.05 -25.83
C ASN E 15 -19.22 -9.54 -27.27
N TYR E 16 -18.00 -9.17 -27.65
CA TYR E 16 -17.79 -8.59 -28.97
C TYR E 16 -18.03 -9.62 -30.07
N GLN E 17 -17.93 -10.90 -29.73
CA GLN E 17 -18.23 -11.96 -30.69
C GLN E 17 -19.73 -12.06 -30.93
N LEU E 18 -20.50 -11.92 -29.86
CA LEU E 18 -21.96 -11.86 -29.97
C LEU E 18 -22.36 -10.63 -30.78
N GLU E 19 -21.68 -9.52 -30.52
CA GLU E 19 -21.93 -8.27 -31.23
C GLU E 19 -21.64 -8.40 -32.72
N LEU E 20 -20.56 -9.11 -33.06
CA LEU E 20 -20.21 -9.34 -34.45
C LEU E 20 -21.17 -10.30 -35.12
N ALA E 21 -21.70 -11.25 -34.35
CA ALA E 21 -22.57 -12.28 -34.90
C ALA E 21 -24.03 -11.84 -34.99
N LEU E 22 -24.37 -10.76 -34.30
CA LEU E 22 -25.75 -10.30 -34.22
C LEU E 22 -26.41 -9.96 -35.58
N PRO E 23 -25.73 -9.19 -36.45
CA PRO E 23 -26.39 -8.88 -37.72
C PRO E 23 -26.67 -10.12 -38.55
N ALA E 24 -25.79 -11.10 -38.49
CA ALA E 24 -25.96 -12.36 -39.21
C ALA E 24 -27.14 -13.14 -38.65
N MET E 25 -27.27 -13.14 -37.33
CA MET E 25 -28.35 -13.86 -36.66
C MET E 25 -29.72 -13.25 -36.94
N LYS E 26 -29.72 -12.00 -37.41
CA LYS E 26 -30.97 -11.34 -37.77
C LYS E 26 -31.30 -11.58 -39.24
N GLY E 27 -30.47 -12.37 -39.89
CA GLY E 27 -30.75 -12.81 -41.26
C GLY E 27 -30.17 -11.93 -42.34
N LYS E 28 -29.36 -10.96 -41.94
CA LYS E 28 -28.76 -10.03 -42.89
C LYS E 28 -27.48 -10.60 -43.49
N ASN E 29 -27.28 -10.38 -44.79
CA ASN E 29 -26.02 -10.74 -45.40
C ASN E 29 -24.95 -9.82 -44.84
N THR E 30 -23.92 -10.39 -44.25
CA THR E 30 -23.03 -9.59 -43.40
C THR E 30 -21.54 -9.86 -43.63
N ILE E 31 -20.79 -8.80 -43.85
CA ILE E 31 -19.33 -8.89 -43.85
C ILE E 31 -18.82 -8.61 -42.45
N ILE E 32 -18.22 -9.62 -41.82
CA ILE E 32 -17.72 -9.47 -40.47
C ILE E 32 -16.25 -9.06 -40.48
N CYS E 33 -15.97 -7.88 -39.94
CA CYS E 33 -14.63 -7.33 -39.97
C CYS E 33 -14.08 -7.14 -38.55
N ALA E 34 -13.09 -7.95 -38.20
CA ALA E 34 -12.49 -7.90 -36.87
C ALA E 34 -11.02 -8.28 -36.94
N PRO E 35 -10.20 -7.76 -35.99
CA PRO E 35 -8.77 -8.06 -35.98
C PRO E 35 -8.45 -9.55 -35.98
N THR E 36 -7.33 -9.91 -36.61
CA THR E 36 -6.91 -11.30 -36.71
C THR E 36 -6.64 -11.90 -35.34
N GLY E 37 -7.27 -13.04 -35.07
CA GLY E 37 -7.04 -13.77 -33.84
C GLY E 37 -7.98 -13.42 -32.70
N CYS E 38 -9.12 -12.84 -33.05
CA CYS E 38 -10.14 -12.49 -32.06
C CYS E 38 -11.10 -13.65 -31.86
N GLY E 39 -10.81 -14.78 -32.47
CA GLY E 39 -11.66 -15.96 -32.39
C GLY E 39 -12.89 -15.94 -33.26
N LYS E 40 -12.70 -15.68 -34.56
CA LYS E 40 -13.79 -15.69 -35.52
C LYS E 40 -14.50 -17.04 -35.62
N THR E 41 -13.78 -18.10 -35.27
CA THR E 41 -14.31 -19.46 -35.36
C THR E 41 -15.58 -19.61 -34.54
N PHE E 42 -15.56 -19.11 -33.31
CA PHE E 42 -16.71 -19.22 -32.42
C PHE E 42 -17.86 -18.34 -32.91
N VAL E 43 -17.53 -17.25 -33.59
CA VAL E 43 -18.55 -16.40 -34.21
C VAL E 43 -19.29 -17.22 -35.26
N SER E 44 -18.52 -17.89 -36.11
CA SER E 44 -19.09 -18.78 -37.12
C SER E 44 -19.94 -19.87 -36.50
N LEU E 45 -19.46 -20.42 -35.38
CA LEU E 45 -20.20 -21.46 -34.68
C LEU E 45 -21.55 -20.95 -34.17
N LEU E 46 -21.54 -19.78 -33.55
CA LEU E 46 -22.77 -19.16 -33.07
C LEU E 46 -23.76 -18.93 -34.21
N ILE E 47 -23.27 -18.31 -35.28
CA ILE E 47 -24.09 -18.04 -36.46
C ILE E 47 -24.73 -19.31 -37.00
N CYS E 48 -23.92 -20.35 -37.18
CA CYS E 48 -24.42 -21.62 -37.72
C CYS E 48 -25.44 -22.28 -36.80
N GLU E 49 -25.14 -22.30 -35.50
CA GLU E 49 -26.05 -22.90 -34.53
C GLU E 49 -27.41 -22.23 -34.56
N HIS E 50 -27.41 -20.91 -34.43
CA HIS E 50 -28.66 -20.16 -34.45
C HIS E 50 -29.39 -20.32 -35.78
N HIS E 51 -28.64 -20.32 -36.88
CA HIS E 51 -29.24 -20.46 -38.20
C HIS E 51 -29.93 -21.80 -38.37
N LEU E 52 -29.30 -22.86 -37.88
CA LEU E 52 -29.85 -24.19 -38.03
C LEU E 52 -31.03 -24.42 -37.10
N LYS E 53 -30.99 -23.84 -35.90
CA LYS E 53 -32.05 -24.08 -34.93
C LYS E 53 -33.27 -23.16 -35.11
N LYS E 54 -33.17 -22.19 -36.02
CA LYS E 54 -34.26 -21.23 -36.20
C LYS E 54 -35.39 -21.80 -37.07
N PHE E 55 -35.09 -22.84 -37.83
CA PHE E 55 -36.08 -23.41 -38.75
C PHE E 55 -37.19 -24.14 -38.00
N PRO E 56 -38.40 -24.14 -38.57
CA PRO E 56 -39.52 -24.91 -38.01
C PRO E 56 -39.33 -26.41 -38.20
N GLN E 57 -40.32 -27.19 -37.79
CA GLN E 57 -40.19 -28.65 -37.85
C GLN E 57 -40.20 -29.17 -39.28
N GLY E 58 -41.03 -28.57 -40.13
CA GLY E 58 -41.20 -29.05 -41.49
C GLY E 58 -40.09 -28.63 -42.45
N GLN E 59 -39.15 -27.84 -41.95
CA GLN E 59 -38.05 -27.35 -42.78
C GLN E 59 -36.70 -27.62 -42.14
N LYS E 60 -35.65 -27.57 -42.95
CA LYS E 60 -34.29 -27.76 -42.45
C LYS E 60 -33.32 -26.88 -43.23
N GLY E 61 -32.23 -26.49 -42.57
CA GLY E 61 -31.23 -25.65 -43.20
C GLY E 61 -30.05 -26.42 -43.73
N LYS E 62 -29.31 -25.81 -44.64
CA LYS E 62 -28.06 -26.37 -45.13
C LYS E 62 -27.00 -25.28 -45.19
N VAL E 63 -25.92 -25.46 -44.44
CA VAL E 63 -24.87 -24.46 -44.35
C VAL E 63 -23.61 -24.93 -45.06
N VAL E 64 -23.02 -24.05 -45.88
CA VAL E 64 -21.75 -24.36 -46.52
C VAL E 64 -20.68 -23.37 -46.08
N PHE E 65 -19.54 -23.90 -45.64
CA PHE E 65 -18.43 -23.08 -45.16
C PHE E 65 -17.24 -23.19 -46.09
N PHE E 66 -16.87 -22.08 -46.72
CA PHE E 66 -15.75 -22.06 -47.64
C PHE E 66 -14.44 -21.69 -46.95
N ALA E 67 -13.52 -22.64 -46.92
CA ALA E 67 -12.16 -22.41 -46.47
C ALA E 67 -11.22 -22.52 -47.66
N ASN E 68 -10.41 -21.49 -47.85
CA ASN E 68 -9.61 -21.37 -49.06
C ASN E 68 -8.33 -22.20 -49.02
N GLN E 69 -7.96 -22.68 -47.83
CA GLN E 69 -6.74 -23.45 -47.65
C GLN E 69 -6.98 -24.73 -46.86
N ILE E 70 -6.29 -25.80 -47.24
CA ILE E 70 -6.49 -27.12 -46.66
C ILE E 70 -6.31 -27.20 -45.13
N PRO E 71 -5.28 -26.54 -44.57
CA PRO E 71 -5.20 -26.57 -43.10
C PRO E 71 -6.42 -25.97 -42.41
N VAL E 72 -6.88 -24.82 -42.91
CA VAL E 72 -8.06 -24.17 -42.39
C VAL E 72 -9.29 -25.03 -42.65
N TYR E 73 -9.32 -25.68 -43.81
CA TYR E 73 -10.38 -26.61 -44.18
C TYR E 73 -10.53 -27.71 -43.12
N GLU E 74 -9.43 -28.39 -42.85
CA GLU E 74 -9.41 -29.49 -41.88
C GLU E 74 -9.75 -29.01 -40.48
N GLN E 75 -9.18 -27.87 -40.09
CA GLN E 75 -9.44 -27.33 -38.75
C GLN E 75 -10.92 -27.03 -38.55
N GLN E 76 -11.50 -26.29 -39.50
CA GLN E 76 -12.90 -25.92 -39.42
C GLN E 76 -13.81 -27.14 -39.48
N LYS E 77 -13.50 -28.07 -40.37
CA LYS E 77 -14.30 -29.30 -40.45
C LYS E 77 -14.28 -30.05 -39.13
N SER E 78 -13.10 -30.12 -38.51
CA SER E 78 -12.94 -30.82 -37.24
C SER E 78 -13.73 -30.16 -36.13
N VAL E 79 -13.57 -28.83 -36.00
CA VAL E 79 -14.25 -28.07 -34.96
C VAL E 79 -15.77 -28.16 -35.11
N PHE E 80 -16.26 -27.92 -36.33
CA PHE E 80 -17.69 -27.99 -36.60
C PHE E 80 -18.24 -29.39 -36.35
N SER E 81 -17.45 -30.41 -36.69
CA SER E 81 -17.85 -31.79 -36.45
C SER E 81 -17.99 -32.08 -34.96
N LYS E 82 -16.99 -31.65 -34.19
CA LYS E 82 -17.02 -31.86 -32.74
C LYS E 82 -18.16 -31.09 -32.09
N TYR E 83 -18.46 -29.92 -32.63
CA TYR E 83 -19.45 -29.03 -32.02
C TYR E 83 -20.89 -29.45 -32.33
N PHE E 84 -21.17 -29.80 -33.58
CA PHE E 84 -22.54 -30.04 -34.01
C PHE E 84 -22.97 -31.51 -34.03
N GLU E 85 -22.07 -32.42 -33.69
CA GLU E 85 -22.44 -33.83 -33.62
C GLU E 85 -23.38 -34.06 -32.45
N ARG E 86 -23.17 -33.31 -31.37
CA ARG E 86 -24.05 -33.34 -30.21
C ARG E 86 -25.48 -33.06 -30.60
N HIS E 87 -25.66 -32.11 -31.50
CA HIS E 87 -26.97 -31.78 -32.02
C HIS E 87 -27.27 -32.68 -33.22
N GLY E 88 -28.44 -32.48 -33.83
CA GLY E 88 -28.90 -33.38 -34.87
C GLY E 88 -28.32 -33.12 -36.26
N TYR E 89 -27.21 -32.39 -36.31
CA TYR E 89 -26.65 -31.97 -37.59
C TYR E 89 -25.41 -32.77 -38.00
N ARG E 90 -25.45 -33.31 -39.22
CA ARG E 90 -24.32 -34.06 -39.75
C ARG E 90 -23.33 -33.13 -40.42
N VAL E 91 -22.05 -33.28 -40.09
CA VAL E 91 -21.01 -32.42 -40.67
C VAL E 91 -20.11 -33.22 -41.61
N THR E 92 -19.89 -32.69 -42.80
CA THR E 92 -18.97 -33.32 -43.74
C THR E 92 -18.08 -32.29 -44.41
N GLY E 93 -17.19 -32.75 -45.26
CA GLY E 93 -16.34 -31.85 -46.01
C GLY E 93 -15.86 -32.46 -47.32
N ILE E 94 -15.55 -31.60 -48.29
CA ILE E 94 -15.01 -32.07 -49.56
C ILE E 94 -13.80 -31.24 -49.97
N SER E 95 -12.64 -31.89 -50.06
CA SER E 95 -11.43 -31.24 -50.54
C SER E 95 -10.96 -31.91 -51.82
N GLY E 96 -9.85 -31.43 -52.37
CA GLY E 96 -9.34 -31.94 -53.62
C GLY E 96 -9.05 -33.42 -53.62
N ALA E 97 -8.64 -33.94 -52.47
CA ALA E 97 -8.28 -35.35 -52.34
C ALA E 97 -9.50 -36.26 -52.45
N THR E 98 -10.58 -35.86 -51.80
CA THR E 98 -11.79 -36.67 -51.74
C THR E 98 -12.85 -36.29 -52.77
N ALA E 99 -12.53 -35.34 -53.64
CA ALA E 99 -13.52 -34.80 -54.57
C ALA E 99 -13.78 -35.67 -55.80
N GLU E 100 -12.92 -36.67 -56.02
CA GLU E 100 -13.01 -37.48 -57.23
C GLU E 100 -13.81 -38.77 -57.03
N ASN E 101 -14.57 -39.14 -58.06
CA ASN E 101 -15.34 -40.38 -58.08
C ASN E 101 -16.33 -40.51 -56.92
N VAL E 102 -16.89 -39.39 -56.49
CA VAL E 102 -17.88 -39.40 -55.42
C VAL E 102 -19.10 -38.59 -55.81
N PRO E 103 -20.29 -39.04 -55.40
CA PRO E 103 -21.55 -38.33 -55.70
C PRO E 103 -21.70 -37.07 -54.85
N VAL E 104 -20.99 -36.01 -55.24
CA VAL E 104 -21.00 -34.76 -54.48
C VAL E 104 -22.41 -34.21 -54.28
N GLU E 105 -23.29 -34.46 -55.26
CA GLU E 105 -24.69 -34.06 -55.15
C GLU E 105 -25.35 -34.68 -53.92
N GLN E 106 -25.19 -35.98 -53.76
CA GLN E 106 -25.77 -36.71 -52.63
C GLN E 106 -25.10 -36.30 -51.32
N ILE E 107 -23.80 -36.08 -51.37
CA ILE E 107 -23.04 -35.68 -50.19
C ILE E 107 -23.57 -34.35 -49.66
N VAL E 108 -23.76 -33.40 -50.56
CA VAL E 108 -24.34 -32.11 -50.21
C VAL E 108 -25.77 -32.28 -49.70
N GLU E 109 -26.53 -33.14 -50.37
CA GLU E 109 -27.93 -33.34 -50.02
C GLU E 109 -28.11 -34.01 -48.66
N ASN E 110 -27.20 -34.91 -48.30
CA ASN E 110 -27.35 -35.72 -47.10
C ASN E 110 -26.72 -35.13 -45.84
N ASN E 111 -26.16 -33.93 -45.96
CA ASN E 111 -25.51 -33.30 -44.81
C ASN E 111 -26.01 -31.88 -44.56
N ASP E 112 -26.08 -31.51 -43.28
CA ASP E 112 -26.52 -30.19 -42.87
C ASP E 112 -25.42 -29.15 -42.99
N ILE E 113 -24.21 -29.51 -42.58
CA ILE E 113 -23.07 -28.61 -42.66
C ILE E 113 -21.96 -29.20 -43.54
N ILE E 114 -21.58 -28.46 -44.57
CA ILE E 114 -20.61 -28.92 -45.55
C ILE E 114 -19.43 -27.95 -45.64
N ILE E 115 -18.24 -28.42 -45.30
CA ILE E 115 -17.05 -27.58 -45.41
C ILE E 115 -16.36 -27.84 -46.74
N LEU E 116 -16.12 -26.77 -47.49
CA LEU E 116 -15.68 -26.87 -48.87
C LEU E 116 -14.52 -25.95 -49.19
N THR E 117 -13.63 -26.40 -50.07
CA THR E 117 -12.72 -25.48 -50.73
C THR E 117 -13.43 -25.05 -52.01
N PRO E 118 -13.48 -23.72 -52.25
CA PRO E 118 -14.36 -23.10 -53.25
C PRO E 118 -14.29 -23.71 -54.65
N GLN E 119 -13.12 -24.25 -55.01
CA GLN E 119 -12.94 -24.82 -56.34
C GLN E 119 -13.85 -26.03 -56.58
N ILE E 120 -14.15 -26.76 -55.49
CA ILE E 120 -15.08 -27.89 -55.58
C ILE E 120 -16.44 -27.40 -56.04
N LEU E 121 -16.93 -26.34 -55.41
CA LEU E 121 -18.25 -25.82 -55.74
C LEU E 121 -18.26 -25.18 -57.11
N VAL E 122 -17.17 -24.52 -57.49
CA VAL E 122 -17.05 -23.96 -58.83
C VAL E 122 -17.17 -25.05 -59.90
N ASN E 123 -16.29 -26.03 -59.79
CA ASN E 123 -16.25 -27.15 -60.72
C ASN E 123 -17.55 -27.93 -60.76
N ASN E 124 -18.21 -28.09 -59.62
CA ASN E 124 -19.46 -28.82 -59.56
C ASN E 124 -20.63 -28.01 -60.09
N LEU E 125 -20.54 -26.70 -59.99
CA LEU E 125 -21.56 -25.82 -60.54
C LEU E 125 -21.48 -25.84 -62.07
N LYS E 126 -20.27 -25.81 -62.61
CA LYS E 126 -20.15 -25.92 -64.06
C LYS E 126 -20.55 -27.33 -64.51
N LYS E 127 -20.01 -28.36 -63.86
CA LYS E 127 -20.30 -29.75 -64.21
C LYS E 127 -21.80 -30.03 -64.24
N GLY E 128 -22.55 -29.31 -63.42
CA GLY E 128 -23.99 -29.42 -63.42
C GLY E 128 -24.50 -30.34 -62.34
N THR E 129 -23.59 -30.95 -61.59
CA THR E 129 -23.95 -31.87 -60.52
C THR E 129 -24.74 -31.14 -59.44
N ILE E 130 -24.33 -29.91 -59.14
CA ILE E 130 -25.11 -29.04 -58.28
C ILE E 130 -25.80 -27.99 -59.14
N PRO E 131 -27.12 -28.13 -59.32
CA PRO E 131 -27.88 -27.28 -60.24
C PRO E 131 -27.93 -25.82 -59.82
N SER E 132 -28.11 -25.56 -58.53
CA SER E 132 -28.29 -24.20 -58.05
C SER E 132 -27.74 -24.01 -56.64
N LEU E 133 -27.51 -22.76 -56.27
CA LEU E 133 -27.03 -22.44 -54.93
C LEU E 133 -28.20 -22.38 -53.96
N SER E 134 -29.40 -22.62 -54.49
CA SER E 134 -30.62 -22.61 -53.69
C SER E 134 -30.65 -23.77 -52.70
N ILE E 135 -29.77 -24.75 -52.91
CA ILE E 135 -29.69 -25.92 -52.05
C ILE E 135 -29.12 -25.54 -50.68
N PHE E 136 -28.33 -24.48 -50.64
CA PHE E 136 -27.80 -23.96 -49.38
C PHE E 136 -28.68 -22.82 -48.86
N THR E 137 -28.99 -22.83 -47.58
CA THR E 137 -29.67 -21.69 -46.97
C THR E 137 -28.69 -20.71 -46.32
N LEU E 138 -27.44 -21.13 -46.16
CA LEU E 138 -26.41 -20.27 -45.59
C LEU E 138 -25.03 -20.53 -46.20
N MET E 139 -24.32 -19.46 -46.52
CA MET E 139 -22.96 -19.52 -47.01
C MET E 139 -22.03 -18.70 -46.13
N ILE E 140 -20.87 -19.24 -45.82
CA ILE E 140 -19.88 -18.49 -45.06
C ILE E 140 -18.54 -18.49 -45.76
N PHE E 141 -18.11 -17.32 -46.21
CA PHE E 141 -16.82 -17.18 -46.88
C PHE E 141 -15.72 -16.84 -45.88
N ASP E 142 -14.76 -17.74 -45.71
CA ASP E 142 -13.59 -17.43 -44.87
C ASP E 142 -12.59 -16.62 -45.70
N GLU E 143 -12.07 -15.55 -45.09
CA GLU E 143 -11.24 -14.58 -45.79
C GLU E 143 -11.97 -14.07 -47.04
N CYS E 144 -13.08 -13.37 -46.81
CA CYS E 144 -13.98 -12.98 -47.90
C CYS E 144 -13.45 -11.82 -48.72
N HIS E 145 -12.35 -11.23 -48.29
CA HIS E 145 -11.70 -10.16 -49.04
C HIS E 145 -11.17 -10.71 -50.36
N ASN E 146 -11.03 -12.03 -50.42
CA ASN E 146 -10.59 -12.71 -51.62
C ASN E 146 -11.69 -12.77 -52.68
N THR E 147 -12.88 -12.27 -52.35
CA THR E 147 -13.95 -12.31 -53.32
C THR E 147 -13.85 -11.07 -54.17
N SER E 148 -13.37 -11.28 -55.39
CA SER E 148 -13.01 -10.22 -56.32
C SER E 148 -12.36 -10.85 -57.53
N LYS E 149 -12.30 -10.12 -58.63
CA LYS E 149 -11.65 -10.58 -59.86
C LYS E 149 -12.08 -12.00 -60.24
N GLN E 150 -11.11 -12.84 -60.59
CA GLN E 150 -11.40 -14.19 -61.07
C GLN E 150 -11.29 -15.28 -60.00
N HIS E 151 -11.06 -14.88 -58.75
CA HIS E 151 -10.99 -15.82 -57.63
C HIS E 151 -12.23 -16.71 -57.55
N PRO E 152 -12.06 -17.99 -57.18
CA PRO E 152 -13.16 -18.96 -57.04
C PRO E 152 -14.34 -18.45 -56.23
N TYR E 153 -14.06 -17.73 -55.15
CA TYR E 153 -15.09 -17.06 -54.38
C TYR E 153 -15.98 -16.22 -55.27
N ASN E 154 -15.34 -15.36 -56.06
CA ASN E 154 -16.06 -14.45 -56.93
C ASN E 154 -16.78 -15.19 -58.04
N MET E 155 -16.30 -16.37 -58.41
CA MET E 155 -16.99 -17.19 -59.39
C MET E 155 -18.30 -17.70 -58.81
N ILE E 156 -18.22 -18.23 -57.59
CA ILE E 156 -19.40 -18.67 -56.87
C ILE E 156 -20.42 -17.54 -56.74
N MET E 157 -19.93 -16.36 -56.37
CA MET E 157 -20.81 -15.21 -56.23
C MET E 157 -21.32 -14.71 -57.58
N PHE E 158 -20.60 -15.02 -58.65
CA PHE E 158 -21.07 -14.71 -59.99
C PHE E 158 -22.29 -15.58 -60.31
N ASN E 159 -22.20 -16.86 -59.93
CA ASN E 159 -23.35 -17.76 -60.05
C ASN E 159 -24.54 -17.21 -59.26
N TYR E 160 -24.26 -16.87 -58.00
CA TYR E 160 -25.27 -16.30 -57.10
C TYR E 160 -25.98 -15.09 -57.70
N LEU E 161 -25.20 -14.10 -58.12
CA LEU E 161 -25.74 -12.86 -58.66
C LEU E 161 -26.43 -13.10 -59.99
N ASP E 162 -25.95 -14.06 -60.76
CA ASP E 162 -26.58 -14.42 -62.03
C ASP E 162 -27.98 -14.97 -61.76
N GLN E 163 -28.13 -15.68 -60.65
CA GLN E 163 -29.45 -16.17 -60.28
C GLN E 163 -30.32 -15.04 -59.73
N LYS E 164 -29.73 -14.15 -58.94
CA LYS E 164 -30.48 -13.04 -58.33
C LYS E 164 -31.02 -12.07 -59.36
N LEU E 165 -30.13 -11.54 -60.20
CA LEU E 165 -30.51 -10.55 -61.21
C LEU E 165 -31.34 -11.16 -62.33
N GLY E 166 -31.33 -12.48 -62.41
CA GLY E 166 -32.10 -13.18 -63.44
C GLY E 166 -33.54 -13.39 -63.03
N GLY E 167 -34.30 -14.06 -63.88
CA GLY E 167 -35.70 -14.34 -63.61
C GLY E 167 -35.90 -15.70 -62.99
N SER E 168 -34.82 -16.31 -62.51
CA SER E 168 -34.86 -17.61 -61.88
C SER E 168 -35.82 -17.64 -60.70
N SER E 169 -35.77 -16.57 -59.90
CA SER E 169 -36.65 -16.40 -58.75
C SER E 169 -36.61 -17.57 -57.78
N GLY E 170 -35.44 -18.21 -57.67
CA GLY E 170 -35.23 -19.25 -56.69
C GLY E 170 -34.73 -18.63 -55.41
N PRO E 171 -34.92 -19.32 -54.28
CA PRO E 171 -34.46 -18.80 -52.99
C PRO E 171 -32.93 -18.79 -52.92
N LEU E 172 -32.36 -17.75 -52.32
CA LEU E 172 -30.91 -17.64 -52.25
C LEU E 172 -30.43 -17.73 -50.80
N PRO E 173 -29.21 -18.25 -50.60
CA PRO E 173 -28.65 -18.37 -49.25
C PRO E 173 -28.19 -17.05 -48.65
N GLN E 174 -28.30 -16.93 -47.35
CA GLN E 174 -27.72 -15.80 -46.62
C GLN E 174 -26.22 -15.84 -46.78
N VAL E 175 -25.59 -14.70 -47.04
CA VAL E 175 -24.14 -14.69 -47.26
C VAL E 175 -23.39 -13.96 -46.15
N ILE E 176 -22.50 -14.70 -45.49
CA ILE E 176 -21.71 -14.14 -44.39
C ILE E 176 -20.22 -14.22 -44.71
N GLY E 177 -19.57 -13.07 -44.88
CA GLY E 177 -18.15 -13.03 -45.10
C GLY E 177 -17.37 -12.83 -43.81
N LEU E 178 -16.10 -13.26 -43.81
CA LEU E 178 -15.24 -13.08 -42.64
C LEU E 178 -13.88 -12.54 -43.06
N THR E 179 -13.51 -11.37 -42.57
CA THR E 179 -12.18 -10.84 -42.89
C THR E 179 -11.67 -9.87 -41.82
N ALA E 180 -10.35 -9.77 -41.72
CA ALA E 180 -9.72 -8.77 -40.86
C ALA E 180 -9.64 -7.43 -41.57
N SER E 181 -9.54 -7.46 -42.89
CA SER E 181 -9.50 -6.24 -43.69
C SER E 181 -10.25 -6.41 -45.01
N VAL E 182 -11.11 -5.46 -45.33
CA VAL E 182 -11.83 -5.50 -46.60
C VAL E 182 -10.95 -4.98 -47.73
N GLY E 183 -10.00 -4.11 -47.37
CA GLY E 183 -9.09 -3.52 -48.33
C GLY E 183 -9.69 -2.29 -48.98
N VAL E 184 -8.85 -1.32 -49.33
CA VAL E 184 -9.30 -0.15 -50.07
C VAL E 184 -9.00 -0.24 -51.56
N GLY E 185 -8.31 -1.30 -51.97
CA GLY E 185 -7.85 -1.40 -53.34
C GLY E 185 -6.78 -0.36 -53.63
N ASP E 186 -6.91 0.31 -54.77
CA ASP E 186 -5.92 1.30 -55.21
C ASP E 186 -6.31 2.72 -54.80
N ALA E 187 -7.37 2.85 -54.01
CA ALA E 187 -7.94 4.14 -53.64
C ALA E 187 -6.92 5.14 -53.08
N LYS E 188 -6.94 6.35 -53.63
CA LYS E 188 -6.03 7.41 -53.20
C LYS E 188 -6.68 8.37 -52.20
N ASN E 189 -7.96 8.16 -51.92
CA ASN E 189 -8.66 8.98 -50.94
C ASN E 189 -9.87 8.25 -50.35
N THR E 190 -10.55 8.88 -49.41
CA THR E 190 -11.64 8.23 -48.66
C THR E 190 -12.84 7.92 -49.54
N ASP E 191 -13.10 8.78 -50.52
CA ASP E 191 -14.24 8.59 -51.42
C ASP E 191 -14.06 7.34 -52.27
N GLU E 192 -12.88 7.21 -52.87
CA GLU E 192 -12.56 6.05 -53.70
C GLU E 192 -12.57 4.77 -52.86
N ALA E 193 -12.10 4.88 -51.62
CA ALA E 193 -12.12 3.76 -50.68
C ALA E 193 -13.55 3.32 -50.42
N LEU E 194 -14.42 4.31 -50.22
CA LEU E 194 -15.84 4.04 -50.03
C LEU E 194 -16.41 3.30 -51.22
N ASP E 195 -16.03 3.75 -52.43
CA ASP E 195 -16.47 3.10 -53.65
C ASP E 195 -16.05 1.64 -53.69
N TYR E 196 -14.76 1.39 -53.42
CA TYR E 196 -14.24 0.03 -53.46
C TYR E 196 -14.94 -0.87 -52.45
N ILE E 197 -15.10 -0.38 -51.22
CA ILE E 197 -15.76 -1.17 -50.17
C ILE E 197 -17.21 -1.48 -50.53
N CYS E 198 -17.89 -0.50 -51.13
CA CYS E 198 -19.25 -0.72 -51.59
C CYS E 198 -19.30 -1.79 -52.68
N LYS E 199 -18.29 -1.79 -53.55
CA LYS E 199 -18.22 -2.80 -54.60
C LYS E 199 -17.93 -4.19 -54.04
N LEU E 200 -17.15 -4.25 -52.96
CA LEU E 200 -16.89 -5.53 -52.30
C LEU E 200 -18.16 -6.05 -51.64
N CYS E 201 -18.89 -5.16 -50.96
CA CYS E 201 -20.16 -5.52 -50.37
C CYS E 201 -21.13 -6.01 -51.45
N ALA E 202 -21.05 -5.40 -52.61
CA ALA E 202 -21.87 -5.79 -53.75
C ALA E 202 -21.48 -7.17 -54.25
N SER E 203 -20.19 -7.47 -54.23
CA SER E 203 -19.68 -8.74 -54.69
C SER E 203 -20.19 -9.90 -53.83
N LEU E 204 -20.29 -9.66 -52.52
CA LEU E 204 -20.78 -10.68 -51.60
C LEU E 204 -22.27 -10.53 -51.33
N ASP E 205 -22.89 -9.55 -51.99
CA ASP E 205 -24.31 -9.24 -51.80
C ASP E 205 -24.62 -8.98 -50.32
N ALA E 206 -23.79 -8.16 -49.69
CA ALA E 206 -23.94 -7.87 -48.27
C ALA E 206 -24.45 -6.45 -48.03
N SER E 207 -25.45 -6.31 -47.18
CA SER E 207 -25.99 -5.01 -46.82
C SER E 207 -25.45 -4.46 -45.51
N VAL E 208 -24.63 -5.25 -44.81
CA VAL E 208 -24.17 -4.86 -43.48
C VAL E 208 -22.70 -5.21 -43.25
N ILE E 209 -21.93 -4.24 -42.74
CA ILE E 209 -20.57 -4.49 -42.30
C ILE E 209 -20.51 -4.46 -40.77
N ALA E 210 -20.27 -5.62 -40.17
CA ALA E 210 -20.26 -5.73 -38.71
C ALA E 210 -18.86 -5.59 -38.13
N THR E 211 -18.70 -4.62 -37.24
CA THR E 211 -17.44 -4.41 -36.56
C THR E 211 -17.68 -4.21 -35.07
N VAL E 212 -16.64 -4.39 -34.26
CA VAL E 212 -16.75 -4.20 -32.83
C VAL E 212 -16.77 -2.71 -32.50
N LYS E 213 -17.84 -2.28 -31.83
CA LYS E 213 -18.00 -0.88 -31.46
C LYS E 213 -18.28 -0.71 -29.98
N HIS E 214 -19.41 -1.25 -29.53
CA HIS E 214 -19.81 -1.15 -28.13
C HIS E 214 -18.78 -1.80 -27.20
N ASN E 215 -18.25 -2.94 -27.65
CA ASN E 215 -17.34 -3.75 -26.84
C ASN E 215 -15.84 -3.54 -27.08
N LEU E 216 -15.48 -2.52 -27.85
CA LEU E 216 -14.09 -2.31 -28.29
C LEU E 216 -13.04 -2.49 -27.18
N GLU E 217 -13.34 -1.98 -25.99
CA GLU E 217 -12.41 -2.05 -24.87
C GLU E 217 -12.20 -3.50 -24.41
N GLU E 218 -13.18 -4.36 -24.66
CA GLU E 218 -13.05 -5.78 -24.36
C GLU E 218 -12.19 -6.46 -25.41
N LEU E 219 -12.30 -5.99 -26.65
CA LEU E 219 -11.50 -6.54 -27.74
C LEU E 219 -10.05 -6.15 -27.59
N GLU E 220 -9.80 -4.98 -27.00
CA GLU E 220 -8.43 -4.48 -26.88
C GLU E 220 -7.62 -5.11 -25.75
N GLN E 221 -8.26 -5.91 -24.90
CA GLN E 221 -7.52 -6.69 -23.92
C GLN E 221 -7.26 -8.11 -24.42
N VAL E 222 -7.75 -8.42 -25.62
CA VAL E 222 -7.47 -9.70 -26.25
C VAL E 222 -6.40 -9.54 -27.33
N VAL E 223 -6.71 -8.76 -28.36
CA VAL E 223 -5.78 -8.53 -29.45
C VAL E 223 -5.09 -7.17 -29.32
N TYR E 224 -3.80 -7.19 -29.05
CA TYR E 224 -3.01 -5.96 -28.94
C TYR E 224 -2.33 -5.63 -30.27
N LYS E 225 -2.22 -4.33 -30.56
CA LYS E 225 -1.56 -3.89 -31.77
C LYS E 225 -0.06 -3.72 -31.55
N PRO E 226 0.75 -4.58 -32.19
CA PRO E 226 2.20 -4.56 -32.05
C PRO E 226 2.82 -3.28 -32.59
N GLN E 227 3.83 -2.75 -31.89
CA GLN E 227 4.48 -1.52 -32.30
C GLN E 227 5.35 -1.75 -33.52
N LYS E 228 5.22 -0.88 -34.52
CA LYS E 228 5.98 -1.02 -35.75
C LYS E 228 7.11 0.01 -35.86
N PHE E 229 8.30 -0.47 -36.19
CA PHE E 229 9.46 0.38 -36.40
C PHE E 229 9.94 0.25 -37.84
N PHE E 230 10.59 1.30 -38.35
CA PHE E 230 11.13 1.26 -39.70
C PHE E 230 12.65 1.46 -39.69
N ARG E 231 13.36 0.49 -40.24
CA ARG E 231 14.82 0.55 -40.32
C ARG E 231 15.28 0.82 -41.75
N LYS E 232 15.81 2.02 -41.95
CA LYS E 232 16.35 2.45 -43.23
C LYS E 232 17.87 2.42 -43.20
N VAL E 233 18.45 1.54 -44.01
CA VAL E 233 19.89 1.44 -44.13
C VAL E 233 20.34 1.86 -45.52
N GLU E 234 21.64 1.77 -45.78
CA GLU E 234 22.19 2.13 -47.07
C GLU E 234 22.75 0.91 -47.78
N SER E 235 22.81 0.96 -49.10
CA SER E 235 23.37 -0.14 -49.88
C SER E 235 24.88 -0.23 -49.70
N ARG E 236 25.43 -1.42 -49.91
CA ARG E 236 26.86 -1.64 -49.73
C ARG E 236 27.68 -0.92 -50.78
N ILE E 237 28.84 -0.41 -50.38
CA ILE E 237 29.70 0.34 -51.29
C ILE E 237 31.02 -0.39 -51.55
N ASP E 239 31.24 -1.83 -54.41
CA ASP E 239 31.10 -3.27 -54.51
C ASP E 239 31.99 -3.82 -55.61
N LYS E 240 33.19 -4.26 -55.25
CA LYS E 240 34.13 -4.81 -56.21
C LYS E 240 33.62 -6.12 -56.80
N PHE E 241 32.85 -6.86 -56.00
CA PHE E 241 32.22 -8.10 -56.42
C PHE E 241 31.32 -7.90 -57.64
N LYS E 242 30.37 -6.99 -57.49
CA LYS E 242 29.46 -6.61 -58.58
C LYS E 242 30.26 -6.13 -59.80
N TYR E 243 31.31 -5.35 -59.53
CA TYR E 243 32.18 -4.85 -60.59
C TYR E 243 32.84 -5.99 -61.36
N ILE E 244 33.15 -7.07 -60.67
CA ILE E 244 33.75 -8.23 -61.31
C ILE E 244 32.73 -8.99 -62.15
N ILE E 245 31.57 -9.27 -61.58
CA ILE E 245 30.53 -10.00 -62.31
C ILE E 245 30.06 -9.22 -63.54
N ALA E 246 30.15 -7.89 -63.45
CA ALA E 246 29.74 -7.00 -64.54
C ALA E 246 30.40 -7.36 -65.87
N GLN E 247 31.69 -7.69 -65.81
CA GLN E 247 32.42 -8.06 -67.01
C GLN E 247 32.02 -9.43 -67.54
N LEU E 248 31.60 -10.32 -66.64
CA LEU E 248 31.10 -11.63 -67.06
C LEU E 248 29.79 -11.43 -67.83
N MET E 249 28.96 -10.53 -67.33
CA MET E 249 27.75 -10.18 -68.04
C MET E 249 28.08 -9.58 -69.40
N ARG E 250 29.04 -8.66 -69.41
CA ARG E 250 29.43 -7.95 -70.63
C ARG E 250 29.96 -8.88 -71.71
N ASP E 251 30.91 -9.74 -71.37
CA ASP E 251 31.55 -10.59 -72.36
C ASP E 251 30.69 -11.80 -72.73
N THR E 252 29.82 -12.24 -71.81
CA THR E 252 28.84 -13.25 -72.20
C THR E 252 27.87 -12.64 -73.20
N GLU E 253 27.53 -11.37 -72.95
CA GLU E 253 26.68 -10.61 -73.86
C GLU E 253 27.37 -10.38 -75.20
N SER E 254 28.70 -10.38 -75.17
CA SER E 254 29.48 -10.26 -76.39
C SER E 254 29.49 -11.58 -77.14
N LEU E 255 29.48 -12.69 -76.40
CA LEU E 255 29.38 -14.01 -77.00
C LEU E 255 28.03 -14.17 -77.68
N ALA E 256 26.99 -13.61 -77.05
CA ALA E 256 25.67 -13.61 -77.65
C ALA E 256 25.65 -12.69 -78.87
N LYS E 257 26.34 -11.56 -78.77
CA LYS E 257 26.35 -10.57 -79.84
C LYS E 257 27.16 -11.05 -81.06
N ARG E 258 28.04 -12.00 -80.83
CA ARG E 258 28.87 -12.53 -81.91
C ARG E 258 28.03 -13.33 -82.90
N ILE E 259 27.03 -14.04 -82.38
CA ILE E 259 26.14 -14.83 -83.23
C ILE E 259 24.93 -14.00 -83.68
N CYS E 260 24.77 -12.82 -83.08
CA CYS E 260 23.70 -11.91 -83.47
C CYS E 260 24.25 -10.53 -83.85
N ARG E 272 19.26 0.43 -68.64
CA ARG E 272 19.34 -0.98 -69.01
C ARG E 272 20.62 -1.61 -68.46
N GLU E 273 20.76 -1.63 -67.14
CA GLU E 273 22.01 -2.05 -66.54
C GLU E 273 21.87 -3.34 -65.72
N PHE E 274 22.96 -3.73 -65.08
CA PHE E 274 23.05 -5.04 -64.42
C PHE E 274 22.64 -5.00 -62.96
N GLY E 275 22.00 -6.06 -62.50
CA GLY E 275 21.62 -6.19 -61.11
C GLY E 275 20.21 -5.74 -60.81
N THR E 276 19.44 -5.47 -61.86
CA THR E 276 18.07 -5.01 -61.71
C THR E 276 17.08 -5.98 -62.35
N GLN E 277 15.82 -5.92 -61.92
CA GLN E 277 14.78 -6.76 -62.50
C GLN E 277 14.40 -6.27 -63.89
N LYS E 278 14.75 -5.02 -64.17
CA LYS E 278 14.60 -4.46 -65.51
C LYS E 278 15.44 -5.24 -66.50
N TYR E 279 16.65 -5.60 -66.07
CA TYR E 279 17.56 -6.39 -66.88
C TYR E 279 17.07 -7.83 -66.99
N GLU E 280 16.26 -8.26 -66.03
CA GLU E 280 15.67 -9.58 -66.07
C GLU E 280 14.58 -9.63 -67.14
N GLN E 281 13.71 -8.62 -67.13
CA GLN E 281 12.75 -8.44 -68.22
C GLN E 281 13.48 -8.46 -69.54
N TRP E 282 14.56 -7.67 -69.59
CA TRP E 282 15.39 -7.56 -70.78
C TRP E 282 15.88 -8.91 -71.28
N ILE E 283 16.44 -9.71 -70.38
CA ILE E 283 17.07 -10.97 -70.80
C ILE E 283 16.02 -12.02 -71.18
N VAL E 284 14.87 -12.02 -70.50
CA VAL E 284 13.81 -12.95 -70.86
C VAL E 284 13.32 -12.66 -72.27
N THR E 285 13.08 -11.37 -72.54
CA THR E 285 12.54 -10.96 -73.83
C THR E 285 13.63 -10.95 -74.92
N VAL E 286 14.90 -11.07 -74.53
CA VAL E 286 15.94 -11.41 -75.50
C VAL E 286 15.82 -12.88 -75.87
N GLN E 287 15.71 -13.73 -74.85
CA GLN E 287 15.64 -15.17 -75.04
C GLN E 287 14.45 -15.58 -75.92
N LYS E 288 13.32 -14.88 -75.78
CA LYS E 288 12.18 -15.15 -76.65
C LYS E 288 12.56 -14.99 -78.13
N ALA E 289 13.17 -13.84 -78.43
CA ALA E 289 13.59 -13.52 -79.80
C ALA E 289 14.62 -14.52 -80.30
N CYS E 290 15.47 -14.98 -79.40
CA CYS E 290 16.44 -16.02 -79.74
C CYS E 290 15.74 -17.33 -80.07
N MET E 291 14.57 -17.54 -79.48
CA MET E 291 13.79 -18.74 -79.77
C MET E 291 13.07 -18.65 -81.11
N VAL E 292 12.68 -17.44 -81.52
CA VAL E 292 11.99 -17.32 -82.81
C VAL E 292 12.90 -17.12 -84.03
N PHE E 293 14.21 -17.02 -83.82
CA PHE E 293 15.15 -16.94 -84.95
C PHE E 293 15.10 -18.25 -85.77
N GLN E 294 15.09 -18.14 -87.10
CA GLN E 294 14.98 -19.33 -87.96
C GLN E 294 15.81 -19.31 -89.25
N MET E 295 16.12 -20.51 -89.72
CA MET E 295 17.12 -20.72 -90.76
C MET E 295 16.73 -21.90 -91.68
N PRO E 296 17.07 -21.79 -92.98
CA PRO E 296 16.79 -22.78 -94.03
C PRO E 296 17.27 -24.21 -93.71
N ASP E 297 18.41 -24.32 -93.06
CA ASP E 297 18.96 -25.61 -92.62
C ASP E 297 18.15 -26.05 -91.39
N LYS E 298 18.59 -27.09 -90.69
CA LYS E 298 17.97 -27.44 -89.41
C LYS E 298 18.98 -27.36 -88.27
N ASP E 299 20.00 -28.19 -88.34
CA ASP E 299 21.02 -28.37 -87.30
C ASP E 299 21.66 -27.06 -86.79
N GLU E 300 22.10 -26.24 -87.74
CA GLU E 300 22.84 -25.01 -87.46
C GLU E 300 22.05 -24.08 -86.55
N GLU E 301 20.76 -23.94 -86.82
CA GLU E 301 19.89 -23.20 -85.93
C GLU E 301 19.74 -23.95 -84.63
N SER E 302 19.68 -25.28 -84.68
CA SER E 302 19.45 -26.04 -83.46
C SER E 302 20.41 -25.57 -82.39
N ARG E 303 21.71 -25.56 -82.70
CA ARG E 303 22.63 -25.09 -81.65
C ARG E 303 23.10 -23.61 -81.76
N ILE E 304 22.61 -22.84 -82.74
CA ILE E 304 22.69 -21.37 -82.61
C ILE E 304 21.72 -20.98 -81.49
N CYS E 305 20.50 -21.48 -81.59
CA CYS E 305 19.46 -21.27 -80.60
C CYS E 305 19.83 -21.90 -79.27
N LYS E 306 20.50 -23.05 -79.30
CA LYS E 306 20.98 -23.66 -78.06
C LYS E 306 22.01 -22.75 -77.40
N ALA E 307 22.91 -22.21 -78.22
CA ALA E 307 23.94 -21.29 -77.74
C ALA E 307 23.34 -20.03 -77.10
N LEU E 308 22.40 -19.41 -77.80
CA LEU E 308 21.76 -18.20 -77.30
C LEU E 308 20.93 -18.50 -76.05
N PHE E 309 20.31 -19.68 -76.04
CA PHE E 309 19.54 -20.13 -74.88
C PHE E 309 20.42 -20.21 -73.65
N LEU E 310 21.56 -20.87 -73.79
CA LEU E 310 22.47 -21.04 -72.66
C LEU E 310 23.12 -19.72 -72.26
N TYR E 311 23.39 -18.87 -73.23
CA TYR E 311 23.95 -17.55 -72.98
C TYR E 311 22.99 -16.73 -72.12
N THR E 312 21.75 -16.63 -72.57
CA THR E 312 20.73 -15.87 -71.85
C THR E 312 20.42 -16.48 -70.49
N SER E 313 20.47 -17.81 -70.40
CA SER E 313 20.20 -18.51 -69.15
C SER E 313 21.27 -18.21 -68.11
N HIS E 314 22.54 -18.38 -68.50
CA HIS E 314 23.65 -18.09 -67.61
C HIS E 314 23.69 -16.62 -67.23
N LEU E 315 23.32 -15.76 -68.17
CA LEU E 315 23.23 -14.33 -67.91
C LEU E 315 22.18 -14.05 -66.83
N ARG E 316 21.04 -14.74 -66.97
CA ARG E 316 19.96 -14.65 -65.98
C ARG E 316 20.43 -15.07 -64.60
N LYS E 317 21.11 -16.22 -64.53
CA LYS E 317 21.63 -16.72 -63.26
C LYS E 317 22.62 -15.76 -62.64
N TYR E 318 23.47 -15.15 -63.47
CA TYR E 318 24.40 -14.13 -62.98
C TYR E 318 23.66 -12.95 -62.39
N ASN E 319 22.61 -12.51 -63.07
CA ASN E 319 21.78 -11.40 -62.59
C ASN E 319 21.16 -11.70 -61.23
N ASP E 320 20.52 -12.86 -61.14
CA ASP E 320 19.96 -13.32 -59.87
C ASP E 320 21.02 -13.34 -58.79
N ALA E 321 22.22 -13.78 -59.15
CA ALA E 321 23.35 -13.80 -58.22
C ALA E 321 23.67 -12.41 -57.69
N LEU E 322 23.69 -11.42 -58.58
CA LEU E 322 23.92 -10.05 -58.16
C LEU E 322 22.85 -9.58 -57.18
N ILE E 323 21.59 -9.86 -57.50
CA ILE E 323 20.49 -9.50 -56.61
C ILE E 323 20.67 -10.10 -55.22
N ILE E 324 20.94 -11.40 -55.17
CA ILE E 324 21.18 -12.10 -53.92
C ILE E 324 22.34 -11.48 -53.15
N SER E 325 23.38 -11.08 -53.88
CA SER E 325 24.54 -10.43 -53.26
C SER E 325 24.15 -9.09 -52.67
N GLU E 326 23.15 -8.44 -53.25
CA GLU E 326 22.66 -7.18 -52.71
C GLU E 326 21.86 -7.42 -51.42
N HIS E 327 20.99 -8.43 -51.43
CA HIS E 327 20.13 -8.67 -50.29
C HIS E 327 20.76 -9.55 -49.20
N ALA E 328 21.92 -10.15 -49.50
CA ALA E 328 22.54 -11.09 -48.58
C ALA E 328 24.06 -11.11 -48.74
N ARG E 329 24.70 -12.11 -48.13
CA ARG E 329 26.14 -12.27 -48.22
C ARG E 329 26.59 -12.53 -49.65
N MET E 330 27.85 -12.23 -49.93
CA MET E 330 28.44 -12.56 -51.23
C MET E 330 28.61 -14.06 -51.36
N LYS E 331 28.82 -14.73 -50.22
CA LYS E 331 28.96 -16.19 -50.19
C LYS E 331 27.68 -16.87 -50.65
N ASP E 332 26.54 -16.26 -50.35
CA ASP E 332 25.25 -16.81 -50.76
C ASP E 332 25.12 -16.77 -52.28
N ALA E 333 25.53 -15.65 -52.87
CA ALA E 333 25.52 -15.49 -54.32
C ALA E 333 26.47 -16.49 -54.98
N LEU E 334 27.68 -16.59 -54.42
CA LEU E 334 28.68 -17.52 -54.93
C LEU E 334 28.19 -18.96 -54.86
N ASP E 335 27.48 -19.30 -53.79
CA ASP E 335 26.92 -20.64 -53.63
C ASP E 335 25.80 -20.87 -54.64
N TYR E 336 25.04 -19.82 -54.92
CA TYR E 336 23.99 -19.88 -55.93
C TYR E 336 24.60 -20.22 -57.29
N LEU E 337 25.62 -19.45 -57.68
CA LEU E 337 26.30 -19.66 -58.95
C LEU E 337 26.98 -21.03 -59.03
N LYS E 338 27.65 -21.42 -57.95
CA LYS E 338 28.35 -22.70 -57.91
C LYS E 338 27.37 -23.87 -58.04
N ASP E 339 26.23 -23.77 -57.36
CA ASP E 339 25.20 -24.78 -57.47
C ASP E 339 24.66 -24.84 -58.90
N PHE E 340 24.46 -23.66 -59.49
CA PHE E 340 23.99 -23.57 -60.87
C PHE E 340 24.93 -24.27 -61.84
N PHE E 341 26.22 -23.96 -61.75
CA PHE E 341 27.21 -24.58 -62.62
C PHE E 341 27.41 -26.05 -62.28
N SER E 342 27.02 -26.43 -61.07
CA SER E 342 27.10 -27.83 -60.65
C SER E 342 25.95 -28.64 -61.24
N ASN E 343 24.84 -27.97 -61.52
CA ASN E 343 23.67 -28.65 -62.06
C ASN E 343 23.74 -28.90 -63.57
N VAL E 344 24.71 -28.30 -64.24
CA VAL E 344 24.85 -28.50 -65.68
C VAL E 344 25.57 -29.81 -65.98
N PHE E 349 26.44 -30.99 -70.09
CA PHE E 349 27.72 -30.33 -70.22
C PHE E 349 28.13 -30.59 -71.68
N ASP E 350 27.95 -29.64 -72.61
CA ASP E 350 29.13 -29.15 -73.42
C ASP E 350 29.10 -28.42 -74.89
N GLU E 351 30.29 -28.31 -75.50
CA GLU E 351 31.37 -27.31 -75.28
C GLU E 351 31.17 -25.87 -74.81
N ILE E 352 30.15 -25.16 -75.25
CA ILE E 352 30.07 -23.79 -74.77
C ILE E 352 29.73 -23.67 -73.28
N GLU E 353 29.22 -24.75 -72.67
CA GLU E 353 29.11 -24.78 -71.21
C GLU E 353 30.49 -24.85 -70.60
N GLN E 354 31.41 -25.53 -71.29
CA GLN E 354 32.79 -25.61 -70.85
C GLN E 354 33.45 -24.25 -70.98
N ASP E 355 33.15 -23.55 -72.06
CA ASP E 355 33.65 -22.20 -72.27
C ASP E 355 33.17 -21.27 -71.15
N LEU E 356 31.86 -21.18 -70.99
CA LEU E 356 31.26 -20.33 -69.97
C LEU E 356 31.77 -20.66 -68.57
N THR E 357 31.77 -21.94 -68.25
CA THR E 357 32.26 -22.39 -66.95
C THR E 357 33.70 -21.96 -66.75
N GLN E 358 34.55 -22.20 -67.74
CA GLN E 358 35.96 -21.81 -67.67
C GLN E 358 36.12 -20.31 -67.39
N ARG E 359 35.39 -19.49 -68.15
CA ARG E 359 35.40 -18.05 -67.95
C ARG E 359 34.98 -17.71 -66.52
N PHE E 360 34.04 -18.48 -66.00
CA PHE E 360 33.60 -18.30 -64.61
C PHE E 360 34.71 -18.68 -63.62
N GLU E 361 35.52 -19.68 -63.98
CA GLU E 361 36.62 -20.14 -63.13
C GLU E 361 37.81 -19.20 -63.20
N GLU E 362 37.83 -18.34 -64.21
CA GLU E 362 38.91 -17.37 -64.29
C GLU E 362 38.76 -16.36 -63.14
N LYS E 363 37.54 -15.84 -62.96
CA LYS E 363 37.25 -14.90 -61.88
C LYS E 363 36.95 -15.53 -60.49
N LEU E 364 36.14 -16.61 -60.41
CA LEU E 364 36.30 -17.67 -59.39
C LEU E 364 36.70 -17.05 -58.04
N GLN E 365 37.98 -17.13 -57.80
CA GLN E 365 38.67 -16.69 -56.63
C GLN E 365 38.60 -15.27 -56.23
N GLU E 366 38.93 -14.42 -57.17
CA GLU E 366 39.00 -13.04 -56.82
C GLU E 366 37.59 -12.77 -56.32
N LEU E 367 36.60 -13.43 -56.91
CA LEU E 367 35.28 -13.51 -56.27
C LEU E 367 35.44 -13.98 -54.81
N GLU E 368 35.95 -15.20 -54.60
CA GLU E 368 36.06 -15.76 -53.25
C GLU E 368 36.84 -14.89 -52.23
N SER E 369 37.90 -14.26 -52.69
CA SER E 369 38.84 -13.46 -51.93
C SER E 369 38.19 -12.15 -51.54
N VAL E 370 37.31 -11.65 -52.40
CA VAL E 370 36.54 -10.46 -52.06
C VAL E 370 35.39 -10.83 -51.12
N SER E 371 34.82 -12.02 -51.31
CA SER E 371 33.63 -12.44 -50.57
C SER E 371 33.84 -12.57 -49.06
N ARG E 372 34.98 -13.12 -48.65
CA ARG E 372 35.22 -13.43 -47.24
C ARG E 372 35.86 -12.28 -46.48
N ASP E 373 36.03 -11.17 -47.18
CA ASP E 373 36.57 -9.94 -46.60
C ASP E 373 35.49 -9.31 -45.71
N PRO E 374 35.72 -9.29 -44.38
CA PRO E 374 34.76 -8.87 -43.34
C PRO E 374 34.35 -7.42 -43.55
N SER E 375 35.25 -6.70 -44.20
CA SER E 375 35.11 -5.31 -44.63
C SER E 375 33.81 -5.09 -45.38
N ASN E 376 33.56 -6.00 -46.31
CA ASN E 376 32.61 -5.82 -47.40
C ASN E 376 31.21 -6.29 -47.07
N GLU E 377 31.02 -6.67 -45.81
CA GLU E 377 29.77 -7.26 -45.38
C GLU E 377 28.57 -6.34 -45.62
N ASN E 378 27.43 -6.95 -45.87
CA ASN E 378 26.18 -6.26 -46.11
C ASN E 378 25.69 -5.54 -44.85
N PRO E 379 25.53 -4.21 -44.94
CA PRO E 379 25.04 -3.38 -43.83
C PRO E 379 23.62 -3.77 -43.40
N LYS E 380 22.81 -4.25 -44.34
CA LYS E 380 21.46 -4.72 -44.03
C LYS E 380 21.51 -5.87 -43.03
N LEU E 381 22.37 -6.84 -43.32
CA LEU E 381 22.56 -7.99 -42.44
C LEU E 381 23.15 -7.56 -41.10
N GLU E 382 23.96 -6.51 -41.13
CA GLU E 382 24.55 -5.97 -39.92
C GLU E 382 23.47 -5.41 -39.01
N ASP E 383 22.57 -4.63 -39.59
CA ASP E 383 21.47 -4.03 -38.84
C ASP E 383 20.51 -5.09 -38.33
N LEU E 384 20.25 -6.11 -39.16
CA LEU E 384 19.41 -7.23 -38.76
C LEU E 384 20.01 -7.95 -37.55
N CYS E 385 21.30 -8.24 -37.65
CA CYS E 385 22.03 -8.88 -36.56
C CYS E 385 21.97 -8.03 -35.31
N PHE E 386 22.05 -6.71 -35.48
CA PHE E 386 21.95 -5.80 -34.35
C PHE E 386 20.58 -5.92 -33.66
N ILE E 387 19.52 -5.89 -34.47
CA ILE E 387 18.17 -6.01 -33.97
C ILE E 387 17.97 -7.29 -33.16
N LEU E 388 18.37 -8.41 -33.78
CA LEU E 388 18.27 -9.71 -33.12
C LEU E 388 19.06 -9.74 -31.82
N GLN E 389 20.28 -9.20 -31.86
CA GLN E 389 21.14 -9.12 -30.70
C GLN E 389 20.48 -8.39 -29.54
N GLU E 390 19.98 -7.18 -29.81
CA GLU E 390 19.34 -6.37 -28.78
C GLU E 390 18.11 -7.06 -28.20
N GLU E 391 17.19 -7.46 -29.09
CA GLU E 391 15.93 -8.06 -28.66
C GLU E 391 16.13 -9.33 -27.86
N TYR E 392 17.10 -10.16 -28.26
CA TYR E 392 17.36 -11.40 -27.55
C TYR E 392 18.20 -11.18 -26.30
N HIS E 393 18.90 -10.05 -26.24
CA HIS E 393 19.63 -9.68 -25.04
C HIS E 393 18.64 -9.28 -23.95
N LEU E 394 17.63 -8.50 -24.34
CA LEU E 394 16.62 -8.07 -23.39
C LEU E 394 15.68 -9.23 -23.03
N ASN E 395 15.33 -10.03 -24.02
CA ASN E 395 14.44 -11.17 -23.81
C ASN E 395 14.94 -12.45 -24.48
N PRO E 396 15.68 -13.29 -23.74
CA PRO E 396 16.22 -14.56 -24.26
C PRO E 396 15.12 -15.55 -24.67
N GLU E 397 13.89 -15.32 -24.22
CA GLU E 397 12.77 -16.22 -24.52
C GLU E 397 12.04 -15.83 -25.80
N THR E 398 12.57 -14.83 -26.49
CA THR E 398 11.93 -14.27 -27.69
C THR E 398 11.71 -15.28 -28.82
N ILE E 399 10.51 -15.29 -29.37
CA ILE E 399 10.22 -16.02 -30.60
C ILE E 399 10.15 -15.01 -31.75
N THR E 400 10.90 -15.26 -32.82
CA THR E 400 11.00 -14.32 -33.93
C THR E 400 10.56 -14.97 -35.24
N ILE E 401 9.92 -14.20 -36.11
CA ILE E 401 9.60 -14.68 -37.45
C ILE E 401 10.11 -13.69 -38.50
N LEU E 402 10.82 -14.21 -39.50
CA LEU E 402 11.52 -13.35 -40.46
C LEU E 402 11.04 -13.57 -41.88
N PHE E 403 10.39 -12.56 -42.46
CA PHE E 403 9.84 -12.68 -43.80
C PHE E 403 10.79 -12.15 -44.88
N VAL E 404 11.09 -12.99 -45.86
CA VAL E 404 11.93 -12.58 -47.00
C VAL E 404 11.21 -12.83 -48.31
N LYS E 405 11.70 -12.20 -49.37
CA LYS E 405 11.01 -12.23 -50.66
C LYS E 405 11.13 -13.57 -51.38
N THR E 406 12.34 -14.12 -51.44
CA THR E 406 12.58 -15.32 -52.23
C THR E 406 13.10 -16.49 -51.40
N ARG E 407 12.95 -17.70 -51.93
CA ARG E 407 13.45 -18.91 -51.27
C ARG E 407 14.97 -18.88 -51.17
N ALA E 408 15.61 -18.28 -52.19
CA ALA E 408 17.05 -18.11 -52.19
C ALA E 408 17.49 -17.32 -50.97
N LEU E 409 16.70 -16.32 -50.59
CA LEU E 409 16.98 -15.53 -49.40
C LEU E 409 16.66 -16.30 -48.12
N VAL E 410 15.72 -17.24 -48.22
CA VAL E 410 15.42 -18.10 -47.07
C VAL E 410 16.64 -18.94 -46.74
N ASP E 411 17.16 -19.66 -47.73
CA ASP E 411 18.35 -20.47 -47.53
C ASP E 411 19.55 -19.60 -47.17
N ALA E 412 19.66 -18.43 -47.82
CA ALA E 412 20.76 -17.51 -47.57
C ALA E 412 20.81 -17.05 -46.13
N LEU E 413 19.68 -16.61 -45.59
CA LEU E 413 19.63 -16.13 -44.21
C LEU E 413 19.69 -17.29 -43.22
N LYS E 414 19.26 -18.47 -43.67
CA LYS E 414 19.41 -19.68 -42.86
C LYS E 414 20.89 -19.93 -42.60
N ASN E 415 21.66 -20.03 -43.68
CA ASN E 415 23.09 -20.26 -43.59
C ASN E 415 23.82 -19.09 -42.91
N TRP E 416 23.29 -17.88 -43.10
CA TRP E 416 23.89 -16.69 -42.51
C TRP E 416 23.73 -16.70 -40.99
N ILE E 417 22.54 -17.06 -40.52
CA ILE E 417 22.28 -17.15 -39.10
C ILE E 417 23.09 -18.29 -38.48
N GLU E 418 23.13 -19.43 -39.17
CA GLU E 418 23.86 -20.58 -38.66
C GLU E 418 25.38 -20.39 -38.76
N GLY E 419 25.80 -19.41 -39.55
CA GLY E 419 27.21 -19.16 -39.75
C GLY E 419 27.74 -17.90 -39.09
N ASN E 420 26.94 -17.32 -38.20
CA ASN E 420 27.33 -16.09 -37.50
C ASN E 420 27.50 -16.33 -36.00
N PRO E 421 28.72 -16.12 -35.49
CA PRO E 421 29.07 -16.31 -34.08
C PRO E 421 28.21 -15.48 -33.13
N LYS E 422 27.81 -14.29 -33.57
CA LYS E 422 27.02 -13.39 -32.74
C LYS E 422 25.59 -13.90 -32.54
N LEU E 423 25.12 -14.67 -33.52
CA LEU E 423 23.74 -15.15 -33.54
C LEU E 423 23.56 -16.54 -32.92
N SER E 424 24.62 -17.05 -32.29
CA SER E 424 24.67 -18.42 -31.79
C SER E 424 23.46 -18.84 -30.95
N PHE E 425 22.80 -17.87 -30.31
CA PHE E 425 21.62 -18.16 -29.50
C PHE E 425 20.39 -18.48 -30.35
N LEU E 426 20.49 -18.26 -31.66
CA LEU E 426 19.37 -18.50 -32.57
C LEU E 426 19.35 -19.93 -33.09
N LYS E 427 18.17 -20.54 -33.07
CA LYS E 427 17.98 -21.88 -33.59
C LYS E 427 16.96 -21.84 -34.72
N PRO E 428 17.39 -21.41 -35.93
CA PRO E 428 16.52 -21.10 -37.05
C PRO E 428 15.71 -22.29 -37.58
N GLY E 429 14.66 -21.98 -38.31
CA GLY E 429 13.82 -22.99 -38.94
C GLY E 429 13.26 -22.44 -40.24
N ILE E 430 12.76 -23.33 -41.10
CA ILE E 430 12.31 -22.91 -42.42
C ILE E 430 10.83 -23.17 -42.65
N LEU E 431 10.12 -22.14 -43.12
CA LEU E 431 8.73 -22.30 -43.54
C LEU E 431 8.54 -21.73 -44.95
N THR E 432 8.26 -22.62 -45.91
CA THR E 432 8.08 -22.20 -47.29
C THR E 432 6.86 -22.87 -47.91
N GLY E 433 6.64 -22.61 -49.20
CA GLY E 433 5.50 -23.17 -49.90
C GLY E 433 5.81 -24.49 -50.56
N GLY E 459 10.45 -24.68 -27.19
CA GLY E 459 10.44 -25.28 -28.50
C GLY E 459 11.84 -25.53 -29.04
N ASP E 460 11.91 -26.16 -30.20
CA ASP E 460 13.19 -26.46 -30.85
C ASP E 460 13.66 -25.32 -31.73
N HIS E 461 12.76 -24.38 -32.02
CA HIS E 461 13.06 -23.28 -32.94
C HIS E 461 12.73 -21.92 -32.33
N ASN E 462 13.76 -21.10 -32.14
CA ASN E 462 13.58 -19.74 -31.64
C ASN E 462 13.15 -18.76 -32.74
N ILE E 463 13.70 -18.93 -33.93
CA ILE E 463 13.39 -18.04 -35.04
C ILE E 463 12.98 -18.82 -36.29
N LEU E 464 11.92 -18.35 -36.95
CA LEU E 464 11.38 -19.03 -38.11
C LEU E 464 11.42 -18.15 -39.35
N ILE E 465 12.24 -18.54 -40.33
CA ILE E 465 12.36 -17.80 -41.57
C ILE E 465 11.33 -18.28 -42.58
N ALA E 466 10.58 -17.34 -43.16
CA ALA E 466 9.51 -17.69 -44.09
C ALA E 466 9.46 -16.74 -45.28
N THR E 467 8.76 -17.15 -46.33
CA THR E 467 8.56 -16.31 -47.49
C THR E 467 7.31 -15.46 -47.32
N SER E 468 6.14 -16.11 -47.41
CA SER E 468 4.87 -15.44 -47.16
C SER E 468 3.80 -16.47 -46.81
N VAL E 469 2.75 -16.01 -46.15
CA VAL E 469 1.64 -16.89 -45.80
C VAL E 469 0.34 -16.32 -46.33
N ALA E 470 -0.45 -17.16 -47.00
CA ALA E 470 -1.71 -16.72 -47.58
C ALA E 470 -2.73 -16.42 -46.47
N ASP E 471 -3.23 -15.19 -46.47
CA ASP E 471 -4.18 -14.71 -45.48
C ASP E 471 -3.71 -14.95 -44.04
N GLU E 472 -4.65 -15.31 -43.16
CA GLU E 472 -4.34 -15.55 -41.76
C GLU E 472 -3.73 -16.93 -41.55
N GLY E 473 -4.35 -17.93 -42.17
CA GLY E 473 -3.86 -19.30 -42.08
C GLY E 473 -4.05 -19.92 -40.70
N ILE E 474 -3.52 -21.12 -40.53
CA ILE E 474 -3.60 -21.82 -39.26
C ILE E 474 -2.79 -21.09 -38.20
N ASP E 475 -3.16 -21.26 -36.93
CA ASP E 475 -2.47 -20.59 -35.83
C ASP E 475 -1.09 -21.19 -35.58
N ILE E 476 -0.11 -20.33 -35.35
CA ILE E 476 1.27 -20.75 -35.11
C ILE E 476 1.66 -20.32 -33.69
N ALA E 477 2.86 -20.69 -33.24
CA ALA E 477 3.22 -20.33 -31.87
C ALA E 477 3.79 -18.93 -31.91
N GLN E 478 3.08 -18.01 -31.27
CA GLN E 478 3.17 -16.61 -31.66
C GLN E 478 4.45 -15.88 -31.26
N CYS E 479 4.90 -15.05 -32.19
CA CYS E 479 6.17 -14.37 -32.08
C CYS E 479 5.98 -12.98 -31.52
N ASN E 480 6.78 -12.64 -30.52
CA ASN E 480 6.78 -11.29 -29.98
C ASN E 480 7.71 -10.41 -30.80
N LEU E 481 8.32 -11.01 -31.82
CA LEU E 481 9.15 -10.25 -32.76
C LEU E 481 8.90 -10.68 -34.19
N VAL E 482 8.53 -9.72 -35.03
CA VAL E 482 8.27 -9.97 -36.44
C VAL E 482 9.13 -9.05 -37.29
N ILE E 483 10.04 -9.63 -38.06
CA ILE E 483 10.92 -8.83 -38.91
C ILE E 483 10.59 -9.01 -40.38
N LEU E 484 10.32 -7.90 -41.04
CA LEU E 484 10.04 -7.89 -42.47
C LEU E 484 11.27 -7.41 -43.22
N TYR E 485 11.92 -8.34 -43.90
CA TYR E 485 13.17 -8.06 -44.59
C TYR E 485 12.88 -7.74 -46.05
N GLU E 486 13.06 -6.46 -46.41
CA GLU E 486 12.73 -5.97 -47.75
C GLU E 486 11.34 -6.39 -48.19
N TYR E 487 10.36 -6.25 -47.30
CA TYR E 487 9.00 -6.71 -47.55
C TYR E 487 8.10 -5.61 -48.10
N VAL E 488 7.39 -5.93 -49.18
CA VAL E 488 6.37 -5.04 -49.72
C VAL E 488 5.07 -5.81 -49.89
N GLY E 489 4.00 -5.29 -49.27
CA GLY E 489 2.70 -5.93 -49.34
C GLY E 489 1.57 -4.93 -49.19
N ASN E 490 0.34 -5.41 -49.25
CA ASN E 490 -0.82 -4.54 -49.15
C ASN E 490 -1.27 -4.32 -47.71
N VAL E 491 -2.34 -3.54 -47.55
CA VAL E 491 -2.86 -3.20 -46.23
C VAL E 491 -3.42 -4.45 -45.51
N ILE E 492 -4.08 -5.31 -46.28
CA ILE E 492 -4.69 -6.52 -45.73
C ILE E 492 -3.67 -7.42 -45.05
N LYS E 493 -2.58 -7.72 -45.75
CA LYS E 493 -1.53 -8.56 -45.20
C LYS E 493 -0.87 -7.88 -44.01
N MET E 494 -0.77 -6.55 -44.07
CA MET E 494 -0.24 -5.78 -42.95
C MET E 494 -1.05 -6.02 -41.69
N ILE E 495 -2.37 -5.88 -41.81
CA ILE E 495 -3.25 -6.07 -40.67
C ILE E 495 -3.23 -7.53 -40.20
N GLN E 496 -3.10 -8.45 -41.15
CA GLN E 496 -3.11 -9.87 -40.84
C GLN E 496 -1.85 -10.34 -40.10
N THR E 497 -0.72 -9.71 -40.39
CA THR E 497 0.53 -10.08 -39.73
C THR E 497 0.51 -9.70 -38.25
N ARG E 498 -0.41 -8.81 -37.89
CA ARG E 498 -0.58 -8.39 -36.50
C ARG E 498 -1.06 -9.56 -35.65
N GLY E 499 -1.66 -10.55 -36.29
CA GLY E 499 -2.21 -11.71 -35.61
C GLY E 499 -1.15 -12.52 -34.91
N ARG E 500 0.09 -12.39 -35.36
CA ARG E 500 1.21 -13.09 -34.75
C ARG E 500 1.66 -12.36 -33.49
N GLY E 501 1.26 -11.10 -33.38
CA GLY E 501 1.67 -10.24 -32.28
C GLY E 501 0.60 -9.93 -31.23
N ARG E 502 -0.43 -10.76 -31.14
CA ARG E 502 -1.59 -10.48 -30.28
C ARG E 502 -1.22 -10.19 -28.82
N ALA E 503 -0.13 -10.77 -28.35
CA ALA E 503 0.32 -10.53 -26.98
C ALA E 503 0.83 -9.11 -26.82
N ARG E 504 0.62 -8.52 -25.65
CA ARG E 504 1.06 -7.16 -25.38
C ARG E 504 2.58 -7.06 -25.38
N GLY E 505 3.11 -6.11 -26.15
CA GLY E 505 4.54 -5.87 -26.18
C GLY E 505 5.24 -6.40 -27.42
N SER E 506 4.47 -7.00 -28.32
CA SER E 506 5.03 -7.52 -29.56
C SER E 506 5.54 -6.39 -30.44
N LYS E 507 6.60 -6.66 -31.20
CA LYS E 507 7.23 -5.65 -32.03
C LYS E 507 7.41 -6.12 -33.47
N CYS E 508 7.31 -5.19 -34.41
CA CYS E 508 7.48 -5.50 -35.83
C CYS E 508 8.40 -4.50 -36.50
N PHE E 509 9.51 -4.98 -37.04
CA PHE E 509 10.47 -4.12 -37.73
C PHE E 509 10.35 -4.26 -39.24
N LEU E 510 10.50 -3.15 -39.97
CA LEU E 510 10.57 -3.21 -41.42
C LEU E 510 11.95 -2.77 -41.88
N LEU E 511 12.77 -3.70 -42.33
CA LEU E 511 14.16 -3.40 -42.66
C LEU E 511 14.40 -3.33 -44.16
N THR E 512 14.76 -2.15 -44.66
CA THR E 512 15.06 -2.02 -46.08
C THR E 512 16.01 -0.88 -46.40
N SER E 513 16.76 -1.04 -47.49
CA SER E 513 17.62 0.03 -48.00
C SER E 513 16.98 0.79 -49.16
N ASN E 514 15.80 0.36 -49.58
CA ASN E 514 15.16 0.90 -50.78
C ASN E 514 14.47 2.24 -50.57
N ALA E 515 13.91 2.43 -49.37
CA ALA E 515 13.26 3.68 -48.95
C ALA E 515 11.94 3.96 -49.68
N GLY E 516 11.66 3.22 -50.75
CA GLY E 516 10.37 3.29 -51.40
C GLY E 516 9.44 2.30 -50.73
N VAL E 517 10.06 1.25 -50.18
CA VAL E 517 9.36 0.24 -49.40
C VAL E 517 8.68 0.88 -48.19
N ILE E 518 9.45 1.71 -47.48
CA ILE E 518 8.95 2.43 -46.31
C ILE E 518 7.72 3.26 -46.65
N GLU E 519 7.84 4.04 -47.72
CA GLU E 519 6.72 4.87 -48.21
C GLU E 519 5.51 4.00 -48.52
N LYS E 520 5.75 2.85 -49.15
CA LYS E 520 4.68 1.91 -49.46
C LYS E 520 3.96 1.46 -48.20
N GLU E 521 4.72 1.13 -47.17
CA GLU E 521 4.13 0.66 -45.91
C GLU E 521 3.31 1.75 -45.23
N GLN E 522 3.83 2.97 -45.19
CA GLN E 522 3.11 4.05 -44.54
C GLN E 522 1.85 4.46 -45.31
N ILE E 523 1.91 4.47 -46.64
CA ILE E 523 0.70 4.76 -47.40
C ILE E 523 -0.28 3.60 -47.26
N ASN E 524 0.23 2.42 -46.93
CA ASN E 524 -0.65 1.31 -46.58
C ASN E 524 -1.36 1.58 -45.25
N MET E 525 -0.65 2.18 -44.31
CA MET E 525 -1.27 2.58 -43.04
C MET E 525 -2.36 3.62 -43.26
N TYR E 526 -2.06 4.61 -44.10
CA TYR E 526 -3.04 5.62 -44.46
C TYR E 526 -4.25 4.97 -45.13
N LYS E 527 -3.97 3.96 -45.95
CA LYS E 527 -5.03 3.15 -46.57
C LYS E 527 -5.91 2.50 -45.51
N GLU E 528 -5.30 2.03 -44.43
CA GLU E 528 -6.07 1.47 -43.33
C GLU E 528 -6.98 2.52 -42.71
N LYS E 529 -6.45 3.73 -42.53
CA LYS E 529 -7.26 4.83 -42.00
C LYS E 529 -8.48 5.10 -42.90
N MET E 530 -8.22 5.23 -44.20
CA MET E 530 -9.29 5.41 -45.18
C MET E 530 -10.32 4.29 -45.08
N MET E 531 -9.84 3.07 -44.89
CA MET E 531 -10.70 1.90 -44.79
C MET E 531 -11.66 2.04 -43.61
N ASN E 532 -11.09 2.22 -42.42
CA ASN E 532 -11.88 2.33 -41.20
C ASN E 532 -12.87 3.48 -41.24
N ASP E 533 -12.45 4.61 -41.79
CA ASP E 533 -13.34 5.77 -41.89
C ASP E 533 -14.48 5.52 -42.86
N SER E 534 -14.17 4.90 -44.00
CA SER E 534 -15.18 4.57 -45.00
C SER E 534 -16.21 3.60 -44.43
N ILE E 535 -15.73 2.59 -43.70
CA ILE E 535 -16.61 1.64 -43.04
C ILE E 535 -17.50 2.36 -42.03
N LEU E 536 -16.87 3.23 -41.23
CA LEU E 536 -17.59 3.99 -40.21
C LEU E 536 -18.68 4.86 -40.83
N ARG E 537 -18.46 5.30 -42.07
CA ARG E 537 -19.47 6.06 -42.79
C ARG E 537 -20.59 5.17 -43.32
N LEU E 538 -20.22 4.03 -43.89
CA LEU E 538 -21.21 3.08 -44.41
C LEU E 538 -22.15 2.58 -43.32
N GLN E 539 -21.62 2.42 -42.11
CA GLN E 539 -22.41 1.93 -40.99
C GLN E 539 -23.51 2.91 -40.58
N THR E 540 -23.37 4.16 -40.99
CA THR E 540 -24.34 5.19 -40.63
C THR E 540 -25.47 5.30 -41.66
N TRP E 541 -25.31 4.65 -42.81
CA TRP E 541 -26.32 4.72 -43.86
C TRP E 541 -27.56 3.91 -43.51
N ASP E 542 -28.68 4.26 -44.14
CA ASP E 542 -29.91 3.50 -43.99
C ASP E 542 -29.80 2.23 -44.83
N GLU E 543 -30.16 1.09 -44.25
CA GLU E 543 -29.93 -0.20 -44.88
C GLU E 543 -30.66 -0.36 -46.22
N ALA E 544 -31.87 0.20 -46.32
CA ALA E 544 -32.65 0.08 -47.54
C ALA E 544 -31.95 0.75 -48.73
N VAL E 545 -31.57 2.00 -48.54
CA VAL E 545 -30.87 2.77 -49.57
C VAL E 545 -29.58 2.05 -49.97
N PHE E 546 -28.89 1.50 -48.97
CA PHE E 546 -27.64 0.80 -49.22
C PHE E 546 -27.87 -0.45 -50.05
N ARG E 547 -28.97 -1.16 -49.78
CA ARG E 547 -29.32 -2.33 -50.56
C ARG E 547 -29.62 -1.94 -51.99
N GLU E 548 -30.30 -0.81 -52.17
CA GLU E 548 -30.59 -0.29 -53.51
C GLU E 548 -29.29 -0.01 -54.27
N LYS E 549 -28.37 0.71 -53.64
CA LYS E 549 -27.09 1.02 -54.25
C LYS E 549 -26.34 -0.26 -54.61
N ILE E 550 -26.31 -1.21 -53.68
CA ILE E 550 -25.68 -2.50 -53.89
C ILE E 550 -26.25 -3.19 -55.13
N LEU E 551 -27.58 -3.20 -55.23
CA LEU E 551 -28.25 -3.78 -56.39
C LEU E 551 -27.79 -3.11 -57.69
N HIS E 552 -27.73 -1.79 -57.68
CA HIS E 552 -27.28 -1.05 -58.86
C HIS E 552 -25.86 -1.42 -59.24
N ILE E 553 -24.98 -1.55 -58.24
CA ILE E 553 -23.60 -1.93 -58.47
C ILE E 553 -23.52 -3.33 -59.05
N GLN E 554 -24.33 -4.24 -58.53
CA GLN E 554 -24.38 -5.61 -59.00
C GLN E 554 -24.78 -5.67 -60.47
N THR E 555 -25.84 -4.96 -60.82
CA THR E 555 -26.31 -4.93 -62.20
C THR E 555 -25.27 -4.32 -63.13
N HIS E 556 -24.62 -3.26 -62.64
CA HIS E 556 -23.53 -2.62 -63.36
C HIS E 556 -22.41 -3.62 -63.69
N GLU E 557 -21.91 -4.27 -62.64
CA GLU E 557 -20.83 -5.23 -62.75
C GLU E 557 -21.20 -6.40 -63.64
N LYS E 558 -22.45 -6.85 -63.57
CA LYS E 558 -22.90 -7.95 -64.42
C LYS E 558 -22.96 -7.51 -65.88
N PHE E 559 -23.37 -6.26 -66.11
CA PHE E 559 -23.40 -5.74 -67.47
C PHE E 559 -22.00 -5.71 -68.06
N ILE E 560 -21.05 -5.19 -67.29
CA ILE E 560 -19.66 -5.15 -67.74
C ILE E 560 -19.11 -6.57 -67.95
N ARG E 561 -19.47 -7.47 -67.04
CA ARG E 561 -18.99 -8.85 -67.08
C ARG E 561 -19.50 -9.58 -68.32
N ASP E 562 -20.73 -9.28 -68.71
CA ASP E 562 -21.32 -9.88 -69.90
C ASP E 562 -20.83 -9.18 -71.16
N SER E 563 -20.33 -7.96 -70.98
CA SER E 563 -19.83 -7.17 -72.11
C SER E 563 -18.49 -7.67 -72.63
N GLN E 564 -17.73 -8.35 -71.77
CA GLN E 564 -16.36 -8.75 -72.10
C GLN E 564 -16.28 -10.06 -72.87
N GLU E 565 -17.41 -10.76 -72.99
CA GLU E 565 -17.44 -12.02 -73.72
C GLU E 565 -18.02 -11.83 -75.12
N PRO E 567 -15.96 -13.27 -78.51
CA PRO E 567 -14.61 -13.78 -78.75
C PRO E 567 -14.66 -15.16 -79.39
N LYS E 568 -13.91 -16.10 -78.81
CA LYS E 568 -13.85 -17.48 -79.29
C LYS E 568 -13.51 -17.58 -80.78
N PRO E 569 -12.23 -17.30 -81.12
CA PRO E 569 -11.78 -17.35 -82.52
C PRO E 569 -11.96 -18.75 -83.12
N VAL E 570 -12.13 -18.82 -84.43
CA VAL E 570 -12.26 -20.10 -85.10
C VAL E 570 -10.95 -20.87 -85.00
N PRO E 571 -11.05 -22.18 -84.72
CA PRO E 571 -9.85 -23.02 -84.58
C PRO E 571 -9.13 -23.20 -85.91
N ASP E 572 -7.80 -23.04 -85.90
CA ASP E 572 -7.01 -23.26 -87.10
C ASP E 572 -6.77 -24.76 -87.26
N LYS E 573 -7.24 -25.31 -88.37
CA LYS E 573 -7.12 -26.75 -88.62
C LYS E 573 -5.81 -27.09 -89.31
N GLU E 574 -5.09 -26.08 -89.79
CA GLU E 574 -3.80 -26.31 -90.44
C GLU E 574 -2.88 -27.04 -89.48
N ASN E 575 -2.37 -28.19 -89.89
CA ASN E 575 -1.61 -29.01 -88.95
C ASN E 575 -0.37 -28.28 -88.47
N LYS E 576 -0.21 -28.21 -87.16
CA LYS E 576 0.90 -27.46 -86.67
C LYS E 576 2.11 -28.29 -86.16
N LYS E 577 3.23 -27.62 -85.87
CA LYS E 577 4.41 -28.36 -85.39
C LYS E 577 5.11 -27.72 -84.19
N LEU E 578 5.24 -28.54 -83.15
CA LEU E 578 5.82 -28.16 -81.87
C LEU E 578 7.28 -28.57 -81.76
N LEU E 579 8.13 -27.57 -81.57
CA LEU E 579 9.56 -27.78 -81.40
C LEU E 579 10.00 -27.45 -79.96
N CYS E 580 11.07 -28.10 -79.52
CA CYS E 580 11.68 -27.76 -78.25
C CYS E 580 12.22 -26.34 -78.29
N ARG E 581 11.89 -25.53 -77.28
CA ARG E 581 12.30 -24.13 -77.27
C ARG E 581 13.81 -23.96 -77.13
N LYS E 582 14.47 -24.96 -76.56
CA LYS E 582 15.90 -24.89 -76.34
C LYS E 582 16.68 -25.29 -77.59
N CYS E 583 16.54 -26.54 -78.00
CA CYS E 583 17.32 -27.10 -79.10
C CYS E 583 16.61 -27.11 -80.46
N LYS E 584 15.38 -26.58 -80.50
CA LYS E 584 14.60 -26.46 -81.73
C LYS E 584 14.32 -27.82 -82.38
N ALA E 585 14.32 -28.88 -81.58
CA ALA E 585 14.10 -30.23 -82.07
C ALA E 585 12.67 -30.47 -82.49
N LEU E 586 12.47 -31.33 -83.48
CA LEU E 586 11.13 -31.74 -83.85
C LEU E 586 10.57 -32.61 -82.73
N ALA E 587 9.45 -32.18 -82.18
CA ALA E 587 8.84 -32.88 -81.05
C ALA E 587 7.50 -33.45 -81.46
N CYS E 588 6.55 -32.59 -81.83
CA CYS E 588 5.21 -33.10 -82.09
C CYS E 588 4.48 -32.46 -83.26
N TYR E 589 3.49 -33.19 -83.77
CA TYR E 589 2.49 -32.65 -84.68
C TYR E 589 1.25 -32.30 -83.86
N THR E 590 0.57 -31.22 -84.25
CA THR E 590 -0.64 -30.83 -83.56
C THR E 590 -1.78 -31.83 -83.75
N ALA E 591 -1.61 -32.72 -84.71
CA ALA E 591 -2.62 -33.73 -84.98
C ALA E 591 -2.48 -34.92 -84.05
N ASP E 592 -1.38 -34.99 -83.30
CA ASP E 592 -1.20 -36.07 -82.33
C ASP E 592 -1.72 -35.69 -80.95
N VAL E 593 -2.03 -34.42 -80.76
CA VAL E 593 -2.38 -33.90 -79.44
C VAL E 593 -3.86 -34.08 -79.13
N ARG E 594 -4.16 -34.74 -78.02
CA ARG E 594 -5.54 -34.92 -77.58
C ARG E 594 -5.77 -34.16 -76.28
N VAL E 595 -6.97 -33.63 -76.10
CA VAL E 595 -7.25 -32.87 -74.90
C VAL E 595 -8.09 -33.67 -73.89
N ILE E 596 -7.57 -33.73 -72.67
CA ILE E 596 -8.23 -34.38 -71.55
C ILE E 596 -8.88 -33.35 -70.64
N GLU E 597 -10.20 -33.47 -70.52
CA GLU E 597 -11.02 -32.68 -69.61
C GLU E 597 -10.84 -31.17 -69.82
N GLU E 598 -10.69 -30.77 -71.09
CA GLU E 598 -10.63 -29.37 -71.49
C GLU E 598 -9.39 -28.65 -70.97
N CYS E 599 -8.60 -29.32 -70.14
CA CYS E 599 -7.48 -28.71 -69.46
C CYS E 599 -6.14 -29.28 -69.88
N HIS E 600 -5.93 -30.57 -69.62
CA HIS E 600 -4.60 -31.16 -69.80
C HIS E 600 -4.42 -31.71 -71.20
N TYR E 601 -3.25 -31.54 -71.79
CA TYR E 601 -3.04 -31.95 -73.17
C TYR E 601 -2.03 -33.10 -73.26
N THR E 602 -2.43 -34.19 -73.91
CA THR E 602 -1.54 -35.34 -74.06
C THR E 602 -1.18 -35.60 -75.52
N VAL E 603 -0.29 -36.58 -75.72
CA VAL E 603 0.26 -36.89 -77.04
C VAL E 603 0.15 -38.39 -77.33
N LEU E 604 -0.08 -38.74 -78.58
CA LEU E 604 -0.18 -40.13 -78.99
C LEU E 604 0.97 -40.54 -79.90
N GLY E 605 1.00 -41.81 -80.29
CA GLY E 605 2.01 -42.32 -81.19
C GLY E 605 3.26 -42.78 -80.49
N ASP E 606 3.95 -43.76 -81.08
CA ASP E 606 5.20 -44.26 -80.53
C ASP E 606 6.34 -43.32 -80.88
N ALA E 607 6.11 -42.46 -81.87
CA ALA E 607 7.13 -41.54 -82.36
C ALA E 607 7.50 -40.50 -81.31
N PHE E 608 6.52 -40.04 -80.54
CA PHE E 608 6.77 -39.02 -79.53
C PHE E 608 7.43 -39.62 -78.29
N LYS E 609 7.13 -40.90 -78.03
CA LYS E 609 7.72 -41.62 -76.92
C LYS E 609 9.24 -41.68 -77.11
N GLU E 610 9.67 -41.58 -78.36
CA GLU E 610 11.07 -41.49 -78.73
C GLU E 610 11.70 -40.21 -78.18
N CYS E 611 10.96 -39.13 -78.27
CA CYS E 611 11.51 -37.78 -78.16
C CYS E 611 11.74 -37.31 -76.73
N PHE E 612 11.10 -37.97 -75.77
CA PHE E 612 11.22 -37.51 -74.39
C PHE E 612 11.75 -38.60 -73.45
N VAL E 613 12.44 -38.17 -72.41
CA VAL E 613 12.95 -39.06 -71.38
C VAL E 613 12.21 -38.83 -70.07
N SER E 614 11.98 -39.91 -69.33
CA SER E 614 11.22 -39.87 -68.09
C SER E 614 12.11 -39.99 -66.87
N ARG E 615 11.93 -39.11 -65.89
CA ARG E 615 12.69 -39.17 -64.65
C ARG E 615 11.77 -38.97 -63.46
N PRO E 616 11.97 -39.72 -62.36
CA PRO E 616 11.04 -39.64 -61.22
C PRO E 616 10.81 -38.22 -60.69
N HIS E 617 9.55 -37.88 -60.42
CA HIS E 617 9.17 -36.54 -59.99
C HIS E 617 9.73 -36.22 -58.60
N PRO E 618 10.41 -35.08 -58.48
CA PRO E 618 10.94 -34.61 -57.19
C PRO E 618 9.84 -34.39 -56.16
N LYS E 619 8.67 -33.97 -56.63
CA LYS E 619 7.53 -33.73 -55.74
C LYS E 619 6.25 -34.35 -56.29
N PRO E 620 6.08 -35.67 -56.10
CA PRO E 620 4.88 -36.38 -56.58
C PRO E 620 3.62 -35.90 -55.86
N LYS E 621 2.57 -35.64 -56.62
CA LYS E 621 1.32 -35.10 -56.08
C LYS E 621 0.14 -35.54 -56.93
N GLN E 622 -1.01 -35.75 -56.29
CA GLN E 622 -2.20 -36.19 -57.01
C GLN E 622 -3.20 -35.05 -57.18
N PHE E 623 -3.38 -34.61 -58.42
CA PHE E 623 -4.33 -33.56 -58.74
C PHE E 623 -5.47 -34.10 -59.58
N SER E 624 -6.70 -33.73 -59.23
CA SER E 624 -7.90 -34.20 -59.92
C SER E 624 -7.91 -35.72 -60.01
N SER E 625 -8.17 -36.23 -61.21
CA SER E 625 -8.18 -37.67 -61.43
C SER E 625 -6.83 -38.18 -61.92
N PHE E 626 -5.85 -37.29 -62.00
CA PHE E 626 -4.52 -37.69 -62.45
C PHE E 626 -3.63 -38.06 -61.28
N GLU E 627 -2.45 -38.60 -61.58
CA GLU E 627 -1.43 -38.84 -60.57
C GLU E 627 -0.04 -38.51 -61.12
N LYS E 628 0.64 -37.54 -60.54
CA LYS E 628 1.99 -37.21 -60.98
C LYS E 628 2.96 -38.31 -60.60
N ARG E 629 3.73 -38.79 -61.57
CA ARG E 629 4.74 -39.79 -61.25
C ARG E 629 6.11 -39.38 -61.77
N ALA E 630 6.24 -39.22 -63.07
CA ALA E 630 7.50 -38.81 -63.66
C ALA E 630 7.50 -37.36 -64.15
N LYS E 631 8.66 -36.97 -64.66
CA LYS E 631 8.91 -35.67 -65.27
C LYS E 631 9.47 -35.94 -66.66
N ILE E 632 9.12 -35.07 -67.60
CA ILE E 632 9.45 -35.29 -69.00
C ILE E 632 10.49 -34.29 -69.48
N PHE E 633 11.55 -34.80 -70.09
CA PHE E 633 12.60 -33.93 -70.63
C PHE E 633 12.88 -34.24 -72.09
N CYS E 634 13.56 -33.33 -72.78
CA CYS E 634 13.98 -33.57 -74.15
C CYS E 634 15.11 -34.61 -74.17
N ALA E 635 15.11 -35.48 -75.18
CA ALA E 635 16.08 -36.57 -75.23
C ALA E 635 17.31 -36.23 -76.06
N ARG E 636 17.34 -35.01 -76.60
CA ARG E 636 18.39 -34.60 -77.53
C ARG E 636 19.65 -34.08 -76.86
N GLN E 637 20.78 -34.72 -77.14
CA GLN E 637 22.11 -34.16 -76.88
C GLN E 637 22.25 -33.51 -75.52
N ASN E 638 21.66 -34.13 -74.50
CA ASN E 638 21.67 -33.61 -73.14
C ASN E 638 21.03 -32.22 -73.03
N CYS E 639 20.16 -31.89 -73.97
CA CYS E 639 19.39 -30.65 -73.91
C CYS E 639 18.46 -30.72 -72.70
N SER E 640 17.65 -31.78 -72.66
CA SER E 640 16.81 -32.11 -71.51
C SER E 640 15.97 -30.93 -71.00
N HIS E 641 15.40 -30.17 -71.93
CA HIS E 641 14.50 -29.08 -71.57
C HIS E 641 13.26 -29.66 -70.92
N ASP E 642 12.63 -28.91 -70.01
CA ASP E 642 11.46 -29.44 -69.32
C ASP E 642 10.25 -29.31 -70.24
N TRP E 643 9.76 -30.44 -70.71
CA TRP E 643 8.57 -30.47 -71.57
C TRP E 643 7.26 -30.55 -70.80
N GLY E 644 7.26 -31.30 -69.71
CA GLY E 644 6.03 -31.58 -68.99
C GLY E 644 6.21 -32.69 -67.97
N ILE E 645 5.11 -33.38 -67.64
CA ILE E 645 5.15 -34.44 -66.65
C ILE E 645 4.55 -35.74 -67.19
N HIS E 646 4.80 -36.85 -66.51
CA HIS E 646 4.15 -38.10 -66.86
C HIS E 646 3.23 -38.55 -65.74
N VAL E 647 1.98 -38.83 -66.11
CA VAL E 647 0.95 -39.13 -65.13
C VAL E 647 0.16 -40.39 -65.45
N LYS E 648 -0.51 -40.92 -64.44
CA LYS E 648 -1.39 -42.06 -64.61
C LYS E 648 -2.85 -41.62 -64.52
N TYR E 649 -3.53 -41.67 -65.66
CA TYR E 649 -4.93 -41.29 -65.73
C TYR E 649 -5.80 -42.51 -65.99
N LYS E 650 -6.64 -42.84 -65.01
CA LYS E 650 -7.44 -44.07 -65.03
C LYS E 650 -6.53 -45.29 -65.18
N THR E 651 -6.72 -46.03 -66.27
CA THR E 651 -5.92 -47.23 -66.52
C THR E 651 -4.72 -46.95 -67.44
N PHE E 652 -4.59 -45.69 -67.87
CA PHE E 652 -3.58 -45.32 -68.85
C PHE E 652 -2.38 -44.61 -68.23
N GLU E 653 -1.20 -44.85 -68.79
CA GLU E 653 0.00 -44.12 -68.43
C GLU E 653 0.33 -43.15 -69.57
N ILE E 654 0.15 -41.85 -69.32
CA ILE E 654 0.25 -40.88 -70.41
C ILE E 654 1.10 -39.66 -70.08
N PRO E 655 1.77 -39.12 -71.09
CA PRO E 655 2.51 -37.85 -71.02
C PRO E 655 1.58 -36.64 -71.06
N VAL E 656 1.93 -35.59 -70.32
CA VAL E 656 1.21 -34.32 -70.38
C VAL E 656 2.22 -33.20 -70.57
N ILE E 657 2.03 -32.42 -71.63
CA ILE E 657 3.00 -31.41 -72.01
C ILE E 657 2.43 -29.99 -71.90
N LYS E 658 3.32 -29.03 -71.71
CA LYS E 658 2.93 -27.62 -71.63
C LYS E 658 3.41 -26.85 -72.86
N ILE E 659 2.51 -26.08 -73.46
CA ILE E 659 2.84 -25.30 -74.65
C ILE E 659 3.87 -24.22 -74.33
N GLU E 660 4.04 -23.93 -73.04
CA GLU E 660 4.98 -22.93 -72.58
C GLU E 660 6.43 -23.34 -72.90
N SER E 661 6.66 -24.64 -72.99
CA SER E 661 8.01 -25.14 -73.25
C SER E 661 8.27 -25.44 -74.73
N PHE E 662 7.27 -25.20 -75.58
CA PHE E 662 7.40 -25.47 -77.00
C PHE E 662 7.21 -24.23 -77.85
N VAL E 663 7.74 -24.27 -79.07
CA VAL E 663 7.56 -23.19 -80.02
C VAL E 663 6.74 -23.71 -81.20
N VAL E 664 5.79 -22.90 -81.65
CA VAL E 664 4.91 -23.38 -82.70
C VAL E 664 5.34 -22.85 -84.05
N GLU E 665 6.02 -23.72 -84.80
CA GLU E 665 6.41 -23.50 -86.19
C GLU E 665 5.41 -24.17 -87.12
N ASP E 666 5.06 -23.54 -88.26
CA ASP E 666 4.32 -24.31 -89.29
C ASP E 666 4.39 -24.14 -90.80
N ILE E 667 4.17 -25.32 -91.38
CA ILE E 667 4.72 -25.77 -92.64
C ILE E 667 4.49 -24.85 -93.82
N ALA E 668 3.26 -24.42 -94.04
CA ALA E 668 2.96 -23.57 -95.18
C ALA E 668 3.83 -22.32 -95.19
N THR E 669 3.82 -21.59 -94.07
CA THR E 669 4.60 -20.37 -93.96
C THR E 669 5.90 -20.61 -93.20
N VAL E 671 6.90 -19.89 -90.39
CA VAL E 671 6.98 -18.94 -89.28
C VAL E 671 6.60 -19.63 -87.96
N GLN E 672 7.11 -19.05 -86.88
CA GLN E 672 6.81 -19.49 -85.52
C GLN E 672 6.30 -18.43 -84.60
N THR E 673 5.51 -18.90 -83.64
CA THR E 673 5.10 -18.05 -82.55
C THR E 673 5.22 -18.81 -81.24
N LEU E 674 5.21 -18.05 -80.15
CA LEU E 674 5.31 -18.59 -78.80
C LEU E 674 4.00 -18.38 -78.07
N TYR E 675 3.58 -19.40 -77.31
CA TYR E 675 2.38 -19.30 -76.50
C TYR E 675 2.69 -19.67 -75.05
N SER E 676 2.29 -18.81 -74.12
CA SER E 676 2.55 -19.05 -72.71
C SER E 676 1.55 -20.05 -72.13
N LYS E 677 0.29 -19.92 -72.54
CA LYS E 677 -0.76 -20.81 -72.04
C LYS E 677 -1.50 -21.50 -73.19
N TRP E 678 -2.07 -22.65 -72.90
CA TRP E 678 -2.79 -23.42 -73.92
C TRP E 678 -4.05 -22.71 -74.41
N LYS E 679 -4.64 -21.87 -73.55
CA LYS E 679 -5.86 -21.16 -73.88
C LYS E 679 -5.61 -20.12 -74.97
N ASP E 680 -4.39 -19.61 -75.04
CA ASP E 680 -4.03 -18.60 -76.03
C ASP E 680 -3.67 -19.22 -77.37
N PHE E 681 -3.43 -20.53 -77.36
CA PHE E 681 -3.09 -21.25 -78.58
C PHE E 681 -4.36 -21.81 -79.22
N HIS E 682 -4.73 -21.25 -80.37
CA HIS E 682 -5.97 -21.64 -81.02
C HIS E 682 -5.74 -22.55 -82.21
N PHE E 683 -6.10 -23.81 -82.04
CA PHE E 683 -6.07 -24.80 -83.12
C PHE E 683 -7.24 -25.74 -82.91
N GLU E 684 -7.39 -26.75 -83.76
CA GLU E 684 -8.46 -27.71 -83.54
C GLU E 684 -8.03 -28.68 -82.47
N LYS E 685 -8.74 -28.68 -81.36
CA LYS E 685 -8.37 -29.50 -80.21
C LYS E 685 -9.24 -30.73 -80.15
N ILE E 686 -8.64 -31.88 -80.43
CA ILE E 686 -9.36 -33.13 -80.50
C ILE E 686 -9.52 -33.74 -79.11
N PRO E 687 -10.78 -33.93 -78.68
CA PRO E 687 -11.10 -34.54 -77.38
C PRO E 687 -10.43 -35.89 -77.20
N PHE E 688 -10.00 -36.19 -75.98
CA PHE E 688 -9.34 -37.46 -75.70
C PHE E 688 -10.34 -38.61 -75.73
N ASP E 689 -10.06 -39.60 -76.56
CA ASP E 689 -10.90 -40.79 -76.67
C ASP E 689 -10.16 -41.99 -76.10
N PRO E 690 -10.77 -42.66 -75.09
CA PRO E 690 -10.21 -43.86 -74.46
C PRO E 690 -9.81 -44.92 -75.50
N ALA E 691 -10.51 -44.95 -76.62
CA ALA E 691 -10.10 -45.79 -77.74
C ALA E 691 -8.97 -45.09 -78.49
N GLU E 692 -7.83 -45.75 -78.56
CA GLU E 692 -6.62 -45.16 -79.16
C GLU E 692 -6.73 -45.06 -80.67
N PRO G 10 33.55 -3.21 52.17
CA PRO G 10 32.12 -3.30 51.88
C PRO G 10 31.37 -4.11 52.94
N PHE G 11 31.18 -5.41 52.67
CA PHE G 11 30.51 -6.28 53.62
C PHE G 11 31.28 -7.59 53.79
N LYS G 12 30.98 -8.31 54.87
CA LYS G 12 31.61 -9.60 55.13
C LYS G 12 30.67 -10.74 54.76
N PRO G 13 31.03 -11.50 53.71
CA PRO G 13 30.18 -12.57 53.19
C PRO G 13 30.10 -13.78 54.12
N ARG G 14 28.93 -14.40 54.19
CA ARG G 14 28.76 -15.63 54.94
C ARG G 14 29.41 -16.78 54.15
N ASN G 15 29.90 -17.79 54.87
CA ASN G 15 30.68 -18.85 54.26
C ASN G 15 29.92 -19.66 53.21
N TYR G 16 28.64 -19.95 53.48
CA TYR G 16 27.85 -20.75 52.56
C TYR G 16 27.62 -20.02 51.24
N GLN G 17 27.63 -18.69 51.30
CA GLN G 17 27.52 -17.88 50.10
C GLN G 17 28.75 -18.04 49.21
N LEU G 18 29.92 -18.01 49.84
CA LEU G 18 31.17 -18.27 49.13
C LEU G 18 31.16 -19.67 48.54
N GLU G 19 30.64 -20.62 49.31
CA GLU G 19 30.53 -22.00 48.85
C GLU G 19 29.64 -22.12 47.62
N LEU G 20 28.54 -21.38 47.61
CA LEU G 20 27.62 -21.40 46.49
C LEU G 20 28.17 -20.68 45.27
N ALA G 21 29.00 -19.66 45.52
CA ALA G 21 29.55 -18.86 44.44
C ALA G 21 30.82 -19.50 43.85
N LEU G 22 31.36 -20.48 44.56
CA LEU G 22 32.61 -21.13 44.15
C LEU G 22 32.54 -21.81 42.77
N PRO G 23 31.47 -22.58 42.48
CA PRO G 23 31.43 -23.18 41.14
C PRO G 23 31.39 -22.14 40.02
N ALA G 24 30.67 -21.05 40.26
CA ALA G 24 30.56 -19.99 39.27
C ALA G 24 31.89 -19.26 39.08
N MET G 25 32.62 -19.08 40.17
CA MET G 25 33.89 -18.36 40.14
C MET G 25 34.98 -19.21 39.46
N LYS G 26 34.68 -20.48 39.22
CA LYS G 26 35.60 -21.35 38.49
C LYS G 26 35.27 -21.33 37.00
N GLY G 27 34.29 -20.51 36.62
CA GLY G 27 33.92 -20.33 35.24
C GLY G 27 32.94 -21.37 34.72
N LYS G 28 32.44 -22.21 35.61
CA LYS G 28 31.52 -23.28 35.24
C LYS G 28 30.08 -22.78 35.24
N ASN G 29 29.31 -23.16 34.22
CA ASN G 29 27.89 -22.86 34.19
C ASN G 29 27.20 -23.56 35.36
N THR G 30 26.50 -22.80 36.18
CA THR G 30 26.06 -23.33 37.47
C THR G 30 24.64 -22.95 37.84
N ILE G 31 23.85 -23.95 38.23
CA ILE G 31 22.55 -23.69 38.83
C ILE G 31 22.67 -23.66 40.33
N ILE G 32 22.48 -22.49 40.93
CA ILE G 32 22.61 -22.33 42.37
C ILE G 32 21.27 -22.54 43.05
N CYS G 33 21.19 -23.59 43.86
CA CYS G 33 19.96 -23.95 44.55
C CYS G 33 20.14 -23.77 46.06
N ALA G 34 19.47 -22.76 46.61
CA ALA G 34 19.58 -22.45 48.03
C ALA G 34 18.26 -21.89 48.54
N PRO G 35 17.96 -22.11 49.84
CA PRO G 35 16.71 -21.66 50.45
C PRO G 35 16.47 -20.16 50.29
N THR G 36 15.22 -19.76 50.15
CA THR G 36 14.87 -18.35 49.97
C THR G 36 15.23 -17.52 51.20
N GLY G 37 15.98 -16.44 50.98
CA GLY G 37 16.36 -15.54 52.04
C GLY G 37 17.77 -15.79 52.55
N CYS G 38 18.49 -16.66 51.86
CA CYS G 38 19.88 -16.96 52.19
C CYS G 38 20.81 -15.84 51.75
N GLY G 39 20.25 -14.81 51.11
CA GLY G 39 21.04 -13.71 50.58
C GLY G 39 21.72 -13.97 49.25
N LYS G 40 20.94 -14.46 48.29
CA LYS G 40 21.44 -14.74 46.95
C LYS G 40 21.99 -13.49 46.23
N THR G 41 21.51 -12.33 46.64
CA THR G 41 21.93 -11.07 46.00
C THR G 41 23.44 -10.88 46.12
N PHE G 42 23.96 -11.09 47.32
CA PHE G 42 25.39 -10.92 47.56
C PHE G 42 26.19 -11.97 46.80
N VAL G 43 25.59 -13.14 46.61
CA VAL G 43 26.22 -14.19 45.82
C VAL G 43 26.38 -13.71 44.38
N SER G 44 25.31 -13.14 43.84
CA SER G 44 25.34 -12.57 42.49
C SER G 44 26.41 -11.50 42.39
N LEU G 45 26.49 -10.63 43.40
CA LEU G 45 27.50 -9.58 43.43
C LEU G 45 28.92 -10.16 43.42
N LEU G 46 29.13 -11.22 44.20
CA LEU G 46 30.42 -11.90 44.26
C LEU G 46 30.80 -12.43 42.89
N ILE G 47 29.88 -13.15 42.28
CA ILE G 47 30.11 -13.74 40.96
C ILE G 47 30.42 -12.67 39.91
N CYS G 48 29.69 -11.57 39.93
CA CYS G 48 29.91 -10.49 38.97
C CYS G 48 31.24 -9.79 39.18
N GLU G 49 31.58 -9.51 40.43
CA GLU G 49 32.83 -8.84 40.76
C GLU G 49 34.02 -9.70 40.33
N HIS G 50 33.98 -10.97 40.70
CA HIS G 50 35.01 -11.92 40.32
C HIS G 50 35.13 -12.01 38.80
N HIS G 51 33.99 -12.13 38.13
CA HIS G 51 33.95 -12.24 36.67
C HIS G 51 34.56 -11.03 35.98
N LEU G 52 34.29 -9.85 36.52
CA LEU G 52 34.79 -8.62 35.91
C LEU G 52 36.26 -8.38 36.21
N LYS G 53 36.72 -8.86 37.37
CA LYS G 53 38.13 -8.74 37.72
C LYS G 53 38.98 -9.81 37.04
N LYS G 54 38.31 -10.83 36.52
CA LYS G 54 38.98 -11.94 35.82
C LYS G 54 39.78 -11.48 34.60
N PHE G 55 39.22 -10.54 33.84
CA PHE G 55 39.81 -10.09 32.59
C PHE G 55 41.10 -9.31 32.79
N PRO G 56 42.07 -9.49 31.88
CA PRO G 56 43.34 -8.77 31.91
C PRO G 56 43.21 -7.34 31.41
N GLN G 57 44.30 -6.59 31.40
CA GLN G 57 44.29 -5.22 30.92
C GLN G 57 44.14 -5.19 29.41
N GLY G 58 43.23 -4.35 28.92
CA GLY G 58 42.96 -4.25 27.50
C GLY G 58 41.71 -5.02 27.12
N GLN G 59 41.11 -5.68 28.09
CA GLN G 59 39.89 -6.44 27.88
C GLN G 59 38.89 -6.18 29.01
N LYS G 60 37.61 -6.34 28.69
CA LYS G 60 36.55 -6.17 29.69
C LYS G 60 35.42 -7.15 29.43
N GLY G 61 34.68 -7.49 30.48
CA GLY G 61 33.55 -8.38 30.35
C GLY G 61 32.23 -7.63 30.33
N LYS G 62 31.17 -8.32 29.93
CA LYS G 62 29.83 -7.74 29.93
C LYS G 62 28.86 -8.71 30.57
N VAL G 63 28.28 -8.31 31.69
CA VAL G 63 27.38 -9.19 32.44
C VAL G 63 25.93 -8.75 32.28
N VAL G 64 25.05 -9.71 32.01
CA VAL G 64 23.63 -9.40 31.92
C VAL G 64 22.84 -10.18 32.98
N PHE G 65 22.00 -9.45 33.71
CA PHE G 65 21.20 -10.05 34.78
C PHE G 65 19.73 -10.05 34.40
N PHE G 66 19.10 -11.21 34.45
CA PHE G 66 17.70 -11.34 34.08
C PHE G 66 16.79 -11.43 35.31
N ALA G 67 16.00 -10.38 35.51
CA ALA G 67 14.96 -10.38 36.53
C ALA G 67 13.61 -10.46 35.84
N ASN G 68 12.76 -11.35 36.34
CA ASN G 68 11.51 -11.65 35.65
C ASN G 68 10.38 -10.68 36.01
N GLN G 69 10.58 -9.89 37.04
CA GLN G 69 9.56 -8.95 37.51
C GLN G 69 10.13 -7.55 37.73
N ILE G 70 9.29 -6.54 37.50
CA ILE G 70 9.73 -5.15 37.58
C ILE G 70 10.30 -4.72 38.95
N PRO G 71 9.63 -5.08 40.06
CA PRO G 71 10.24 -4.71 41.35
C PRO G 71 11.65 -5.31 41.54
N VAL G 72 11.80 -6.57 41.19
CA VAL G 72 13.10 -7.24 41.27
C VAL G 72 14.09 -6.58 40.32
N TYR G 73 13.59 -6.20 39.14
CA TYR G 73 14.40 -5.49 38.15
C TYR G 73 15.00 -4.21 38.73
N GLU G 74 14.13 -3.35 39.25
CA GLU G 74 14.56 -2.07 39.81
C GLU G 74 15.47 -2.27 41.01
N GLN G 75 15.14 -3.23 41.87
CA GLN G 75 15.95 -3.53 43.05
C GLN G 75 17.37 -3.92 42.64
N GLN G 76 17.48 -4.89 41.75
CA GLN G 76 18.78 -5.38 41.30
C GLN G 76 19.57 -4.30 40.58
N LYS G 77 18.88 -3.50 39.77
CA LYS G 77 19.55 -2.40 39.07
C LYS G 77 20.15 -1.43 40.07
N SER G 78 19.37 -1.11 41.11
CA SER G 78 19.83 -0.20 42.16
C SER G 78 21.05 -0.75 42.89
N VAL G 79 20.91 -1.97 43.40
CA VAL G 79 21.99 -2.62 44.16
C VAL G 79 23.28 -2.72 43.36
N PHE G 80 23.17 -3.22 42.13
CA PHE G 80 24.33 -3.36 41.26
C PHE G 80 24.94 -2.00 40.93
N SER G 81 24.09 -1.00 40.73
CA SER G 81 24.57 0.34 40.41
C SER G 81 25.38 0.93 41.55
N LYS G 82 24.86 0.85 42.78
CA LYS G 82 25.56 1.44 43.90
C LYS G 82 26.80 0.61 44.30
N TYR G 83 26.79 -0.67 43.96
CA TYR G 83 27.93 -1.53 44.28
C TYR G 83 29.09 -1.34 43.31
N PHE G 84 28.80 -1.36 42.01
CA PHE G 84 29.85 -1.41 40.99
C PHE G 84 30.24 -0.06 40.37
N GLU G 85 29.58 1.02 40.77
CA GLU G 85 29.90 2.33 40.21
C GLU G 85 31.28 2.78 40.66
N ARG G 86 31.58 2.55 41.94
CA ARG G 86 32.86 2.94 42.50
C ARG G 86 34.04 2.21 41.86
N HIS G 87 33.78 1.01 41.35
CA HIS G 87 34.83 0.19 40.77
C HIS G 87 35.00 0.45 39.27
N GLY G 88 34.26 1.41 38.75
CA GLY G 88 34.44 1.85 37.38
C GLY G 88 33.62 1.10 36.35
N TYR G 89 32.62 0.36 36.81
CA TYR G 89 31.75 -0.39 35.91
C TYR G 89 30.40 0.29 35.76
N ARG G 90 30.07 0.68 34.53
CA ARG G 90 28.79 1.34 34.27
C ARG G 90 27.66 0.33 34.27
N VAL G 91 26.64 0.60 35.07
CA VAL G 91 25.49 -0.29 35.18
C VAL G 91 24.23 0.38 34.66
N THR G 92 23.49 -0.34 33.82
CA THR G 92 22.23 0.19 33.30
C THR G 92 21.16 -0.90 33.30
N GLY G 93 19.98 -0.55 32.81
CA GLY G 93 18.91 -1.52 32.70
C GLY G 93 17.91 -1.18 31.62
N ILE G 94 17.22 -2.20 31.11
CA ILE G 94 16.18 -1.99 30.12
C ILE G 94 14.93 -2.77 30.50
N SER G 95 13.85 -2.07 30.76
CA SER G 95 12.56 -2.71 31.04
C SER G 95 11.57 -2.28 29.97
N GLY G 96 10.34 -2.78 30.08
CA GLY G 96 9.32 -2.52 29.08
C GLY G 96 9.04 -1.05 28.84
N ALA G 97 9.16 -0.24 29.88
CA ALA G 97 8.87 1.18 29.79
C ALA G 97 9.96 1.93 29.01
N THR G 98 11.21 1.56 29.25
CA THR G 98 12.35 2.24 28.63
C THR G 98 12.86 1.56 27.36
N ALA G 99 12.17 0.50 26.93
CA ALA G 99 12.66 -0.32 25.83
C ALA G 99 12.33 0.24 24.44
N GLU G 100 11.42 1.20 24.38
CA GLU G 100 10.93 1.67 23.08
C GLU G 100 11.68 2.87 22.53
N ASN G 101 11.91 2.86 21.22
CA ASN G 101 12.57 3.95 20.51
C ASN G 101 13.90 4.35 21.13
N VAL G 102 14.70 3.36 21.50
CA VAL G 102 16.03 3.59 22.05
C VAL G 102 17.04 2.66 21.39
N PRO G 103 18.26 3.16 21.17
CA PRO G 103 19.33 2.33 20.57
C PRO G 103 19.83 1.27 21.55
N VAL G 104 19.04 0.22 21.73
CA VAL G 104 19.33 -0.85 22.68
C VAL G 104 20.69 -1.49 22.45
N GLU G 105 21.10 -1.59 21.19
CA GLU G 105 22.41 -2.14 20.84
C GLU G 105 23.53 -1.32 21.45
N GLN G 106 23.46 0.00 21.30
CA GLN G 106 24.46 0.89 21.87
C GLN G 106 24.41 0.89 23.39
N ILE G 107 23.20 0.79 23.93
CA ILE G 107 23.01 0.72 25.38
C ILE G 107 23.73 -0.49 25.95
N VAL G 108 23.58 -1.62 25.28
CA VAL G 108 24.27 -2.85 25.67
C VAL G 108 25.78 -2.69 25.51
N GLU G 109 26.20 -2.12 24.39
CA GLU G 109 27.62 -1.98 24.08
C GLU G 109 28.34 -1.03 25.04
N ASN G 110 27.65 0.03 25.46
CA ASN G 110 28.29 1.09 26.25
C ASN G 110 28.23 0.85 27.76
N ASN G 111 27.72 -0.30 28.18
CA ASN G 111 27.64 -0.61 29.60
C ASN G 111 28.24 -1.96 29.96
N ASP G 112 28.85 -2.03 31.14
CA ASP G 112 29.47 -3.26 31.62
C ASP G 112 28.47 -4.23 32.23
N ILE G 113 27.53 -3.69 33.01
CA ILE G 113 26.50 -4.52 33.64
C ILE G 113 25.12 -4.07 33.19
N ILE G 114 24.33 -5.01 32.68
CA ILE G 114 23.03 -4.68 32.11
C ILE G 114 21.93 -5.53 32.72
N ILE G 115 20.98 -4.89 33.38
CA ILE G 115 19.86 -5.60 33.98
C ILE G 115 18.64 -5.55 33.05
N LEU G 116 18.11 -6.72 32.73
CA LEU G 116 17.09 -6.86 31.70
C LEU G 116 15.92 -7.70 32.16
N THR G 117 14.75 -7.43 31.60
CA THR G 117 13.65 -8.38 31.62
C THR G 117 13.78 -9.20 30.35
N PRO G 118 13.59 -10.52 30.45
CA PRO G 118 13.90 -11.46 29.36
C PRO G 118 13.21 -11.13 28.03
N GLN G 119 12.00 -10.58 28.11
CA GLN G 119 11.22 -10.30 26.92
C GLN G 119 11.90 -9.27 26.01
N ILE G 120 12.60 -8.31 26.62
CA ILE G 120 13.36 -7.32 25.85
C ILE G 120 14.39 -8.02 24.98
N LEU G 121 15.13 -8.94 25.58
CA LEU G 121 16.19 -9.63 24.85
C LEU G 121 15.60 -10.58 23.82
N VAL G 122 14.46 -11.18 24.13
CA VAL G 122 13.79 -12.04 23.17
C VAL G 122 13.38 -11.27 21.91
N ASN G 123 12.67 -10.16 22.13
CA ASN G 123 12.22 -9.32 21.02
C ASN G 123 13.38 -8.75 20.21
N ASN G 124 14.40 -8.26 20.91
CA ASN G 124 15.56 -7.67 20.23
C ASN G 124 16.40 -8.70 19.49
N LEU G 125 16.39 -9.95 19.98
CA LEU G 125 17.07 -11.03 19.28
C LEU G 125 16.29 -11.40 18.02
N LYS G 126 14.97 -11.45 18.14
CA LYS G 126 14.12 -11.81 17.02
C LYS G 126 14.19 -10.77 15.89
N LYS G 127 14.12 -9.49 16.26
CA LYS G 127 14.14 -8.42 15.27
C LYS G 127 15.56 -8.19 14.76
N GLY G 128 16.55 -8.58 15.56
CA GLY G 128 17.93 -8.61 15.10
C GLY G 128 18.80 -7.45 15.54
N THR G 129 18.29 -6.60 16.43
CA THR G 129 19.04 -5.46 16.92
C THR G 129 20.28 -5.94 17.66
N ILE G 130 20.13 -7.03 18.42
CA ILE G 130 21.27 -7.72 18.99
C ILE G 130 21.52 -8.99 18.19
N PRO G 131 22.59 -8.99 17.40
CA PRO G 131 22.89 -10.07 16.45
C PRO G 131 23.19 -11.41 17.13
N SER G 132 23.91 -11.37 18.24
CA SER G 132 24.31 -12.59 18.92
C SER G 132 24.39 -12.40 20.43
N LEU G 133 24.36 -13.51 21.17
CA LEU G 133 24.51 -13.48 22.61
C LEU G 133 25.99 -13.46 22.99
N SER G 134 26.85 -13.47 21.98
CA SER G 134 28.30 -13.46 22.18
C SER G 134 28.78 -12.13 22.79
N ILE G 135 27.93 -11.12 22.74
CA ILE G 135 28.27 -9.81 23.26
C ILE G 135 28.39 -9.85 24.79
N PHE G 136 27.75 -10.83 25.41
CA PHE G 136 27.82 -11.00 26.86
C PHE G 136 28.85 -12.08 27.22
N THR G 137 29.66 -11.80 28.23
CA THR G 137 30.56 -12.83 28.76
C THR G 137 29.93 -13.60 29.93
N LEU G 138 28.84 -13.06 30.48
CA LEU G 138 28.16 -13.71 31.59
C LEU G 138 26.65 -13.43 31.60
N MET G 139 25.87 -14.45 31.91
CA MET G 139 24.42 -14.34 32.03
C MET G 139 23.97 -14.89 33.38
N ILE G 140 23.07 -14.17 34.03
CA ILE G 140 22.52 -14.64 35.30
C ILE G 140 21.00 -14.69 35.22
N PHE G 141 20.41 -15.86 35.48
CA PHE G 141 18.97 -16.00 35.44
C PHE G 141 18.37 -16.04 36.84
N ASP G 142 17.63 -15.00 37.21
CA ASP G 142 16.94 -15.02 38.51
C ASP G 142 15.68 -15.87 38.38
N GLU G 143 15.45 -16.72 39.36
CA GLU G 143 14.38 -17.72 39.31
C GLU G 143 14.50 -18.54 38.03
N CYS G 144 15.59 -19.30 37.93
CA CYS G 144 15.93 -20.00 36.70
C CYS G 144 15.10 -21.25 36.48
N HIS G 145 14.32 -21.63 37.48
CA HIS G 145 13.40 -22.77 37.36
C HIS G 145 12.31 -22.46 36.34
N ASN G 146 12.17 -21.18 36.03
CA ASN G 146 11.22 -20.72 35.01
C ASN G 146 11.69 -21.03 33.61
N THR G 147 12.89 -21.60 33.47
CA THR G 147 13.39 -21.89 32.15
C THR G 147 12.90 -23.28 31.75
N SER G 148 11.92 -23.27 30.86
CA SER G 148 11.19 -24.45 30.43
C SER G 148 10.07 -23.99 29.52
N LYS G 149 9.49 -24.92 28.76
CA LYS G 149 8.36 -24.64 27.89
C LYS G 149 8.60 -23.42 27.00
N GLN G 150 7.60 -22.55 26.90
CA GLN G 150 7.68 -21.36 26.04
C GLN G 150 8.06 -20.07 26.77
N HIS G 151 8.36 -20.17 28.06
CA HIS G 151 8.75 -19.01 28.86
C HIS G 151 9.97 -18.30 28.26
N PRO G 152 9.99 -16.96 28.29
CA PRO G 152 11.03 -16.12 27.69
C PRO G 152 12.46 -16.54 28.02
N TYR G 153 12.70 -17.01 29.25
CA TYR G 153 14.00 -17.54 29.62
C TYR G 153 14.41 -18.65 28.66
N ASN G 154 13.48 -19.58 28.45
CA ASN G 154 13.70 -20.70 27.55
C ASN G 154 13.85 -20.23 26.11
N MET G 155 13.18 -19.12 25.78
CA MET G 155 13.29 -18.53 24.44
C MET G 155 14.69 -17.99 24.20
N ILE G 156 15.29 -17.43 25.24
CA ILE G 156 16.67 -16.96 25.16
C ILE G 156 17.64 -18.13 25.06
N MET G 157 17.43 -19.12 25.93
CA MET G 157 18.30 -20.28 25.96
C MET G 157 18.20 -21.09 24.67
N PHE G 158 17.08 -20.95 23.95
CA PHE G 158 16.93 -21.60 22.66
C PHE G 158 17.89 -20.98 21.65
N ASN G 159 18.03 -19.66 21.72
CA ASN G 159 19.00 -18.95 20.89
C ASN G 159 20.41 -19.39 21.25
N TYR G 160 20.66 -19.45 22.56
CA TYR G 160 21.96 -19.92 23.07
C TYR G 160 22.34 -21.29 22.52
N LEU G 161 21.42 -22.24 22.63
CA LEU G 161 21.67 -23.62 22.22
C LEU G 161 21.71 -23.77 20.70
N ASP G 162 20.93 -22.95 19.98
CA ASP G 162 20.96 -22.96 18.53
C ASP G 162 22.30 -22.47 18.03
N GLN G 163 22.88 -21.51 18.74
CA GLN G 163 24.21 -21.02 18.37
C GLN G 163 25.30 -22.02 18.77
N LYS G 164 25.12 -22.65 19.93
CA LYS G 164 26.08 -23.64 20.42
C LYS G 164 26.18 -24.86 19.52
N LEU G 165 25.02 -25.41 19.16
CA LEU G 165 24.94 -26.63 18.39
C LEU G 165 25.14 -26.38 16.91
N GLY G 166 25.04 -25.11 16.51
CA GLY G 166 25.22 -24.74 15.11
C GLY G 166 26.67 -24.71 14.70
N GLY G 167 26.93 -24.19 13.50
CA GLY G 167 28.28 -24.11 12.99
C GLY G 167 28.95 -22.79 13.33
N SER G 168 28.25 -21.95 14.08
CA SER G 168 28.79 -20.66 14.50
C SER G 168 29.92 -20.87 15.50
N SER G 169 31.09 -20.31 15.18
CA SER G 169 32.29 -20.49 15.98
C SER G 169 32.47 -19.38 17.02
N GLY G 170 31.48 -18.50 17.11
CA GLY G 170 31.51 -17.43 18.08
C GLY G 170 31.48 -17.95 19.51
N PRO G 171 32.02 -17.15 20.45
CA PRO G 171 32.09 -17.52 21.87
C PRO G 171 30.74 -17.36 22.59
N LEU G 172 30.53 -18.12 23.64
CA LEU G 172 29.28 -18.07 24.39
C LEU G 172 29.52 -17.72 25.86
N PRO G 173 28.57 -16.99 26.46
CA PRO G 173 28.68 -16.54 27.86
C PRO G 173 28.45 -17.66 28.88
N GLN G 174 29.09 -17.52 30.03
CA GLN G 174 28.85 -18.42 31.17
C GLN G 174 27.43 -18.23 31.67
N VAL G 175 26.75 -19.34 31.98
CA VAL G 175 25.36 -19.26 32.43
C VAL G 175 25.20 -19.64 33.90
N ILE G 176 24.69 -18.69 34.69
CA ILE G 176 24.46 -18.93 36.11
C ILE G 176 22.99 -18.77 36.47
N GLY G 177 22.34 -19.88 36.81
CA GLY G 177 20.96 -19.85 37.25
C GLY G 177 20.86 -19.69 38.75
N LEU G 178 19.75 -19.13 39.21
CA LEU G 178 19.51 -18.94 40.63
C LEU G 178 18.10 -19.36 41.00
N THR G 179 17.96 -20.33 41.90
CA THR G 179 16.62 -20.75 42.31
C THR G 179 16.57 -21.35 43.71
N ALA G 180 15.42 -21.26 44.35
CA ALA G 180 15.19 -21.92 45.62
C ALA G 180 14.84 -23.39 45.41
N SER G 181 14.15 -23.67 44.31
CA SER G 181 13.79 -25.03 43.94
C SER G 181 13.86 -25.22 42.43
N VAL G 182 14.54 -26.28 41.99
CA VAL G 182 14.62 -26.60 40.57
C VAL G 182 13.33 -27.29 40.11
N GLY G 183 12.70 -28.02 41.02
CA GLY G 183 11.45 -28.70 40.75
C GLY G 183 11.67 -30.08 40.16
N VAL G 184 10.77 -31.01 40.47
CA VAL G 184 10.79 -32.33 39.85
C VAL G 184 9.78 -32.47 38.72
N GLY G 185 8.97 -31.44 38.51
CA GLY G 185 7.83 -31.55 37.64
C GLY G 185 6.78 -32.42 38.32
N ASP G 186 6.11 -33.26 37.53
CA ASP G 186 5.06 -34.13 38.06
C ASP G 186 5.54 -35.55 38.40
N ALA G 187 6.85 -35.77 38.33
CA ALA G 187 7.45 -37.10 38.49
C ALA G 187 6.96 -37.85 39.73
N LYS G 188 6.63 -39.13 39.55
CA LYS G 188 6.10 -39.96 40.62
C LYS G 188 7.17 -40.74 41.38
N ASN G 189 8.39 -40.74 40.87
CA ASN G 189 9.50 -41.41 41.54
C ASN G 189 10.83 -40.72 41.26
N THR G 190 11.84 -41.04 42.07
CA THR G 190 13.12 -40.33 42.02
C THR G 190 13.82 -40.41 40.67
N ASP G 191 13.64 -41.52 39.96
CA ASP G 191 14.30 -41.73 38.68
C ASP G 191 13.78 -40.79 37.60
N GLU G 192 12.49 -40.47 37.67
CA GLU G 192 11.90 -39.53 36.71
C GLU G 192 12.28 -38.10 37.08
N ALA G 193 12.28 -37.81 38.37
CA ALA G 193 12.69 -36.52 38.90
C ALA G 193 14.10 -36.18 38.45
N LEU G 194 14.98 -37.18 38.51
CA LEU G 194 16.35 -37.03 38.06
C LEU G 194 16.39 -36.56 36.61
N ASP G 195 15.48 -37.08 35.80
CA ASP G 195 15.43 -36.72 34.39
C ASP G 195 14.88 -35.30 34.20
N TYR G 196 13.89 -34.92 34.98
CA TYR G 196 13.38 -33.56 34.92
C TYR G 196 14.49 -32.56 35.24
N ILE G 197 15.22 -32.83 36.32
CA ILE G 197 16.32 -31.97 36.72
C ILE G 197 17.41 -31.95 35.64
N CYS G 198 17.69 -33.10 35.04
CA CYS G 198 18.67 -33.18 33.98
C CYS G 198 18.28 -32.34 32.77
N LYS G 199 16.99 -32.33 32.44
CA LYS G 199 16.52 -31.57 31.29
C LYS G 199 16.48 -30.08 31.61
N LEU G 200 16.27 -29.74 32.87
CA LEU G 200 16.40 -28.35 33.29
C LEU G 200 17.84 -27.89 33.15
N CYS G 201 18.78 -28.73 33.57
CA CYS G 201 20.19 -28.42 33.42
C CYS G 201 20.57 -28.32 31.95
N ALA G 202 19.91 -29.10 31.12
CA ALA G 202 20.14 -29.07 29.69
C ALA G 202 19.62 -27.78 29.09
N SER G 203 18.52 -27.28 29.64
CA SER G 203 17.91 -26.03 29.17
C SER G 203 18.81 -24.84 29.47
N LEU G 204 19.48 -24.86 30.61
CA LEU G 204 20.35 -23.76 31.02
C LEU G 204 21.82 -24.02 30.70
N ASP G 205 22.10 -25.17 30.08
CA ASP G 205 23.46 -25.56 29.72
C ASP G 205 24.40 -25.54 30.93
N ALA G 206 23.90 -26.03 32.06
CA ALA G 206 24.67 -26.02 33.30
C ALA G 206 25.23 -27.41 33.63
N SER G 207 26.52 -27.47 33.91
CA SER G 207 27.17 -28.74 34.24
C SER G 207 27.30 -28.95 35.75
N VAL G 208 26.90 -27.96 36.54
CA VAL G 208 27.06 -28.04 37.99
C VAL G 208 25.84 -27.50 38.75
N ILE G 209 25.36 -28.29 39.71
CA ILE G 209 24.31 -27.83 40.61
C ILE G 209 24.89 -27.55 41.99
N ALA G 210 24.93 -26.27 42.37
CA ALA G 210 25.57 -25.87 43.62
C ALA G 210 24.55 -25.76 44.76
N THR G 211 24.79 -26.52 45.82
CA THR G 211 23.97 -26.43 47.03
C THR G 211 24.87 -26.34 48.25
N VAL G 212 24.35 -25.82 49.35
CA VAL G 212 25.13 -25.71 50.57
C VAL G 212 25.27 -27.07 51.25
N LYS G 213 26.51 -27.49 51.47
CA LYS G 213 26.79 -28.79 52.04
C LYS G 213 27.68 -28.71 53.27
N HIS G 214 28.91 -28.24 53.07
CA HIS G 214 29.88 -28.14 54.15
C HIS G 214 29.42 -27.15 55.23
N ASN G 215 28.75 -26.09 54.79
CA ASN G 215 28.35 -25.00 55.66
C ASN G 215 26.92 -25.06 56.23
N LEU G 216 26.25 -26.19 56.03
CA LEU G 216 24.83 -26.34 56.39
C LEU G 216 24.44 -25.78 57.76
N GLU G 217 25.32 -26.01 58.74
CA GLU G 217 25.05 -25.62 60.13
C GLU G 217 24.99 -24.09 60.30
N GLU G 218 25.61 -23.36 59.38
CA GLU G 218 25.49 -21.91 59.33
C GLU G 218 24.18 -21.49 58.65
N LEU G 219 23.94 -22.10 57.50
CA LEU G 219 22.81 -21.75 56.64
C LEU G 219 21.46 -21.96 57.30
N GLU G 220 21.24 -23.14 57.86
CA GLU G 220 19.96 -23.49 58.47
C GLU G 220 19.59 -22.49 59.57
N GLN G 221 20.61 -21.93 60.21
CA GLN G 221 20.38 -20.96 61.27
C GLN G 221 20.37 -19.51 60.81
N VAL G 222 20.74 -19.26 59.55
CA VAL G 222 20.34 -17.99 58.94
C VAL G 222 18.86 -18.10 58.51
N VAL G 223 18.52 -19.20 57.85
CA VAL G 223 17.14 -19.44 57.44
C VAL G 223 16.54 -20.70 58.06
N TYR G 224 15.62 -20.51 59.01
CA TYR G 224 14.94 -21.63 59.65
C TYR G 224 13.77 -22.14 58.81
N LYS G 225 13.45 -23.42 58.98
CA LYS G 225 12.31 -24.01 58.31
C LYS G 225 11.09 -24.02 59.23
N PRO G 226 10.09 -23.18 58.92
CA PRO G 226 8.86 -23.10 59.72
C PRO G 226 8.12 -24.43 59.74
N GLN G 227 7.49 -24.75 60.87
CA GLN G 227 6.77 -26.01 60.98
C GLN G 227 5.37 -25.89 60.39
N LYS G 228 4.95 -26.92 59.67
CA LYS G 228 3.68 -26.91 58.97
C LYS G 228 2.63 -27.76 59.68
N PHE G 229 1.42 -27.23 59.75
CA PHE G 229 0.29 -27.92 60.38
C PHE G 229 -0.85 -28.02 59.37
N PHE G 230 -1.55 -29.14 59.39
CA PHE G 230 -2.66 -29.34 58.47
C PHE G 230 -3.99 -29.33 59.19
N ARG G 231 -4.79 -28.30 58.93
CA ARG G 231 -6.10 -28.18 59.54
C ARG G 231 -7.20 -28.59 58.57
N LYS G 232 -7.81 -29.73 58.87
CA LYS G 232 -8.94 -30.23 58.10
C LYS G 232 -10.23 -29.96 58.85
N VAL G 233 -11.12 -29.20 58.23
CA VAL G 233 -12.41 -28.88 58.82
C VAL G 233 -13.53 -29.37 57.92
N GLU G 234 -14.72 -29.54 58.48
CA GLU G 234 -15.88 -29.98 57.70
C GLU G 234 -16.53 -28.84 56.93
N SER G 235 -17.22 -29.19 55.85
CA SER G 235 -18.05 -28.27 55.08
C SER G 235 -19.28 -27.86 55.89
N ARG G 236 -19.97 -26.83 55.42
CA ARG G 236 -21.04 -26.19 56.20
C ARG G 236 -22.29 -27.06 56.24
N ILE G 237 -22.59 -27.65 57.40
CA ILE G 237 -23.95 -27.87 57.95
C ILE G 237 -25.00 -27.99 56.85
N SER G 238 -25.96 -27.07 56.89
CA SER G 238 -26.99 -26.92 55.88
C SER G 238 -26.97 -25.50 55.36
N ASP G 239 -27.09 -25.34 54.05
CA ASP G 239 -27.07 -24.01 53.47
C ASP G 239 -28.46 -23.62 52.97
N LYS G 240 -29.10 -22.70 53.68
CA LYS G 240 -30.39 -22.16 53.27
C LYS G 240 -30.16 -21.21 52.10
N PHE G 241 -29.07 -20.45 52.21
CA PHE G 241 -28.61 -19.55 51.16
C PHE G 241 -28.50 -20.31 49.84
N LYS G 242 -27.84 -21.46 49.87
CA LYS G 242 -27.66 -22.26 48.67
C LYS G 242 -28.99 -22.78 48.13
N TYR G 243 -29.92 -23.06 49.02
CA TYR G 243 -31.25 -23.50 48.60
C TYR G 243 -31.95 -22.40 47.80
N ILE G 244 -32.00 -21.21 48.38
CA ILE G 244 -32.62 -20.06 47.73
C ILE G 244 -31.96 -19.77 46.38
N ILE G 245 -30.64 -19.62 46.39
CA ILE G 245 -29.89 -19.34 45.18
C ILE G 245 -30.10 -20.44 44.13
N ALA G 246 -30.26 -21.67 44.60
CA ALA G 246 -30.52 -22.79 43.69
C ALA G 246 -31.87 -22.63 43.02
N GLN G 247 -32.87 -22.24 43.79
CA GLN G 247 -34.21 -22.02 43.24
C GLN G 247 -34.17 -20.92 42.19
N LEU G 248 -33.45 -19.84 42.50
CA LEU G 248 -33.28 -18.75 41.54
C LEU G 248 -32.57 -19.25 40.28
N MET G 249 -31.60 -20.14 40.47
CA MET G 249 -30.84 -20.69 39.36
C MET G 249 -31.69 -21.53 38.43
N ARG G 250 -32.55 -22.38 39.00
CA ARG G 250 -33.39 -23.24 38.18
C ARG G 250 -34.55 -22.45 37.57
N ASP G 251 -34.91 -21.33 38.19
CA ASP G 251 -35.91 -20.45 37.61
C ASP G 251 -35.34 -19.72 36.39
N THR G 252 -34.13 -19.19 36.54
CA THR G 252 -33.43 -18.56 35.43
C THR G 252 -33.19 -19.59 34.33
N GLU G 253 -32.87 -20.82 34.75
CA GLU G 253 -32.70 -21.94 33.84
C GLU G 253 -34.00 -22.26 33.12
N SER G 254 -35.13 -22.01 33.77
CA SER G 254 -36.43 -22.23 33.16
C SER G 254 -36.70 -21.14 32.12
N LEU G 255 -36.26 -19.92 32.43
CA LEU G 255 -36.39 -18.81 31.48
C LEU G 255 -35.54 -19.06 30.24
N ALA G 256 -34.37 -19.67 30.44
CA ALA G 256 -33.47 -19.96 29.32
C ALA G 256 -33.88 -21.21 28.54
N LYS G 257 -34.50 -22.16 29.23
CA LYS G 257 -34.87 -23.43 28.62
C LYS G 257 -36.14 -23.30 27.80
N ARG G 258 -36.82 -22.17 27.94
CA ARG G 258 -38.02 -21.90 27.14
C ARG G 258 -37.66 -21.84 25.67
N ILE G 259 -36.51 -21.20 25.38
CA ILE G 259 -36.06 -21.02 24.00
C ILE G 259 -35.33 -22.25 23.43
N CYS G 260 -34.47 -22.86 24.24
CA CYS G 260 -33.59 -23.92 23.74
C CYS G 260 -33.76 -25.26 24.44
N LYS G 261 -33.31 -26.31 23.78
CA LYS G 261 -33.39 -27.66 24.34
C LYS G 261 -32.04 -28.36 24.28
N ARG G 272 -24.61 -32.88 37.49
CA ARG G 272 -24.19 -31.48 37.50
C ARG G 272 -25.03 -30.68 38.49
N GLU G 273 -24.37 -30.14 39.51
CA GLU G 273 -25.07 -29.41 40.57
C GLU G 273 -24.66 -27.94 40.60
N PHE G 274 -25.24 -27.19 41.54
CA PHE G 274 -25.00 -25.76 41.65
C PHE G 274 -23.89 -25.45 42.63
N GLY G 275 -23.10 -24.42 42.34
CA GLY G 275 -22.02 -24.01 43.21
C GLY G 275 -20.77 -24.82 42.99
N THR G 276 -20.63 -25.36 41.78
CA THR G 276 -19.47 -26.18 41.43
C THR G 276 -18.78 -25.63 40.19
N GLN G 277 -17.54 -26.06 39.98
CA GLN G 277 -16.75 -25.64 38.83
C GLN G 277 -17.31 -26.22 37.54
N LYS G 278 -17.88 -27.42 37.64
CA LYS G 278 -18.48 -28.11 36.51
C LYS G 278 -19.63 -27.29 35.93
N TYR G 279 -20.45 -26.73 36.81
CA TYR G 279 -21.58 -25.91 36.40
C TYR G 279 -21.08 -24.66 35.68
N GLU G 280 -19.90 -24.18 36.09
CA GLU G 280 -19.30 -23.01 35.46
C GLU G 280 -18.85 -23.34 34.03
N GLN G 281 -18.13 -24.44 33.89
CA GLN G 281 -17.71 -24.87 32.55
C GLN G 281 -18.92 -25.07 31.65
N TRP G 282 -19.94 -25.72 32.19
CA TRP G 282 -21.16 -25.99 31.46
C TRP G 282 -21.86 -24.71 31.01
N ILE G 283 -22.04 -23.77 31.94
CA ILE G 283 -22.75 -22.54 31.62
C ILE G 283 -21.94 -21.70 30.64
N VAL G 284 -20.62 -21.84 30.66
CA VAL G 284 -19.77 -21.15 29.70
C VAL G 284 -19.97 -21.72 28.30
N THR G 285 -19.86 -23.04 28.17
CA THR G 285 -20.03 -23.69 26.88
C THR G 285 -21.44 -23.47 26.32
N VAL G 286 -22.43 -23.42 27.22
CA VAL G 286 -23.80 -23.13 26.84
C VAL G 286 -23.94 -21.70 26.33
N GLN G 287 -23.34 -20.76 27.05
CA GLN G 287 -23.36 -19.36 26.63
C GLN G 287 -22.73 -19.21 25.25
N LYS G 288 -21.67 -19.98 24.99
CA LYS G 288 -21.05 -19.97 23.67
C LYS G 288 -21.93 -20.63 22.62
N ALA G 289 -22.73 -21.59 23.05
CA ALA G 289 -23.63 -22.30 22.14
C ALA G 289 -24.78 -21.39 21.70
N CYS G 290 -25.15 -20.46 22.56
CA CYS G 290 -26.25 -19.55 22.26
C CYS G 290 -25.82 -18.44 21.30
N MET G 291 -24.51 -18.30 21.11
CA MET G 291 -23.98 -17.29 20.22
C MET G 291 -23.92 -17.81 18.78
N VAL G 292 -24.21 -19.09 18.61
CA VAL G 292 -24.32 -19.67 17.28
C VAL G 292 -25.77 -19.67 16.82
N PHE G 293 -26.68 -19.35 17.73
CA PHE G 293 -28.11 -19.35 17.43
C PHE G 293 -28.45 -18.40 16.29
N GLN G 294 -29.18 -18.90 15.30
CA GLN G 294 -29.45 -18.14 14.09
C GLN G 294 -30.90 -18.25 13.61
N MET G 295 -31.46 -17.11 13.23
CA MET G 295 -32.80 -17.05 12.67
C MET G 295 -32.82 -16.23 11.39
N PRO G 296 -33.76 -16.52 10.48
CA PRO G 296 -33.96 -15.67 9.30
C PRO G 296 -34.24 -14.22 9.68
N ASP G 297 -34.94 -14.02 10.79
CA ASP G 297 -35.16 -12.69 11.34
C ASP G 297 -33.99 -12.32 12.26
N LYS G 298 -33.26 -11.28 11.88
CA LYS G 298 -32.04 -10.90 12.59
C LYS G 298 -32.28 -10.07 13.84
N ASP G 299 -33.39 -9.33 13.88
CA ASP G 299 -33.69 -8.49 15.04
C ASP G 299 -34.20 -9.33 16.21
N GLU G 300 -35.13 -10.23 15.92
CA GLU G 300 -35.61 -11.17 16.92
C GLU G 300 -34.48 -12.06 17.40
N GLU G 301 -33.61 -12.44 16.47
CA GLU G 301 -32.40 -13.19 16.80
C GLU G 301 -31.52 -12.39 17.75
N SER G 302 -31.39 -11.10 17.47
CA SER G 302 -30.62 -10.20 18.31
C SER G 302 -31.17 -10.20 19.74
N ARG G 303 -32.49 -10.04 19.85
CA ARG G 303 -33.14 -10.01 21.16
C ARG G 303 -32.98 -11.33 21.91
N ILE G 304 -33.07 -12.44 21.17
CA ILE G 304 -32.98 -13.77 21.78
C ILE G 304 -31.56 -14.09 22.26
N CYS G 305 -30.57 -13.77 21.43
CA CYS G 305 -29.17 -14.00 21.79
C CYS G 305 -28.76 -13.10 22.96
N LYS G 306 -29.25 -11.87 22.94
CA LYS G 306 -29.04 -10.94 24.05
C LYS G 306 -29.66 -11.52 25.32
N ALA G 307 -30.86 -12.08 25.16
CA ALA G 307 -31.59 -12.71 26.26
C ALA G 307 -30.79 -13.84 26.89
N LEU G 308 -30.34 -14.77 26.05
CA LEU G 308 -29.62 -15.95 26.50
C LEU G 308 -28.28 -15.57 27.11
N PHE G 309 -27.65 -14.54 26.55
CA PHE G 309 -26.41 -14.01 27.10
C PHE G 309 -26.65 -13.48 28.52
N LEU G 310 -27.73 -12.73 28.69
CA LEU G 310 -28.10 -12.18 29.99
C LEU G 310 -28.38 -13.28 31.02
N TYR G 311 -29.19 -14.26 30.62
CA TYR G 311 -29.56 -15.37 31.50
C TYR G 311 -28.34 -16.18 31.92
N THR G 312 -27.51 -16.55 30.96
CA THR G 312 -26.30 -17.31 31.24
C THR G 312 -25.35 -16.51 32.13
N SER G 313 -25.30 -15.20 31.92
CA SER G 313 -24.47 -14.32 32.74
C SER G 313 -24.92 -14.32 34.20
N HIS G 314 -26.21 -14.07 34.41
CA HIS G 314 -26.76 -14.07 35.77
C HIS G 314 -26.59 -15.43 36.43
N LEU G 315 -26.71 -16.49 35.65
CA LEU G 315 -26.50 -17.85 36.12
C LEU G 315 -25.08 -18.02 36.64
N ARG G 316 -24.12 -17.59 35.81
CA ARG G 316 -22.71 -17.60 36.18
C ARG G 316 -22.46 -16.86 37.49
N LYS G 317 -22.98 -15.64 37.59
CA LYS G 317 -22.82 -14.83 38.80
C LYS G 317 -23.41 -15.52 40.03
N TYR G 318 -24.55 -16.17 39.86
CA TYR G 318 -25.16 -16.94 40.95
C TYR G 318 -24.21 -18.05 41.40
N ASN G 319 -23.66 -18.78 40.44
CA ASN G 319 -22.71 -19.86 40.73
C ASN G 319 -21.51 -19.37 41.53
N ASP G 320 -20.89 -18.30 41.03
CA ASP G 320 -19.77 -17.67 41.72
C ASP G 320 -20.15 -17.29 43.15
N ALA G 321 -21.34 -16.71 43.30
CA ALA G 321 -21.84 -16.32 44.61
C ALA G 321 -21.90 -17.53 45.55
N LEU G 322 -22.38 -18.65 45.03
CA LEU G 322 -22.43 -19.87 45.83
C LEU G 322 -21.04 -20.32 46.28
N ILE G 323 -20.08 -20.32 45.36
CA ILE G 323 -18.72 -20.71 45.71
C ILE G 323 -18.14 -19.79 46.80
N ILE G 324 -18.36 -18.48 46.63
CA ILE G 324 -17.92 -17.50 47.62
C ILE G 324 -18.54 -17.78 48.99
N SER G 325 -19.84 -18.08 49.01
CA SER G 325 -20.51 -18.39 50.26
C SER G 325 -19.95 -19.66 50.88
N GLU G 326 -19.46 -20.57 50.03
CA GLU G 326 -18.84 -21.79 50.52
C GLU G 326 -17.51 -21.49 51.20
N HIS G 327 -16.71 -20.61 50.61
CA HIS G 327 -15.39 -20.32 51.18
C HIS G 327 -15.37 -19.12 52.13
N ALA G 328 -16.50 -18.46 52.30
CA ALA G 328 -16.57 -17.25 53.11
C ALA G 328 -17.93 -17.07 53.76
N ARG G 329 -18.18 -15.88 54.30
CA ARG G 329 -19.48 -15.57 54.88
C ARG G 329 -20.57 -15.53 53.82
N MET G 330 -21.82 -15.70 54.24
CA MET G 330 -22.95 -15.54 53.33
C MET G 330 -23.10 -14.06 52.96
N LYS G 331 -22.75 -13.18 53.88
CA LYS G 331 -22.79 -11.75 53.64
C LYS G 331 -21.87 -11.37 52.49
N ASP G 332 -20.76 -12.09 52.35
CA ASP G 332 -19.83 -11.84 51.26
C ASP G 332 -20.45 -12.18 49.92
N ALA G 333 -21.20 -13.28 49.89
CA ALA G 333 -21.89 -13.72 48.68
C ALA G 333 -22.99 -12.75 48.31
N LEU G 334 -23.79 -12.35 49.30
CA LEU G 334 -24.87 -11.40 49.08
C LEU G 334 -24.34 -10.03 48.64
N ASP G 335 -23.17 -9.66 49.16
CA ASP G 335 -22.54 -8.41 48.78
C ASP G 335 -21.99 -8.51 47.36
N TYR G 336 -21.55 -9.70 46.99
CA TYR G 336 -21.12 -9.96 45.62
C TYR G 336 -22.28 -9.79 44.65
N LEU G 337 -23.40 -10.42 44.98
CA LEU G 337 -24.60 -10.33 44.15
C LEU G 337 -25.12 -8.89 44.08
N LYS G 338 -25.14 -8.21 45.22
CA LYS G 338 -25.57 -6.82 45.28
C LYS G 338 -24.70 -5.93 44.42
N ASP G 339 -23.39 -6.19 44.45
CA ASP G 339 -22.43 -5.48 43.62
C ASP G 339 -22.77 -5.69 42.16
N PHE G 340 -22.99 -6.95 41.80
CA PHE G 340 -23.33 -7.32 40.43
C PHE G 340 -24.58 -6.62 39.92
N PHE G 341 -25.66 -6.72 40.69
CA PHE G 341 -26.93 -6.13 40.29
C PHE G 341 -26.88 -4.60 40.29
N SER G 342 -26.05 -4.04 41.16
CA SER G 342 -25.85 -2.59 41.18
C SER G 342 -25.19 -2.15 39.88
N ASN G 343 -24.11 -2.85 39.51
CA ASN G 343 -23.42 -2.57 38.26
C ASN G 343 -24.33 -2.79 37.05
N VAL G 344 -25.24 -3.75 37.17
CA VAL G 344 -26.23 -4.00 36.12
C VAL G 344 -27.18 -2.81 36.01
N ARG G 345 -27.59 -2.27 37.15
CA ARG G 345 -28.49 -1.13 37.19
C ARG G 345 -27.85 0.12 36.60
N ALA G 346 -26.57 0.33 36.91
CA ALA G 346 -25.85 1.51 36.43
C ALA G 346 -25.71 1.53 34.92
N ALA G 347 -25.61 0.35 34.31
CA ALA G 347 -25.42 0.24 32.87
C ALA G 347 -26.72 0.46 32.11
N GLY G 348 -27.82 0.57 32.85
CA GLY G 348 -29.14 0.71 32.25
C GLY G 348 -29.84 -0.63 32.20
N PHE G 349 -31.16 -0.61 32.30
CA PHE G 349 -31.93 -1.85 32.38
C PHE G 349 -32.55 -2.26 31.04
N ASP G 350 -32.19 -3.45 30.59
CA ASP G 350 -32.92 -4.11 29.51
C ASP G 350 -34.24 -4.61 30.09
N GLU G 351 -35.19 -4.88 29.21
CA GLU G 351 -36.48 -5.44 29.59
C GLU G 351 -36.33 -6.66 30.51
N ILE G 352 -35.35 -7.50 30.20
CA ILE G 352 -35.11 -8.74 30.91
C ILE G 352 -34.34 -8.59 32.23
N GLU G 353 -33.28 -7.78 32.21
CA GLU G 353 -32.46 -7.58 33.39
C GLU G 353 -33.28 -6.97 34.51
N GLN G 354 -34.26 -6.16 34.15
CA GLN G 354 -35.17 -5.56 35.11
C GLN G 354 -36.00 -6.63 35.81
N ASP G 355 -36.39 -7.65 35.06
CA ASP G 355 -37.19 -8.73 35.61
C ASP G 355 -36.35 -9.67 36.46
N LEU G 356 -35.10 -9.91 36.05
CA LEU G 356 -34.19 -10.74 36.84
C LEU G 356 -33.88 -10.06 38.17
N THR G 357 -33.62 -8.76 38.10
CA THR G 357 -33.40 -7.95 39.29
C THR G 357 -34.65 -7.96 40.17
N GLN G 358 -35.82 -7.94 39.53
CA GLN G 358 -37.10 -7.97 40.24
C GLN G 358 -37.28 -9.29 40.99
N ARG G 359 -36.86 -10.39 40.36
CA ARG G 359 -37.00 -11.70 40.98
C ARG G 359 -35.98 -11.89 42.10
N PHE G 360 -34.83 -11.23 41.98
CA PHE G 360 -33.83 -11.26 43.04
C PHE G 360 -34.29 -10.46 44.25
N GLU G 361 -34.94 -9.33 43.98
CA GLU G 361 -35.38 -8.41 45.01
C GLU G 361 -36.33 -9.04 46.02
N GLU G 362 -37.14 -9.98 45.56
CA GLU G 362 -38.17 -10.57 46.42
C GLU G 362 -37.56 -11.60 47.36
N LYS G 363 -36.48 -12.23 46.93
CA LYS G 363 -35.78 -13.20 47.76
C LYS G 363 -34.67 -12.53 48.56
N LEU G 364 -34.45 -11.25 48.30
CA LEU G 364 -33.41 -10.48 48.98
C LEU G 364 -33.61 -10.42 50.49
N GLN G 365 -34.86 -10.20 50.92
CA GLN G 365 -35.17 -10.08 52.33
C GLN G 365 -34.90 -11.38 53.07
N GLU G 366 -35.29 -12.50 52.47
CA GLU G 366 -35.06 -13.81 53.05
C GLU G 366 -33.57 -14.14 53.07
N LEU G 367 -32.88 -13.83 51.98
CA LEU G 367 -31.44 -14.04 51.88
C LEU G 367 -30.69 -13.30 52.97
N GLU G 368 -31.03 -12.03 53.17
CA GLU G 368 -30.41 -11.23 54.21
C GLU G 368 -30.77 -11.78 55.59
N SER G 369 -32.02 -12.21 55.75
CA SER G 369 -32.47 -12.81 57.00
C SER G 369 -31.65 -14.05 57.35
N VAL G 370 -31.21 -14.76 56.32
CA VAL G 370 -30.34 -15.91 56.51
C VAL G 370 -28.90 -15.46 56.79
N SER G 371 -28.52 -14.34 56.19
CA SER G 371 -27.16 -13.81 56.33
C SER G 371 -26.89 -13.25 57.73
N ARG G 372 -27.93 -12.76 58.39
CA ARG G 372 -27.78 -12.18 59.72
C ARG G 372 -27.91 -13.25 60.81
N ASP G 373 -28.08 -14.49 60.39
CA ASP G 373 -28.28 -15.61 61.31
C ASP G 373 -26.96 -16.21 61.77
N PRO G 374 -26.63 -16.09 63.07
CA PRO G 374 -25.37 -16.55 63.65
C PRO G 374 -25.19 -18.06 63.61
N SER G 375 -26.30 -18.80 63.62
CA SER G 375 -26.23 -20.26 63.63
C SER G 375 -25.69 -20.80 62.32
N ASN G 376 -25.68 -19.97 61.29
CA ASN G 376 -25.28 -20.41 59.96
C ASN G 376 -23.81 -20.18 59.62
N GLU G 377 -23.04 -19.63 60.55
CA GLU G 377 -21.64 -19.23 60.30
C GLU G 377 -20.75 -20.36 59.77
N ASN G 378 -19.78 -20.00 58.93
CA ASN G 378 -18.89 -20.97 58.31
C ASN G 378 -17.86 -21.54 59.27
N PRO G 379 -17.84 -22.87 59.42
CA PRO G 379 -16.86 -23.57 60.27
C PRO G 379 -15.41 -23.32 59.86
N LYS G 380 -15.17 -23.09 58.57
CA LYS G 380 -13.83 -22.77 58.09
C LYS G 380 -13.35 -21.47 58.73
N LEU G 381 -14.22 -20.47 58.72
CA LEU G 381 -13.91 -19.18 59.32
C LEU G 381 -13.88 -19.29 60.84
N GLU G 382 -14.63 -20.24 61.38
CA GLU G 382 -14.57 -20.56 62.80
C GLU G 382 -13.15 -20.95 63.17
N ASP G 383 -12.63 -21.93 62.44
CA ASP G 383 -11.30 -22.48 62.70
C ASP G 383 -10.20 -21.45 62.45
N LEU G 384 -10.36 -20.67 61.38
CA LEU G 384 -9.39 -19.62 61.08
C LEU G 384 -9.34 -18.59 62.20
N CYS G 385 -10.53 -18.18 62.65
CA CYS G 385 -10.65 -17.23 63.75
C CYS G 385 -10.02 -17.79 65.02
N PHE G 386 -10.19 -19.10 65.23
CA PHE G 386 -9.60 -19.77 66.39
C PHE G 386 -8.08 -19.75 66.33
N ILE G 387 -7.53 -20.09 65.17
CA ILE G 387 -6.08 -20.09 64.97
C ILE G 387 -5.50 -18.72 65.20
N LEU G 388 -6.10 -17.71 64.57
CA LEU G 388 -5.65 -16.33 64.73
C LEU G 388 -5.71 -15.90 66.20
N GLN G 389 -6.81 -16.25 66.87
CA GLN G 389 -6.98 -15.91 68.28
C GLN G 389 -5.90 -16.51 69.15
N GLU G 390 -5.67 -17.81 69.00
CA GLU G 390 -4.65 -18.50 69.79
C GLU G 390 -3.26 -17.93 69.54
N GLU G 391 -2.90 -17.82 68.26
CA GLU G 391 -1.57 -17.37 67.89
C GLU G 391 -1.30 -15.93 68.30
N TYR G 392 -2.34 -15.09 68.31
CA TYR G 392 -2.16 -13.71 68.74
C TYR G 392 -2.30 -13.57 70.25
N HIS G 393 -2.84 -14.58 70.90
CA HIS G 393 -2.93 -14.59 72.36
C HIS G 393 -1.57 -14.98 72.95
N LEU G 394 -0.93 -15.98 72.35
CA LEU G 394 0.38 -16.40 72.79
C LEU G 394 1.43 -15.34 72.44
N ASN G 395 1.27 -14.72 71.28
CA ASN G 395 2.19 -13.70 70.81
C ASN G 395 1.46 -12.47 70.27
N PRO G 396 1.22 -11.47 71.13
CA PRO G 396 0.49 -10.24 70.77
C PRO G 396 1.07 -9.53 69.55
N GLU G 397 2.37 -9.69 69.32
CA GLU G 397 2.97 -9.21 68.07
C GLU G 397 3.18 -10.39 67.14
N THR G 398 2.34 -10.45 66.10
CA THR G 398 2.45 -11.49 65.09
C THR G 398 2.15 -10.91 63.72
N ILE G 399 3.07 -11.08 62.78
CA ILE G 399 2.81 -10.70 61.41
C ILE G 399 2.31 -11.92 60.65
N THR G 400 1.07 -11.84 60.18
CA THR G 400 0.44 -12.96 59.50
C THR G 400 0.30 -12.68 58.01
N ILE G 401 0.43 -13.71 57.18
CA ILE G 401 0.10 -13.56 55.77
C ILE G 401 -0.88 -14.66 55.36
N LEU G 402 -2.01 -14.24 54.78
CA LEU G 402 -3.10 -15.16 54.47
C LEU G 402 -3.31 -15.28 52.96
N PHE G 403 -2.99 -16.45 52.42
CA PHE G 403 -3.12 -16.69 50.99
C PHE G 403 -4.49 -17.28 50.66
N VAL G 404 -5.17 -16.67 49.69
CA VAL G 404 -6.45 -17.19 49.20
C VAL G 404 -6.44 -17.29 47.68
N LYS G 405 -7.40 -18.05 47.14
CA LYS G 405 -7.41 -18.36 45.72
C LYS G 405 -7.83 -17.19 44.84
N THR G 406 -8.92 -16.51 45.21
CA THR G 406 -9.49 -15.46 44.36
C THR G 406 -9.53 -14.10 45.04
N ARG G 407 -9.61 -13.04 44.25
CA ARG G 407 -9.70 -11.67 44.77
C ARG G 407 -10.96 -11.47 45.60
N ALA G 408 -12.03 -12.14 45.18
CA ALA G 408 -13.30 -12.08 45.89
C ALA G 408 -13.13 -12.51 47.33
N LEU G 409 -12.31 -13.54 47.54
CA LEU G 409 -12.01 -14.02 48.88
C LEU G 409 -11.12 -13.04 49.64
N VAL G 410 -10.31 -12.28 48.90
CA VAL G 410 -9.46 -11.26 49.52
C VAL G 410 -10.34 -10.19 50.14
N ASP G 411 -11.23 -9.62 49.33
CA ASP G 411 -12.14 -8.59 49.83
C ASP G 411 -13.07 -9.15 50.91
N ALA G 412 -13.54 -10.38 50.69
CA ALA G 412 -14.44 -11.04 51.63
C ALA G 412 -13.81 -11.21 53.00
N LEU G 413 -12.60 -11.73 53.04
CA LEU G 413 -11.92 -11.97 54.29
C LEU G 413 -11.42 -10.67 54.92
N LYS G 414 -11.16 -9.67 54.10
CA LYS G 414 -10.84 -8.35 54.63
C LYS G 414 -12.02 -7.80 55.41
N ASN G 415 -13.19 -7.82 54.78
CA ASN G 415 -14.41 -7.34 55.42
C ASN G 415 -14.82 -8.20 56.61
N TRP G 416 -14.47 -9.49 56.55
CA TRP G 416 -14.76 -10.42 57.64
C TRP G 416 -13.89 -10.12 58.85
N ILE G 417 -12.62 -9.81 58.61
CA ILE G 417 -11.69 -9.47 59.68
C ILE G 417 -12.08 -8.13 60.30
N GLU G 418 -12.37 -7.15 59.45
CA GLU G 418 -12.77 -5.83 59.92
C GLU G 418 -14.13 -5.86 60.61
N GLY G 419 -14.93 -6.88 60.32
CA GLY G 419 -16.27 -6.98 60.86
C GLY G 419 -16.44 -8.02 61.95
N ASN G 420 -15.33 -8.49 62.51
CA ASN G 420 -15.38 -9.48 63.58
C ASN G 420 -14.89 -8.90 64.91
N PRO G 421 -15.77 -8.87 65.91
CA PRO G 421 -15.43 -8.35 67.25
C PRO G 421 -14.30 -9.13 67.93
N LYS G 422 -14.19 -10.41 67.61
CA LYS G 422 -13.19 -11.27 68.24
C LYS G 422 -11.81 -11.05 67.64
N LEU G 423 -11.78 -10.58 66.39
CA LEU G 423 -10.55 -10.37 65.64
C LEU G 423 -10.04 -8.93 65.72
N SER G 424 -10.65 -8.12 66.58
CA SER G 424 -10.38 -6.68 66.65
C SER G 424 -8.90 -6.30 66.73
N PHE G 425 -8.07 -7.20 67.25
CA PHE G 425 -6.63 -6.96 67.34
C PHE G 425 -5.95 -6.94 65.98
N LEU G 426 -6.68 -7.34 64.94
CA LEU G 426 -6.13 -7.39 63.59
C LEU G 426 -6.36 -6.11 62.81
N LYS G 427 -5.35 -5.71 62.04
CA LYS G 427 -5.47 -4.58 61.13
C LYS G 427 -5.06 -5.02 59.72
N PRO G 428 -6.02 -5.62 58.99
CA PRO G 428 -5.74 -6.28 57.71
C PRO G 428 -5.29 -5.33 56.60
N GLY G 429 -4.67 -5.90 55.58
CA GLY G 429 -4.21 -5.14 54.42
C GLY G 429 -4.30 -6.02 53.20
N ILE G 430 -4.26 -5.41 52.02
CA ILE G 430 -4.51 -6.14 50.78
C ILE G 430 -3.31 -6.15 49.86
N LEU G 431 -2.99 -7.34 49.33
CA LEU G 431 -1.99 -7.46 48.30
C LEU G 431 -2.52 -8.32 47.15
N THR G 432 -2.69 -7.71 45.99
CA THR G 432 -3.21 -8.43 44.82
C THR G 432 -2.47 -8.04 43.55
N GLY G 433 -2.89 -8.60 42.43
CA GLY G 433 -2.27 -8.31 41.15
C GLY G 433 -2.89 -7.09 40.49
N ARG G 434 -2.25 -6.62 39.40
CA ARG G 434 -2.74 -5.45 38.69
C ARG G 434 -4.00 -5.77 37.90
N ILE G 451 1.80 -0.29 50.35
CA ILE G 451 1.37 -1.66 50.58
C ILE G 451 2.31 -2.38 51.52
N LEU G 452 3.48 -2.72 50.97
CA LEU G 452 4.44 -3.62 51.58
C LEU G 452 5.27 -2.93 52.66
N ASP G 453 5.42 -1.61 52.53
CA ASP G 453 6.21 -0.84 53.48
C ASP G 453 5.42 -0.56 54.76
N ALA G 454 4.10 -0.60 54.65
CA ALA G 454 3.24 -0.41 55.82
C ALA G 454 2.83 -1.75 56.42
N PHE G 455 3.32 -2.83 55.83
CA PHE G 455 2.96 -4.18 56.27
C PHE G 455 3.98 -4.74 57.26
N LYS G 456 4.95 -3.92 57.65
CA LYS G 456 6.00 -4.35 58.57
C LYS G 456 5.50 -4.49 59.99
N ALA G 457 6.39 -4.89 60.90
CA ALA G 457 6.04 -5.06 62.30
C ALA G 457 5.80 -3.71 62.96
N SER G 458 6.47 -2.68 62.45
CA SER G 458 6.33 -1.33 62.96
C SER G 458 5.23 -0.58 62.19
N GLY G 459 4.68 -1.23 61.18
CA GLY G 459 3.69 -0.62 60.31
C GLY G 459 2.28 -0.67 60.86
N ASP G 460 1.32 -0.37 60.00
CA ASP G 460 -0.09 -0.31 60.38
C ASP G 460 -0.82 -1.64 60.19
N HIS G 461 -0.16 -2.62 59.58
CA HIS G 461 -0.83 -3.86 59.22
C HIS G 461 -0.25 -5.08 59.93
N ASN G 462 -1.08 -5.72 60.75
CA ASN G 462 -0.71 -6.98 61.42
C ASN G 462 -0.80 -8.17 60.49
N ILE G 463 -1.93 -8.28 59.78
CA ILE G 463 -2.15 -9.40 58.87
C ILE G 463 -2.32 -8.90 57.44
N LEU G 464 -1.73 -9.62 56.50
CA LEU G 464 -1.77 -9.23 55.10
C LEU G 464 -2.44 -10.30 54.26
N ILE G 465 -3.59 -9.95 53.65
CA ILE G 465 -4.32 -10.89 52.81
C ILE G 465 -3.87 -10.77 51.36
N ALA G 466 -3.54 -11.90 50.75
CA ALA G 466 -3.01 -11.90 49.39
C ALA G 466 -3.56 -13.03 48.53
N THR G 467 -3.48 -12.86 47.23
CA THR G 467 -3.87 -13.91 46.29
C THR G 467 -2.71 -14.85 46.05
N SER G 468 -1.72 -14.38 45.30
CA SER G 468 -0.49 -15.14 45.07
C SER G 468 0.63 -14.20 44.65
N VAL G 469 1.86 -14.66 44.82
CA VAL G 469 3.03 -13.90 44.40
C VAL G 469 3.94 -14.76 43.54
N ALA G 470 4.26 -14.28 42.34
CA ALA G 470 5.11 -15.03 41.43
C ALA G 470 6.52 -15.18 42.01
N ASP G 471 6.97 -16.42 42.07
CA ASP G 471 8.29 -16.77 42.62
C ASP G 471 8.53 -16.18 44.01
N GLU G 472 9.75 -15.72 44.25
CA GLU G 472 10.11 -15.12 45.53
C GLU G 472 9.67 -13.66 45.60
N GLY G 473 9.84 -12.95 44.50
CA GLY G 473 9.47 -11.54 44.42
C GLY G 473 10.30 -10.69 45.36
N ILE G 474 9.87 -9.45 45.56
CA ILE G 474 10.56 -8.55 46.46
C ILE G 474 10.43 -9.09 47.89
N ASP G 475 11.45 -8.84 48.71
CA ASP G 475 11.48 -9.39 50.06
C ASP G 475 10.58 -8.59 50.99
N ILE G 476 9.62 -9.28 51.59
CA ILE G 476 8.59 -8.63 52.41
C ILE G 476 8.94 -8.75 53.89
N ALA G 477 8.12 -8.16 54.76
CA ALA G 477 8.31 -8.25 56.19
C ALA G 477 8.18 -9.69 56.65
N GLN G 478 8.95 -10.06 57.66
CA GLN G 478 8.96 -11.44 58.14
C GLN G 478 7.67 -11.80 58.85
N CYS G 479 7.02 -12.87 58.37
CA CYS G 479 5.79 -13.37 58.96
C CYS G 479 6.05 -14.62 59.77
N ASN G 480 5.77 -14.57 61.06
CA ASN G 480 5.93 -15.75 61.89
C ASN G 480 4.67 -16.60 61.83
N LEU G 481 3.68 -16.14 61.07
CA LEU G 481 2.48 -16.92 60.81
C LEU G 481 2.07 -16.83 59.33
N VAL G 482 2.03 -17.99 58.68
CA VAL G 482 1.60 -18.07 57.30
C VAL G 482 0.41 -19.01 57.17
N ILE G 483 -0.73 -18.47 56.77
CA ILE G 483 -1.94 -19.27 56.65
C ILE G 483 -2.37 -19.43 55.19
N LEU G 484 -2.48 -20.68 54.77
CA LEU G 484 -2.90 -21.02 53.43
C LEU G 484 -4.36 -21.46 53.44
N TYR G 485 -5.23 -20.64 52.88
CA TYR G 485 -6.68 -20.88 52.95
C TYR G 485 -7.17 -21.47 51.64
N GLU G 486 -7.50 -22.77 51.67
CA GLU G 486 -7.86 -23.53 50.48
C GLU G 486 -6.84 -23.35 49.38
N TYR G 487 -5.56 -23.42 49.74
CA TYR G 487 -4.47 -23.16 48.81
C TYR G 487 -3.83 -24.45 48.26
N VAL G 488 -3.68 -24.49 46.95
CA VAL G 488 -3.01 -25.60 46.28
C VAL G 488 -1.93 -25.08 45.36
N GLY G 489 -0.71 -25.61 45.49
CA GLY G 489 0.41 -25.16 44.68
C GLY G 489 1.45 -26.24 44.44
N ASN G 490 2.46 -25.93 43.65
CA ASN G 490 3.52 -26.88 43.34
C ASN G 490 4.60 -26.91 44.42
N VAL G 491 5.64 -27.71 44.19
CA VAL G 491 6.73 -27.86 45.13
C VAL G 491 7.56 -26.57 45.22
N ILE G 492 7.78 -25.94 44.07
CA ILE G 492 8.59 -24.73 43.99
C ILE G 492 8.02 -23.60 44.85
N LYS G 493 6.74 -23.32 44.69
CA LYS G 493 6.08 -22.28 45.46
C LYS G 493 6.02 -22.65 46.94
N MET G 494 5.94 -23.96 47.22
CA MET G 494 5.98 -24.42 48.61
C MET G 494 7.29 -24.02 49.26
N ILE G 495 8.40 -24.31 48.57
CA ILE G 495 9.72 -24.00 49.09
C ILE G 495 9.95 -22.49 49.14
N GLN G 496 9.34 -21.76 48.21
CA GLN G 496 9.48 -20.31 48.15
C GLN G 496 8.70 -19.61 49.26
N THR G 497 7.57 -20.19 49.67
CA THR G 497 6.72 -19.59 50.69
C THR G 497 7.41 -19.60 52.05
N ARG G 498 8.30 -20.56 52.26
CA ARG G 498 9.06 -20.65 53.50
C ARG G 498 9.92 -19.41 53.74
N GLY G 499 10.25 -18.70 52.65
CA GLY G 499 11.09 -17.53 52.73
C GLY G 499 10.51 -16.41 53.57
N ARG G 500 9.20 -16.47 53.79
CA ARG G 500 8.52 -15.49 54.63
C ARG G 500 8.58 -15.92 56.10
N GLY G 501 8.97 -17.17 56.32
CA GLY G 501 9.06 -17.74 57.65
C GLY G 501 10.47 -17.95 58.17
N ARG G 502 11.44 -17.22 57.62
CA ARG G 502 12.86 -17.42 57.93
C ARG G 502 13.21 -17.47 59.41
N ALA G 503 12.58 -16.63 60.22
CA ALA G 503 12.88 -16.58 61.65
C ALA G 503 12.48 -17.87 62.35
N ARG G 504 13.19 -18.19 63.43
CA ARG G 504 12.89 -19.38 64.22
C ARG G 504 11.54 -19.27 64.90
N GLY G 505 10.75 -20.34 64.83
CA GLY G 505 9.47 -20.37 65.51
C GLY G 505 8.31 -20.00 64.60
N SER G 506 8.61 -19.73 63.33
CA SER G 506 7.57 -19.41 62.37
C SER G 506 6.70 -20.64 62.14
N LYS G 507 5.41 -20.40 61.89
CA LYS G 507 4.45 -21.48 61.72
C LYS G 507 3.65 -21.32 60.44
N CYS G 508 3.29 -22.43 59.82
CA CYS G 508 2.48 -22.39 58.60
C CYS G 508 1.29 -23.34 58.68
N PHE G 509 0.09 -22.77 58.67
CA PHE G 509 -1.13 -23.57 58.74
C PHE G 509 -1.75 -23.74 57.35
N LEU G 510 -2.23 -24.95 57.05
CA LEU G 510 -2.98 -25.17 55.82
C LEU G 510 -4.42 -25.54 56.16
N LEU G 511 -5.34 -24.61 55.92
CA LEU G 511 -6.71 -24.78 56.38
C LEU G 511 -7.66 -25.09 55.22
N THR G 512 -8.28 -26.26 55.25
CA THR G 512 -9.17 -26.64 54.16
C THR G 512 -10.30 -27.59 54.57
N SER G 513 -11.41 -27.51 53.85
CA SER G 513 -12.53 -28.42 54.06
C SER G 513 -12.46 -29.59 53.10
N ASN G 514 -11.46 -29.55 52.21
CA ASN G 514 -11.28 -30.60 51.23
C ASN G 514 -10.23 -31.59 51.69
N ALA G 515 -10.62 -32.85 51.81
CA ALA G 515 -9.69 -33.91 52.21
C ALA G 515 -8.56 -34.04 51.18
N GLY G 516 -8.78 -33.50 49.99
CA GLY G 516 -7.80 -33.52 48.93
C GLY G 516 -6.60 -32.60 49.10
N VAL G 517 -6.84 -31.33 49.39
CA VAL G 517 -5.78 -30.30 49.42
C VAL G 517 -4.57 -30.72 50.24
N ILE G 518 -4.85 -31.19 51.46
CA ILE G 518 -3.82 -31.72 52.33
C ILE G 518 -2.98 -32.76 51.59
N GLU G 519 -3.67 -33.73 50.99
CA GLU G 519 -3.03 -34.79 50.21
C GLU G 519 -2.14 -34.20 49.11
N LYS G 520 -2.64 -33.15 48.47
CA LYS G 520 -1.91 -32.49 47.39
C LYS G 520 -0.56 -32.00 47.90
N GLU G 521 -0.57 -31.20 48.95
CA GLU G 521 0.70 -30.65 49.38
C GLU G 521 1.60 -31.66 50.10
N GLN G 522 1.06 -32.77 50.59
CA GLN G 522 1.98 -33.79 51.12
C GLN G 522 2.66 -34.56 49.98
N ILE G 523 1.95 -34.81 48.87
CA ILE G 523 2.65 -35.40 47.74
C ILE G 523 3.65 -34.38 47.19
N ASN G 524 3.37 -33.09 47.42
CA ASN G 524 4.34 -32.05 47.10
C ASN G 524 5.60 -32.15 47.97
N MET G 525 5.42 -32.41 49.26
CA MET G 525 6.54 -32.62 50.16
C MET G 525 7.39 -33.81 49.70
N TYR G 526 6.71 -34.88 49.33
CA TYR G 526 7.38 -36.06 48.78
C TYR G 526 8.18 -35.68 47.53
N LYS G 527 7.58 -34.85 46.69
CA LYS G 527 8.27 -34.33 45.51
C LYS G 527 9.54 -33.60 45.89
N GLU G 528 9.50 -32.83 46.99
CA GLU G 528 10.69 -32.14 47.46
C GLU G 528 11.77 -33.14 47.87
N LYS G 529 11.36 -34.20 48.58
CA LYS G 529 12.31 -35.24 48.95
C LYS G 529 13.00 -35.82 47.73
N MET G 530 12.19 -36.18 46.74
CA MET G 530 12.70 -36.68 45.46
C MET G 530 13.68 -35.70 44.82
N MET G 531 13.36 -34.41 44.90
CA MET G 531 14.20 -33.37 44.32
C MET G 531 15.57 -33.34 44.96
N ASN G 532 15.60 -33.21 46.28
CA ASN G 532 16.86 -33.15 47.01
C ASN G 532 17.70 -34.41 46.81
N ASP G 533 17.05 -35.57 46.88
CA ASP G 533 17.76 -36.83 46.66
C ASP G 533 18.37 -36.90 45.27
N SER G 534 17.59 -36.48 44.26
CA SER G 534 18.04 -36.52 42.88
C SER G 534 19.21 -35.57 42.65
N ILE G 535 19.15 -34.40 43.25
CA ILE G 535 20.25 -33.44 43.16
C ILE G 535 21.51 -34.01 43.78
N LEU G 536 21.34 -34.63 44.96
CA LEU G 536 22.45 -35.26 45.66
C LEU G 536 23.06 -36.37 44.80
N ARG G 537 22.22 -37.02 44.00
CA ARG G 537 22.72 -38.03 43.07
C ARG G 537 23.51 -37.41 41.93
N LEU G 538 22.97 -36.36 41.33
CA LEU G 538 23.62 -35.68 40.21
C LEU G 538 24.97 -35.10 40.60
N GLN G 539 25.10 -34.68 41.84
CA GLN G 539 26.33 -34.06 42.30
C GLN G 539 27.47 -35.06 42.47
N THR G 540 27.14 -36.35 42.47
CA THR G 540 28.15 -37.40 42.57
C THR G 540 28.74 -37.78 41.22
N TRP G 541 28.07 -37.39 40.14
CA TRP G 541 28.51 -37.74 38.80
C TRP G 541 29.78 -36.99 38.41
N ASP G 542 30.50 -37.52 37.42
CA ASP G 542 31.65 -36.82 36.86
C ASP G 542 31.14 -35.72 35.93
N GLU G 543 31.77 -34.55 36.01
CA GLU G 543 31.29 -33.38 35.27
C GLU G 543 31.32 -33.59 33.76
N ALA G 544 32.31 -34.34 33.28
CA ALA G 544 32.43 -34.62 31.84
C ALA G 544 31.24 -35.44 31.34
N VAL G 545 30.93 -36.51 32.07
CA VAL G 545 29.79 -37.37 31.74
C VAL G 545 28.50 -36.56 31.73
N PHE G 546 28.34 -35.72 32.74
CA PHE G 546 27.17 -34.87 32.87
C PHE G 546 27.07 -33.93 31.66
N ARG G 547 28.19 -33.35 31.26
CA ARG G 547 28.24 -32.51 30.07
C ARG G 547 27.79 -33.27 28.83
N GLU G 548 28.25 -34.51 28.71
CA GLU G 548 27.89 -35.36 27.58
C GLU G 548 26.39 -35.62 27.53
N LYS G 549 25.83 -36.06 28.65
CA LYS G 549 24.40 -36.35 28.74
C LYS G 549 23.58 -35.09 28.43
N ILE G 550 24.00 -33.97 29.01
CA ILE G 550 23.36 -32.68 28.77
C ILE G 550 23.36 -32.35 27.28
N LEU G 551 24.50 -32.51 26.63
CA LEU G 551 24.62 -32.25 25.20
C LEU G 551 23.66 -33.12 24.40
N HIS G 552 23.56 -34.39 24.81
CA HIS G 552 22.64 -35.33 24.18
C HIS G 552 21.19 -34.82 24.27
N ILE G 553 20.78 -34.43 25.48
CA ILE G 553 19.43 -33.91 25.68
C ILE G 553 19.19 -32.64 24.87
N GLN G 554 20.18 -31.77 24.81
CA GLN G 554 20.09 -30.52 24.06
C GLN G 554 19.85 -30.80 22.58
N THR G 555 20.65 -31.70 22.03
CA THR G 555 20.52 -32.07 20.62
C THR G 555 19.16 -32.69 20.35
N HIS G 556 18.70 -33.54 21.26
CA HIS G 556 17.38 -34.14 21.15
C HIS G 556 16.29 -33.08 21.09
N GLU G 557 16.31 -32.17 22.06
CA GLU G 557 15.32 -31.10 22.15
C GLU G 557 15.34 -30.22 20.91
N LYS G 558 16.53 -29.94 20.38
CA LYS G 558 16.64 -29.13 19.18
C LYS G 558 16.06 -29.87 17.98
N PHE G 559 16.29 -31.18 17.93
CA PHE G 559 15.71 -32.00 16.86
C PHE G 559 14.19 -31.94 16.90
N ILE G 560 13.62 -32.08 18.09
CA ILE G 560 12.17 -32.02 18.24
C ILE G 560 11.64 -30.64 17.89
N ARG G 561 12.38 -29.60 18.25
CA ARG G 561 11.95 -28.23 18.07
C ARG G 561 11.99 -27.77 16.61
N ASP G 562 13.02 -28.23 15.88
CA ASP G 562 13.17 -27.84 14.48
C ASP G 562 12.11 -28.47 13.58
N SER G 563 11.50 -29.55 14.07
CA SER G 563 10.46 -30.25 13.31
C SER G 563 9.21 -29.39 13.14
N LYS G 568 2.01 -23.90 7.69
CA LYS G 568 0.93 -22.99 8.00
C LYS G 568 -0.33 -23.33 7.21
N PRO G 569 -1.49 -23.26 7.87
CA PRO G 569 -2.78 -23.51 7.22
C PRO G 569 -3.06 -22.48 6.13
N VAL G 570 -3.78 -22.87 5.08
CA VAL G 570 -4.10 -21.94 4.01
C VAL G 570 -5.15 -20.93 4.48
N PRO G 571 -4.83 -19.63 4.33
CA PRO G 571 -5.75 -18.58 4.78
C PRO G 571 -7.01 -18.51 3.93
N ASP G 572 -8.13 -18.18 4.56
CA ASP G 572 -9.37 -17.94 3.84
C ASP G 572 -9.41 -16.48 3.38
N LYS G 573 -9.63 -16.27 2.09
CA LYS G 573 -9.75 -14.91 1.55
C LYS G 573 -11.20 -14.45 1.43
N GLU G 574 -12.15 -15.33 1.74
CA GLU G 574 -13.55 -14.95 1.72
C GLU G 574 -13.84 -13.93 2.81
N ASN G 575 -14.55 -12.87 2.45
CA ASN G 575 -14.91 -11.84 3.40
C ASN G 575 -15.86 -12.37 4.46
N LYS G 576 -15.49 -12.21 5.72
CA LYS G 576 -16.33 -12.67 6.82
C LYS G 576 -17.08 -11.49 7.43
N LYS G 577 -17.91 -11.77 8.42
CA LYS G 577 -18.58 -10.71 9.16
C LYS G 577 -18.35 -10.88 10.65
N LEU G 578 -17.80 -9.85 11.28
CA LEU G 578 -17.57 -9.88 12.72
C LEU G 578 -18.77 -9.26 13.41
N LEU G 579 -19.52 -10.10 14.11
CA LEU G 579 -20.73 -9.68 14.82
C LEU G 579 -20.50 -9.65 16.32
N CYS G 580 -21.20 -8.75 17.01
CA CYS G 580 -21.16 -8.71 18.47
C CYS G 580 -21.68 -10.01 19.06
N ARG G 581 -20.90 -10.62 19.95
CA ARG G 581 -21.26 -11.91 20.55
C ARG G 581 -22.52 -11.81 21.41
N LYS G 582 -22.86 -10.60 21.82
CA LYS G 582 -24.01 -10.39 22.70
C LYS G 582 -25.30 -10.12 21.91
N CYS G 583 -25.33 -9.01 21.19
CA CYS G 583 -26.54 -8.59 20.48
C CYS G 583 -26.59 -8.97 18.99
N LYS G 584 -25.55 -9.66 18.51
CA LYS G 584 -25.48 -10.11 17.11
C LYS G 584 -25.52 -8.98 16.09
N ALA G 585 -25.14 -7.78 16.50
CA ALA G 585 -25.09 -6.64 15.58
C ALA G 585 -23.85 -6.74 14.73
N LEU G 586 -23.91 -6.22 13.50
CA LEU G 586 -22.74 -6.24 12.65
C LEU G 586 -21.75 -5.18 13.11
N ALA G 587 -20.54 -5.62 13.44
CA ALA G 587 -19.50 -4.73 13.89
C ALA G 587 -18.53 -4.45 12.74
N CYS G 588 -17.88 -5.51 12.26
CA CYS G 588 -16.79 -5.31 11.31
C CYS G 588 -16.82 -6.27 10.11
N TYR G 589 -16.00 -5.96 9.12
CA TYR G 589 -15.76 -6.86 8.00
C TYR G 589 -14.28 -7.25 7.97
N THR G 590 -13.97 -8.47 7.55
CA THR G 590 -12.59 -8.92 7.52
C THR G 590 -11.76 -8.22 6.45
N ALA G 591 -12.43 -7.48 5.57
CA ALA G 591 -11.73 -6.65 4.59
C ALA G 591 -11.25 -5.36 5.25
N ASP G 592 -11.97 -4.94 6.28
CA ASP G 592 -11.63 -3.74 7.03
C ASP G 592 -10.57 -3.95 8.11
N VAL G 593 -10.40 -5.20 8.54
CA VAL G 593 -9.47 -5.54 9.61
C VAL G 593 -8.04 -5.55 9.13
N ARG G 594 -7.17 -4.78 9.80
CA ARG G 594 -5.75 -4.72 9.42
C ARG G 594 -4.85 -5.10 10.61
N VAL G 595 -3.75 -5.80 10.35
CA VAL G 595 -2.89 -6.25 11.45
C VAL G 595 -1.63 -5.41 11.64
N ILE G 596 -1.46 -4.94 12.88
CA ILE G 596 -0.32 -4.14 13.29
C ILE G 596 0.70 -5.02 14.02
N GLU G 597 1.92 -4.99 13.49
CA GLU G 597 3.08 -5.69 14.04
C GLU G 597 2.80 -7.14 14.42
N GLU G 598 2.15 -7.85 13.50
CA GLU G 598 1.92 -9.29 13.60
C GLU G 598 0.99 -9.72 14.73
N CYS G 599 0.59 -8.77 15.57
CA CYS G 599 -0.11 -9.10 16.80
C CYS G 599 -1.49 -8.46 16.89
N HIS G 600 -1.55 -7.13 16.85
CA HIS G 600 -2.77 -6.45 17.22
C HIS G 600 -3.64 -6.11 16.01
N TYR G 601 -4.96 -6.21 16.15
CA TYR G 601 -5.83 -6.04 14.99
C TYR G 601 -6.71 -4.80 15.10
N THR G 602 -6.74 -4.00 14.04
CA THR G 602 -7.56 -2.79 14.02
C THR G 602 -8.60 -2.83 12.91
N VAL G 603 -9.44 -1.79 12.86
CA VAL G 603 -10.53 -1.70 11.90
C VAL G 603 -10.51 -0.35 11.19
N LEU G 604 -10.47 -0.38 9.86
CA LEU G 604 -10.43 0.86 9.09
C LEU G 604 -11.82 1.36 8.74
N GLY G 605 -11.88 2.52 8.08
CA GLY G 605 -13.12 3.09 7.64
C GLY G 605 -13.87 3.87 8.71
N ASP G 606 -14.74 4.77 8.27
CA ASP G 606 -15.57 5.54 9.18
C ASP G 606 -16.88 4.81 9.48
N ALA G 607 -17.04 3.65 8.88
CA ALA G 607 -18.24 2.84 9.09
C ALA G 607 -18.27 2.26 10.49
N PHE G 608 -17.10 1.85 10.98
CA PHE G 608 -16.97 1.21 12.28
C PHE G 608 -17.25 2.18 13.44
N LYS G 609 -16.97 3.46 13.22
CA LYS G 609 -17.03 4.46 14.28
C LYS G 609 -18.43 4.68 14.83
N GLU G 610 -19.45 4.25 14.09
CA GLU G 610 -20.83 4.41 14.53
C GLU G 610 -21.33 3.15 15.24
N CYS G 611 -20.50 2.13 15.27
CA CYS G 611 -20.88 0.85 15.88
C CYS G 611 -20.47 0.72 17.35
N PHE G 612 -19.67 1.67 17.85
CA PHE G 612 -19.11 1.51 19.19
C PHE G 612 -19.09 2.77 20.06
N VAL G 613 -19.23 2.57 21.37
CA VAL G 613 -19.07 3.62 22.37
C VAL G 613 -17.64 3.57 22.89
N SER G 614 -17.27 4.55 23.70
CA SER G 614 -15.99 4.52 24.39
C SER G 614 -16.05 5.14 25.78
N ARG G 615 -15.36 4.53 26.73
CA ARG G 615 -15.20 5.10 28.07
C ARG G 615 -13.73 5.20 28.40
N PRO G 616 -13.32 6.28 29.09
CA PRO G 616 -11.90 6.40 29.44
C PRO G 616 -11.40 5.19 30.23
N HIS G 617 -10.27 4.63 29.80
CA HIS G 617 -9.74 3.38 30.36
C HIS G 617 -9.46 3.53 31.85
N PRO G 618 -10.00 2.61 32.66
CA PRO G 618 -9.84 2.63 34.12
C PRO G 618 -8.39 2.38 34.54
N LYS G 619 -7.66 1.64 33.73
CA LYS G 619 -6.26 1.36 34.01
C LYS G 619 -5.40 1.53 32.76
N PRO G 620 -5.19 2.79 32.35
CA PRO G 620 -4.40 3.07 31.14
C PRO G 620 -2.96 2.59 31.27
N LYS G 621 -2.50 1.85 30.27
CA LYS G 621 -1.14 1.33 30.27
C LYS G 621 -0.47 1.52 28.93
N GLN G 622 0.86 1.53 28.95
CA GLN G 622 1.63 1.56 27.72
C GLN G 622 2.24 0.18 27.47
N PHE G 623 1.87 -0.43 26.35
CA PHE G 623 2.48 -1.70 25.97
C PHE G 623 3.12 -1.57 24.59
N SER G 624 4.39 -1.94 24.50
CA SER G 624 5.17 -1.80 23.27
C SER G 624 5.06 -0.39 22.71
N SER G 625 4.60 -0.29 21.47
CA SER G 625 4.48 1.00 20.79
C SER G 625 3.09 1.61 20.94
N PHE G 626 2.25 0.97 21.74
CA PHE G 626 0.85 1.40 21.90
C PHE G 626 0.61 2.08 23.24
N GLU G 627 -0.32 3.03 23.26
CA GLU G 627 -0.78 3.61 24.53
C GLU G 627 -2.30 3.50 24.67
N LYS G 628 -2.75 2.78 25.69
CA LYS G 628 -4.17 2.65 25.96
C LYS G 628 -4.78 3.98 26.36
N ARG G 629 -5.94 4.31 25.79
CA ARG G 629 -6.63 5.53 26.17
C ARG G 629 -8.04 5.20 26.66
N ALA G 630 -8.85 4.59 25.80
CA ALA G 630 -10.21 4.23 26.18
C ALA G 630 -10.55 2.76 25.92
N LYS G 631 -11.61 2.29 26.56
CA LYS G 631 -12.24 1.01 26.27
C LYS G 631 -13.40 1.24 25.31
N ILE G 632 -13.61 0.31 24.38
CA ILE G 632 -14.70 0.45 23.43
C ILE G 632 -15.78 -0.62 23.62
N PHE G 633 -17.04 -0.21 23.51
CA PHE G 633 -18.16 -1.10 23.78
C PHE G 633 -19.18 -1.06 22.64
N CYS G 634 -20.16 -1.95 22.65
CA CYS G 634 -21.18 -1.95 21.59
C CYS G 634 -22.18 -0.81 21.76
N ALA G 635 -22.53 -0.17 20.65
CA ALA G 635 -23.38 1.01 20.66
C ALA G 635 -24.86 0.74 20.47
N ARG G 636 -25.22 -0.48 20.08
CA ARG G 636 -26.59 -0.77 19.68
C ARG G 636 -27.50 -1.10 20.87
N GLN G 637 -28.53 -0.27 21.04
CA GLN G 637 -29.54 -0.47 22.08
C GLN G 637 -28.93 -0.71 23.45
N ASN G 638 -27.83 -0.01 23.73
CA ASN G 638 -27.09 -0.16 24.98
C ASN G 638 -26.69 -1.61 25.25
N CYS G 639 -26.06 -2.23 24.25
CA CYS G 639 -25.52 -3.57 24.42
C CYS G 639 -24.30 -3.52 25.33
N SER G 640 -23.42 -2.55 25.07
CA SER G 640 -22.28 -2.26 25.92
C SER G 640 -21.34 -3.45 26.15
N HIS G 641 -21.27 -4.34 25.16
CA HIS G 641 -20.37 -5.48 25.25
C HIS G 641 -18.95 -5.01 24.94
N ASP G 642 -17.97 -5.59 25.62
CA ASP G 642 -16.59 -5.12 25.46
C ASP G 642 -15.99 -5.67 24.18
N TRP G 643 -15.71 -4.77 23.24
CA TRP G 643 -15.13 -5.16 21.95
C TRP G 643 -13.61 -5.06 21.88
N GLY G 644 -13.01 -4.36 22.84
CA GLY G 644 -11.60 -4.04 22.74
C GLY G 644 -11.22 -2.73 23.41
N ILE G 645 -10.14 -2.13 22.94
CA ILE G 645 -9.65 -0.87 23.49
C ILE G 645 -9.47 0.18 22.39
N HIS G 646 -9.28 1.44 22.80
CA HIS G 646 -8.92 2.49 21.85
C HIS G 646 -7.55 3.04 22.22
N VAL G 647 -6.61 2.99 21.28
CA VAL G 647 -5.22 3.32 21.59
C VAL G 647 -4.61 4.36 20.68
N LYS G 648 -3.55 4.98 21.20
CA LYS G 648 -2.67 5.84 20.41
C LYS G 648 -1.47 5.02 19.95
N TYR G 649 -1.37 4.82 18.64
CA TYR G 649 -0.27 4.09 18.05
C TYR G 649 0.47 4.98 17.06
N LYS G 650 1.71 5.33 17.40
CA LYS G 650 2.52 6.27 16.62
C LYS G 650 1.74 7.56 16.36
N THR G 651 1.53 7.88 15.08
CA THR G 651 0.82 9.09 14.70
C THR G 651 -0.70 8.91 14.75
N PHE G 652 -1.15 7.67 14.70
CA PHE G 652 -2.57 7.36 14.52
C PHE G 652 -3.31 7.12 15.83
N GLU G 653 -4.57 7.57 15.88
CA GLU G 653 -5.47 7.20 16.96
C GLU G 653 -6.43 6.13 16.44
N ILE G 654 -6.27 4.89 16.91
CA ILE G 654 -7.00 3.78 16.33
C ILE G 654 -7.52 2.79 17.37
N PRO G 655 -8.69 2.18 17.09
CA PRO G 655 -9.22 1.10 17.92
C PRO G 655 -8.53 -0.24 17.68
N VAL G 656 -8.38 -1.03 18.73
CA VAL G 656 -7.87 -2.39 18.62
C VAL G 656 -8.88 -3.35 19.22
N ILE G 657 -9.28 -4.34 18.42
CA ILE G 657 -10.33 -5.27 18.83
C ILE G 657 -9.79 -6.67 19.08
N LYS G 658 -10.47 -7.39 19.97
CA LYS G 658 -10.13 -8.78 20.26
C LYS G 658 -11.18 -9.71 19.66
N ILE G 659 -10.74 -10.79 19.03
CA ILE G 659 -11.64 -11.69 18.34
C ILE G 659 -12.49 -12.50 19.31
N GLU G 660 -12.08 -12.56 20.57
CA GLU G 660 -12.79 -13.35 21.57
C GLU G 660 -14.12 -12.70 21.95
N SER G 661 -14.30 -11.45 21.54
CA SER G 661 -15.55 -10.75 21.81
C SER G 661 -16.51 -10.77 20.63
N PHE G 662 -16.10 -11.37 19.53
CA PHE G 662 -16.91 -11.39 18.32
C PHE G 662 -17.21 -12.80 17.82
N VAL G 663 -18.26 -12.92 17.02
CA VAL G 663 -18.62 -14.16 16.35
C VAL G 663 -18.45 -13.99 14.85
N VAL G 664 -17.82 -14.96 14.20
CA VAL G 664 -17.53 -14.86 12.79
C VAL G 664 -18.60 -15.53 11.93
N GLU G 665 -19.36 -14.72 11.20
CA GLU G 665 -20.34 -15.26 10.28
C GLU G 665 -19.88 -15.10 8.84
N ASP G 666 -19.56 -16.21 8.19
CA ASP G 666 -19.36 -16.15 6.75
C ASP G 666 -20.75 -16.31 6.14
N ILE G 667 -21.21 -15.27 5.47
CA ILE G 667 -22.59 -15.19 5.01
C ILE G 667 -22.67 -15.68 3.56
N ALA G 668 -21.53 -16.08 3.01
CA ALA G 668 -21.54 -16.90 1.80
C ALA G 668 -22.22 -18.20 2.19
N THR G 669 -21.68 -18.84 3.22
CA THR G 669 -22.24 -20.04 3.81
C THR G 669 -23.39 -19.72 4.77
N GLY G 670 -23.23 -18.66 5.57
CA GLY G 670 -24.20 -18.32 6.59
C GLY G 670 -23.80 -18.89 7.94
N VAL G 671 -22.60 -19.46 8.00
CA VAL G 671 -22.15 -20.18 9.21
C VAL G 671 -21.45 -19.27 10.20
N GLN G 672 -21.82 -19.41 11.48
CA GLN G 672 -21.23 -18.66 12.57
C GLN G 672 -20.30 -19.53 13.42
N THR G 673 -19.04 -19.14 13.53
CA THR G 673 -18.07 -19.85 14.34
C THR G 673 -17.42 -18.91 15.35
N LEU G 674 -16.86 -19.49 16.41
CA LEU G 674 -16.25 -18.73 17.48
C LEU G 674 -14.76 -19.01 17.63
N TYR G 675 -13.97 -17.95 17.74
CA TYR G 675 -12.53 -18.07 17.94
C TYR G 675 -12.09 -17.34 19.20
N SER G 676 -11.30 -18.00 20.03
CA SER G 676 -10.80 -17.40 21.26
C SER G 676 -9.62 -16.47 21.02
N LYS G 677 -8.69 -16.91 20.16
CA LYS G 677 -7.49 -16.15 19.89
C LYS G 677 -7.37 -15.81 18.40
N TRP G 678 -6.63 -14.76 18.09
CA TRP G 678 -6.49 -14.30 16.71
C TRP G 678 -5.65 -15.26 15.85
N LYS G 679 -4.65 -15.89 16.47
CA LYS G 679 -3.75 -16.76 15.74
C LYS G 679 -4.41 -18.09 15.39
N ASP G 680 -5.54 -18.38 16.03
CA ASP G 680 -6.31 -19.57 15.70
C ASP G 680 -7.36 -19.26 14.64
N PHE G 681 -7.52 -17.97 14.35
CA PHE G 681 -8.41 -17.53 13.28
C PHE G 681 -7.58 -17.38 12.02
N HIS G 682 -7.83 -18.24 11.04
CA HIS G 682 -7.04 -18.20 9.82
C HIS G 682 -7.85 -17.63 8.66
N PHE G 683 -7.50 -16.41 8.29
CA PHE G 683 -8.06 -15.73 7.14
C PHE G 683 -6.94 -14.90 6.55
N GLU G 684 -7.22 -14.13 5.51
CA GLU G 684 -6.14 -13.35 4.93
C GLU G 684 -5.91 -12.13 5.80
N LYS G 685 -4.71 -12.05 6.38
CA LYS G 685 -4.38 -10.95 7.27
C LYS G 685 -3.42 -10.01 6.57
N ILE G 686 -3.92 -8.84 6.21
CA ILE G 686 -3.13 -7.87 5.49
C ILE G 686 -2.39 -6.95 6.48
N PRO G 687 -1.13 -6.64 6.20
CA PRO G 687 -0.36 -5.78 7.11
C PRO G 687 -0.87 -4.35 7.15
N PHE G 688 -0.69 -3.67 8.28
CA PHE G 688 -1.10 -2.28 8.41
C PHE G 688 -0.09 -1.38 7.71
N ASP G 689 -0.58 -0.60 6.74
CA ASP G 689 0.26 0.30 5.99
C ASP G 689 -0.14 1.75 6.21
N PRO G 690 0.79 2.56 6.76
CA PRO G 690 0.56 4.00 6.94
C PRO G 690 0.32 4.72 5.61
N ALA G 691 0.67 4.09 4.50
CA ALA G 691 0.57 4.69 3.18
C ALA G 691 -0.80 4.46 2.54
N GLU G 692 -1.70 3.82 3.28
CA GLU G 692 -3.05 3.59 2.77
C GLU G 692 -3.93 4.81 3.00
N PRO I 10 4.03 -40.89 -41.07
CA PRO I 10 3.40 -41.53 -39.92
C PRO I 10 3.61 -40.77 -38.62
N PHE I 11 3.39 -41.47 -37.54
CA PHE I 11 4.02 -41.22 -36.26
C PHE I 11 4.69 -42.56 -35.99
N LYS I 12 5.79 -42.59 -35.23
CA LYS I 12 6.54 -43.84 -35.06
C LYS I 12 5.83 -44.82 -34.13
N PRO I 13 5.39 -45.96 -34.67
CA PRO I 13 4.73 -47.00 -33.86
C PRO I 13 5.71 -47.80 -33.03
N ARG I 14 5.27 -48.26 -31.86
CA ARG I 14 6.08 -49.15 -31.04
C ARG I 14 5.99 -50.57 -31.59
N ASN I 15 7.02 -51.37 -31.34
CA ASN I 15 7.12 -52.70 -31.93
C ASN I 15 6.00 -53.64 -31.54
N TYR I 16 5.52 -53.55 -30.29
CA TYR I 16 4.47 -54.45 -29.82
C TYR I 16 3.14 -54.12 -30.51
N GLN I 17 3.01 -52.89 -30.99
CA GLN I 17 1.81 -52.49 -31.73
C GLN I 17 1.82 -53.13 -33.11
N LEU I 18 2.96 -53.10 -33.78
CA LEU I 18 3.12 -53.76 -35.07
C LEU I 18 2.91 -55.27 -34.91
N GLU I 19 3.42 -55.81 -33.81
CA GLU I 19 3.25 -57.22 -33.49
C GLU I 19 1.77 -57.56 -33.33
N LEU I 20 1.06 -56.74 -32.59
CA LEU I 20 -0.38 -56.94 -32.38
C LEU I 20 -1.16 -56.79 -33.68
N ALA I 21 -0.66 -55.95 -34.58
CA ALA I 21 -1.36 -55.67 -35.83
C ALA I 21 -1.04 -56.69 -36.93
N LEU I 22 0.04 -57.45 -36.73
CA LEU I 22 0.51 -58.38 -37.76
C LEU I 22 -0.51 -59.46 -38.18
N PRO I 23 -1.16 -60.15 -37.20
CA PRO I 23 -2.15 -61.14 -37.63
C PRO I 23 -3.29 -60.54 -38.42
N ALA I 24 -3.75 -59.36 -38.01
CA ALA I 24 -4.84 -58.68 -38.70
C ALA I 24 -4.40 -58.25 -40.10
N MET I 25 -3.17 -57.75 -40.20
CA MET I 25 -2.63 -57.29 -41.48
C MET I 25 -2.46 -58.44 -42.46
N LYS I 26 -2.44 -59.66 -41.95
CA LYS I 26 -2.32 -60.86 -42.79
C LYS I 26 -3.68 -61.30 -43.30
N GLY I 27 -4.72 -60.57 -42.91
CA GLY I 27 -6.07 -60.83 -43.37
C GLY I 27 -6.82 -61.82 -42.51
N LYS I 28 -6.32 -62.05 -41.30
CA LYS I 28 -6.96 -62.99 -40.39
C LYS I 28 -7.93 -62.28 -39.46
N ASN I 29 -9.06 -62.91 -39.19
CA ASN I 29 -9.97 -62.39 -38.17
C ASN I 29 -9.33 -62.56 -36.81
N THR I 30 -9.18 -61.47 -36.08
CA THR I 30 -8.28 -61.47 -34.93
C THR I 30 -8.82 -60.77 -33.71
N ILE I 31 -8.76 -61.44 -32.55
CA ILE I 31 -9.08 -60.79 -31.29
C ILE I 31 -7.80 -60.27 -30.66
N ILE I 32 -7.66 -58.95 -30.58
CA ILE I 32 -6.46 -58.35 -30.04
C ILE I 32 -6.62 -58.07 -28.55
N CYS I 33 -5.81 -58.75 -27.74
CA CYS I 33 -5.87 -58.63 -26.30
C CYS I 33 -4.60 -58.00 -25.75
N ALA I 34 -4.70 -56.77 -25.27
CA ALA I 34 -3.56 -56.03 -24.74
C ALA I 34 -3.98 -55.12 -23.59
N PRO I 35 -3.06 -54.84 -22.65
CA PRO I 35 -3.34 -54.00 -21.48
C PRO I 35 -3.92 -52.64 -21.83
N THR I 36 -4.75 -52.10 -20.94
CA THR I 36 -5.37 -50.80 -21.16
C THR I 36 -4.35 -49.68 -21.19
N GLY I 37 -4.39 -48.87 -22.25
CA GLY I 37 -3.52 -47.73 -22.37
C GLY I 37 -2.23 -48.02 -23.11
N CYS I 38 -2.21 -49.11 -23.86
CA CYS I 38 -1.03 -49.51 -24.62
C CYS I 38 -1.07 -48.90 -26.02
N GLY I 39 -2.04 -48.02 -26.26
CA GLY I 39 -2.19 -47.39 -27.55
C GLY I 39 -2.86 -48.24 -28.63
N LYS I 40 -4.01 -48.81 -28.28
CA LYS I 40 -4.80 -49.60 -29.23
C LYS I 40 -5.26 -48.78 -30.44
N THR I 41 -5.39 -47.48 -30.26
CA THR I 41 -5.88 -46.59 -31.31
C THR I 41 -4.98 -46.63 -32.54
N PHE I 42 -3.67 -46.53 -32.30
CA PHE I 42 -2.70 -46.55 -33.39
C PHE I 42 -2.69 -47.92 -34.06
N VAL I 43 -3.00 -48.97 -33.29
CA VAL I 43 -3.12 -50.30 -33.85
C VAL I 43 -4.27 -50.34 -34.84
N SER I 44 -5.41 -49.79 -34.42
CA SER I 44 -6.59 -49.66 -35.27
C SER I 44 -6.25 -48.91 -36.56
N LEU I 45 -5.50 -47.82 -36.41
CA LEU I 45 -5.10 -47.01 -37.56
C LEU I 45 -4.21 -47.79 -38.52
N LEU I 46 -3.24 -48.52 -37.99
CA LEU I 46 -2.33 -49.33 -38.80
C LEU I 46 -3.09 -50.39 -39.58
N ILE I 47 -3.91 -51.15 -38.86
CA ILE I 47 -4.70 -52.22 -39.48
C ILE I 47 -5.62 -51.66 -40.57
N CYS I 48 -6.28 -50.53 -40.27
CA CYS I 48 -7.19 -49.91 -41.22
C CYS I 48 -6.48 -49.41 -42.48
N GLU I 49 -5.35 -48.73 -42.28
CA GLU I 49 -4.57 -48.22 -43.39
C GLU I 49 -4.07 -49.35 -44.30
N HIS I 50 -3.47 -50.36 -43.68
CA HIS I 50 -2.98 -51.51 -44.41
C HIS I 50 -4.11 -52.21 -45.16
N HIS I 51 -5.28 -52.26 -44.54
CA HIS I 51 -6.45 -52.88 -45.16
C HIS I 51 -6.92 -52.09 -46.38
N LEU I 52 -6.89 -50.77 -46.30
CA LEU I 52 -7.34 -49.93 -47.39
C LEU I 52 -6.36 -49.89 -48.55
N LYS I 53 -5.07 -50.02 -48.24
CA LYS I 53 -4.05 -49.90 -49.29
C LYS I 53 -3.79 -51.21 -50.03
N LYS I 54 -4.32 -52.32 -49.50
CA LYS I 54 -4.05 -53.64 -50.07
C LYS I 54 -4.86 -53.90 -51.34
N PHE I 55 -5.96 -53.17 -51.50
CA PHE I 55 -6.84 -53.34 -52.65
C PHE I 55 -6.17 -52.89 -53.94
N PRO I 56 -6.49 -53.55 -55.06
CA PRO I 56 -5.93 -53.19 -56.37
C PRO I 56 -6.33 -51.80 -56.83
N GLN I 57 -5.86 -51.39 -58.00
CA GLN I 57 -6.11 -50.05 -58.52
C GLN I 57 -7.59 -49.83 -58.82
N GLY I 58 -8.27 -50.89 -59.23
CA GLY I 58 -9.67 -50.79 -59.62
C GLY I 58 -10.66 -50.82 -58.48
N GLN I 59 -10.30 -51.50 -57.39
CA GLN I 59 -11.23 -51.70 -56.29
C GLN I 59 -10.95 -50.81 -55.09
N LYS I 60 -11.80 -50.93 -54.07
CA LYS I 60 -11.68 -50.15 -52.84
C LYS I 60 -12.32 -50.91 -51.68
N GLY I 61 -11.85 -50.65 -50.46
CA GLY I 61 -12.41 -51.28 -49.29
C GLY I 61 -13.32 -50.36 -48.50
N LYS I 62 -14.08 -50.94 -47.57
CA LYS I 62 -14.94 -50.16 -46.68
C LYS I 62 -14.82 -50.67 -45.25
N VAL I 63 -14.37 -49.81 -44.36
CA VAL I 63 -14.13 -50.19 -42.97
C VAL I 63 -15.19 -49.59 -42.04
N VAL I 64 -15.63 -50.38 -41.07
CA VAL I 64 -16.56 -49.85 -40.07
C VAL I 64 -16.02 -50.09 -38.65
N PHE I 65 -15.97 -49.03 -37.86
CA PHE I 65 -15.48 -49.09 -36.49
C PHE I 65 -16.66 -49.01 -35.53
N PHE I 66 -16.66 -49.83 -34.49
CA PHE I 66 -17.75 -49.86 -33.53
C PHE I 66 -17.30 -49.35 -32.17
N ALA I 67 -17.91 -48.25 -31.73
CA ALA I 67 -17.66 -47.67 -30.42
C ALA I 67 -18.90 -47.76 -29.56
N ASN I 68 -18.76 -48.34 -28.38
CA ASN I 68 -19.90 -48.56 -27.49
C ASN I 68 -20.50 -47.27 -26.96
N GLN I 69 -19.65 -46.31 -26.59
CA GLN I 69 -20.13 -45.09 -25.96
C GLN I 69 -19.82 -43.86 -26.81
N ILE I 70 -20.62 -42.81 -26.62
CA ILE I 70 -20.50 -41.57 -27.38
C ILE I 70 -19.12 -40.88 -27.32
N PRO I 71 -18.51 -40.77 -26.12
CA PRO I 71 -17.18 -40.12 -26.11
C PRO I 71 -16.15 -40.85 -26.97
N VAL I 72 -16.16 -42.18 -26.89
CA VAL I 72 -15.27 -43.00 -27.70
C VAL I 72 -15.60 -42.84 -29.19
N TYR I 73 -16.89 -42.78 -29.48
CA TYR I 73 -17.37 -42.55 -30.84
C TYR I 73 -16.79 -41.27 -31.42
N GLU I 74 -16.94 -40.17 -30.69
CA GLU I 74 -16.43 -38.87 -31.13
C GLU I 74 -14.91 -38.88 -31.26
N GLN I 75 -14.23 -39.46 -30.28
CA GLN I 75 -12.77 -39.51 -30.29
C GLN I 75 -12.25 -40.25 -31.51
N GLN I 76 -12.77 -41.46 -31.72
CA GLN I 76 -12.33 -42.30 -32.83
C GLN I 76 -12.68 -41.68 -34.18
N LYS I 77 -13.88 -41.10 -34.29
CA LYS I 77 -14.28 -40.45 -35.52
C LYS I 77 -13.34 -39.29 -35.84
N SER I 78 -12.97 -38.55 -34.80
CA SER I 78 -12.05 -37.43 -34.93
C SER I 78 -10.68 -37.88 -35.42
N VAL I 79 -10.11 -38.87 -34.73
CA VAL I 79 -8.79 -39.38 -35.07
C VAL I 79 -8.73 -39.95 -36.48
N PHE I 80 -9.70 -40.78 -36.82
CA PHE I 80 -9.78 -41.38 -38.16
C PHE I 80 -9.95 -40.30 -39.23
N SER I 81 -10.83 -39.34 -38.97
CA SER I 81 -11.08 -38.26 -39.92
C SER I 81 -9.82 -37.44 -40.18
N LYS I 82 -9.09 -37.12 -39.11
CA LYS I 82 -7.87 -36.33 -39.25
C LYS I 82 -6.75 -37.13 -39.89
N TYR I 83 -6.77 -38.44 -39.70
CA TYR I 83 -5.72 -39.30 -40.22
C TYR I 83 -5.86 -39.63 -41.71
N PHE I 84 -7.07 -40.01 -42.13
CA PHE I 84 -7.23 -40.64 -43.45
C PHE I 84 -7.70 -39.80 -44.64
N GLU I 85 -8.06 -38.53 -44.44
CA GLU I 85 -8.55 -37.75 -45.58
C GLU I 85 -7.40 -37.31 -46.49
N ARG I 86 -6.25 -37.06 -45.88
CA ARG I 86 -5.05 -36.71 -46.64
C ARG I 86 -4.71 -37.81 -47.65
N HIS I 87 -5.09 -39.04 -47.34
CA HIS I 87 -4.86 -40.17 -48.21
C HIS I 87 -6.02 -40.36 -49.20
N GLY I 88 -7.10 -39.61 -49.00
CA GLY I 88 -8.21 -39.62 -49.93
C GLY I 88 -9.37 -40.51 -49.53
N TYR I 89 -9.37 -40.96 -48.28
CA TYR I 89 -10.47 -41.78 -47.77
C TYR I 89 -11.47 -40.92 -47.00
N ARG I 90 -12.74 -40.98 -47.39
CA ARG I 90 -13.77 -40.20 -46.73
C ARG I 90 -14.19 -40.88 -45.44
N VAL I 91 -14.04 -40.17 -44.32
CA VAL I 91 -14.41 -40.69 -43.02
C VAL I 91 -15.69 -40.02 -42.52
N THR I 92 -16.61 -40.82 -42.01
CA THR I 92 -17.84 -40.28 -41.44
C THR I 92 -18.28 -41.12 -40.24
N GLY I 93 -19.39 -40.74 -39.64
CA GLY I 93 -19.93 -41.47 -38.51
C GLY I 93 -21.42 -41.33 -38.35
N ILE I 94 -22.06 -42.31 -37.72
CA ILE I 94 -23.48 -42.24 -37.43
C ILE I 94 -23.76 -42.64 -35.99
N SER I 95 -24.28 -41.69 -35.21
CA SER I 95 -24.66 -41.98 -33.82
C SER I 95 -26.16 -41.79 -33.65
N GLY I 96 -26.64 -41.96 -32.43
CA GLY I 96 -28.06 -41.87 -32.15
C GLY I 96 -28.68 -40.53 -32.50
N ALA I 97 -27.90 -39.46 -32.41
CA ALA I 97 -28.40 -38.13 -32.69
C ALA I 97 -28.55 -37.88 -34.18
N THR I 98 -27.61 -38.39 -34.97
CA THR I 98 -27.61 -38.17 -36.41
C THR I 98 -28.21 -39.33 -37.21
N ALA I 99 -28.74 -40.33 -36.53
CA ALA I 99 -29.22 -41.54 -37.20
C ALA I 99 -30.59 -41.38 -37.85
N GLU I 100 -31.40 -40.45 -37.35
CA GLU I 100 -32.77 -40.33 -37.80
C GLU I 100 -32.94 -39.46 -39.03
N ASN I 101 -33.85 -39.86 -39.90
CA ASN I 101 -34.21 -39.10 -41.10
C ASN I 101 -33.03 -38.83 -42.03
N VAL I 102 -32.17 -39.83 -42.19
CA VAL I 102 -31.06 -39.74 -43.12
C VAL I 102 -30.90 -41.05 -43.90
N PRO I 103 -30.52 -40.96 -45.18
CA PRO I 103 -30.32 -42.16 -46.00
C PRO I 103 -29.07 -42.92 -45.58
N VAL I 104 -29.18 -43.67 -44.48
CA VAL I 104 -28.07 -44.41 -43.90
C VAL I 104 -27.37 -45.31 -44.93
N GLU I 105 -28.14 -45.89 -45.83
CA GLU I 105 -27.58 -46.73 -46.90
C GLU I 105 -26.63 -45.93 -47.77
N GLN I 106 -27.05 -44.73 -48.18
CA GLN I 106 -26.24 -43.86 -49.00
C GLN I 106 -25.03 -43.33 -48.22
N ILE I 107 -25.23 -43.05 -46.95
CA ILE I 107 -24.15 -42.58 -46.09
C ILE I 107 -23.04 -43.63 -46.00
N VAL I 108 -23.44 -44.88 -45.85
CA VAL I 108 -22.49 -45.99 -45.82
C VAL I 108 -21.82 -46.16 -47.18
N GLU I 109 -22.62 -46.10 -48.24
CA GLU I 109 -22.10 -46.30 -49.59
C GLU I 109 -21.07 -45.26 -50.01
N ASN I 110 -21.29 -44.02 -49.59
CA ASN I 110 -20.48 -42.90 -50.06
C ASN I 110 -19.24 -42.62 -49.21
N ASN I 111 -18.99 -43.46 -48.21
CA ASN I 111 -17.83 -43.27 -47.34
C ASN I 111 -16.98 -44.53 -47.21
N ASP I 112 -15.67 -44.33 -47.13
CA ASP I 112 -14.72 -45.44 -47.01
C ASP I 112 -14.60 -45.93 -45.57
N ILE I 113 -14.54 -45.01 -44.62
CA ILE I 113 -14.42 -45.37 -43.21
C ILE I 113 -15.61 -44.81 -42.43
N ILE I 114 -16.32 -45.69 -41.74
CA ILE I 114 -17.55 -45.29 -41.04
C ILE I 114 -17.53 -45.72 -39.59
N ILE I 115 -17.66 -44.74 -38.69
CA ILE I 115 -17.69 -45.02 -37.26
C ILE I 115 -19.12 -45.04 -36.75
N LEU I 116 -19.49 -46.15 -36.12
CA LEU I 116 -20.87 -46.42 -35.73
C LEU I 116 -20.98 -46.86 -34.28
N THR I 117 -22.08 -46.51 -33.65
CA THR I 117 -22.49 -47.19 -32.42
C THR I 117 -23.28 -48.40 -32.88
N PRO I 118 -23.09 -49.56 -32.21
CA PRO I 118 -23.61 -50.84 -32.69
C PRO I 118 -25.12 -50.87 -32.93
N GLN I 119 -25.87 -50.13 -32.11
CA GLN I 119 -27.32 -50.12 -32.20
C GLN I 119 -27.81 -49.59 -33.54
N ILE I 120 -27.07 -48.65 -34.12
CA ILE I 120 -27.41 -48.11 -35.43
C ILE I 120 -27.40 -49.22 -36.48
N LEU I 121 -26.34 -50.03 -36.48
CA LEU I 121 -26.22 -51.09 -37.47
C LEU I 121 -27.22 -52.20 -37.17
N VAL I 122 -27.48 -52.47 -35.90
CA VAL I 122 -28.49 -53.46 -35.53
C VAL I 122 -29.86 -53.08 -36.10
N ASN I 123 -30.30 -51.87 -35.77
CA ASN I 123 -31.58 -51.35 -36.25
C ASN I 123 -31.65 -51.32 -37.77
N ASN I 124 -30.64 -50.76 -38.41
CA ASN I 124 -30.65 -50.62 -39.86
C ASN I 124 -30.50 -51.95 -40.60
N LEU I 125 -30.02 -52.97 -39.90
CA LEU I 125 -30.00 -54.33 -40.45
C LEU I 125 -31.39 -54.94 -40.33
N LYS I 126 -32.03 -54.71 -39.19
CA LYS I 126 -33.33 -55.30 -38.91
C LYS I 126 -34.42 -54.82 -39.87
N LYS I 127 -34.46 -53.52 -40.12
CA LYS I 127 -35.52 -52.93 -40.94
C LYS I 127 -35.17 -53.01 -42.43
N GLY I 128 -33.94 -53.41 -42.73
CA GLY I 128 -33.56 -53.73 -44.09
C GLY I 128 -32.87 -52.67 -44.92
N THR I 129 -32.60 -51.51 -44.32
CA THR I 129 -31.93 -50.43 -45.04
C THR I 129 -30.51 -50.87 -45.44
N ILE I 130 -29.86 -51.61 -44.56
CA ILE I 130 -28.60 -52.27 -44.92
C ILE I 130 -28.90 -53.74 -45.19
N PRO I 131 -28.88 -54.14 -46.47
CA PRO I 131 -29.27 -55.49 -46.89
C PRO I 131 -28.32 -56.58 -46.37
N SER I 132 -27.02 -56.30 -46.41
CA SER I 132 -26.02 -57.29 -46.02
C SER I 132 -24.79 -56.63 -45.45
N LEU I 133 -24.00 -57.40 -44.71
CA LEU I 133 -22.75 -56.92 -44.14
C LEU I 133 -21.64 -57.05 -45.16
N SER I 134 -22.00 -57.52 -46.35
CA SER I 134 -21.06 -57.70 -47.45
C SER I 134 -20.62 -56.36 -48.04
N ILE I 135 -21.28 -55.28 -47.62
CA ILE I 135 -20.93 -53.94 -48.05
C ILE I 135 -19.62 -53.50 -47.39
N PHE I 136 -19.34 -54.06 -46.21
CA PHE I 136 -18.11 -53.76 -45.50
C PHE I 136 -17.03 -54.79 -45.83
N THR I 137 -15.80 -54.32 -46.07
CA THR I 137 -14.68 -55.23 -46.22
C THR I 137 -13.92 -55.43 -44.90
N LEU I 138 -14.22 -54.60 -43.90
CA LEU I 138 -13.57 -54.72 -42.60
C LEU I 138 -14.46 -54.23 -41.46
N MET I 139 -14.43 -54.96 -40.35
CA MET I 139 -15.17 -54.57 -39.14
C MET I 139 -14.23 -54.57 -37.95
N ILE I 140 -14.33 -53.53 -37.13
CA ILE I 140 -13.50 -53.43 -35.93
C ILE I 140 -14.36 -53.17 -34.70
N PHE I 141 -14.38 -54.11 -33.76
CA PHE I 141 -15.18 -53.95 -32.55
C PHE I 141 -14.33 -53.43 -31.39
N ASP I 142 -14.63 -52.23 -30.92
CA ASP I 142 -13.93 -51.73 -29.73
C ASP I 142 -14.57 -52.32 -28.49
N GLU I 143 -13.74 -52.74 -27.54
CA GLU I 143 -14.19 -53.48 -26.36
C GLU I 143 -14.99 -54.71 -26.77
N CYS I 144 -14.38 -55.54 -27.62
CA CYS I 144 -15.05 -56.66 -28.26
C CYS I 144 -15.47 -57.77 -27.30
N HIS I 145 -15.01 -57.71 -26.05
CA HIS I 145 -15.41 -58.69 -25.05
C HIS I 145 -16.90 -58.60 -24.75
N ASN I 146 -17.51 -57.51 -25.21
CA ASN I 146 -18.95 -57.31 -25.08
C ASN I 146 -19.75 -58.19 -26.01
N THR I 147 -19.08 -58.96 -26.87
CA THR I 147 -19.82 -59.77 -27.81
C THR I 147 -20.14 -61.10 -27.14
N SER I 148 -21.41 -61.21 -26.75
CA SER I 148 -21.91 -62.31 -25.95
C SER I 148 -23.34 -61.96 -25.58
N LYS I 149 -24.12 -62.95 -25.17
CA LYS I 149 -25.49 -62.72 -24.74
C LYS I 149 -26.28 -61.92 -25.77
N GLN I 150 -27.06 -60.95 -25.29
CA GLN I 150 -27.93 -60.15 -26.16
C GLN I 150 -27.36 -58.79 -26.59
N HIS I 151 -26.13 -58.50 -26.21
CA HIS I 151 -25.48 -57.23 -26.56
C HIS I 151 -25.49 -56.99 -28.08
N PRO I 152 -25.69 -55.73 -28.50
CA PRO I 152 -25.76 -55.32 -29.91
C PRO I 152 -24.63 -55.86 -30.77
N TYR I 153 -23.42 -55.91 -30.23
CA TYR I 153 -22.28 -56.53 -30.91
C TYR I 153 -22.64 -57.95 -31.34
N ASN I 154 -23.18 -58.70 -30.38
CA ASN I 154 -23.53 -60.09 -30.62
C ASN I 154 -24.67 -60.22 -31.61
N MET I 155 -25.52 -59.20 -31.70
CA MET I 155 -26.59 -59.18 -32.68
C MET I 155 -26.02 -59.03 -34.08
N ILE I 156 -25.11 -58.07 -34.24
CA ILE I 156 -24.42 -57.87 -35.50
C ILE I 156 -23.70 -59.14 -35.94
N MET I 157 -23.01 -59.77 -34.99
CA MET I 157 -22.30 -61.01 -35.29
C MET I 157 -23.26 -62.16 -35.58
N PHE I 158 -24.47 -62.10 -35.00
CA PHE I 158 -25.50 -63.09 -35.31
C PHE I 158 -25.86 -62.96 -36.79
N ASN I 159 -26.07 -61.72 -37.23
CA ASN I 159 -26.32 -61.47 -38.65
C ASN I 159 -25.19 -62.02 -39.50
N TYR I 160 -23.96 -61.70 -39.11
CA TYR I 160 -22.76 -62.17 -39.81
C TYR I 160 -22.72 -63.68 -39.96
N LEU I 161 -22.87 -64.40 -38.85
CA LEU I 161 -22.79 -65.85 -38.84
C LEU I 161 -23.95 -66.47 -39.62
N ASP I 162 -25.11 -65.85 -39.53
CA ASP I 162 -26.28 -66.31 -40.28
C ASP I 162 -26.02 -66.20 -41.78
N GLN I 163 -25.28 -65.18 -42.19
CA GLN I 163 -24.90 -65.07 -43.60
C GLN I 163 -23.80 -66.06 -43.98
N LYS I 164 -22.84 -66.26 -43.08
CA LYS I 164 -21.71 -67.14 -43.33
C LYS I 164 -22.13 -68.60 -43.47
N LEU I 165 -22.98 -69.04 -42.56
CA LEU I 165 -23.35 -70.45 -42.46
C LEU I 165 -24.52 -70.78 -43.39
N GLY I 166 -24.98 -69.77 -44.13
CA GLY I 166 -26.04 -69.97 -45.10
C GLY I 166 -25.50 -70.36 -46.46
N GLY I 167 -26.36 -70.36 -47.46
CA GLY I 167 -25.96 -70.74 -48.81
C GLY I 167 -25.28 -69.62 -49.57
N GLY I 170 -22.50 -64.79 -50.53
CA GLY I 170 -21.81 -63.52 -50.68
C GLY I 170 -20.59 -63.43 -49.79
N PRO I 171 -19.65 -62.52 -50.12
CA PRO I 171 -18.42 -62.33 -49.35
C PRO I 171 -18.69 -61.68 -47.99
N LEU I 172 -17.74 -61.84 -47.06
CA LEU I 172 -17.88 -61.29 -45.72
C LEU I 172 -16.65 -60.51 -45.28
N PRO I 173 -16.85 -59.47 -44.46
CA PRO I 173 -15.76 -58.63 -43.97
C PRO I 173 -14.85 -59.31 -42.95
N GLN I 174 -13.58 -58.92 -42.95
CA GLN I 174 -12.62 -59.35 -41.95
C GLN I 174 -13.02 -58.79 -40.59
N VAL I 175 -13.00 -59.62 -39.55
CA VAL I 175 -13.43 -59.15 -38.23
C VAL I 175 -12.28 -59.03 -37.24
N ILE I 176 -12.10 -57.83 -36.71
CA ILE I 176 -11.06 -57.56 -35.73
C ILE I 176 -11.66 -57.07 -34.43
N GLY I 177 -11.47 -57.83 -33.37
CA GLY I 177 -11.89 -57.41 -32.04
C GLY I 177 -10.77 -56.73 -31.28
N LEU I 178 -11.14 -55.85 -30.35
CA LEU I 178 -10.16 -55.17 -29.51
C LEU I 178 -10.61 -55.19 -28.06
N THR I 179 -9.79 -55.78 -27.18
CA THR I 179 -10.15 -55.79 -25.77
C THR I 179 -8.93 -55.92 -24.86
N ALA I 180 -9.08 -55.46 -23.61
CA ALA I 180 -8.06 -55.65 -22.60
C ALA I 180 -8.16 -57.04 -21.99
N SER I 181 -9.40 -57.50 -21.81
CA SER I 181 -9.66 -58.82 -21.23
C SER I 181 -10.81 -59.52 -21.93
N VAL I 182 -10.58 -60.75 -22.37
CA VAL I 182 -11.63 -61.53 -23.02
C VAL I 182 -12.59 -62.10 -21.98
N GLY I 183 -12.09 -62.33 -20.79
CA GLY I 183 -12.90 -62.80 -19.67
C GLY I 183 -13.03 -64.31 -19.67
N VAL I 184 -13.12 -64.90 -18.47
CA VAL I 184 -13.33 -66.34 -18.35
C VAL I 184 -14.79 -66.70 -18.02
N GLY I 185 -15.63 -65.70 -17.81
CA GLY I 185 -16.99 -65.95 -17.38
C GLY I 185 -17.06 -66.52 -15.99
N ASP I 186 -17.84 -67.59 -15.83
CA ASP I 186 -18.05 -68.24 -14.53
C ASP I 186 -17.12 -69.44 -14.29
N ALA I 187 -16.19 -69.67 -15.22
CA ALA I 187 -15.30 -70.83 -15.18
C ALA I 187 -14.56 -71.02 -13.85
N LYS I 188 -14.60 -72.24 -13.33
CA LYS I 188 -13.91 -72.57 -12.09
C LYS I 188 -12.56 -73.25 -12.32
N ASN I 189 -12.21 -73.51 -13.58
CA ASN I 189 -10.94 -74.14 -13.90
C ASN I 189 -10.47 -73.82 -15.32
N THR I 190 -9.20 -74.07 -15.59
CA THR I 190 -8.53 -73.62 -16.81
C THR I 190 -9.20 -74.04 -18.12
N ASP I 191 -9.74 -75.25 -18.16
CA ASP I 191 -10.35 -75.76 -19.38
C ASP I 191 -11.73 -75.18 -19.64
N GLU I 192 -12.47 -74.90 -18.58
CA GLU I 192 -13.76 -74.21 -18.72
C GLU I 192 -13.53 -72.80 -19.25
N ALA I 193 -12.45 -72.19 -18.79
CA ALA I 193 -12.03 -70.88 -19.27
C ALA I 193 -11.66 -70.96 -20.74
N LEU I 194 -10.92 -72.01 -21.10
CA LEU I 194 -10.54 -72.28 -22.49
C LEU I 194 -11.79 -72.38 -23.35
N ASP I 195 -12.74 -73.16 -22.86
CA ASP I 195 -14.07 -73.34 -23.41
C ASP I 195 -14.72 -72.00 -23.72
N TYR I 196 -14.75 -71.14 -22.70
CA TYR I 196 -15.42 -69.85 -22.80
C TYR I 196 -14.75 -68.90 -23.78
N ILE I 197 -13.42 -68.83 -23.72
CA ILE I 197 -12.64 -68.03 -24.66
C ILE I 197 -12.88 -68.52 -26.09
N CYS I 198 -13.00 -69.83 -26.25
CA CYS I 198 -13.31 -70.41 -27.54
C CYS I 198 -14.68 -69.97 -28.02
N LYS I 199 -15.66 -69.95 -27.12
CA LYS I 199 -17.00 -69.49 -27.48
C LYS I 199 -16.98 -68.02 -27.90
N LEU I 200 -16.21 -67.20 -27.19
CA LEU I 200 -16.06 -65.80 -27.54
C LEU I 200 -15.43 -65.66 -28.93
N CYS I 201 -14.41 -66.46 -29.19
CA CYS I 201 -13.76 -66.46 -30.50
C CYS I 201 -14.72 -66.88 -31.60
N ALA I 202 -15.68 -67.72 -31.24
CA ALA I 202 -16.69 -68.18 -32.18
C ALA I 202 -17.69 -67.07 -32.47
N SER I 203 -18.05 -66.31 -31.44
CA SER I 203 -18.98 -65.21 -31.59
C SER I 203 -18.44 -64.13 -32.53
N LEU I 204 -17.13 -63.87 -32.43
CA LEU I 204 -16.49 -62.86 -33.27
C LEU I 204 -15.87 -63.47 -34.52
N ASP I 205 -16.03 -64.78 -34.67
CA ASP I 205 -15.51 -65.51 -35.83
C ASP I 205 -14.02 -65.28 -36.02
N ALA I 206 -13.25 -65.38 -34.93
CA ALA I 206 -11.82 -65.13 -34.98
C ALA I 206 -11.02 -66.42 -34.86
N SER I 207 -10.05 -66.60 -35.75
CA SER I 207 -9.19 -67.77 -35.71
C SER I 207 -7.86 -67.50 -35.01
N VAL I 208 -7.63 -66.26 -34.62
CA VAL I 208 -6.35 -65.86 -34.02
C VAL I 208 -6.54 -64.89 -32.85
N ILE I 209 -5.85 -65.17 -31.75
CA ILE I 209 -5.81 -64.24 -30.62
C ILE I 209 -4.44 -63.58 -30.52
N ALA I 210 -4.38 -62.29 -30.81
CA ALA I 210 -3.12 -61.56 -30.81
C ALA I 210 -2.79 -61.01 -29.43
N THR I 211 -1.62 -61.40 -28.92
CA THR I 211 -1.12 -60.89 -27.67
C THR I 211 0.36 -60.54 -27.83
N VAL I 212 0.90 -59.75 -26.90
CA VAL I 212 2.30 -59.37 -26.95
C VAL I 212 3.17 -60.48 -26.34
N LYS I 213 4.10 -61.00 -27.13
CA LYS I 213 4.98 -62.07 -26.67
C LYS I 213 6.45 -61.71 -26.90
N HIS I 214 6.82 -61.54 -28.16
CA HIS I 214 8.20 -61.21 -28.52
C HIS I 214 8.67 -59.89 -27.88
N ASN I 215 7.79 -58.90 -27.92
CA ASN I 215 8.13 -57.53 -27.50
C ASN I 215 7.78 -57.15 -26.06
N LEU I 216 7.39 -58.13 -25.25
CA LEU I 216 6.89 -57.91 -23.89
C LEU I 216 7.67 -56.89 -23.06
N GLU I 217 9.00 -56.93 -23.17
CA GLU I 217 9.85 -56.02 -22.41
C GLU I 217 9.60 -54.56 -22.76
N GLU I 218 9.28 -54.31 -24.03
CA GLU I 218 8.96 -52.96 -24.47
C GLU I 218 7.62 -52.51 -23.92
N LEU I 219 6.69 -53.46 -23.84
CA LEU I 219 5.34 -53.18 -23.34
C LEU I 219 5.33 -52.90 -21.84
N GLU I 220 6.19 -53.60 -21.10
CA GLU I 220 6.18 -53.51 -19.65
C GLU I 220 6.67 -52.15 -19.13
N GLN I 221 7.39 -51.40 -19.97
CA GLN I 221 7.89 -50.09 -19.58
C GLN I 221 6.99 -48.97 -20.06
N VAL I 222 5.90 -49.33 -20.74
CA VAL I 222 4.87 -48.37 -21.12
C VAL I 222 3.70 -48.50 -20.14
N VAL I 223 3.10 -49.68 -20.10
CA VAL I 223 2.02 -49.95 -19.18
C VAL I 223 2.53 -50.74 -17.98
N TYR I 224 2.54 -50.09 -16.81
CA TYR I 224 2.97 -50.73 -15.58
C TYR I 224 1.77 -51.22 -14.78
N LYS I 225 1.94 -52.36 -14.11
CA LYS I 225 0.90 -52.91 -13.25
C LYS I 225 0.98 -52.34 -11.84
N PRO I 226 -0.04 -51.55 -11.43
CA PRO I 226 -0.07 -50.95 -10.10
C PRO I 226 -0.20 -52.01 -9.00
N GLN I 227 0.46 -51.76 -7.87
CA GLN I 227 0.42 -52.68 -6.74
C GLN I 227 -0.92 -52.62 -6.02
N LYS I 228 -1.51 -53.77 -5.74
CA LYS I 228 -2.82 -53.82 -5.10
C LYS I 228 -2.72 -54.20 -3.63
N PHE I 229 -3.42 -53.45 -2.78
CA PHE I 229 -3.45 -53.72 -1.36
C PHE I 229 -4.87 -54.04 -0.90
N PHE I 230 -4.99 -54.80 0.17
CA PHE I 230 -6.29 -55.17 0.71
C PHE I 230 -6.45 -54.67 2.13
N ARG I 231 -7.38 -53.74 2.33
CA ARG I 231 -7.67 -53.22 3.66
C ARG I 231 -8.97 -53.79 4.19
N LYS I 232 -8.84 -54.67 5.18
CA LYS I 232 -9.98 -55.31 5.81
C LYS I 232 -10.24 -54.73 7.18
N VAL I 233 -11.36 -54.03 7.32
CA VAL I 233 -11.72 -53.40 8.58
C VAL I 233 -12.97 -54.05 9.15
N GLU I 234 -13.46 -53.51 10.27
CA GLU I 234 -14.62 -54.08 10.95
C GLU I 234 -15.76 -53.07 11.03
N SER I 235 -16.96 -53.58 11.26
CA SER I 235 -18.15 -52.74 11.38
C SER I 235 -18.10 -51.87 12.64
N ARG I 236 -18.89 -50.81 12.64
CA ARG I 236 -18.89 -49.82 13.70
C ARG I 236 -19.37 -50.36 15.05
N ILE I 237 -18.82 -49.77 16.12
CA ILE I 237 -19.33 -49.86 17.49
C ILE I 237 -20.69 -50.52 17.66
N ASP I 239 -24.27 -49.54 18.62
CA ASP I 239 -25.48 -49.31 17.83
C ASP I 239 -26.46 -48.40 18.56
N LYS I 240 -26.61 -47.18 18.05
CA LYS I 240 -27.54 -46.21 18.60
C LYS I 240 -28.49 -45.74 17.50
N PHE I 241 -27.90 -45.14 16.47
CA PHE I 241 -28.62 -44.71 15.27
C PHE I 241 -29.52 -45.80 14.70
N LYS I 242 -28.94 -46.99 14.52
CA LYS I 242 -29.67 -48.12 13.96
C LYS I 242 -30.84 -48.54 14.84
N TYR I 243 -30.64 -48.51 16.15
CA TYR I 243 -31.70 -48.89 17.09
C TYR I 243 -32.90 -47.96 16.95
N ILE I 244 -32.63 -46.66 16.85
CA ILE I 244 -33.69 -45.66 16.71
C ILE I 244 -34.42 -45.81 15.38
N ILE I 245 -33.67 -45.86 14.28
CA ILE I 245 -34.28 -45.99 12.97
C ILE I 245 -35.09 -47.28 12.87
N ALA I 246 -34.60 -48.34 13.50
CA ALA I 246 -35.32 -49.59 13.56
C ALA I 246 -36.62 -49.41 14.34
N GLN I 247 -36.53 -48.69 15.46
CA GLN I 247 -37.71 -48.39 16.27
C GLN I 247 -38.78 -47.70 15.43
N LEU I 248 -38.35 -46.83 14.53
CA LEU I 248 -39.28 -46.23 13.57
C LEU I 248 -39.81 -47.30 12.60
N MET I 249 -38.92 -48.19 12.18
CA MET I 249 -39.22 -49.17 11.15
C MET I 249 -40.27 -50.19 11.54
N ARG I 250 -40.21 -50.71 12.77
CA ARG I 250 -41.17 -51.74 13.18
C ARG I 250 -42.52 -51.16 13.52
N ASP I 251 -42.56 -49.89 13.92
CA ASP I 251 -43.82 -49.18 14.08
C ASP I 251 -44.48 -49.07 12.72
N THR I 252 -43.70 -48.53 11.78
CA THR I 252 -44.11 -48.37 10.40
C THR I 252 -44.55 -49.70 9.80
N GLU I 253 -43.95 -50.78 10.28
CA GLU I 253 -44.32 -52.13 9.86
C GLU I 253 -45.57 -52.61 10.57
N SER I 254 -45.85 -52.03 11.74
CA SER I 254 -46.98 -52.46 12.56
C SER I 254 -48.30 -51.92 12.04
N LEU I 255 -48.31 -50.65 11.61
CA LEU I 255 -49.56 -50.06 11.11
C LEU I 255 -50.17 -50.89 9.98
N ALA I 256 -49.35 -51.19 8.98
CA ALA I 256 -49.78 -51.99 7.84
C ALA I 256 -50.29 -53.34 8.29
N LYS I 257 -49.66 -53.89 9.32
CA LYS I 257 -50.08 -55.17 9.88
C LYS I 257 -51.48 -55.05 10.44
N ARG I 258 -51.78 -53.88 11.00
CA ARG I 258 -53.13 -53.61 11.48
C ARG I 258 -54.11 -53.59 10.31
N ILE I 259 -53.66 -53.07 9.17
CA ILE I 259 -54.54 -53.07 8.00
C ILE I 259 -54.92 -54.49 7.52
N CYS I 260 -53.94 -55.38 7.33
CA CYS I 260 -54.20 -56.82 7.14
C CYS I 260 -52.91 -57.67 7.37
N LYS I 261 -53.04 -58.98 7.26
CA LYS I 261 -52.19 -59.96 7.86
C LYS I 261 -51.20 -60.43 6.78
N ASP I 262 -49.91 -60.10 6.97
CA ASP I 262 -48.82 -60.34 6.00
C ASP I 262 -47.86 -61.37 6.58
N GLU I 273 -32.61 -59.08 9.91
CA GLU I 273 -33.87 -58.52 9.45
C GLU I 273 -33.61 -57.14 8.74
N PHE I 274 -33.08 -56.13 9.45
CA PHE I 274 -33.16 -54.72 9.07
C PHE I 274 -31.86 -54.19 8.49
N GLY I 275 -31.93 -53.22 7.59
CA GLY I 275 -30.72 -52.63 7.02
C GLY I 275 -29.91 -53.59 6.18
N THR I 276 -30.55 -54.64 5.70
CA THR I 276 -29.88 -55.59 4.85
C THR I 276 -30.45 -55.53 3.45
N GLN I 277 -29.86 -56.33 2.57
CA GLN I 277 -30.20 -56.32 1.17
C GLN I 277 -31.44 -57.17 0.89
N LYS I 278 -31.75 -58.09 1.80
CA LYS I 278 -32.90 -58.97 1.66
C LYS I 278 -34.20 -58.26 2.04
N TYR I 279 -34.12 -57.46 3.11
CA TYR I 279 -35.28 -56.72 3.61
C TYR I 279 -35.84 -55.78 2.55
N GLU I 280 -35.01 -55.38 1.60
CA GLU I 280 -35.44 -54.54 0.50
C GLU I 280 -36.32 -55.31 -0.47
N GLN I 281 -35.83 -56.49 -0.86
CA GLN I 281 -36.61 -57.41 -1.68
C GLN I 281 -37.96 -57.66 -1.02
N TRP I 282 -37.92 -57.99 0.27
CA TRP I 282 -39.15 -58.24 1.01
C TRP I 282 -40.08 -57.04 0.99
N ILE I 283 -39.55 -55.86 1.29
CA ILE I 283 -40.42 -54.69 1.49
C ILE I 283 -41.07 -54.22 0.18
N VAL I 284 -40.35 -54.29 -0.95
CA VAL I 284 -41.02 -53.87 -2.18
C VAL I 284 -41.81 -55.01 -2.81
N THR I 285 -41.56 -56.26 -2.41
CA THR I 285 -42.47 -57.33 -2.80
C THR I 285 -43.79 -57.14 -2.06
N VAL I 286 -43.70 -56.60 -0.84
CA VAL I 286 -44.87 -56.21 -0.09
C VAL I 286 -45.58 -55.05 -0.78
N GLN I 287 -44.79 -54.05 -1.18
CA GLN I 287 -45.31 -52.89 -1.91
C GLN I 287 -46.06 -53.32 -3.16
N LYS I 288 -45.58 -54.36 -3.82
CA LYS I 288 -46.25 -54.88 -5.00
C LYS I 288 -47.38 -55.84 -4.62
N ALA I 289 -47.38 -56.30 -3.37
CA ALA I 289 -48.44 -57.17 -2.88
C ALA I 289 -49.67 -56.37 -2.50
N CYS I 290 -49.48 -55.11 -2.16
CA CYS I 290 -50.59 -54.23 -1.77
C CYS I 290 -51.34 -53.69 -2.99
N MET I 291 -50.76 -53.88 -4.17
CA MET I 291 -51.34 -53.34 -5.40
C MET I 291 -52.35 -54.29 -6.02
N VAL I 292 -52.39 -55.51 -5.51
CA VAL I 292 -53.36 -56.51 -5.96
C VAL I 292 -54.58 -56.48 -5.03
N PHE I 293 -54.56 -55.54 -4.09
CA PHE I 293 -55.65 -55.44 -3.13
C PHE I 293 -56.93 -55.01 -3.84
N GLN I 294 -57.96 -55.83 -3.75
CA GLN I 294 -59.21 -55.54 -4.41
C GLN I 294 -60.36 -55.72 -3.44
N MET I 295 -61.19 -54.70 -3.32
CA MET I 295 -62.37 -54.76 -2.47
C MET I 295 -63.47 -53.91 -3.10
N PRO I 296 -64.73 -54.34 -2.93
CA PRO I 296 -65.89 -53.75 -3.62
C PRO I 296 -66.01 -52.24 -3.46
N ASP I 297 -65.83 -51.73 -2.23
CA ASP I 297 -65.70 -50.30 -2.06
C ASP I 297 -64.25 -49.91 -2.36
N LYS I 298 -64.06 -48.74 -2.95
CA LYS I 298 -62.79 -48.40 -3.59
C LYS I 298 -62.15 -47.09 -3.10
N ASP I 299 -62.87 -45.97 -3.15
CA ASP I 299 -62.31 -44.71 -2.62
C ASP I 299 -61.63 -44.92 -1.27
N GLU I 300 -62.26 -45.75 -0.44
CA GLU I 300 -61.65 -46.27 0.77
C GLU I 300 -60.34 -47.03 0.44
N GLU I 301 -60.40 -47.91 -0.56
CA GLU I 301 -59.24 -48.72 -0.96
C GLU I 301 -58.17 -47.84 -1.59
N SER I 302 -58.59 -46.75 -2.23
CA SER I 302 -57.65 -45.76 -2.73
C SER I 302 -56.88 -45.17 -1.55
N ARG I 303 -57.62 -44.77 -0.53
CA ARG I 303 -57.01 -44.24 0.69
C ARG I 303 -55.99 -45.20 1.29
N ILE I 304 -56.43 -46.45 1.52
CA ILE I 304 -55.56 -47.42 2.18
C ILE I 304 -54.35 -47.82 1.32
N CYS I 305 -54.52 -47.89 0.00
CA CYS I 305 -53.44 -48.28 -0.87
C CYS I 305 -52.40 -47.16 -0.96
N LYS I 306 -52.88 -45.92 -1.05
CA LYS I 306 -51.97 -44.78 -1.02
C LYS I 306 -51.18 -44.77 0.29
N ALA I 307 -51.88 -44.97 1.39
CA ALA I 307 -51.25 -45.03 2.71
C ALA I 307 -50.15 -46.08 2.78
N LEU I 308 -50.50 -47.31 2.39
CA LEU I 308 -49.55 -48.43 2.41
C LEU I 308 -48.35 -48.17 1.50
N PHE I 309 -48.60 -47.54 0.36
CA PHE I 309 -47.54 -47.17 -0.56
C PHE I 309 -46.55 -46.23 0.13
N LEU I 310 -47.09 -45.20 0.77
CA LEU I 310 -46.25 -44.23 1.49
C LEU I 310 -45.46 -44.90 2.62
N TYR I 311 -46.13 -45.78 3.35
CA TYR I 311 -45.49 -46.47 4.48
C TYR I 311 -44.34 -47.36 4.02
N THR I 312 -44.59 -48.17 2.99
CA THR I 312 -43.57 -49.08 2.48
C THR I 312 -42.41 -48.30 1.85
N SER I 313 -42.73 -47.17 1.22
CA SER I 313 -41.69 -46.30 0.67
C SER I 313 -40.78 -45.78 1.78
N HIS I 314 -41.39 -45.16 2.79
CA HIS I 314 -40.66 -44.67 3.96
C HIS I 314 -39.82 -45.76 4.59
N LEU I 315 -40.35 -46.98 4.61
CA LEU I 315 -39.67 -48.12 5.19
C LEU I 315 -38.41 -48.48 4.39
N ARG I 316 -38.59 -48.70 3.10
CA ARG I 316 -37.49 -49.04 2.20
C ARG I 316 -36.38 -47.99 2.28
N LYS I 317 -36.76 -46.74 2.43
CA LYS I 317 -35.75 -45.68 2.46
C LYS I 317 -35.11 -45.48 3.81
N TYR I 318 -35.81 -45.83 4.88
CA TYR I 318 -35.16 -45.93 6.17
C TYR I 318 -34.06 -46.98 6.06
N ASN I 319 -34.42 -48.10 5.44
CA ASN I 319 -33.46 -49.17 5.15
C ASN I 319 -32.26 -48.63 4.36
N ASP I 320 -32.54 -47.85 3.32
CA ASP I 320 -31.49 -47.20 2.54
C ASP I 320 -30.59 -46.37 3.45
N ALA I 321 -31.20 -45.62 4.36
CA ALA I 321 -30.44 -44.80 5.30
C ALA I 321 -29.53 -45.67 6.16
N LEU I 322 -30.01 -46.86 6.50
CA LEU I 322 -29.18 -47.79 7.27
C LEU I 322 -27.97 -48.26 6.47
N ILE I 323 -28.19 -48.57 5.19
CA ILE I 323 -27.08 -48.94 4.31
C ILE I 323 -26.05 -47.81 4.22
N ILE I 324 -26.53 -46.60 4.00
CA ILE I 324 -25.66 -45.43 3.92
C ILE I 324 -24.87 -45.25 5.21
N SER I 325 -25.53 -45.46 6.34
CA SER I 325 -24.88 -45.35 7.64
C SER I 325 -23.80 -46.42 7.80
N GLU I 326 -24.04 -47.59 7.23
CA GLU I 326 -23.06 -48.67 7.28
C GLU I 326 -21.83 -48.34 6.45
N HIS I 327 -22.04 -47.73 5.29
CA HIS I 327 -20.92 -47.44 4.40
C HIS I 327 -20.37 -46.00 4.51
N ALA I 328 -20.99 -45.18 5.35
CA ALA I 328 -20.60 -43.78 5.47
C ALA I 328 -21.01 -43.19 6.81
N ARG I 329 -20.93 -41.87 6.92
CA ARG I 329 -21.33 -41.17 8.14
C ARG I 329 -22.82 -41.36 8.44
N MET I 330 -23.18 -41.28 9.71
CA MET I 330 -24.59 -41.31 10.10
C MET I 330 -25.28 -40.02 9.63
N LYS I 331 -24.50 -38.95 9.65
CA LYS I 331 -24.97 -37.66 9.16
C LYS I 331 -25.52 -37.83 7.76
N ASP I 332 -24.74 -38.43 6.88
CA ASP I 332 -25.15 -38.66 5.50
C ASP I 332 -26.48 -39.43 5.40
N ALA I 333 -26.67 -40.38 6.32
CA ALA I 333 -27.91 -41.14 6.36
C ALA I 333 -29.10 -40.24 6.69
N LEU I 334 -28.97 -39.45 7.76
CA LEU I 334 -30.12 -38.65 8.15
C LEU I 334 -30.27 -37.39 7.29
N ASP I 335 -29.27 -37.08 6.46
CA ASP I 335 -29.41 -36.07 5.42
C ASP I 335 -30.10 -36.65 4.20
N TYR I 336 -29.91 -37.95 3.99
CA TYR I 336 -30.68 -38.66 2.99
C TYR I 336 -32.16 -38.60 3.40
N LEU I 337 -32.42 -38.88 4.67
CA LEU I 337 -33.78 -38.83 5.21
C LEU I 337 -34.35 -37.41 5.25
N LYS I 338 -33.55 -36.45 5.71
CA LYS I 338 -33.95 -35.05 5.77
C LYS I 338 -34.30 -34.52 4.39
N ASP I 339 -33.41 -34.82 3.44
CA ASP I 339 -33.66 -34.49 2.05
C ASP I 339 -35.02 -35.05 1.66
N PHE I 340 -35.20 -36.35 1.89
CA PHE I 340 -36.49 -36.98 1.59
C PHE I 340 -37.69 -36.20 2.13
N PHE I 341 -37.79 -36.08 3.45
CA PHE I 341 -38.95 -35.41 4.05
C PHE I 341 -39.10 -33.98 3.54
N SER I 342 -37.99 -33.36 3.13
CA SER I 342 -38.05 -32.04 2.53
C SER I 342 -38.71 -32.08 1.15
N ASN I 343 -38.34 -33.06 0.31
CA ASN I 343 -39.01 -33.21 -0.98
C ASN I 343 -40.49 -33.52 -0.78
N VAL I 344 -40.80 -34.27 0.27
CA VAL I 344 -42.20 -34.54 0.61
C VAL I 344 -42.92 -33.24 0.90
N ARG I 345 -42.27 -32.39 1.70
CA ARG I 345 -42.83 -31.08 2.01
C ARG I 345 -43.05 -30.26 0.75
N ALA I 346 -42.14 -30.41 -0.22
CA ALA I 346 -42.25 -29.68 -1.48
C ALA I 346 -43.41 -30.15 -2.34
N ALA I 347 -43.90 -31.36 -2.06
CA ALA I 347 -45.02 -31.92 -2.82
C ALA I 347 -46.35 -31.34 -2.35
N PHE I 349 -48.49 -33.24 0.05
CA PHE I 349 -48.59 -32.80 1.44
C PHE I 349 -49.76 -33.46 2.18
N ASP I 350 -49.79 -34.79 2.15
CA ASP I 350 -50.84 -35.57 2.79
C ASP I 350 -50.65 -35.51 4.31
N GLU I 351 -51.77 -35.57 5.04
CA GLU I 351 -51.76 -35.62 6.50
C GLU I 351 -51.13 -36.92 7.00
N ILE I 352 -51.02 -37.91 6.11
CA ILE I 352 -50.32 -39.15 6.44
C ILE I 352 -48.82 -38.91 6.39
N GLU I 353 -48.38 -38.15 5.39
CA GLU I 353 -46.99 -37.76 5.28
C GLU I 353 -46.66 -36.68 6.31
N GLN I 354 -47.68 -35.92 6.72
CA GLN I 354 -47.53 -34.97 7.81
C GLN I 354 -47.38 -35.74 9.13
N ASP I 355 -48.14 -36.82 9.22
CA ASP I 355 -48.05 -37.73 10.36
C ASP I 355 -46.66 -38.33 10.45
N LEU I 356 -46.14 -38.76 9.30
CA LEU I 356 -44.84 -39.42 9.26
C LEU I 356 -43.70 -38.44 9.45
N THR I 357 -43.85 -37.19 9.00
CA THR I 357 -42.77 -36.24 9.25
C THR I 357 -42.76 -35.88 10.73
N GLN I 358 -43.94 -35.60 11.30
CA GLN I 358 -44.00 -35.29 12.74
C GLN I 358 -43.41 -36.44 13.57
N ARG I 359 -43.90 -37.65 13.29
CA ARG I 359 -43.43 -38.85 13.97
C ARG I 359 -41.93 -39.06 13.77
N PHE I 360 -41.41 -38.58 12.64
CA PHE I 360 -39.98 -38.67 12.38
C PHE I 360 -39.19 -37.71 13.26
N GLU I 361 -39.63 -36.45 13.35
CA GLU I 361 -38.92 -35.47 14.16
C GLU I 361 -39.11 -35.72 15.66
N GLU I 362 -40.04 -36.59 16.01
CA GLU I 362 -40.18 -37.00 17.41
C GLU I 362 -38.87 -37.57 17.96
N LYS I 363 -38.28 -38.49 17.21
CA LYS I 363 -37.02 -39.10 17.59
C LYS I 363 -35.81 -38.39 16.98
N LEU I 364 -36.04 -37.28 16.29
CA LEU I 364 -34.97 -36.60 15.57
C LEU I 364 -33.79 -36.17 16.46
N GLN I 365 -34.04 -35.53 17.59
CA GLN I 365 -32.98 -34.88 18.38
C GLN I 365 -31.77 -35.80 18.63
N GLU I 366 -32.12 -36.92 19.26
CA GLU I 366 -31.21 -37.99 19.54
C GLU I 366 -30.48 -38.35 18.25
N LEU I 367 -31.22 -38.42 17.15
CA LEU I 367 -30.61 -38.77 15.88
C LEU I 367 -29.56 -37.77 15.38
N GLU I 368 -29.89 -36.48 15.28
CA GLU I 368 -28.93 -35.59 14.64
C GLU I 368 -27.61 -35.61 15.40
N SER I 369 -27.62 -35.52 16.72
CA SER I 369 -26.25 -35.48 17.27
C SER I 369 -25.71 -36.77 17.95
N VAL I 370 -26.49 -37.86 17.97
CA VAL I 370 -25.88 -39.20 18.01
C VAL I 370 -25.06 -39.27 16.72
N SER I 371 -25.56 -38.60 15.69
CA SER I 371 -24.82 -38.52 14.43
C SER I 371 -23.60 -37.60 14.50
N ARG I 372 -23.67 -36.49 15.23
CA ARG I 372 -22.51 -35.59 15.31
C ARG I 372 -21.44 -36.01 16.35
N ASP I 373 -21.78 -36.93 17.24
CA ASP I 373 -20.83 -37.36 18.28
C ASP I 373 -19.59 -38.02 17.69
N PRO I 374 -18.41 -37.66 18.21
CA PRO I 374 -17.13 -38.24 17.75
C PRO I 374 -16.94 -39.71 18.12
N SER I 375 -17.51 -40.14 19.24
CA SER I 375 -17.35 -41.52 19.69
C SER I 375 -17.89 -42.46 18.63
N ASN I 376 -18.96 -42.04 17.97
CA ASN I 376 -19.52 -42.82 16.88
C ASN I 376 -19.07 -42.24 15.54
N GLU I 377 -18.15 -42.95 14.90
CA GLU I 377 -17.67 -42.59 13.57
C GLU I 377 -17.24 -43.88 12.88
N ASN I 378 -17.47 -43.95 11.57
CA ASN I 378 -17.19 -45.17 10.83
C ASN I 378 -15.69 -45.46 10.75
N PRO I 379 -15.27 -46.63 11.29
CA PRO I 379 -13.88 -47.07 11.22
C PRO I 379 -13.40 -47.23 9.78
N LYS I 380 -14.33 -47.52 8.87
CA LYS I 380 -14.02 -47.59 7.45
C LYS I 380 -13.52 -46.23 6.96
N LEU I 381 -14.23 -45.18 7.34
CA LEU I 381 -13.86 -43.82 6.97
C LEU I 381 -12.59 -43.38 7.68
N GLU I 382 -12.36 -43.93 8.87
CA GLU I 382 -11.13 -43.67 9.60
C GLU I 382 -9.93 -44.24 8.84
N ASP I 383 -10.08 -45.47 8.39
CA ASP I 383 -9.01 -46.15 7.65
C ASP I 383 -8.78 -45.50 6.30
N LEU I 384 -9.86 -45.08 5.65
CA LEU I 384 -9.77 -44.37 4.37
C LEU I 384 -9.05 -43.05 4.54
N CYS I 385 -9.42 -42.31 5.58
CA CYS I 385 -8.77 -41.06 5.92
C CYS I 385 -7.29 -41.28 6.20
N PHE I 386 -6.98 -42.41 6.82
CA PHE I 386 -5.60 -42.77 7.11
C PHE I 386 -4.81 -43.01 5.83
N ILE I 387 -5.37 -43.80 4.93
CA ILE I 387 -4.75 -44.09 3.64
C ILE I 387 -4.47 -42.81 2.86
N LEU I 388 -5.50 -41.99 2.71
CA LEU I 388 -5.37 -40.71 2.00
C LEU I 388 -4.32 -39.81 2.65
N GLN I 389 -4.34 -39.75 3.98
CA GLN I 389 -3.39 -38.93 4.73
C GLN I 389 -1.95 -39.35 4.48
N GLU I 390 -1.67 -40.65 4.62
CA GLU I 390 -0.33 -41.16 4.41
C GLU I 390 0.13 -40.93 2.98
N GLU I 391 -0.70 -41.34 2.03
CA GLU I 391 -0.34 -41.24 0.61
C GLU I 391 -0.10 -39.81 0.16
N TYR I 392 -0.89 -38.87 0.68
CA TYR I 392 -0.71 -37.46 0.34
C TYR I 392 0.39 -36.80 1.16
N HIS I 393 0.76 -37.43 2.27
CA HIS I 393 1.89 -36.96 3.06
C HIS I 393 3.17 -37.27 2.30
N LEU I 394 3.23 -38.47 1.74
CA LEU I 394 4.38 -38.87 0.94
C LEU I 394 4.44 -38.08 -0.37
N ASN I 395 3.30 -37.98 -1.05
CA ASN I 395 3.22 -37.29 -2.33
C ASN I 395 2.04 -36.33 -2.44
N PRO I 396 2.25 -35.05 -2.11
CA PRO I 396 1.19 -34.04 -2.15
C PRO I 396 0.61 -33.82 -3.54
N GLU I 397 1.32 -34.24 -4.58
CA GLU I 397 0.90 -34.04 -5.97
C GLU I 397 0.04 -35.21 -6.46
N THR I 398 -0.28 -36.13 -5.57
CA THR I 398 -1.08 -37.30 -5.88
C THR I 398 -2.45 -36.99 -6.49
N ILE I 399 -2.77 -37.68 -7.58
CA ILE I 399 -4.10 -37.67 -8.16
C ILE I 399 -4.82 -38.97 -7.81
N THR I 400 -5.95 -38.87 -7.13
CA THR I 400 -6.65 -40.06 -6.63
C THR I 400 -8.00 -40.25 -7.31
N ILE I 401 -8.42 -41.50 -7.49
CA ILE I 401 -9.78 -41.76 -7.94
C ILE I 401 -10.46 -42.78 -7.03
N LEU I 402 -11.63 -42.43 -6.52
CA LEU I 402 -12.33 -43.25 -5.53
C LEU I 402 -13.64 -43.82 -6.06
N PHE I 403 -13.67 -45.12 -6.27
CA PHE I 403 -14.86 -45.81 -6.76
C PHE I 403 -15.77 -46.24 -5.62
N VAL I 404 -17.06 -45.96 -5.76
CA VAL I 404 -18.06 -46.40 -4.78
C VAL I 404 -19.24 -47.05 -5.48
N LYS I 405 -20.08 -47.74 -4.72
CA LYS I 405 -21.16 -48.53 -5.29
C LYS I 405 -22.35 -47.68 -5.78
N THR I 406 -22.75 -46.72 -4.97
CA THR I 406 -23.96 -45.94 -5.27
C THR I 406 -23.72 -44.43 -5.28
N ARG I 407 -24.66 -43.69 -5.86
CA ARG I 407 -24.59 -42.24 -5.96
C ARG I 407 -24.74 -41.55 -4.60
N ALA I 408 -25.57 -42.15 -3.75
CA ALA I 408 -25.75 -41.65 -2.39
C ALA I 408 -24.40 -41.63 -1.67
N LEU I 409 -23.61 -42.66 -1.88
CA LEU I 409 -22.27 -42.75 -1.31
C LEU I 409 -21.34 -41.73 -1.95
N VAL I 410 -21.58 -41.41 -3.22
CA VAL I 410 -20.80 -40.38 -3.89
C VAL I 410 -20.97 -39.05 -3.19
N ASP I 411 -22.23 -38.62 -3.04
CA ASP I 411 -22.52 -37.37 -2.34
C ASP I 411 -22.01 -37.42 -0.90
N ALA I 412 -22.21 -38.57 -0.26
CA ALA I 412 -21.81 -38.76 1.13
C ALA I 412 -20.32 -38.53 1.34
N LEU I 413 -19.50 -39.24 0.57
CA LEU I 413 -18.05 -39.13 0.70
C LEU I 413 -17.55 -37.78 0.21
N LYS I 414 -18.27 -37.20 -0.74
CA LYS I 414 -17.97 -35.84 -1.20
C LYS I 414 -18.04 -34.86 -0.03
N ASN I 415 -19.20 -34.85 0.65
CA ASN I 415 -19.39 -33.97 1.80
C ASN I 415 -18.47 -34.33 2.96
N TRP I 416 -18.16 -35.62 3.09
CA TRP I 416 -17.28 -36.09 4.15
C TRP I 416 -15.86 -35.55 3.97
N ILE I 417 -15.37 -35.60 2.73
CA ILE I 417 -14.07 -35.03 2.41
C ILE I 417 -14.09 -33.52 2.61
N GLU I 418 -15.14 -32.86 2.11
CA GLU I 418 -15.25 -31.42 2.26
C GLU I 418 -15.44 -31.00 3.72
N GLY I 419 -15.90 -31.93 4.55
CA GLY I 419 -16.18 -31.63 5.95
C GLY I 419 -15.17 -32.20 6.93
N ASN I 420 -14.03 -32.63 6.42
CA ASN I 420 -12.98 -33.19 7.27
C ASN I 420 -11.72 -32.32 7.28
N PRO I 421 -11.37 -31.79 8.45
CA PRO I 421 -10.20 -30.92 8.64
C PRO I 421 -8.89 -31.61 8.28
N LYS I 422 -8.81 -32.91 8.55
CA LYS I 422 -7.59 -33.67 8.28
C LYS I 422 -7.41 -33.92 6.78
N LEU I 423 -8.52 -33.85 6.05
CA LEU I 423 -8.52 -34.05 4.61
C LEU I 423 -8.41 -32.74 3.83
N SER I 424 -8.16 -31.65 4.54
CA SER I 424 -8.19 -30.29 3.97
C SER I 424 -7.37 -30.13 2.69
N PHE I 425 -6.35 -30.96 2.51
CA PHE I 425 -5.52 -30.89 1.31
C PHE I 425 -6.25 -31.43 0.08
N LEU I 426 -7.37 -32.11 0.30
CA LEU I 426 -8.12 -32.72 -0.79
C LEU I 426 -9.11 -31.74 -1.43
N LYS I 427 -9.21 -31.82 -2.76
CA LYS I 427 -10.17 -31.03 -3.51
C LYS I 427 -11.04 -31.95 -4.36
N PRO I 428 -12.09 -32.51 -3.74
CA PRO I 428 -12.90 -33.57 -4.34
C PRO I 428 -13.64 -33.16 -5.61
N GLY I 429 -14.05 -34.15 -6.39
CA GLY I 429 -14.80 -33.93 -7.60
C GLY I 429 -15.75 -35.09 -7.81
N ILE I 430 -16.73 -34.92 -8.69
CA ILE I 430 -17.77 -35.93 -8.86
C ILE I 430 -17.86 -36.42 -10.29
N LEU I 431 -17.94 -37.74 -10.44
CA LEU I 431 -18.21 -38.35 -11.74
C LEU I 431 -19.32 -39.39 -11.59
N THR I 432 -20.47 -39.13 -12.21
CA THR I 432 -21.60 -40.04 -12.11
C THR I 432 -22.28 -40.20 -13.48
N GLY I 433 -23.32 -41.02 -13.51
CA GLY I 433 -24.06 -41.27 -14.74
C GLY I 433 -25.23 -40.32 -14.90
N ARG I 434 -25.74 -40.21 -16.12
CA ARG I 434 -26.88 -39.35 -16.40
C ARG I 434 -28.17 -39.98 -15.89
N GLY I 435 -28.94 -39.20 -15.13
CA GLY I 435 -30.18 -39.67 -14.58
C GLY I 435 -30.52 -39.02 -13.24
N GLY I 459 -4.05 -29.12 -11.46
CA GLY I 459 -5.43 -29.29 -11.86
C GLY I 459 -6.41 -28.71 -10.84
N ASP I 460 -7.69 -28.78 -11.14
CA ASP I 460 -8.73 -28.27 -10.26
C ASP I 460 -9.07 -29.25 -9.14
N HIS I 461 -8.98 -30.55 -9.43
CA HIS I 461 -9.37 -31.57 -8.46
C HIS I 461 -8.24 -32.54 -8.15
N ASN I 462 -8.03 -32.79 -6.85
CA ASN I 462 -7.07 -33.79 -6.41
C ASN I 462 -7.63 -35.20 -6.44
N ILE I 463 -8.87 -35.37 -5.99
CA ILE I 463 -9.49 -36.68 -5.94
C ILE I 463 -10.85 -36.68 -6.66
N LEU I 464 -11.07 -37.70 -7.47
CA LEU I 464 -12.31 -37.83 -8.24
C LEU I 464 -13.15 -39.00 -7.76
N ILE I 465 -14.29 -38.71 -7.16
CA ILE I 465 -15.18 -39.74 -6.65
C ILE I 465 -16.18 -40.17 -7.72
N ALA I 466 -16.23 -41.47 -8.01
CA ALA I 466 -17.08 -41.97 -9.09
C ALA I 466 -17.77 -43.28 -8.69
N THR I 467 -18.75 -43.67 -9.50
CA THR I 467 -19.45 -44.94 -9.29
C THR I 467 -18.79 -46.06 -10.09
N SER I 468 -18.99 -46.05 -11.40
CA SER I 468 -18.33 -46.98 -12.30
C SER I 468 -18.30 -46.44 -13.71
N VAL I 469 -17.38 -46.95 -14.52
CA VAL I 469 -17.26 -46.54 -15.91
C VAL I 469 -17.28 -47.76 -16.82
N ALA I 470 -18.14 -47.73 -17.83
CA ALA I 470 -18.24 -48.84 -18.77
C ALA I 470 -16.93 -48.99 -19.53
N ASP I 471 -16.36 -50.20 -19.48
CA ASP I 471 -15.10 -50.52 -20.14
C ASP I 471 -13.99 -49.53 -19.82
N GLU I 472 -13.21 -49.19 -20.84
CA GLU I 472 -12.10 -48.26 -20.65
C GLU I 472 -12.57 -46.82 -20.74
N GLY I 473 -13.06 -46.43 -21.91
CA GLY I 473 -13.53 -45.07 -22.12
C GLY I 473 -12.39 -44.13 -22.44
N ILE I 474 -12.70 -42.83 -22.42
CA ILE I 474 -11.70 -41.81 -22.68
C ILE I 474 -10.70 -41.72 -21.54
N ASP I 475 -9.41 -41.65 -21.88
CA ASP I 475 -8.36 -41.55 -20.88
C ASP I 475 -8.49 -40.27 -20.06
N ILE I 476 -8.44 -40.42 -18.75
CA ILE I 476 -8.46 -39.27 -17.84
C ILE I 476 -7.07 -39.00 -17.32
N ALA I 477 -6.95 -38.03 -16.42
CA ALA I 477 -5.67 -37.76 -15.76
C ALA I 477 -5.18 -39.00 -15.04
N GLN I 478 -3.88 -39.30 -15.21
CA GLN I 478 -3.30 -40.49 -14.61
C GLN I 478 -3.37 -40.43 -13.09
N CYS I 479 -3.93 -41.47 -12.50
CA CYS I 479 -4.05 -41.56 -11.04
C CYS I 479 -3.03 -42.54 -10.48
N ASN I 480 -2.15 -42.05 -9.61
CA ASN I 480 -1.21 -42.92 -8.94
C ASN I 480 -1.82 -43.52 -7.69
N LEU I 481 -3.08 -43.17 -7.44
CA LEU I 481 -3.84 -43.78 -6.35
C LEU I 481 -5.28 -44.10 -6.79
N VAL I 482 -5.65 -45.37 -6.69
CA VAL I 482 -6.99 -45.82 -7.02
C VAL I 482 -7.59 -46.54 -5.82
N ILE I 483 -8.64 -45.97 -5.24
CA ILE I 483 -9.26 -46.57 -4.07
C ILE I 483 -10.62 -47.16 -4.40
N LEU I 484 -10.78 -48.45 -4.15
CA LEU I 484 -12.03 -49.15 -4.37
C LEU I 484 -12.75 -49.32 -3.04
N TYR I 485 -13.83 -48.58 -2.87
CA TYR I 485 -14.58 -48.60 -1.62
C TYR I 485 -15.74 -49.57 -1.74
N GLU I 486 -15.64 -50.68 -1.02
CA GLU I 486 -16.63 -51.76 -1.08
C GLU I 486 -16.95 -52.14 -2.52
N TYR I 487 -15.92 -52.32 -3.34
CA TYR I 487 -16.09 -52.60 -4.76
C TYR I 487 -16.02 -54.08 -5.08
N VAL I 488 -16.97 -54.55 -5.88
CA VAL I 488 -16.96 -55.92 -6.37
C VAL I 488 -17.24 -55.92 -7.87
N GLY I 489 -16.35 -56.54 -8.65
CA GLY I 489 -16.48 -56.56 -10.08
C GLY I 489 -15.84 -57.79 -10.71
N ASN I 490 -15.90 -57.88 -12.03
CA ASN I 490 -15.36 -59.03 -12.74
C ASN I 490 -13.89 -58.85 -13.13
N VAL I 491 -13.33 -59.86 -13.78
CA VAL I 491 -11.93 -59.84 -14.20
C VAL I 491 -11.66 -58.72 -15.20
N ILE I 492 -12.59 -58.54 -16.14
CA ILE I 492 -12.42 -57.55 -17.21
C ILE I 492 -12.29 -56.14 -16.65
N LYS I 493 -13.19 -55.76 -15.75
CA LYS I 493 -13.14 -54.44 -15.15
C LYS I 493 -11.88 -54.29 -14.28
N MET I 494 -11.49 -55.37 -13.62
CA MET I 494 -10.26 -55.40 -12.83
C MET I 494 -9.06 -55.02 -13.68
N ILE I 495 -8.92 -55.67 -14.83
CA ILE I 495 -7.80 -55.42 -15.72
C ILE I 495 -7.91 -54.04 -16.36
N GLN I 496 -9.13 -53.59 -16.60
CA GLN I 496 -9.37 -52.31 -17.24
C GLN I 496 -9.01 -51.12 -16.34
N THR I 497 -9.33 -51.21 -15.05
CA THR I 497 -9.09 -50.10 -14.13
C THR I 497 -7.60 -49.81 -13.95
N ARG I 498 -6.75 -50.78 -14.29
CA ARG I 498 -5.31 -50.60 -14.22
C ARG I 498 -4.82 -49.52 -15.17
N GLY I 499 -5.64 -49.22 -16.18
CA GLY I 499 -5.28 -48.23 -17.18
C GLY I 499 -5.14 -46.83 -16.61
N ARG I 500 -5.72 -46.62 -15.43
CA ARG I 500 -5.59 -45.35 -14.75
C ARG I 500 -4.29 -45.29 -13.96
N GLY I 501 -3.70 -46.45 -13.74
CA GLY I 501 -2.47 -46.58 -12.97
C GLY I 501 -1.22 -46.87 -13.78
N ARG I 502 -1.24 -46.55 -15.07
CA ARG I 502 -0.15 -46.91 -15.99
C ARG I 502 1.24 -46.46 -15.54
N ALA I 503 1.31 -45.33 -14.85
CA ALA I 503 2.60 -44.81 -14.39
C ALA I 503 3.22 -45.72 -13.34
N ARG I 504 4.55 -45.83 -13.36
CA ARG I 504 5.27 -46.66 -12.41
C ARG I 504 5.06 -46.19 -10.97
N GLY I 505 4.75 -47.13 -10.08
CA GLY I 505 4.60 -46.81 -8.68
C GLY I 505 3.18 -46.55 -8.24
N SER I 506 2.26 -46.59 -9.20
CA SER I 506 0.84 -46.38 -8.90
C SER I 506 0.32 -47.45 -7.97
N LYS I 507 -0.64 -47.07 -7.12
CA LYS I 507 -1.17 -47.99 -6.12
C LYS I 507 -2.68 -48.10 -6.20
N CYS I 508 -3.20 -49.26 -5.81
CA CYS I 508 -4.64 -49.47 -5.75
C CYS I 508 -5.05 -50.15 -4.45
N PHE I 509 -5.83 -49.46 -3.63
CA PHE I 509 -6.30 -50.02 -2.36
C PHE I 509 -7.72 -50.54 -2.50
N LEU I 510 -8.00 -51.70 -1.90
CA LEU I 510 -9.37 -52.19 -1.82
C LEU I 510 -9.83 -52.21 -0.38
N LEU I 511 -10.74 -51.31 -0.03
CA LEU I 511 -11.13 -51.14 1.36
C LEU I 511 -12.52 -51.69 1.62
N THR I 512 -12.64 -52.67 2.52
CA THR I 512 -13.95 -53.23 2.84
C THR I 512 -14.03 -53.84 4.24
N SER I 513 -15.24 -53.86 4.78
CA SER I 513 -15.50 -54.53 6.06
C SER I 513 -16.05 -55.93 5.84
N ASN I 514 -16.23 -56.30 4.58
CA ASN I 514 -16.78 -57.61 4.23
C ASN I 514 -15.72 -58.48 3.58
N ALA I 515 -15.40 -59.60 4.22
CA ALA I 515 -14.36 -60.51 3.73
C ALA I 515 -14.66 -61.00 2.32
N GLY I 516 -15.93 -61.32 2.08
CA GLY I 516 -16.38 -61.82 0.79
C GLY I 516 -15.95 -60.98 -0.38
N VAL I 517 -15.87 -59.66 -0.16
CA VAL I 517 -15.38 -58.74 -1.19
C VAL I 517 -13.94 -59.08 -1.57
N ILE I 518 -13.08 -59.15 -0.55
CA ILE I 518 -11.68 -59.54 -0.73
C ILE I 518 -11.57 -60.84 -1.49
N GLU I 519 -12.29 -61.85 -1.02
CA GLU I 519 -12.25 -63.17 -1.65
C GLU I 519 -12.66 -63.10 -3.13
N LYS I 520 -13.71 -62.32 -3.42
CA LYS I 520 -14.15 -62.12 -4.80
C LYS I 520 -13.04 -61.51 -5.65
N GLU I 521 -12.33 -60.55 -5.10
CA GLU I 521 -11.25 -59.91 -5.83
C GLU I 521 -10.12 -60.89 -6.14
N GLN I 522 -9.72 -61.70 -5.15
CA GLN I 522 -8.63 -62.62 -5.44
C GLN I 522 -9.05 -63.76 -6.37
N ILE I 523 -10.32 -64.19 -6.31
CA ILE I 523 -10.76 -65.19 -7.28
C ILE I 523 -10.84 -64.55 -8.67
N ASN I 524 -11.00 -63.23 -8.72
CA ASN I 524 -10.88 -62.52 -9.99
C ASN I 524 -9.45 -62.58 -10.51
N MET I 525 -8.48 -62.39 -9.61
CA MET I 525 -7.06 -62.52 -9.99
C MET I 525 -6.75 -63.91 -10.54
N TYR I 526 -7.22 -64.93 -9.83
CA TYR I 526 -7.04 -66.31 -10.27
C TYR I 526 -7.69 -66.52 -11.63
N LYS I 527 -8.86 -65.89 -11.81
CA LYS I 527 -9.55 -65.91 -13.10
C LYS I 527 -8.67 -65.33 -14.20
N GLU I 528 -7.94 -64.27 -13.88
CA GLU I 528 -7.00 -63.69 -14.85
C GLU I 528 -5.91 -64.69 -15.19
N LYS I 529 -5.38 -65.36 -14.17
CA LYS I 529 -4.37 -66.39 -14.41
C LYS I 529 -4.87 -67.44 -15.39
N MET I 530 -6.06 -67.97 -15.10
CA MET I 530 -6.71 -68.94 -15.98
C MET I 530 -6.87 -68.39 -17.39
N MET I 531 -7.20 -67.12 -17.49
CA MET I 531 -7.41 -66.47 -18.78
C MET I 531 -6.14 -66.48 -19.61
N ASN I 532 -5.07 -65.92 -19.06
CA ASN I 532 -3.79 -65.84 -19.78
C ASN I 532 -3.25 -67.23 -20.14
N ASP I 533 -3.35 -68.16 -19.19
CA ASP I 533 -2.90 -69.53 -19.44
C ASP I 533 -3.67 -70.17 -20.58
N SER I 534 -4.99 -70.00 -20.57
CA SER I 534 -5.85 -70.56 -21.61
C SER I 534 -5.56 -69.94 -22.98
N ILE I 535 -5.33 -68.64 -23.00
CA ILE I 535 -4.98 -67.96 -24.25
C ILE I 535 -3.67 -68.49 -24.81
N LEU I 536 -2.66 -68.61 -23.93
CA LEU I 536 -1.37 -69.13 -24.35
C LEU I 536 -1.50 -70.58 -24.82
N ARG I 537 -2.48 -71.30 -24.29
CA ARG I 537 -2.76 -72.65 -24.75
C ARG I 537 -3.38 -72.65 -26.14
N LEU I 538 -4.30 -71.70 -26.37
CA LEU I 538 -4.98 -71.59 -27.66
C LEU I 538 -4.02 -71.18 -28.77
N GLN I 539 -3.03 -70.37 -28.42
CA GLN I 539 -2.08 -69.88 -29.42
C GLN I 539 -1.16 -70.98 -29.96
N THR I 540 -1.06 -72.08 -29.22
CA THR I 540 -0.20 -73.19 -29.64
C THR I 540 -0.90 -74.14 -30.61
N TRP I 541 -2.22 -74.02 -30.71
CA TRP I 541 -3.00 -74.89 -31.58
C TRP I 541 -2.78 -74.56 -33.05
N ASP I 542 -3.09 -75.51 -33.93
CA ASP I 542 -3.05 -75.28 -35.36
C ASP I 542 -4.28 -74.47 -35.76
N GLU I 543 -4.07 -73.45 -36.59
CA GLU I 543 -5.14 -72.52 -36.93
C GLU I 543 -6.32 -73.19 -37.64
N ALA I 544 -6.02 -74.18 -38.48
CA ALA I 544 -7.06 -74.90 -39.20
C ALA I 544 -8.00 -75.64 -38.23
N VAL I 545 -7.39 -76.40 -37.32
CA VAL I 545 -8.13 -77.12 -36.30
C VAL I 545 -9.00 -76.18 -35.48
N PHE I 546 -8.43 -75.06 -35.09
CA PHE I 546 -9.13 -74.05 -34.31
C PHE I 546 -10.32 -73.49 -35.11
N ARG I 547 -10.11 -73.29 -36.41
CA ARG I 547 -11.19 -72.85 -37.28
C ARG I 547 -12.31 -73.87 -37.33
N GLU I 548 -11.95 -75.15 -37.25
CA GLU I 548 -12.94 -76.21 -37.27
C GLU I 548 -13.76 -76.23 -35.98
N LYS I 549 -13.07 -76.13 -34.84
CA LYS I 549 -13.74 -76.09 -33.55
C LYS I 549 -14.68 -74.89 -33.48
N ILE I 550 -14.17 -73.75 -33.90
CA ILE I 550 -14.95 -72.51 -33.98
C ILE I 550 -16.17 -72.72 -34.85
N LEU I 551 -15.99 -73.40 -35.98
CA LEU I 551 -17.09 -73.68 -36.89
C LEU I 551 -18.16 -74.53 -36.21
N HIS I 552 -17.72 -75.50 -35.41
CA HIS I 552 -18.65 -76.32 -34.65
C HIS I 552 -19.45 -75.48 -33.67
N ILE I 553 -18.76 -74.60 -32.95
CA ILE I 553 -19.44 -73.74 -31.97
C ILE I 553 -20.44 -72.80 -32.65
N GLN I 554 -20.04 -72.25 -33.79
CA GLN I 554 -20.88 -71.34 -34.55
C GLN I 554 -22.13 -72.02 -35.08
N THR I 555 -21.95 -73.18 -35.70
CA THR I 555 -23.08 -73.92 -36.28
C THR I 555 -24.01 -74.44 -35.20
N HIS I 556 -23.42 -74.84 -34.07
CA HIS I 556 -24.19 -75.30 -32.93
C HIS I 556 -25.05 -74.17 -32.37
N GLU I 557 -24.41 -73.03 -32.09
CA GLU I 557 -25.11 -71.89 -31.54
C GLU I 557 -26.17 -71.35 -32.49
N LYS I 558 -25.88 -71.39 -33.78
CA LYS I 558 -26.84 -70.96 -34.78
C LYS I 558 -28.04 -71.90 -34.84
N PHE I 559 -27.78 -73.19 -34.78
CA PHE I 559 -28.84 -74.19 -34.79
C PHE I 559 -29.74 -74.03 -33.57
N ILE I 560 -29.12 -73.85 -32.40
CA ILE I 560 -29.86 -73.63 -31.17
C ILE I 560 -30.69 -72.36 -31.27
N ARG I 561 -30.09 -71.31 -31.83
CA ARG I 561 -30.75 -70.02 -31.95
C ARG I 561 -31.96 -70.07 -32.88
N ASP I 562 -31.83 -70.83 -33.97
CA ASP I 562 -32.92 -70.95 -34.95
C ASP I 562 -33.98 -71.95 -34.52
N SER I 563 -33.61 -72.86 -33.62
CA SER I 563 -34.53 -73.92 -33.18
C SER I 563 -35.71 -73.37 -32.39
N GLN I 564 -35.42 -72.49 -31.44
CA GLN I 564 -36.45 -71.91 -30.57
C GLN I 564 -37.38 -70.99 -31.35
N LYS I 568 -44.92 -67.59 -29.47
CA LYS I 568 -45.82 -66.45 -29.40
C LYS I 568 -47.21 -66.88 -28.92
N PRO I 569 -47.47 -66.73 -27.62
CA PRO I 569 -48.78 -67.06 -27.03
C PRO I 569 -49.91 -66.23 -27.63
N VAL I 570 -51.13 -66.76 -27.60
CA VAL I 570 -52.27 -66.06 -28.18
C VAL I 570 -52.68 -64.86 -27.32
N PRO I 571 -52.79 -63.68 -27.94
CA PRO I 571 -53.28 -62.49 -27.24
C PRO I 571 -54.77 -62.57 -26.95
N ASP I 572 -55.17 -62.23 -25.72
CA ASP I 572 -56.58 -62.14 -25.39
C ASP I 572 -57.08 -60.73 -25.70
N LYS I 573 -58.13 -60.64 -26.50
CA LYS I 573 -58.58 -59.36 -27.04
C LYS I 573 -59.66 -58.70 -26.18
N GLU I 574 -60.04 -59.34 -25.08
CA GLU I 574 -61.02 -58.75 -24.18
C GLU I 574 -60.38 -57.63 -23.38
N ASN I 575 -61.05 -56.47 -23.36
CA ASN I 575 -60.51 -55.24 -22.80
C ASN I 575 -60.13 -55.35 -21.32
N LYS I 576 -59.02 -54.71 -20.95
CA LYS I 576 -58.60 -54.62 -19.57
C LYS I 576 -58.65 -53.16 -19.11
N LYS I 577 -58.29 -52.92 -17.86
CA LYS I 577 -58.33 -51.56 -17.30
C LYS I 577 -57.08 -51.24 -16.51
N LEU I 578 -56.37 -50.20 -16.92
CA LEU I 578 -55.13 -49.79 -16.28
C LEU I 578 -55.36 -48.76 -15.18
N LEU I 579 -55.04 -49.15 -13.95
CA LEU I 579 -55.20 -48.29 -12.78
C LEU I 579 -53.85 -47.87 -12.22
N CYS I 580 -53.82 -46.72 -11.55
CA CYS I 580 -52.60 -46.25 -10.90
C CYS I 580 -52.17 -47.21 -9.80
N ARG I 581 -50.86 -47.50 -9.73
CA ARG I 581 -50.34 -48.43 -8.73
C ARG I 581 -50.34 -47.83 -7.34
N LYS I 582 -50.62 -46.53 -7.25
CA LYS I 582 -50.65 -45.84 -5.96
C LYS I 582 -52.08 -45.69 -5.45
N CYS I 583 -52.90 -44.94 -6.19
CA CYS I 583 -54.25 -44.62 -5.74
C CYS I 583 -55.33 -45.54 -6.33
N LYS I 584 -54.94 -46.46 -7.21
CA LYS I 584 -55.86 -47.42 -7.81
C LYS I 584 -57.00 -46.74 -8.58
N ALA I 585 -56.78 -45.50 -9.00
CA ALA I 585 -57.79 -44.73 -9.73
C ALA I 585 -57.85 -45.12 -11.19
N LEU I 586 -59.00 -44.88 -11.82
CA LEU I 586 -59.14 -45.12 -13.25
C LEU I 586 -58.18 -44.24 -14.03
N ALA I 587 -57.37 -44.86 -14.87
CA ALA I 587 -56.39 -44.15 -15.67
C ALA I 587 -56.62 -44.41 -17.15
N CYS I 588 -56.48 -45.66 -17.56
CA CYS I 588 -56.60 -45.98 -18.97
C CYS I 588 -57.40 -47.25 -19.25
N TYR I 589 -57.81 -47.42 -20.50
CA TYR I 589 -58.42 -48.66 -20.97
C TYR I 589 -57.55 -49.23 -22.08
N THR I 590 -57.41 -50.55 -22.12
CA THR I 590 -56.54 -51.20 -23.11
C THR I 590 -57.02 -51.01 -24.54
N ALA I 591 -58.24 -50.49 -24.70
CA ALA I 591 -58.76 -50.18 -26.02
C ALA I 591 -58.19 -48.83 -26.49
N ASP I 592 -57.72 -48.04 -25.55
CA ASP I 592 -57.20 -46.71 -25.85
C ASP I 592 -55.70 -46.69 -26.12
N VAL I 593 -55.02 -47.81 -25.87
CA VAL I 593 -53.58 -47.84 -26.04
C VAL I 593 -53.16 -48.22 -27.46
N ARG I 594 -52.11 -47.58 -27.94
CA ARG I 594 -51.54 -47.86 -29.24
C ARG I 594 -50.04 -48.09 -29.11
N VAL I 595 -49.52 -48.96 -29.96
CA VAL I 595 -48.10 -49.29 -29.91
C VAL I 595 -47.32 -48.68 -31.07
N ILE I 596 -46.40 -47.79 -30.73
CA ILE I 596 -45.54 -47.12 -31.69
C ILE I 596 -44.20 -47.83 -31.82
N GLU I 597 -43.86 -48.15 -33.07
CA GLU I 597 -42.59 -48.77 -33.42
C GLU I 597 -42.31 -50.06 -32.65
N GLU I 598 -43.39 -50.79 -32.35
CA GLU I 598 -43.32 -52.09 -31.68
C GLU I 598 -42.64 -51.99 -30.32
N CYS I 599 -42.59 -50.78 -29.77
CA CYS I 599 -41.90 -50.53 -28.51
C CYS I 599 -42.72 -49.70 -27.53
N HIS I 600 -43.02 -48.47 -27.92
CA HIS I 600 -43.56 -47.47 -26.98
C HIS I 600 -45.08 -47.45 -26.98
N TYR I 601 -45.69 -47.19 -25.83
CA TYR I 601 -47.14 -47.24 -25.74
C TYR I 601 -47.77 -45.90 -25.40
N THR I 602 -48.78 -45.52 -26.18
CA THR I 602 -49.44 -44.22 -26.02
C THR I 602 -50.95 -44.39 -25.81
N VAL I 603 -51.61 -43.34 -25.34
CA VAL I 603 -53.05 -43.41 -25.09
C VAL I 603 -53.83 -42.34 -25.85
N LEU I 604 -54.82 -42.78 -26.63
CA LEU I 604 -55.68 -41.89 -27.39
C LEU I 604 -56.80 -41.26 -26.55
N GLY I 605 -57.30 -40.11 -26.98
CA GLY I 605 -58.50 -39.53 -26.40
C GLY I 605 -58.30 -38.40 -25.42
N ASP I 606 -59.28 -37.51 -25.37
CA ASP I 606 -59.27 -36.38 -24.45
C ASP I 606 -59.65 -36.79 -23.04
N ALA I 607 -60.17 -38.01 -22.90
CA ALA I 607 -60.58 -38.53 -21.60
C ALA I 607 -59.38 -38.78 -20.71
N PHE I 608 -58.25 -39.14 -21.32
CA PHE I 608 -57.04 -39.46 -20.59
C PHE I 608 -56.36 -38.23 -20.04
N LYS I 609 -56.53 -37.10 -20.73
CA LYS I 609 -55.81 -35.88 -20.42
C LYS I 609 -56.21 -35.28 -19.07
N GLU I 610 -57.32 -35.73 -18.51
CA GLU I 610 -57.75 -35.22 -17.22
C GLU I 610 -57.31 -36.13 -16.08
N CYS I 611 -56.71 -37.27 -16.42
CA CYS I 611 -56.25 -38.21 -15.41
C CYS I 611 -54.82 -37.92 -14.96
N PHE I 612 -54.12 -37.07 -15.72
CA PHE I 612 -52.72 -36.80 -15.41
C PHE I 612 -52.35 -35.33 -15.49
N VAL I 613 -51.31 -34.96 -14.76
CA VAL I 613 -50.71 -33.65 -14.90
C VAL I 613 -49.30 -33.81 -15.45
N SER I 614 -48.63 -32.69 -15.71
CA SER I 614 -47.33 -32.72 -16.34
C SER I 614 -46.38 -31.68 -15.76
N ARG I 615 -45.10 -32.01 -15.71
CA ARG I 615 -44.08 -31.09 -15.21
C ARG I 615 -42.94 -31.06 -16.21
N PRO I 616 -42.32 -29.88 -16.42
CA PRO I 616 -41.22 -29.81 -17.39
C PRO I 616 -40.11 -30.82 -17.07
N HIS I 617 -39.70 -31.59 -18.07
CA HIS I 617 -38.75 -32.68 -17.87
C HIS I 617 -37.38 -32.17 -17.44
N PRO I 618 -36.87 -32.70 -16.32
CA PRO I 618 -35.59 -32.28 -15.75
C PRO I 618 -34.41 -32.58 -16.68
N LYS I 619 -34.45 -33.73 -17.34
CA LYS I 619 -33.40 -34.10 -18.28
C LYS I 619 -33.99 -34.47 -19.65
N PRO I 620 -34.34 -33.45 -20.44
CA PRO I 620 -34.90 -33.67 -21.79
C PRO I 620 -33.90 -34.35 -22.70
N LYS I 621 -34.37 -35.34 -23.46
CA LYS I 621 -33.51 -36.13 -24.33
C LYS I 621 -34.29 -36.56 -25.56
N GLN I 622 -33.62 -36.59 -26.71
CA GLN I 622 -34.27 -37.04 -27.93
C GLN I 622 -33.78 -38.43 -28.32
N PHE I 623 -34.64 -39.43 -28.16
CA PHE I 623 -34.32 -40.80 -28.52
C PHE I 623 -35.13 -41.22 -29.74
N SER I 624 -34.44 -41.78 -30.74
CA SER I 624 -35.07 -42.13 -32.01
C SER I 624 -35.84 -40.94 -32.58
N SER I 625 -37.11 -41.16 -32.87
CA SER I 625 -37.97 -40.11 -33.41
C SER I 625 -38.75 -39.38 -32.34
N PHE I 626 -38.54 -39.77 -31.08
CA PHE I 626 -39.24 -39.16 -29.95
C PHE I 626 -38.42 -38.05 -29.32
N GLU I 627 -39.07 -36.98 -28.89
CA GLU I 627 -38.37 -35.92 -28.16
C GLU I 627 -39.03 -35.66 -26.81
N LYS I 628 -38.32 -35.95 -25.73
CA LYS I 628 -38.87 -35.78 -24.40
C LYS I 628 -39.19 -34.32 -24.10
N ARG I 629 -40.38 -34.07 -23.57
CA ARG I 629 -40.80 -32.72 -23.23
C ARG I 629 -41.10 -32.60 -21.74
N ALA I 630 -42.08 -33.37 -21.27
CA ALA I 630 -42.47 -33.32 -19.86
C ALA I 630 -42.59 -34.70 -19.21
N LYS I 631 -42.64 -34.69 -17.89
CA LYS I 631 -42.93 -35.85 -17.08
C LYS I 631 -44.42 -35.90 -16.75
N ILE I 632 -44.98 -37.11 -16.76
CA ILE I 632 -46.40 -37.32 -16.53
C ILE I 632 -46.68 -37.91 -15.16
N PHE I 633 -47.51 -37.23 -14.38
CA PHE I 633 -47.83 -37.68 -13.02
C PHE I 633 -49.34 -37.82 -12.82
N CYS I 634 -49.73 -38.52 -11.77
CA CYS I 634 -51.14 -38.71 -11.45
C CYS I 634 -51.77 -37.43 -10.92
N ALA I 635 -52.98 -37.12 -11.38
CA ALA I 635 -53.64 -35.87 -11.03
C ALA I 635 -54.57 -35.97 -9.82
N ARG I 636 -54.82 -37.19 -9.34
CA ARG I 636 -55.81 -37.38 -8.28
C ARG I 636 -55.23 -37.04 -6.91
N GLN I 637 -55.84 -36.05 -6.26
CA GLN I 637 -55.47 -35.61 -4.91
C GLN I 637 -53.99 -35.20 -4.82
N ASN I 638 -53.42 -34.82 -5.97
CA ASN I 638 -52.02 -34.42 -6.06
C ASN I 638 -51.05 -35.43 -5.44
N CYS I 639 -51.27 -36.72 -5.70
CA CYS I 639 -50.37 -37.75 -5.21
C CYS I 639 -49.12 -37.81 -6.08
N SER I 640 -49.29 -37.46 -7.35
CA SER I 640 -48.18 -37.30 -8.29
C SER I 640 -47.30 -38.54 -8.46
N HIS I 641 -47.92 -39.69 -8.68
CA HIS I 641 -47.16 -40.90 -8.98
C HIS I 641 -46.69 -40.85 -10.42
N ASP I 642 -45.49 -41.35 -10.69
CA ASP I 642 -44.92 -41.22 -12.03
C ASP I 642 -45.53 -42.24 -12.97
N TRP I 643 -46.32 -41.75 -13.92
CA TRP I 643 -46.95 -42.58 -14.93
C TRP I 643 -46.06 -42.84 -16.16
N GLY I 644 -45.37 -41.80 -16.61
CA GLY I 644 -44.61 -41.88 -17.84
C GLY I 644 -44.13 -40.50 -18.26
N ILE I 645 -43.89 -40.32 -19.55
CA ILE I 645 -43.40 -39.05 -20.07
C ILE I 645 -44.29 -38.50 -21.18
N HIS I 646 -44.17 -37.21 -21.45
CA HIS I 646 -44.89 -36.62 -22.57
C HIS I 646 -43.89 -36.23 -23.65
N VAL I 647 -44.12 -36.76 -24.85
CA VAL I 647 -43.12 -36.61 -25.91
C VAL I 647 -43.66 -35.99 -27.18
N LYS I 648 -42.72 -35.54 -28.00
CA LYS I 648 -42.98 -34.99 -29.31
C LYS I 648 -42.61 -36.05 -30.34
N TYR I 649 -43.62 -36.62 -30.99
CA TYR I 649 -43.42 -37.64 -32.01
C TYR I 649 -44.04 -37.19 -33.33
N LYS I 650 -43.18 -36.93 -34.31
CA LYS I 650 -43.60 -36.40 -35.62
C LYS I 650 -44.46 -35.14 -35.49
N THR I 651 -45.70 -35.22 -35.97
CA THR I 651 -46.63 -34.10 -35.90
C THR I 651 -47.37 -34.04 -34.55
N PHE I 652 -47.36 -35.15 -33.82
CA PHE I 652 -48.16 -35.27 -32.60
C PHE I 652 -47.37 -35.01 -31.33
N GLU I 653 -48.03 -34.39 -30.35
CA GLU I 653 -47.49 -34.32 -29.01
C GLU I 653 -48.32 -35.24 -28.12
N ILE I 654 -47.73 -36.36 -27.72
CA ILE I 654 -48.50 -37.45 -27.11
C ILE I 654 -47.88 -37.99 -25.84
N PRO I 655 -48.72 -38.54 -24.95
CA PRO I 655 -48.26 -39.24 -23.75
C PRO I 655 -47.69 -40.63 -24.05
N VAL I 656 -46.63 -41.00 -23.37
CA VAL I 656 -46.08 -42.36 -23.43
C VAL I 656 -45.98 -42.91 -22.02
N ILE I 657 -46.64 -44.04 -21.79
CA ILE I 657 -46.77 -44.60 -20.45
C ILE I 657 -45.98 -45.90 -20.30
N LYS I 658 -45.54 -46.16 -19.06
CA LYS I 658 -44.85 -47.40 -18.74
C LYS I 658 -45.78 -48.28 -17.92
N ILE I 659 -45.78 -49.58 -18.22
CA ILE I 659 -46.67 -50.52 -17.56
C ILE I 659 -46.22 -50.80 -16.13
N GLU I 660 -44.97 -50.47 -15.82
CA GLU I 660 -44.41 -50.71 -14.49
C GLU I 660 -45.04 -49.79 -13.46
N SER I 661 -45.68 -48.73 -13.92
CA SER I 661 -46.37 -47.80 -13.02
C SER I 661 -47.88 -48.07 -12.92
N PHE I 662 -48.37 -49.07 -13.62
CA PHE I 662 -49.80 -49.35 -13.64
C PHE I 662 -50.13 -50.80 -13.26
N VAL I 663 -51.32 -50.98 -12.68
CA VAL I 663 -51.85 -52.29 -12.36
C VAL I 663 -53.00 -52.64 -13.31
N VAL I 664 -52.98 -53.87 -13.82
CA VAL I 664 -53.95 -54.29 -14.83
C VAL I 664 -55.11 -55.07 -14.21
N GLU I 665 -56.31 -54.52 -14.36
CA GLU I 665 -57.52 -55.15 -13.83
C GLU I 665 -58.44 -55.65 -14.94
N ASP I 666 -58.75 -56.94 -14.92
CA ASP I 666 -59.66 -57.52 -15.89
C ASP I 666 -61.11 -57.22 -15.50
N ILE I 667 -61.86 -56.62 -16.42
CA ILE I 667 -63.23 -56.20 -16.13
C ILE I 667 -64.18 -57.39 -15.97
N ALA I 668 -63.81 -58.53 -16.57
CA ALA I 668 -64.66 -59.72 -16.52
C ALA I 668 -64.50 -60.45 -15.20
N THR I 669 -63.31 -60.99 -14.96
CA THR I 669 -63.04 -61.80 -13.78
C THR I 669 -62.83 -60.94 -12.53
N GLY I 670 -62.21 -59.77 -12.71
CA GLY I 670 -61.91 -58.90 -11.60
C GLY I 670 -60.49 -59.07 -11.10
N VAL I 671 -59.78 -60.04 -11.69
CA VAL I 671 -58.42 -60.34 -11.28
C VAL I 671 -57.45 -59.21 -11.63
N GLN I 672 -56.64 -58.81 -10.65
CA GLN I 672 -55.66 -57.75 -10.87
C GLN I 672 -54.24 -58.31 -10.89
N THR I 673 -53.47 -57.94 -11.91
CA THR I 673 -52.10 -58.40 -12.05
C THR I 673 -51.14 -57.25 -12.32
N LEU I 674 -49.85 -57.50 -12.13
CA LEU I 674 -48.82 -56.49 -12.35
C LEU I 674 -47.79 -56.95 -13.37
N TYR I 675 -47.33 -56.03 -14.22
CA TYR I 675 -46.32 -56.35 -15.22
C TYR I 675 -45.18 -55.34 -15.18
N SER I 676 -43.95 -55.85 -15.20
CA SER I 676 -42.76 -55.00 -15.16
C SER I 676 -42.46 -54.41 -16.52
N LYS I 677 -42.59 -55.22 -17.57
CA LYS I 677 -42.29 -54.78 -18.93
C LYS I 677 -43.48 -54.99 -19.86
N TRP I 678 -43.62 -54.09 -20.83
CA TRP I 678 -44.71 -54.18 -21.80
C TRP I 678 -44.65 -55.44 -22.63
N LYS I 679 -43.44 -55.97 -22.82
CA LYS I 679 -43.25 -57.12 -23.69
C LYS I 679 -43.78 -58.40 -23.07
N ASP I 680 -43.94 -58.40 -21.75
CA ASP I 680 -44.49 -59.55 -21.03
C ASP I 680 -46.00 -59.45 -20.88
N PHE I 681 -46.56 -58.31 -21.25
CA PHE I 681 -47.99 -58.10 -21.20
C PHE I 681 -48.59 -58.50 -22.54
N HIS I 682 -49.36 -59.59 -22.54
CA HIS I 682 -49.93 -60.09 -23.79
C HIS I 682 -51.40 -59.74 -23.89
N PHE I 683 -51.69 -58.81 -24.80
CA PHE I 683 -53.05 -58.41 -25.11
C PHE I 683 -53.05 -58.01 -26.57
N GLU I 684 -54.19 -57.57 -27.08
CA GLU I 684 -54.23 -57.18 -28.48
C GLU I 684 -53.60 -55.80 -28.61
N LYS I 685 -52.48 -55.74 -29.33
CA LYS I 685 -51.73 -54.51 -29.45
C LYS I 685 -52.03 -53.84 -30.78
N ILE I 686 -52.75 -52.74 -30.72
CA ILE I 686 -53.15 -52.04 -31.93
C ILE I 686 -52.08 -51.03 -32.33
N PRO I 687 -51.48 -51.23 -33.51
CA PRO I 687 -50.44 -50.33 -34.02
C PRO I 687 -50.94 -48.89 -34.11
N PHE I 688 -50.06 -47.93 -33.84
CA PHE I 688 -50.43 -46.53 -33.90
C PHE I 688 -50.66 -46.10 -35.34
N ASP I 689 -51.85 -45.60 -35.61
CA ASP I 689 -52.20 -45.15 -36.96
C ASP I 689 -52.48 -43.65 -36.97
N PRO I 690 -51.65 -42.90 -37.73
CA PRO I 690 -51.79 -41.46 -37.91
C PRO I 690 -53.12 -41.06 -38.56
N ALA I 691 -53.82 -42.02 -39.15
CA ALA I 691 -55.08 -41.74 -39.81
C ALA I 691 -56.27 -41.88 -38.86
N GLU I 692 -56.01 -42.30 -37.63
CA GLU I 692 -57.08 -42.51 -36.66
C GLU I 692 -57.39 -41.25 -35.86
N MET I 693 -56.51 -40.26 -35.94
CA MET I 693 -56.65 -39.04 -35.14
C MET I 693 -57.86 -38.22 -35.57
N LYS K 12 2.90 12.21 47.80
CA LYS K 12 2.13 13.42 48.10
C LYS K 12 3.03 14.55 48.58
N PRO K 13 3.28 15.53 47.70
CA PRO K 13 4.18 16.65 47.98
C PRO K 13 3.57 17.66 48.96
N ARG K 14 4.42 18.31 49.75
CA ARG K 14 3.99 19.39 50.61
C ARG K 14 3.71 20.62 49.75
N ASN K 15 2.85 21.51 50.23
CA ASN K 15 2.41 22.65 49.44
C ASN K 15 3.53 23.60 49.03
N TYR K 16 4.45 23.87 49.95
CA TYR K 16 5.52 24.82 49.68
C TYR K 16 6.49 24.28 48.63
N GLN K 17 6.50 22.96 48.45
CA GLN K 17 7.33 22.35 47.42
C GLN K 17 6.75 22.65 46.05
N LEU K 18 5.43 22.58 45.94
CA LEU K 18 4.74 22.98 44.72
C LEU K 18 4.93 24.47 44.47
N GLU K 19 4.90 25.25 45.55
CA GLU K 19 5.09 26.70 45.45
C GLU K 19 6.49 27.05 44.95
N LEU K 20 7.48 26.30 45.40
CA LEU K 20 8.86 26.50 44.98
C LEU K 20 9.08 26.01 43.56
N ALA K 21 8.34 24.97 43.17
CA ALA K 21 8.51 24.37 41.86
C ALA K 21 7.76 25.13 40.77
N LEU K 22 6.76 25.92 41.16
CA LEU K 22 5.88 26.58 40.19
C LEU K 22 6.58 27.51 39.20
N PRO K 23 7.48 28.39 39.67
CA PRO K 23 8.15 29.24 38.67
C PRO K 23 8.99 28.45 37.67
N ALA K 24 9.57 27.35 38.14
CA ALA K 24 10.41 26.51 37.28
C ALA K 24 9.56 25.74 36.27
N MET K 25 8.39 25.30 36.71
CA MET K 25 7.49 24.53 35.85
C MET K 25 6.88 25.40 34.76
N LYS K 26 7.02 26.71 34.90
CA LYS K 26 6.50 27.65 33.91
C LYS K 26 7.56 27.99 32.86
N GLY K 27 8.71 27.35 32.96
CA GLY K 27 9.76 27.51 31.96
C GLY K 27 10.71 28.64 32.26
N LYS K 28 10.60 29.21 33.45
CA LYS K 28 11.46 30.32 33.85
C LYS K 28 12.73 29.83 34.53
N ASN K 29 13.87 30.38 34.12
CA ASN K 29 15.12 30.09 34.80
C ASN K 29 15.03 30.59 36.23
N THR K 30 15.27 29.70 37.19
CA THR K 30 14.90 30.00 38.57
C THR K 30 15.92 29.54 39.59
N ILE K 31 16.27 30.43 40.51
CA ILE K 31 17.06 30.05 41.68
C ILE K 31 16.12 29.72 42.83
N ILE K 32 16.09 28.46 43.23
CA ILE K 32 15.20 28.05 44.32
C ILE K 32 15.93 28.10 45.66
N CYS K 33 15.46 28.99 46.53
CA CYS K 33 16.11 29.19 47.82
C CYS K 33 15.19 28.77 48.97
N ALA K 34 15.54 27.68 49.63
CA ALA K 34 14.76 27.17 50.75
C ALA K 34 15.68 26.51 51.78
N PRO K 35 15.30 26.56 53.06
CA PRO K 35 16.13 26.02 54.15
C PRO K 35 16.54 24.57 53.96
N THR K 36 17.69 24.18 54.52
CA THR K 36 18.19 22.83 54.40
C THR K 36 17.27 21.82 55.08
N GLY K 37 16.88 20.78 54.33
CA GLY K 37 16.08 19.71 54.89
C GLY K 37 14.61 19.79 54.53
N CYS K 38 14.25 20.81 53.76
CA CYS K 38 12.87 21.01 53.33
C CYS K 38 12.47 19.99 52.27
N GLY K 39 13.41 19.15 51.84
CA GLY K 39 13.16 18.17 50.79
C GLY K 39 13.21 18.69 49.37
N LYS K 40 14.29 19.39 49.04
CA LYS K 40 14.50 19.90 47.68
C LYS K 40 14.54 18.80 46.61
N THR K 41 14.81 17.57 47.03
CA THR K 41 14.87 16.44 46.11
C THR K 41 13.56 16.25 45.36
N PHE K 42 12.45 16.31 46.11
CA PHE K 42 11.14 16.14 45.52
C PHE K 42 10.79 17.32 44.60
N VAL K 43 11.31 18.49 44.95
CA VAL K 43 11.15 19.66 44.10
C VAL K 43 11.81 19.39 42.75
N SER K 44 13.04 18.87 42.80
CA SER K 44 13.77 18.50 41.60
C SER K 44 12.99 17.48 40.78
N LEU K 45 12.43 16.49 41.46
CA LEU K 45 11.65 15.44 40.79
C LEU K 45 10.42 16.00 40.09
N LEU K 46 9.73 16.93 40.75
CA LEU K 46 8.55 17.55 40.17
C LEU K 46 8.90 18.37 38.94
N ILE K 47 9.94 19.19 39.06
CA ILE K 47 10.40 20.01 37.95
C ILE K 47 10.79 19.15 36.75
N CYS K 48 11.57 18.10 37.00
CA CYS K 48 12.00 17.21 35.94
C CYS K 48 10.82 16.49 35.28
N GLU K 49 9.91 15.98 36.09
CA GLU K 49 8.74 15.26 35.59
C GLU K 49 7.90 16.15 34.69
N HIS K 50 7.53 17.33 35.19
CA HIS K 50 6.72 18.27 34.41
C HIS K 50 7.46 18.70 33.15
N HIS K 51 8.77 18.87 33.25
CA HIS K 51 9.56 19.31 32.11
C HIS K 51 9.59 18.27 31.01
N LEU K 52 9.72 17.00 31.40
CA LEU K 52 9.82 15.92 30.43
C LEU K 52 8.47 15.59 29.81
N LYS K 53 7.40 15.70 30.59
CA LYS K 53 6.08 15.37 30.08
C LYS K 53 5.45 16.46 29.22
N LYS K 54 5.97 17.68 29.31
CA LYS K 54 5.38 18.82 28.61
C LYS K 54 5.61 18.75 27.10
N PHE K 55 6.65 18.05 26.68
CA PHE K 55 7.01 17.99 25.27
C PHE K 55 6.00 17.18 24.47
N PRO K 56 5.70 17.64 23.24
CA PRO K 56 4.79 16.94 22.34
C PRO K 56 5.37 15.59 21.89
N GLN K 57 4.63 14.89 21.03
CA GLN K 57 5.04 13.55 20.60
C GLN K 57 6.32 13.56 19.79
N GLY K 58 6.42 14.52 18.86
CA GLY K 58 7.55 14.56 17.95
C GLY K 58 8.84 15.12 18.54
N GLN K 59 8.79 15.50 19.82
CA GLN K 59 9.96 16.05 20.48
C GLN K 59 10.22 15.36 21.82
N LYS K 60 11.44 15.50 22.32
CA LYS K 60 11.79 14.96 23.63
C LYS K 60 12.79 15.86 24.34
N GLY K 61 12.71 15.90 25.66
CA GLY K 61 13.60 16.74 26.45
C GLY K 61 14.77 15.96 27.00
N LYS K 62 15.82 16.68 27.40
CA LYS K 62 16.98 16.06 28.03
C LYS K 62 17.40 16.88 29.25
N VAL K 63 17.36 16.25 30.41
CA VAL K 63 17.67 16.92 31.66
C VAL K 63 19.06 16.55 32.18
N VAL K 64 19.82 17.54 32.62
CA VAL K 64 21.11 17.25 33.24
C VAL K 64 21.13 17.79 34.68
N PHE K 65 21.45 16.91 35.62
CA PHE K 65 21.48 17.26 37.04
C PHE K 65 22.92 17.30 37.55
N PHE K 66 23.37 18.46 37.99
CA PHE K 66 24.72 18.62 38.51
C PHE K 66 24.77 18.45 40.02
N ALA K 67 25.40 17.37 40.46
CA ALA K 67 25.73 17.15 41.87
C ALA K 67 27.24 17.33 42.03
N ASN K 68 27.63 18.09 43.05
CA ASN K 68 29.02 18.47 43.19
C ASN K 68 29.87 17.45 43.94
N GLN K 69 29.21 16.48 44.57
CA GLN K 69 29.90 15.48 45.37
C GLN K 69 29.38 14.07 45.09
N ILE K 70 30.28 13.09 45.12
CA ILE K 70 29.95 11.71 44.78
C ILE K 70 28.80 11.10 45.60
N PRO K 71 28.75 11.34 46.93
CA PRO K 71 27.59 10.81 47.65
C PRO K 71 26.25 11.36 47.15
N VAL K 72 26.20 12.68 46.93
CA VAL K 72 25.00 13.32 46.40
C VAL K 72 24.73 12.84 44.98
N TYR K 73 25.79 12.63 44.22
CA TYR K 73 25.71 12.08 42.87
C TYR K 73 24.98 10.75 42.86
N GLU K 74 25.48 9.81 43.66
CA GLU K 74 24.91 8.47 43.74
C GLU K 74 23.48 8.50 44.25
N GLN K 75 23.23 9.32 45.28
CA GLN K 75 21.89 9.42 45.85
C GLN K 75 20.88 9.90 44.80
N GLN K 76 21.19 11.02 44.15
CA GLN K 76 20.32 11.59 43.13
C GLN K 76 20.12 10.62 41.97
N LYS K 77 21.20 9.95 41.56
CA LYS K 77 21.12 8.99 40.46
C LYS K 77 20.15 7.86 40.81
N SER K 78 20.29 7.33 42.02
CA SER K 78 19.42 6.25 42.48
C SER K 78 17.96 6.69 42.55
N VAL K 79 17.71 7.82 43.20
CA VAL K 79 16.34 8.34 43.34
C VAL K 79 15.69 8.58 41.99
N PHE K 80 16.39 9.27 41.10
CA PHE K 80 15.86 9.57 39.78
C PHE K 80 15.64 8.31 38.93
N SER K 81 16.54 7.35 39.05
CA SER K 81 16.39 6.08 38.33
C SER K 81 15.16 5.32 38.81
N LYS K 82 14.97 5.28 40.12
CA LYS K 82 13.84 4.57 40.71
C LYS K 82 12.52 5.27 40.38
N TYR K 83 12.55 6.59 40.32
CA TYR K 83 11.34 7.38 40.11
C TYR K 83 10.89 7.46 38.65
N PHE K 84 11.85 7.64 37.73
CA PHE K 84 11.51 7.90 36.34
C PHE K 84 11.55 6.68 35.43
N GLU K 85 11.90 5.52 35.97
CA GLU K 85 11.89 4.29 35.19
C GLU K 85 10.49 3.97 34.71
N ARG K 86 9.51 4.27 35.57
CA ARG K 86 8.11 4.00 35.28
C ARG K 86 7.59 4.80 34.09
N HIS K 87 7.99 6.06 34.00
CA HIS K 87 7.44 6.98 33.00
C HIS K 87 8.11 6.84 31.64
N GLY K 88 9.11 5.97 31.54
CA GLY K 88 9.76 5.69 30.28
C GLY K 88 10.95 6.56 29.97
N TYR K 89 11.54 7.14 31.01
CA TYR K 89 12.73 7.97 30.84
C TYR K 89 13.97 7.25 31.37
N ARG K 90 14.97 7.06 30.50
CA ARG K 90 16.20 6.39 30.90
C ARG K 90 17.09 7.34 31.69
N VAL K 91 17.46 6.95 32.90
CA VAL K 91 18.31 7.77 33.75
C VAL K 91 19.69 7.15 33.89
N THR K 92 20.73 7.94 33.63
CA THR K 92 22.10 7.48 33.81
C THR K 92 22.93 8.53 34.52
N GLY K 93 24.21 8.23 34.71
CA GLY K 93 25.10 9.17 35.36
C GLY K 93 26.55 8.98 34.96
N ILE K 94 27.33 10.05 35.09
CA ILE K 94 28.77 9.96 34.81
C ILE K 94 29.56 10.63 35.92
N SER K 95 30.38 9.84 36.61
CA SER K 95 31.28 10.38 37.63
C SER K 95 32.71 10.13 37.18
N GLY K 96 33.68 10.59 37.98
CA GLY K 96 35.08 10.48 37.63
C GLY K 96 35.54 9.05 37.43
N ALA K 97 34.87 8.11 38.08
CA ALA K 97 35.23 6.70 37.97
C ALA K 97 34.89 6.14 36.60
N THR K 98 33.67 6.40 36.15
CA THR K 98 33.18 5.85 34.89
C THR K 98 33.34 6.81 33.71
N ALA K 99 33.97 7.97 33.95
CA ALA K 99 34.07 9.00 32.91
C ALA K 99 35.09 8.67 31.83
N GLU K 100 36.05 7.82 32.14
CA GLU K 100 37.16 7.55 31.22
C GLU K 100 36.90 6.36 30.31
N ASN K 101 37.35 6.48 29.06
CA ASN K 101 37.24 5.42 28.06
C ASN K 101 35.80 5.00 27.80
N VAL K 102 34.90 5.98 27.73
CA VAL K 102 33.50 5.74 27.40
C VAL K 102 33.00 6.79 26.42
N PRO K 103 32.07 6.41 25.54
CA PRO K 103 31.48 7.35 24.59
C PRO K 103 30.49 8.30 25.27
N VAL K 104 31.01 9.33 25.92
CA VAL K 104 30.19 10.29 26.67
C VAL K 104 29.09 10.92 25.82
N GLU K 105 29.41 11.21 24.56
CA GLU K 105 28.43 11.81 23.65
C GLU K 105 27.23 10.91 23.44
N GLN K 106 27.49 9.62 23.25
CA GLN K 106 26.42 8.65 23.06
C GLN K 106 25.61 8.47 24.35
N ILE K 107 26.30 8.43 25.47
CA ILE K 107 25.65 8.26 26.76
C ILE K 107 24.69 9.42 27.04
N VAL K 108 25.13 10.63 26.70
CA VAL K 108 24.29 11.81 26.82
C VAL K 108 23.12 11.73 25.84
N GLU K 109 23.41 11.30 24.62
CA GLU K 109 22.40 11.22 23.56
C GLU K 109 21.34 10.16 23.85
N ASN K 110 21.75 9.04 24.44
CA ASN K 110 20.87 7.89 24.60
C ASN K 110 20.08 7.89 25.91
N ASN K 111 20.22 8.94 26.70
CA ASN K 111 19.50 9.02 27.97
C ASN K 111 18.77 10.34 28.17
N ASP K 112 17.60 10.27 28.79
CA ASP K 112 16.76 11.44 29.01
C ASP K 112 17.19 12.26 30.24
N ILE K 113 17.62 11.58 31.29
CA ILE K 113 18.10 12.24 32.49
C ILE K 113 19.52 11.80 32.83
N ILE K 114 20.42 12.77 32.92
CA ILE K 114 21.84 12.47 33.12
C ILE K 114 22.39 13.19 34.34
N ILE K 115 22.86 12.43 35.33
CA ILE K 115 23.42 13.02 36.54
C ILE K 115 24.94 13.10 36.43
N LEU K 116 25.46 14.32 36.56
CA LEU K 116 26.87 14.61 36.31
C LEU K 116 27.52 15.40 37.44
N THR K 117 28.79 15.12 37.69
CA THR K 117 29.62 16.03 38.45
C THR K 117 30.19 17.03 37.44
N PRO K 118 30.13 18.33 37.76
CA PRO K 118 30.38 19.42 36.80
C PRO K 118 31.68 19.29 36.02
N GLN K 119 32.69 18.69 36.64
CA GLN K 119 34.00 18.57 36.01
C GLN K 119 33.92 17.73 34.74
N ILE K 120 33.06 16.72 34.73
CA ILE K 120 32.86 15.89 33.55
C ILE K 120 32.41 16.74 32.37
N LEU K 121 31.42 17.60 32.61
CA LEU K 121 30.87 18.41 31.54
C LEU K 121 31.86 19.49 31.11
N VAL K 122 32.60 20.04 32.06
CA VAL K 122 33.62 21.03 31.72
C VAL K 122 34.67 20.42 30.78
N ASN K 123 35.25 19.31 31.25
CA ASN K 123 36.25 18.57 30.48
C ASN K 123 35.76 18.17 29.10
N ASN K 124 34.57 17.60 29.03
CA ASN K 124 34.01 17.15 27.76
C ASN K 124 33.62 18.31 26.84
N LEU K 125 33.29 19.46 27.42
CA LEU K 125 32.96 20.64 26.64
C LEU K 125 34.21 21.19 25.98
N LYS K 126 35.28 21.36 26.77
CA LYS K 126 36.51 21.92 26.21
C LYS K 126 37.24 20.91 25.32
N LYS K 127 37.01 19.62 25.54
CA LYS K 127 37.61 18.59 24.70
C LYS K 127 36.90 18.53 23.36
N GLY K 128 35.61 18.84 23.37
CA GLY K 128 34.83 18.90 22.14
C GLY K 128 33.85 17.76 21.94
N THR K 129 33.90 16.76 22.82
CA THR K 129 33.02 15.60 22.69
C THR K 129 31.56 16.01 22.79
N ILE K 130 31.28 17.03 23.61
CA ILE K 130 29.96 17.65 23.63
C ILE K 130 30.10 19.06 23.05
N PRO K 131 29.60 19.26 21.82
CA PRO K 131 29.78 20.50 21.07
C PRO K 131 29.08 21.70 21.69
N SER K 132 27.88 21.50 22.22
CA SER K 132 27.08 22.59 22.75
C SER K 132 26.18 22.15 23.90
N LEU K 133 25.70 23.11 24.66
CA LEU K 133 24.77 22.84 25.75
C LEU K 133 23.34 22.73 25.23
N SER K 134 23.20 22.93 23.91
CA SER K 134 21.90 22.85 23.27
C SER K 134 21.33 21.43 23.32
N ILE K 135 22.19 20.46 23.61
CA ILE K 135 21.77 19.07 23.69
C ILE K 135 20.87 18.84 24.90
N PHE K 136 20.97 19.73 25.88
CA PHE K 136 20.12 19.68 27.06
C PHE K 136 18.96 20.66 26.94
N THR K 137 17.75 20.22 27.32
CA THR K 137 16.63 21.14 27.42
C THR K 137 16.44 21.67 28.84
N LEU K 138 17.14 21.08 29.81
CA LEU K 138 17.06 21.55 31.19
C LEU K 138 18.34 21.26 31.97
N MET K 139 18.72 22.21 32.82
CA MET K 139 19.89 22.05 33.69
C MET K 139 19.49 22.34 35.13
N ILE K 140 19.97 21.51 36.05
CA ILE K 140 19.72 21.75 37.46
C ILE K 140 21.02 21.74 38.26
N PHE K 141 21.40 22.89 38.80
CA PHE K 141 22.61 23.00 39.61
C PHE K 141 22.28 22.78 41.08
N ASP K 142 22.80 21.71 41.67
CA ASP K 142 22.66 21.50 43.10
C ASP K 142 23.70 22.33 43.81
N GLU K 143 23.28 23.01 44.88
CA GLU K 143 24.12 23.99 45.57
C GLU K 143 24.64 25.02 44.56
N CYS K 144 23.72 25.79 44.01
CA CYS K 144 24.04 26.69 42.89
C CYS K 144 24.78 27.94 43.32
N HIS K 145 24.84 28.18 44.63
CA HIS K 145 25.58 29.32 45.15
C HIS K 145 27.06 29.18 44.81
N ASN K 146 27.47 27.96 44.47
CA ASN K 146 28.82 27.67 44.06
C ASN K 146 29.14 28.19 42.67
N THR K 147 28.15 28.79 42.01
CA THR K 147 28.40 29.30 40.67
C THR K 147 28.91 30.71 40.81
N SER K 148 30.21 30.85 40.59
CA SER K 148 30.94 32.10 40.79
C SER K 148 32.41 31.80 40.59
N LYS K 149 33.20 32.84 40.37
CA LYS K 149 34.65 32.70 40.22
C LYS K 149 35.04 31.62 39.22
N GLN K 150 36.00 30.79 39.58
CA GLN K 150 36.53 29.77 38.67
C GLN K 150 35.92 28.38 38.87
N HIS K 151 34.94 28.28 39.78
CA HIS K 151 34.25 27.02 40.05
C HIS K 151 33.68 26.40 38.77
N PRO K 152 33.73 25.07 38.66
CA PRO K 152 33.24 24.32 37.49
C PRO K 152 31.82 24.71 37.05
N TYR K 153 30.93 24.93 38.02
CA TYR K 153 29.60 25.44 37.73
C TYR K 153 29.68 26.68 36.87
N ASN K 154 30.50 27.62 37.31
CA ASN K 154 30.64 28.90 36.64
C ASN K 154 31.33 28.75 35.29
N MET K 155 32.11 27.69 35.11
CA MET K 155 32.73 27.42 33.83
C MET K 155 31.69 26.95 32.82
N ILE K 156 30.85 26.02 33.25
CA ILE K 156 29.72 25.57 32.44
C ILE K 156 28.83 26.75 32.06
N MET K 157 28.52 27.58 33.05
CA MET K 157 27.70 28.76 32.81
C MET K 157 28.42 29.77 31.92
N PHE K 158 29.76 29.74 31.93
CA PHE K 158 30.52 30.59 31.04
C PHE K 158 30.33 30.13 29.61
N ASN K 159 30.27 28.81 29.42
CA ASN K 159 29.94 28.26 28.11
C ASN K 159 28.55 28.71 27.68
N TYR K 160 27.59 28.56 28.59
CA TYR K 160 26.20 28.97 28.37
C TYR K 160 26.10 30.43 27.92
N LEU K 161 26.69 31.33 28.70
CA LEU K 161 26.61 32.76 28.44
C LEU K 161 27.40 33.17 27.19
N ASP K 162 28.51 32.48 26.95
CA ASP K 162 29.29 32.73 25.73
C ASP K 162 28.45 32.38 24.52
N GLN K 163 27.65 31.32 24.62
CA GLN K 163 26.76 30.96 23.53
C GLN K 163 25.61 31.95 23.38
N LYS K 164 25.04 32.37 24.51
CA LYS K 164 23.90 33.29 24.50
C LYS K 164 24.25 34.67 23.95
N LEU K 165 25.28 35.29 24.51
CA LEU K 165 25.68 36.63 24.14
C LEU K 165 26.37 36.67 22.78
N GLY K 166 26.73 35.51 22.27
CA GLY K 166 27.33 35.41 20.95
C GLY K 166 26.26 35.33 19.86
N GLY K 167 26.69 35.10 18.63
CA GLY K 167 25.77 35.01 17.51
C GLY K 167 25.48 33.59 17.10
N SER K 168 25.72 32.64 18.01
CA SER K 168 25.55 31.22 17.73
C SER K 168 24.11 30.87 17.36
N SER K 169 23.16 31.57 17.99
CA SER K 169 21.74 31.43 17.68
C SER K 169 21.20 30.02 17.89
N GLY K 170 21.85 29.25 18.76
CA GLY K 170 21.37 27.92 19.10
C GLY K 170 20.44 27.98 20.29
N PRO K 171 19.51 27.01 20.39
CA PRO K 171 18.57 26.97 21.52
C PRO K 171 19.29 26.66 22.82
N LEU K 172 18.85 27.27 23.92
CA LEU K 172 19.49 27.09 25.22
C LEU K 172 18.56 26.43 26.22
N PRO K 173 19.12 25.64 27.15
CA PRO K 173 18.32 24.97 28.17
C PRO K 173 17.84 25.89 29.28
N GLN K 174 16.71 25.56 29.88
CA GLN K 174 16.21 26.24 31.06
C GLN K 174 17.15 25.94 32.23
N VAL K 175 17.48 26.96 33.01
CA VAL K 175 18.44 26.79 34.11
C VAL K 175 17.79 26.94 35.48
N ILE K 176 17.95 25.91 36.31
CA ILE K 176 17.39 25.91 37.65
C ILE K 176 18.49 25.70 38.70
N GLY K 177 18.67 26.68 39.56
CA GLY K 177 19.59 26.53 40.69
C GLY K 177 18.86 26.07 41.94
N LEU K 178 19.60 25.41 42.84
CA LEU K 178 19.03 24.99 44.11
C LEU K 178 19.98 25.31 45.26
N THR K 179 19.53 26.12 46.22
CA THR K 179 20.38 26.45 47.36
C THR K 179 19.59 26.83 48.59
N ALA K 180 20.18 26.68 49.77
CA ALA K 180 19.58 27.21 50.99
C ALA K 180 19.99 28.65 51.26
N SER K 181 21.09 29.07 50.64
CA SER K 181 21.55 30.45 50.74
C SER K 181 22.25 30.89 49.46
N VAL K 182 21.89 32.07 48.95
CA VAL K 182 22.59 32.64 47.81
C VAL K 182 23.86 33.36 48.26
N GLY K 183 23.80 33.95 49.44
CA GLY K 183 24.92 34.68 50.01
C GLY K 183 24.92 36.13 49.56
N VAL K 184 25.39 37.02 50.41
CA VAL K 184 25.54 38.42 50.05
C VAL K 184 26.97 38.79 49.69
N GLY K 185 27.88 37.84 49.84
CA GLY K 185 29.30 38.12 49.64
C GLY K 185 29.88 39.00 50.73
N ASP K 186 30.60 40.03 50.33
CA ASP K 186 31.27 40.93 51.26
C ASP K 186 30.43 42.17 51.59
N ALA K 187 29.21 42.19 51.08
CA ALA K 187 28.33 43.36 51.17
C ALA K 187 28.14 43.89 52.59
N LYS K 188 28.33 45.19 52.75
CA LYS K 188 28.15 45.85 54.05
C LYS K 188 26.75 46.43 54.23
N ASN K 189 25.95 46.44 53.16
CA ASN K 189 24.60 46.99 53.22
C ASN K 189 23.67 46.35 52.18
N THR K 190 22.38 46.55 52.36
CA THR K 190 21.35 45.89 51.54
C THR K 190 21.49 46.19 50.03
N ASP K 191 22.03 47.36 49.70
CA ASP K 191 22.21 47.73 48.31
C ASP K 191 23.29 46.87 47.65
N GLU K 192 24.43 46.77 48.33
CA GLU K 192 25.53 45.94 47.85
C GLU K 192 25.12 44.47 47.79
N ALA K 193 24.35 44.03 48.78
CA ALA K 193 23.82 42.67 48.82
C ALA K 193 22.95 42.44 47.59
N LEU K 194 22.09 43.42 47.29
CA LEU K 194 21.24 43.36 46.12
C LEU K 194 22.08 43.21 44.85
N ASP K 195 23.17 43.95 44.78
CA ASP K 195 24.07 43.86 43.64
C ASP K 195 24.68 42.48 43.50
N TYR K 196 25.16 41.92 44.61
CA TYR K 196 25.78 40.59 44.58
C TYR K 196 24.76 39.53 44.14
N ILE K 197 23.57 39.59 44.71
CA ILE K 197 22.52 38.65 44.36
C ILE K 197 22.14 38.76 42.90
N CYS K 198 22.10 40.00 42.39
CA CYS K 198 21.84 40.22 40.98
C CYS K 198 22.93 39.59 40.11
N LYS K 199 24.19 39.74 40.52
CA LYS K 199 25.30 39.17 39.78
C LYS K 199 25.24 37.64 39.79
N LEU K 200 24.75 37.07 40.90
CA LEU K 200 24.57 35.63 40.99
C LEU K 200 23.47 35.16 40.04
N CYS K 201 22.36 35.90 40.02
CA CYS K 201 21.27 35.60 39.10
C CYS K 201 21.76 35.66 37.66
N ALA K 202 22.63 36.63 37.38
CA ALA K 202 23.22 36.76 36.06
C ALA K 202 24.08 35.54 35.74
N SER K 203 24.82 35.07 36.74
CA SER K 203 25.70 33.91 36.57
C SER K 203 24.92 32.67 36.11
N LEU K 204 23.74 32.48 36.68
CA LEU K 204 22.90 31.34 36.35
C LEU K 204 21.84 31.67 35.30
N ASP K 205 21.86 32.91 34.81
CA ASP K 205 20.89 33.40 33.82
C ASP K 205 19.46 33.24 34.33
N ALA K 206 19.26 33.50 35.62
CA ALA K 206 17.95 33.32 36.25
C ALA K 206 17.23 34.65 36.38
N SER K 207 15.97 34.67 35.95
CA SER K 207 15.13 35.86 36.08
C SER K 207 14.20 35.80 37.28
N VAL K 208 14.24 34.69 38.02
CA VAL K 208 13.33 34.50 39.15
C VAL K 208 14.03 33.86 40.36
N ILE K 209 13.78 34.39 41.55
CA ILE K 209 14.21 33.75 42.79
C ILE K 209 13.01 33.23 43.56
N ALA K 210 12.88 31.91 43.65
CA ALA K 210 11.71 31.30 44.29
C ALA K 210 11.96 31.01 45.77
N THR K 211 11.11 31.57 46.62
CA THR K 211 11.15 31.31 48.05
C THR K 211 9.75 31.00 48.56
N VAL K 212 9.67 30.40 49.75
CA VAL K 212 8.39 30.07 50.33
C VAL K 212 7.76 31.31 50.97
N LYS K 213 6.55 31.66 50.52
CA LYS K 213 5.88 32.85 50.99
C LYS K 213 4.49 32.53 51.54
N HIS K 214 3.62 32.03 50.68
CA HIS K 214 2.25 31.69 51.07
C HIS K 214 2.20 30.57 52.10
N ASN K 215 3.08 29.60 51.93
CA ASN K 215 3.07 28.37 52.74
C ASN K 215 4.01 28.35 53.95
N LEU K 216 4.60 29.49 54.28
CA LEU K 216 5.61 29.59 55.35
C LEU K 216 5.26 28.84 56.63
N GLU K 217 4.00 28.90 57.03
CA GLU K 217 3.56 28.26 58.26
C GLU K 217 3.69 26.74 58.19
N GLU K 218 3.51 26.18 57.00
CA GLU K 218 3.69 24.75 56.80
C GLU K 218 5.16 24.39 56.80
N LEU K 219 5.98 25.28 56.23
CA LEU K 219 7.42 25.07 56.17
C LEU K 219 8.02 25.09 57.56
N GLU K 220 7.44 25.90 58.44
CA GLU K 220 7.96 26.05 59.79
C GLU K 220 7.51 24.92 60.71
N GLN K 221 6.68 24.03 60.18
CA GLN K 221 6.29 22.82 60.90
C GLN K 221 7.18 21.65 60.51
N VAL K 222 8.08 21.89 59.56
CA VAL K 222 8.99 20.87 59.07
C VAL K 222 10.41 21.17 59.51
N VAL K 223 10.95 22.28 59.05
CA VAL K 223 12.29 22.70 59.43
C VAL K 223 12.25 23.80 60.47
N TYR K 224 12.62 23.45 61.71
CA TYR K 224 12.68 24.42 62.80
C TYR K 224 14.06 25.06 62.90
N LYS K 225 14.09 26.34 63.25
CA LYS K 225 15.35 27.06 63.43
C LYS K 225 15.89 26.86 64.84
N PRO K 226 17.07 26.22 64.96
CA PRO K 226 17.70 25.96 66.25
C PRO K 226 18.19 27.24 66.93
N GLN K 227 18.25 27.25 68.25
CA GLN K 227 18.69 28.42 69.00
C GLN K 227 20.21 28.45 69.05
N LYS K 228 20.81 29.61 68.77
CA LYS K 228 22.27 29.74 68.77
C LYS K 228 22.75 30.58 69.95
N PHE K 229 23.65 30.00 70.75
CA PHE K 229 24.23 30.68 71.90
C PHE K 229 25.69 31.02 71.63
N PHE K 230 26.17 32.09 72.24
CA PHE K 230 27.57 32.48 72.09
C PHE K 230 28.30 32.38 73.42
N ARG K 231 29.24 31.45 73.50
CA ARG K 231 30.04 31.27 74.71
C ARG K 231 31.41 31.91 74.53
N LYS K 232 31.60 33.02 75.22
CA LYS K 232 32.87 33.73 75.23
C LYS K 232 33.60 33.41 76.52
N VAL K 233 34.68 32.65 76.39
CA VAL K 233 35.56 32.36 77.51
C VAL K 233 36.90 33.00 77.22
N GLU K 234 37.86 32.79 78.11
CA GLU K 234 39.23 33.19 77.83
C GLU K 234 40.15 32.07 78.27
N SER K 235 41.26 31.89 77.57
CA SER K 235 42.11 30.73 77.80
C SER K 235 43.18 30.98 78.86
N ARG K 236 43.95 29.94 79.13
CA ARG K 236 44.83 29.88 80.29
C ARG K 236 45.92 30.95 80.35
N ILE K 237 46.28 31.32 81.58
CA ILE K 237 47.35 32.28 81.82
C ILE K 237 48.58 31.60 82.39
N ASP K 239 52.22 31.43 80.10
CA ASP K 239 52.07 30.04 80.52
C ASP K 239 53.42 29.33 80.59
N LYS K 240 53.55 28.38 81.51
CA LYS K 240 54.79 27.64 81.71
C LYS K 240 55.17 26.81 80.48
N PHE K 241 54.20 26.10 79.92
CA PHE K 241 54.42 25.29 78.72
C PHE K 241 54.92 26.13 77.56
N LYS K 242 54.18 27.19 77.27
CA LYS K 242 54.54 28.14 76.24
C LYS K 242 55.90 28.75 76.51
N TYR K 243 56.17 29.05 77.78
CA TYR K 243 57.46 29.61 78.19
C TYR K 243 58.60 28.66 77.86
N ILE K 244 58.40 27.38 78.15
CA ILE K 244 59.41 26.37 77.84
C ILE K 244 59.64 26.31 76.34
N ILE K 245 58.58 26.03 75.57
CA ILE K 245 58.71 25.83 74.13
C ILE K 245 59.29 27.05 73.40
N ALA K 246 58.93 28.24 73.88
CA ALA K 246 59.39 29.49 73.28
C ALA K 246 60.91 29.52 73.15
N GLN K 247 61.61 29.10 74.20
CA GLN K 247 63.05 29.21 74.11
C GLN K 247 63.63 28.08 73.27
N LEU K 248 62.89 26.99 73.08
CA LEU K 248 63.32 25.99 72.11
C LEU K 248 63.32 26.68 70.75
N MET K 249 62.28 27.48 70.53
CA MET K 249 62.18 28.22 69.28
C MET K 249 63.31 29.22 69.06
N ARG K 250 63.71 29.97 70.08
CA ARG K 250 64.83 30.90 69.84
C ARG K 250 66.18 30.17 69.73
N ASP K 251 66.33 29.07 70.49
CA ASP K 251 67.50 28.20 70.35
C ASP K 251 67.68 27.80 68.90
N THR K 252 66.62 27.23 68.33
CA THR K 252 66.65 26.83 66.93
C THR K 252 66.81 28.03 66.00
N GLU K 253 66.26 29.17 66.42
CA GLU K 253 66.34 30.39 65.61
C GLU K 253 67.77 30.80 65.33
N SER K 254 68.58 30.94 66.38
CA SER K 254 69.97 31.37 66.15
C SER K 254 70.84 30.16 65.81
N LEU K 255 70.31 28.95 66.00
CA LEU K 255 70.97 27.77 65.45
C LEU K 255 70.93 27.89 63.93
N ALA K 256 69.85 28.48 63.42
CA ALA K 256 69.75 28.79 62.01
C ALA K 256 70.56 30.03 61.67
N LYS K 257 70.62 30.98 62.59
CA LYS K 257 71.38 32.21 62.37
C LYS K 257 72.89 31.96 62.40
N ARG K 258 73.30 30.87 63.05
CA ARG K 258 74.71 30.52 63.13
C ARG K 258 75.20 29.96 61.81
N ILE K 259 74.28 29.41 61.02
CA ILE K 259 74.61 28.83 59.73
C ILE K 259 74.23 29.78 58.59
N ARG K 272 56.65 39.71 65.43
CA ARG K 272 56.38 38.30 65.21
C ARG K 272 56.61 37.49 66.48
N GLU K 273 55.54 37.27 67.25
CA GLU K 273 55.62 36.45 68.45
C GLU K 273 55.41 34.98 68.11
N PHE K 274 55.43 34.12 69.12
CA PHE K 274 55.35 32.68 68.89
C PHE K 274 53.98 32.12 69.23
N GLY K 275 53.57 31.10 68.49
CA GLY K 275 52.26 30.49 68.69
C GLY K 275 51.17 31.20 67.91
N THR K 276 51.58 31.97 66.91
CA THR K 276 50.63 32.73 66.10
C THR K 276 50.77 32.40 64.62
N GLN K 277 49.74 32.75 63.86
CA GLN K 277 49.70 32.50 62.43
C GLN K 277 50.74 33.35 61.69
N LYS K 278 50.95 34.55 62.20
CA LYS K 278 51.94 35.47 61.64
C LYS K 278 53.33 34.84 61.66
N TYR K 279 53.63 34.12 62.73
CA TYR K 279 54.91 33.44 62.84
C TYR K 279 55.01 32.29 61.87
N GLU K 280 53.88 31.65 61.59
CA GLU K 280 53.86 30.55 60.63
C GLU K 280 54.17 31.09 59.24
N GLN K 281 53.52 32.18 58.87
CA GLN K 281 53.80 32.84 57.60
C GLN K 281 55.26 33.26 57.53
N TRP K 282 55.76 33.79 58.64
CA TRP K 282 57.15 34.24 58.72
C TRP K 282 58.13 33.09 58.47
N ILE K 283 57.93 31.98 59.17
CA ILE K 283 58.85 30.85 59.08
C ILE K 283 58.74 30.16 57.74
N VAL K 284 57.56 30.23 57.11
CA VAL K 284 57.41 29.69 55.76
C VAL K 284 58.21 30.55 54.79
N THR K 285 58.07 31.86 54.91
CA THR K 285 58.82 32.81 54.08
C THR K 285 60.32 32.60 54.23
N VAL K 286 60.77 32.45 55.48
CA VAL K 286 62.18 32.20 55.77
C VAL K 286 62.64 30.89 55.14
N GLN K 287 61.83 29.84 55.29
CA GLN K 287 62.15 28.53 54.73
C GLN K 287 62.32 28.60 53.22
N LYS K 288 61.44 29.35 52.56
CA LYS K 288 61.54 29.53 51.11
C LYS K 288 62.73 30.40 50.74
N ALA K 289 63.13 31.27 51.66
CA ALA K 289 64.26 32.17 51.43
C ALA K 289 65.57 31.40 51.51
N CYS K 290 65.62 30.39 52.37
CA CYS K 290 66.83 29.61 52.59
C CYS K 290 67.10 28.62 51.45
N MET K 291 66.09 28.37 50.64
CA MET K 291 66.24 27.45 49.51
C MET K 291 66.97 28.13 48.36
N VAL K 292 66.85 29.46 48.29
CA VAL K 292 67.49 30.24 47.22
C VAL K 292 68.97 30.51 47.53
N PHE K 293 69.33 30.45 48.81
CA PHE K 293 70.69 30.76 49.26
C PHE K 293 71.71 29.85 48.58
N GLN K 294 72.74 30.44 47.98
CA GLN K 294 73.69 29.63 47.22
C GLN K 294 75.17 29.94 47.45
N MET K 295 76.00 28.93 47.20
CA MET K 295 77.44 29.01 47.37
C MET K 295 78.17 28.37 46.19
N PRO K 296 79.42 28.80 45.93
CA PRO K 296 80.25 28.21 44.89
C PRO K 296 80.45 26.70 45.10
N ASP K 297 80.75 26.30 46.33
CA ASP K 297 80.81 24.89 46.67
C ASP K 297 79.40 24.37 46.88
N LYS K 298 78.98 23.42 46.05
CA LYS K 298 77.60 22.96 46.07
C LYS K 298 77.33 21.89 47.15
N ASP K 299 78.37 21.21 47.59
CA ASP K 299 78.22 20.25 48.69
C ASP K 299 77.90 21.01 49.98
N GLU K 300 78.69 22.05 50.24
CA GLU K 300 78.50 22.88 51.42
C GLU K 300 77.13 23.54 51.42
N GLU K 301 76.70 23.98 50.24
CA GLU K 301 75.39 24.59 50.09
C GLU K 301 74.29 23.57 50.38
N SER K 302 74.52 22.34 49.92
CA SER K 302 73.59 21.25 50.21
C SER K 302 73.44 21.09 51.72
N ARG K 303 74.57 21.02 52.41
CA ARG K 303 74.57 20.87 53.86
C ARG K 303 73.83 22.02 54.54
N ILE K 304 74.15 23.25 54.14
CA ILE K 304 73.57 24.44 54.77
C ILE K 304 72.06 24.54 54.54
N CYS K 305 71.65 24.37 53.30
CA CYS K 305 70.23 24.45 52.94
C CYS K 305 69.43 23.34 53.61
N LYS K 306 70.04 22.15 53.74
CA LYS K 306 69.38 21.05 54.41
C LYS K 306 69.22 21.35 55.90
N ALA K 307 70.28 21.89 56.50
CA ALA K 307 70.26 22.25 57.91
C ALA K 307 69.20 23.30 58.20
N LEU K 308 69.14 24.32 57.34
CA LEU K 308 68.16 25.40 57.48
C LEU K 308 66.74 24.87 57.27
N PHE K 309 66.61 23.91 56.36
CA PHE K 309 65.33 23.24 56.13
C PHE K 309 64.88 22.57 57.43
N LEU K 310 65.77 21.79 58.03
CA LEU K 310 65.48 21.11 59.30
C LEU K 310 65.10 22.09 60.40
N TYR K 311 65.88 23.15 60.53
CA TYR K 311 65.64 24.17 61.56
C TYR K 311 64.27 24.82 61.40
N THR K 312 63.97 25.29 60.19
CA THR K 312 62.72 25.98 59.93
C THR K 312 61.52 25.06 60.08
N SER K 313 61.66 23.81 59.65
CA SER K 313 60.56 22.85 59.74
C SER K 313 60.28 22.46 61.18
N HIS K 314 61.34 22.26 61.96
CA HIS K 314 61.19 21.97 63.39
C HIS K 314 60.55 23.16 64.10
N LEU K 315 60.95 24.36 63.69
CA LEU K 315 60.35 25.58 64.20
C LEU K 315 58.85 25.60 63.93
N ARG K 316 58.50 25.25 62.69
CA ARG K 316 57.11 25.14 62.27
C ARG K 316 56.33 24.18 63.15
N LYS K 317 56.88 22.99 63.38
CA LYS K 317 56.22 21.99 64.20
C LYS K 317 56.04 22.46 65.64
N TYR K 318 57.04 23.18 66.15
CA TYR K 318 56.93 23.75 67.49
C TYR K 318 55.77 24.75 67.54
N ASN K 319 55.67 25.59 66.52
CA ASN K 319 54.58 26.57 66.41
C ASN K 319 53.22 25.88 66.40
N ASP K 320 53.09 24.84 65.57
CA ASP K 320 51.88 24.04 65.51
C ASP K 320 51.54 23.48 66.88
N ALA K 321 52.56 23.01 67.57
CA ALA K 321 52.40 22.48 68.92
C ALA K 321 51.85 23.55 69.86
N LEU K 322 52.30 24.78 69.67
CA LEU K 322 51.81 25.89 70.50
C LEU K 322 50.35 26.22 70.19
N ILE K 323 49.95 26.07 68.93
CA ILE K 323 48.56 26.34 68.57
C ILE K 323 47.63 25.26 69.12
N ILE K 324 48.01 23.99 68.94
CA ILE K 324 47.28 22.87 69.52
C ILE K 324 47.19 23.04 71.03
N SER K 325 48.31 23.45 71.62
CA SER K 325 48.34 23.89 73.01
C SER K 325 47.25 24.93 73.29
N GLU K 326 47.11 25.90 72.40
CA GLU K 326 46.14 26.98 72.62
C GLU K 326 44.72 26.44 72.63
N HIS K 327 44.40 25.54 71.70
CA HIS K 327 43.02 25.07 71.54
C HIS K 327 42.69 23.75 72.23
N ALA K 328 43.67 23.14 72.89
CA ALA K 328 43.46 21.82 73.50
C ALA K 328 44.43 21.57 74.66
N ARG K 329 44.46 20.32 75.13
CA ARG K 329 45.33 19.92 76.22
C ARG K 329 46.81 20.05 75.84
N MET K 330 47.66 20.18 76.87
CA MET K 330 49.10 20.18 76.64
C MET K 330 49.58 18.79 76.22
N LYS K 331 48.88 17.77 76.71
CA LYS K 331 49.19 16.38 76.36
C LYS K 331 49.08 16.16 74.87
N ASP K 332 48.11 16.81 74.23
CA ASP K 332 47.89 16.66 72.79
C ASP K 332 49.03 17.28 72.00
N ALA K 333 49.50 18.45 72.44
CA ALA K 333 50.63 19.11 71.82
C ALA K 333 51.88 18.26 71.96
N LEU K 334 52.08 17.72 73.16
CA LEU K 334 53.23 16.86 73.41
C LEU K 334 53.18 15.59 72.57
N ASP K 335 51.99 15.04 72.38
CA ASP K 335 51.82 13.85 71.55
C ASP K 335 52.15 14.18 70.09
N TYR K 336 51.71 15.35 69.65
CA TYR K 336 52.02 15.87 68.33
C TYR K 336 53.53 15.93 68.09
N LEU K 337 54.22 16.62 69.01
CA LEU K 337 55.67 16.74 68.93
C LEU K 337 56.38 15.39 68.98
N LYS K 338 55.98 14.55 69.93
CA LYS K 338 56.56 13.23 70.10
C LYS K 338 56.48 12.40 68.83
N ASP K 339 55.31 12.36 68.22
CA ASP K 339 55.15 11.58 67.00
C ASP K 339 55.92 12.21 65.84
N PHE K 340 56.03 13.54 65.84
CA PHE K 340 56.85 14.20 64.85
C PHE K 340 58.30 13.72 64.93
N PHE K 341 58.85 13.74 66.14
CA PHE K 341 60.24 13.35 66.35
C PHE K 341 60.46 11.85 66.12
N SER K 342 59.45 11.05 66.42
CA SER K 342 59.49 9.63 66.10
C SER K 342 59.61 9.46 64.59
N ASN K 343 58.81 10.24 63.86
CA ASN K 343 58.80 10.19 62.41
C ASN K 343 60.12 10.65 61.79
N VAL K 344 60.75 11.65 62.37
CA VAL K 344 62.06 12.09 61.86
C VAL K 344 63.14 11.10 62.26
N ARG K 345 62.91 10.38 63.35
CA ARG K 345 63.88 9.40 63.84
C ARG K 345 63.91 8.17 62.93
N ALA K 346 62.72 7.69 62.56
CA ALA K 346 62.61 6.53 61.68
C ALA K 346 63.22 6.82 60.31
N ALA K 347 62.98 8.02 59.81
CA ALA K 347 63.50 8.43 58.50
C ALA K 347 65.02 8.55 58.52
N ASP K 350 71.48 10.82 61.86
CA ASP K 350 70.51 11.86 62.19
C ASP K 350 71.17 13.23 62.39
N GLU K 351 72.14 13.52 61.54
CA GLU K 351 72.49 14.88 61.14
C GLU K 351 72.59 15.90 62.25
N ILE K 352 71.83 16.96 62.05
CA ILE K 352 71.57 17.98 63.05
C ILE K 352 70.38 17.56 63.92
N GLU K 353 69.59 16.59 63.46
CA GLU K 353 68.37 16.23 64.16
C GLU K 353 68.65 15.59 65.50
N GLN K 354 69.78 14.91 65.62
CA GLN K 354 70.14 14.30 66.89
C GLN K 354 70.35 15.41 67.91
N ASP K 355 70.84 16.55 67.44
CA ASP K 355 71.05 17.72 68.28
C ASP K 355 69.72 18.33 68.74
N LEU K 356 68.83 18.58 67.77
CA LEU K 356 67.52 19.15 68.06
C LEU K 356 66.71 18.25 68.99
N THR K 357 66.74 16.95 68.69
CA THR K 357 66.04 15.94 69.47
C THR K 357 66.66 15.83 70.87
N GLN K 358 67.97 16.04 70.96
CA GLN K 358 68.63 16.04 72.26
C GLN K 358 68.16 17.22 73.09
N ARG K 359 68.08 18.39 72.46
CA ARG K 359 67.62 19.59 73.14
C ARG K 359 66.15 19.47 73.52
N PHE K 360 65.41 18.65 72.78
CA PHE K 360 64.01 18.40 73.06
C PHE K 360 63.84 17.44 74.24
N GLU K 361 64.60 16.34 74.22
CA GLU K 361 64.49 15.32 75.26
C GLU K 361 65.09 15.79 76.58
N GLU K 362 66.01 16.75 76.49
CA GLU K 362 66.60 17.32 77.70
C GLU K 362 65.53 17.97 78.56
N LYS K 363 64.67 18.76 77.95
CA LYS K 363 63.61 19.45 78.67
C LYS K 363 62.26 18.74 78.57
N LEU K 364 62.25 17.56 77.96
CA LEU K 364 61.03 16.77 77.81
C LEU K 364 60.39 16.39 79.15
N GLN K 365 61.21 16.01 80.13
CA GLN K 365 60.70 15.63 81.45
C GLN K 365 59.87 16.77 82.08
N GLU K 366 60.48 17.95 82.07
CA GLU K 366 59.84 19.18 82.55
C GLU K 366 58.48 19.35 81.89
N LEU K 367 58.47 19.29 80.56
CA LEU K 367 57.25 19.39 79.76
C LEU K 367 56.19 18.40 80.24
N GLU K 368 56.55 17.12 80.28
CA GLU K 368 55.59 16.08 80.58
C GLU K 368 54.93 16.21 81.94
N SER K 369 55.68 16.67 82.95
CA SER K 369 55.06 16.91 84.26
C SER K 369 54.43 18.30 84.41
N VAL K 370 54.68 19.23 83.48
CA VAL K 370 53.79 20.37 83.36
C VAL K 370 52.43 19.86 82.89
N SER K 371 52.48 18.95 81.91
CA SER K 371 51.27 18.37 81.35
C SER K 371 50.50 17.51 82.34
N ARG K 372 51.23 16.82 83.22
CA ARG K 372 50.62 15.92 84.20
C ARG K 372 49.77 16.68 85.21
N ASP K 373 50.14 17.93 85.47
CA ASP K 373 49.47 18.76 86.47
C ASP K 373 47.98 18.93 86.16
N PRO K 374 47.12 18.68 87.17
CA PRO K 374 45.68 18.99 87.09
C PRO K 374 45.33 20.49 87.21
N SER K 375 46.20 21.27 87.85
CA SER K 375 45.98 22.71 88.05
C SER K 375 46.10 23.42 86.71
N ASN K 376 46.57 22.64 85.74
CA ASN K 376 46.92 23.02 84.39
C ASN K 376 45.77 23.45 83.47
N GLU K 377 44.63 22.80 83.63
CA GLU K 377 43.73 22.56 82.49
C GLU K 377 43.06 23.75 81.80
N ASN K 378 42.78 23.53 80.52
CA ASN K 378 42.20 24.53 79.64
C ASN K 378 40.77 24.88 80.02
N PRO K 379 40.49 26.18 80.20
CA PRO K 379 39.15 26.69 80.49
C PRO K 379 38.18 26.48 79.33
N LYS K 380 38.68 26.48 78.09
CA LYS K 380 37.83 26.22 76.93
C LYS K 380 37.26 24.82 76.99
N LEU K 381 38.12 23.85 77.31
CA LEU K 381 37.72 22.47 77.44
C LEU K 381 36.84 22.26 78.66
N GLU K 382 37.04 23.09 79.68
CA GLU K 382 36.22 23.02 80.89
C GLU K 382 34.80 23.50 80.60
N ASP K 383 34.69 24.56 79.82
CA ASP K 383 33.39 25.08 79.43
C ASP K 383 32.69 24.13 78.47
N LEU K 384 33.47 23.53 77.57
CA LEU K 384 32.94 22.53 76.64
C LEU K 384 32.40 21.33 77.39
N CYS K 385 33.21 20.83 78.33
CA CYS K 385 32.82 19.72 79.19
C CYS K 385 31.58 20.07 80.00
N PHE K 386 31.49 21.33 80.40
CA PHE K 386 30.33 21.82 81.15
C PHE K 386 29.07 21.73 80.29
N ILE K 387 29.14 22.30 79.08
CA ILE K 387 28.01 22.27 78.15
C ILE K 387 27.54 20.85 77.87
N LEU K 388 28.50 19.98 77.56
CA LEU K 388 28.20 18.57 77.30
C LEU K 388 27.52 17.92 78.51
N GLN K 389 28.08 18.15 79.69
CA GLN K 389 27.54 17.60 80.92
C GLN K 389 26.09 18.03 81.15
N GLU K 390 25.83 19.33 81.05
CA GLU K 390 24.49 19.86 81.25
C GLU K 390 23.51 19.27 80.25
N GLU K 391 23.84 19.42 78.97
CA GLU K 391 22.94 18.99 77.89
C GLU K 391 22.63 17.50 77.95
N TYR K 392 23.63 16.69 78.33
CA TYR K 392 23.40 15.25 78.42
C TYR K 392 22.72 14.86 79.74
N HIS K 393 22.83 15.71 80.75
CA HIS K 393 22.14 15.47 82.01
C HIS K 393 20.65 15.71 81.83
N LEU K 394 20.32 16.73 81.03
CA LEU K 394 18.92 17.02 80.75
C LEU K 394 18.35 16.01 79.74
N ASN K 395 19.14 15.69 78.72
CA ASN K 395 18.72 14.73 77.69
C ASN K 395 19.81 13.71 77.35
N PRO K 396 19.80 12.55 78.03
CA PRO K 396 20.82 11.51 77.84
C PRO K 396 20.90 10.96 76.40
N GLU K 397 19.84 11.14 75.62
CA GLU K 397 19.80 10.60 74.27
C GLU K 397 20.29 11.61 73.23
N THR K 398 20.82 12.73 73.71
CA THR K 398 21.36 13.78 72.86
C THR K 398 22.40 13.29 71.85
N ILE K 399 22.22 13.68 70.59
CA ILE K 399 23.24 13.45 69.57
C ILE K 399 23.98 14.75 69.28
N THR K 400 25.28 14.74 69.52
CA THR K 400 26.09 15.95 69.39
C THR K 400 26.99 15.90 68.16
N ILE K 401 27.24 17.06 67.55
CA ILE K 401 28.26 17.13 66.51
C ILE K 401 29.19 18.33 66.79
N LEU K 402 30.49 18.06 66.77
CA LEU K 402 31.47 19.06 67.19
C LEU K 402 32.41 19.45 66.05
N PHE K 403 32.31 20.70 65.62
CA PHE K 403 33.13 21.19 64.51
C PHE K 403 34.39 21.89 64.98
N VAL K 404 35.54 21.39 64.53
CA VAL K 404 36.82 22.01 64.87
C VAL K 404 37.61 22.33 63.59
N LYS K 405 38.61 23.20 63.74
CA LYS K 405 39.32 23.74 62.60
C LYS K 405 40.20 22.71 61.88
N THR K 406 41.02 21.99 62.63
CA THR K 406 42.02 21.08 62.05
C THR K 406 41.85 19.63 62.49
N ARG K 407 42.46 18.72 61.74
CA ARG K 407 42.42 17.30 62.05
C ARG K 407 43.11 17.01 63.38
N ALA K 408 44.16 17.79 63.66
CA ALA K 408 44.89 17.69 64.91
C ALA K 408 43.95 17.87 66.09
N LEU K 409 43.05 18.85 65.99
CA LEU K 409 42.06 19.11 67.02
C LEU K 409 41.01 18.01 67.07
N VAL K 410 40.76 17.37 65.93
CA VAL K 410 39.84 16.24 65.88
C VAL K 410 40.35 15.10 66.74
N ASP K 411 41.57 14.66 66.46
CA ASP K 411 42.18 13.57 67.22
C ASP K 411 42.37 13.97 68.68
N ALA K 412 42.78 15.22 68.90
CA ALA K 412 43.00 15.73 70.24
C ALA K 412 41.74 15.69 71.09
N LEU K 413 40.64 16.22 70.55
CA LEU K 413 39.39 16.25 71.30
C LEU K 413 38.78 14.86 71.43
N LYS K 414 39.07 13.99 70.48
CA LYS K 414 38.66 12.59 70.60
C LYS K 414 39.32 11.97 71.83
N ASN K 415 40.66 12.07 71.89
CA ASN K 415 41.41 11.53 73.01
C ASN K 415 41.03 12.19 74.33
N TRP K 416 40.68 13.48 74.28
CA TRP K 416 40.28 14.22 75.46
C TRP K 416 38.94 13.73 75.99
N ILE K 417 38.00 13.46 75.07
CA ILE K 417 36.70 12.94 75.46
C ILE K 417 36.84 11.54 76.05
N GLU K 418 37.62 10.69 75.38
CA GLU K 418 37.83 9.33 75.87
C GLU K 418 38.71 9.29 77.12
N GLY K 419 39.42 10.39 77.37
CA GLY K 419 40.32 10.47 78.51
C GLY K 419 39.76 11.28 79.67
N ASN K 420 38.47 11.60 79.60
CA ASN K 420 37.83 12.39 80.66
C ASN K 420 36.76 11.58 81.38
N PRO K 421 36.96 11.34 82.69
CA PRO K 421 36.01 10.57 83.52
C PRO K 421 34.65 11.26 83.66
N LYS K 422 34.63 12.58 83.55
CA LYS K 422 33.39 13.34 83.71
C LYS K 422 32.51 13.24 82.46
N LEU K 423 33.15 12.87 81.36
CA LEU K 423 32.51 12.76 80.05
C LEU K 423 32.01 11.34 79.78
N SER K 424 31.96 10.53 80.83
CA SER K 424 31.73 9.08 80.75
C SER K 424 30.65 8.64 79.76
N PHE K 425 29.58 9.42 79.68
CA PHE K 425 28.43 9.09 78.83
C PHE K 425 28.70 9.19 77.32
N LEU K 426 29.85 9.73 76.94
CA LEU K 426 30.13 10.00 75.53
C LEU K 426 30.87 8.85 74.82
N LYS K 427 30.48 8.59 73.58
CA LYS K 427 31.16 7.62 72.73
C LYS K 427 31.51 8.28 71.40
N PRO K 428 32.61 9.03 71.37
CA PRO K 428 33.00 9.87 70.23
C PRO K 428 33.29 9.09 68.95
N GLY K 429 33.23 9.79 67.82
CA GLY K 429 33.50 9.22 66.51
C GLY K 429 34.13 10.25 65.62
N ILE K 430 34.72 9.82 64.51
CA ILE K 430 35.49 10.71 63.66
C ILE K 430 34.92 10.86 62.26
N LEU K 431 34.76 12.11 61.83
CA LEU K 431 34.40 12.40 60.45
C LEU K 431 35.43 13.34 59.83
N THR K 432 36.19 12.82 58.88
CA THR K 432 37.28 13.58 58.25
C THR K 432 37.40 13.22 56.78
N GLY K 433 37.56 14.24 55.93
CA GLY K 433 37.74 14.02 54.51
C GLY K 433 39.08 13.36 54.20
N ASP K 460 25.59 3.68 68.28
CA ASP K 460 27.05 3.55 68.20
C ASP K 460 27.74 4.77 68.80
N HIS K 461 27.59 5.92 68.16
CA HIS K 461 28.24 7.14 68.61
C HIS K 461 27.23 8.21 69.05
N ASN K 462 27.44 8.73 70.26
CA ASN K 462 26.64 9.84 70.76
C ASN K 462 27.08 11.18 70.19
N ILE K 463 28.40 11.38 70.12
CA ILE K 463 28.97 12.62 69.61
C ILE K 463 29.91 12.37 68.44
N LEU K 464 29.78 13.19 67.41
CA LEU K 464 30.61 13.06 66.21
C LEU K 464 31.50 14.29 66.02
N ILE K 465 32.80 14.08 66.13
CA ILE K 465 33.76 15.17 65.92
C ILE K 465 34.14 15.26 64.44
N ALA K 466 33.98 16.44 63.86
CA ALA K 466 34.26 16.63 62.45
C ALA K 466 35.00 17.94 62.19
N THR K 467 35.64 18.02 61.04
CA THR K 467 36.33 19.25 60.64
C THR K 467 35.34 20.22 60.02
N SER K 468 34.90 19.93 58.81
CA SER K 468 33.85 20.68 58.15
C SER K 468 33.21 19.84 57.06
N VAL K 469 31.99 20.21 56.66
CA VAL K 469 31.29 19.52 55.59
C VAL K 469 30.90 20.51 54.51
N ALA K 470 31.33 20.24 53.28
CA ALA K 470 31.04 21.14 52.17
C ALA K 470 29.56 21.10 51.81
N ASP K 471 28.94 22.28 51.80
CA ASP K 471 27.51 22.45 51.56
C ASP K 471 26.63 21.60 52.47
N GLU K 472 25.51 21.11 51.92
CA GLU K 472 24.57 20.31 52.69
C GLU K 472 24.98 18.85 52.81
N GLY K 473 25.35 18.25 51.69
CA GLY K 473 25.70 16.84 51.65
C GLY K 473 24.54 15.93 51.99
N ILE K 474 24.83 14.64 52.15
CA ILE K 474 23.82 13.67 52.54
C ILE K 474 23.45 13.86 54.01
N ASP K 475 22.15 13.89 54.30
CA ASP K 475 21.69 14.10 55.66
C ASP K 475 22.03 12.89 56.54
N ILE K 476 22.49 13.18 57.75
CA ILE K 476 22.89 12.15 58.70
C ILE K 476 21.95 12.17 59.91
N ALA K 477 22.28 11.39 60.93
CA ALA K 477 21.52 11.38 62.16
C ALA K 477 21.35 12.80 62.69
N GLN K 478 20.12 13.17 63.03
CA GLN K 478 19.80 14.52 63.50
C GLN K 478 20.48 14.83 64.81
N CYS K 479 21.19 15.96 64.83
CA CYS K 479 21.89 16.41 66.03
C CYS K 479 21.13 17.54 66.71
N ASN K 480 20.63 17.29 67.90
CA ASN K 480 19.94 18.33 68.65
C ASN K 480 20.94 19.21 69.38
N LEU K 481 22.23 18.85 69.27
CA LEU K 481 23.31 19.66 69.83
C LEU K 481 24.45 19.82 68.83
N VAL K 482 24.70 21.06 68.44
CA VAL K 482 25.79 21.38 67.51
C VAL K 482 26.76 22.33 68.19
N ILE K 483 28.00 21.88 68.40
CA ILE K 483 28.98 22.73 69.04
C ILE K 483 30.07 23.15 68.07
N LEU K 484 30.23 24.46 67.91
CA LEU K 484 31.24 25.02 67.04
C LEU K 484 32.42 25.49 67.87
N TYR K 485 33.53 24.77 67.76
CA TYR K 485 34.71 25.06 68.57
C TYR K 485 35.68 25.90 67.76
N GLU K 486 35.82 27.17 68.14
CA GLU K 486 36.63 28.14 67.41
C GLU K 486 36.34 28.10 65.90
N TYR K 487 35.05 28.11 65.56
CA TYR K 487 34.63 27.99 64.17
C TYR K 487 34.28 29.34 63.55
N VAL K 488 34.78 29.59 62.35
CA VAL K 488 34.37 30.76 61.59
C VAL K 488 33.91 30.36 60.19
N GLY K 489 32.62 30.48 59.95
CA GLY K 489 32.04 30.23 58.64
C GLY K 489 31.56 31.50 57.97
N ASN K 490 30.98 31.35 56.78
CA ASN K 490 30.25 32.45 56.15
C ASN K 490 28.76 32.31 56.42
N VAL K 491 27.96 33.15 55.81
CA VAL K 491 26.51 33.13 56.02
C VAL K 491 25.89 31.84 55.46
N ILE K 492 26.36 31.43 54.29
CA ILE K 492 25.84 30.24 53.62
C ILE K 492 26.01 28.99 54.47
N LYS K 493 27.22 28.77 54.97
CA LYS K 493 27.50 27.62 55.81
C LYS K 493 26.74 27.69 57.13
N MET K 494 26.50 28.91 57.61
CA MET K 494 25.69 29.11 58.79
C MET K 494 24.27 28.59 58.58
N ILE K 495 23.65 29.03 57.49
CA ILE K 495 22.29 28.62 57.18
C ILE K 495 22.20 27.13 56.90
N GLN K 496 23.23 26.59 56.24
CA GLN K 496 23.29 25.17 55.92
C GLN K 496 23.43 24.30 57.17
N THR K 497 24.19 24.78 58.15
CA THR K 497 24.44 24.02 59.37
C THR K 497 23.16 23.81 60.18
N ARG K 498 22.19 24.70 59.97
CA ARG K 498 20.89 24.58 60.64
C ARG K 498 20.15 23.30 60.25
N GLY K 499 20.55 22.73 59.12
CA GLY K 499 19.90 21.53 58.61
C GLY K 499 20.06 20.33 59.52
N ARG K 500 21.06 20.36 60.38
CA ARG K 500 21.28 19.29 61.34
C ARG K 500 20.36 19.48 62.55
N GLY K 501 19.80 20.68 62.67
CA GLY K 501 18.95 21.03 63.79
C GLY K 501 17.46 21.12 63.50
N ARG K 502 17.02 20.47 62.43
CA ARG K 502 15.63 20.56 61.97
C ARG K 502 14.59 20.28 63.06
N ALA K 503 14.90 19.36 63.98
CA ALA K 503 13.99 19.03 65.06
C ALA K 503 13.79 20.21 66.01
N ARG K 504 12.60 20.31 66.57
CA ARG K 504 12.27 21.40 67.49
C ARG K 504 13.06 21.28 68.79
N GLY K 505 13.73 22.37 69.18
CA GLY K 505 14.47 22.39 70.42
C GLY K 505 15.96 22.18 70.25
N SER K 506 16.40 22.06 69.00
CA SER K 506 17.82 21.87 68.71
C SER K 506 18.62 23.10 69.13
N LYS K 507 19.86 22.87 69.55
CA LYS K 507 20.70 23.94 70.05
C LYS K 507 22.05 23.98 69.34
N CYS K 508 22.60 25.17 69.20
CA CYS K 508 23.91 25.36 68.60
C CYS K 508 24.73 26.35 69.42
N PHE K 509 25.85 25.88 69.96
CA PHE K 509 26.74 26.72 70.75
C PHE K 509 27.94 27.15 69.92
N LEU K 510 28.37 28.40 70.07
CA LEU K 510 29.61 28.83 69.48
C LEU K 510 30.60 29.16 70.58
N LEU K 511 31.60 28.30 70.77
CA LEU K 511 32.50 28.43 71.91
C LEU K 511 33.86 28.96 71.48
N THR K 512 34.24 30.13 71.98
CA THR K 512 35.54 30.68 71.59
C THR K 512 36.15 31.61 72.63
N SER K 513 37.48 31.71 72.60
CA SER K 513 38.20 32.64 73.46
C SER K 513 38.50 33.94 72.72
N ASN K 514 38.10 34.00 71.47
CA ASN K 514 38.34 35.18 70.63
C ASN K 514 37.05 35.94 70.34
N ALA K 515 37.04 37.23 70.64
CA ALA K 515 35.86 38.07 70.45
C ALA K 515 35.54 38.25 68.97
N GLY K 516 36.60 38.25 68.16
CA GLY K 516 36.47 38.39 66.72
C GLY K 516 35.52 37.37 66.13
N VAL K 517 35.71 36.10 66.50
CA VAL K 517 34.87 35.01 66.03
C VAL K 517 33.38 35.30 66.25
N ILE K 518 33.07 35.69 67.49
CA ILE K 518 31.73 36.11 67.86
C ILE K 518 31.23 37.19 66.91
N GLU K 519 32.03 38.23 66.74
CA GLU K 519 31.65 39.36 65.89
C GLU K 519 31.37 38.93 64.45
N LYS K 520 32.20 38.05 63.91
CA LYS K 520 32.05 37.60 62.53
C LYS K 520 30.79 36.75 62.35
N GLU K 521 30.47 35.94 63.36
CA GLU K 521 29.24 35.16 63.29
C GLU K 521 28.02 36.10 63.35
N GLN K 522 28.13 37.14 64.18
CA GLN K 522 27.03 38.10 64.31
C GLN K 522 26.81 38.88 63.00
N ILE K 523 27.91 39.35 62.39
CA ILE K 523 27.78 40.06 61.12
C ILE K 523 27.35 39.09 60.02
N ASN K 524 27.58 37.80 60.23
CA ASN K 524 27.03 36.80 59.32
C ASN K 524 25.50 36.73 59.45
N MET K 525 25.01 36.81 60.67
CA MET K 525 23.56 36.88 60.90
C MET K 525 22.96 38.12 60.23
N TYR K 526 23.63 39.26 60.41
CA TYR K 526 23.19 40.48 59.76
C TYR K 526 23.22 40.33 58.23
N LYS K 527 24.21 39.60 57.74
CA LYS K 527 24.31 39.31 56.31
C LYS K 527 23.12 38.46 55.84
N GLU K 528 22.66 37.56 56.70
CA GLU K 528 21.46 36.80 56.39
C GLU K 528 20.25 37.71 56.27
N LYS K 529 20.12 38.64 57.22
CA LYS K 529 19.02 39.60 57.18
C LYS K 529 19.03 40.39 55.86
N MET K 530 20.19 40.94 55.54
CA MET K 530 20.40 41.67 54.28
C MET K 530 20.03 40.81 53.08
N MET K 531 20.38 39.53 53.14
CA MET K 531 20.09 38.60 52.07
C MET K 531 18.59 38.47 51.83
N ASN K 532 17.87 38.12 52.90
CA ASN K 532 16.43 37.95 52.81
C ASN K 532 15.72 39.21 52.32
N ASP K 533 16.12 40.35 52.88
CA ASP K 533 15.52 41.63 52.50
C ASP K 533 15.77 41.96 51.04
N SER K 534 17.00 41.73 50.58
CA SER K 534 17.37 41.99 49.20
C SER K 534 16.57 41.10 48.24
N ILE K 535 16.44 39.82 48.61
CA ILE K 535 15.67 38.89 47.80
C ILE K 535 14.21 39.36 47.69
N LEU K 536 13.61 39.69 48.83
CA LEU K 536 12.24 40.17 48.84
C LEU K 536 12.09 41.42 48.01
N ARG K 537 13.14 42.25 47.96
CA ARG K 537 13.14 43.43 47.11
C ARG K 537 13.17 43.05 45.62
N LEU K 538 13.97 42.04 45.29
CA LEU K 538 14.05 41.56 43.92
C LEU K 538 12.73 40.99 43.43
N GLN K 539 12.01 40.32 44.32
CA GLN K 539 10.78 39.65 43.94
C GLN K 539 9.65 40.62 43.59
N THR K 540 9.77 41.88 44.02
CA THR K 540 8.76 42.89 43.73
C THR K 540 8.99 43.55 42.37
N TRP K 541 10.16 43.34 41.80
CA TRP K 541 10.49 43.91 40.50
C TRP K 541 9.67 43.27 39.40
N ASP K 542 9.54 43.98 38.27
CA ASP K 542 8.92 43.40 37.08
C ASP K 542 9.91 42.43 36.45
N GLU K 543 9.43 41.27 36.04
CA GLU K 543 10.31 40.23 35.51
C GLU K 543 11.04 40.66 34.25
N ALA K 544 10.36 41.42 33.39
CA ALA K 544 10.97 41.88 32.14
C ALA K 544 12.14 42.82 32.41
N VAL K 545 11.90 43.81 33.27
CA VAL K 545 12.93 44.77 33.66
C VAL K 545 14.13 44.05 34.27
N PHE K 546 13.84 43.07 35.13
CA PHE K 546 14.88 42.29 35.77
C PHE K 546 15.68 41.52 34.72
N ARG K 547 14.98 40.99 33.71
CA ARG K 547 15.64 40.29 32.62
C ARG K 547 16.60 41.22 31.89
N GLU K 548 16.17 42.46 31.66
CA GLU K 548 17.02 43.45 31.02
C GLU K 548 18.28 43.72 31.84
N LYS K 549 18.09 43.99 33.13
CA LYS K 549 19.20 44.25 34.03
C LYS K 549 20.18 43.07 34.05
N ILE K 550 19.64 41.87 34.12
CA ILE K 550 20.42 40.64 34.11
C ILE K 550 21.25 40.53 32.84
N LEU K 551 20.63 40.80 31.69
CA LEU K 551 21.34 40.79 30.43
C LEU K 551 22.50 41.77 30.44
N HIS K 552 22.24 42.97 30.95
CA HIS K 552 23.28 43.99 31.07
C HIS K 552 24.44 43.50 31.93
N ILE K 553 24.13 42.89 33.07
CA ILE K 553 25.17 42.36 33.96
C ILE K 553 25.97 41.27 33.27
N GLN K 554 25.29 40.42 32.49
CA GLN K 554 25.94 39.33 31.78
C GLN K 554 26.90 39.83 30.73
N THR K 555 26.48 40.84 29.96
CA THR K 555 27.34 41.41 28.93
C THR K 555 28.52 42.16 29.54
N HIS K 556 28.25 42.81 30.68
CA HIS K 556 29.28 43.46 31.47
C HIS K 556 30.36 42.47 31.90
N GLU K 557 29.92 41.42 32.59
CA GLU K 557 30.80 40.38 33.09
C GLU K 557 31.56 39.69 31.97
N LYS K 558 30.90 39.48 30.83
CA LYS K 558 31.57 38.85 29.69
C LYS K 558 32.61 39.79 29.11
N PHE K 559 32.32 41.09 29.09
CA PHE K 559 33.28 42.06 28.60
C PHE K 559 34.53 42.05 29.46
N ILE K 560 34.34 41.98 30.78
CA ILE K 560 35.48 41.91 31.69
C ILE K 560 36.21 40.57 31.53
N ARG K 561 35.46 39.53 31.23
CA ARG K 561 36.00 38.16 31.15
C ARG K 561 36.87 37.97 29.91
N ASP K 562 36.42 38.53 28.78
CA ASP K 562 37.17 38.47 27.54
C ASP K 562 38.38 39.40 27.61
N SER K 563 38.31 40.35 28.54
CA SER K 563 39.41 41.27 28.78
C SER K 563 40.52 40.61 29.59
N GLN K 564 40.25 39.39 30.03
CA GLN K 564 41.19 38.60 30.86
C GLN K 564 41.52 39.31 32.15
N LYS K 568 49.49 34.56 27.01
CA LYS K 568 50.49 33.55 27.32
C LYS K 568 51.89 34.05 26.96
N PRO K 569 52.77 34.14 27.98
CA PRO K 569 54.16 34.57 27.78
C PRO K 569 54.92 33.63 26.86
N VAL K 570 55.88 34.15 26.11
CA VAL K 570 56.68 33.33 25.21
C VAL K 570 57.58 32.39 26.04
N PRO K 571 57.51 31.09 25.75
CA PRO K 571 58.24 30.08 26.53
C PRO K 571 59.76 30.24 26.44
N ASP K 572 60.43 30.13 27.58
CA ASP K 572 61.89 30.14 27.62
C ASP K 572 62.42 28.79 27.16
N LYS K 573 63.23 28.80 26.10
CA LYS K 573 63.71 27.56 25.50
C LYS K 573 65.05 27.13 26.09
N GLU K 574 65.61 27.95 26.96
CA GLU K 574 66.87 27.63 27.61
C GLU K 574 66.69 26.51 28.61
N ASN K 575 67.65 25.58 28.63
CA ASN K 575 67.58 24.44 29.52
C ASN K 575 67.81 24.84 30.99
N LYS K 576 66.96 24.31 31.87
CA LYS K 576 67.05 24.60 33.30
C LYS K 576 67.27 23.31 34.08
N LYS K 577 67.76 23.44 35.31
CA LYS K 577 67.94 22.26 36.16
C LYS K 577 67.00 22.31 37.35
N LEU K 578 66.45 21.15 37.70
CA LEU K 578 65.54 21.03 38.83
C LEU K 578 66.26 20.43 40.02
N LEU K 579 66.40 21.21 41.09
CA LEU K 579 67.11 20.78 42.28
C LEU K 579 66.14 20.49 43.42
N CYS K 580 66.50 19.56 44.30
CA CYS K 580 65.70 19.31 45.49
C CYS K 580 65.64 20.57 46.35
N ARG K 581 64.46 20.89 46.87
CA ARG K 581 64.30 22.10 47.68
C ARG K 581 64.92 21.95 49.06
N LYS K 582 65.28 20.72 49.41
CA LYS K 582 65.85 20.44 50.71
C LYS K 582 67.37 20.29 50.65
N CYS K 583 67.83 19.28 49.92
CA CYS K 583 69.26 18.97 49.86
C CYS K 583 69.98 19.57 48.65
N LYS K 584 69.24 20.33 47.83
CA LYS K 584 69.80 21.03 46.68
C LYS K 584 70.47 20.10 45.66
N ALA K 585 70.06 18.84 45.65
CA ALA K 585 70.65 17.85 44.76
C ALA K 585 70.05 17.94 43.37
N LEU K 586 70.87 17.68 42.35
CA LEU K 586 70.40 17.68 40.98
C LEU K 586 69.45 16.51 40.74
N ALA K 587 68.27 16.80 40.22
CA ALA K 587 67.27 15.78 39.94
C ALA K 587 67.20 15.49 38.45
N CYS K 588 66.78 16.49 37.68
CA CYS K 588 66.64 16.33 36.24
C CYS K 588 66.80 17.66 35.50
N TYR K 589 67.01 17.58 34.19
CA TYR K 589 67.06 18.75 33.34
C TYR K 589 65.74 18.91 32.61
N THR K 590 65.34 20.16 32.35
CA THR K 590 64.04 20.46 31.74
C THR K 590 63.83 19.81 30.38
N ALA K 591 64.92 19.38 29.74
CA ALA K 591 64.82 18.69 28.46
C ALA K 591 64.31 17.26 28.66
N ASP K 592 64.46 16.75 29.87
CA ASP K 592 64.03 15.39 30.19
C ASP K 592 62.56 15.36 30.62
N VAL K 593 61.99 16.54 30.84
CA VAL K 593 60.62 16.64 31.33
C VAL K 593 59.61 16.58 30.20
N ARG K 594 58.61 15.71 30.35
CA ARG K 594 57.52 15.61 29.38
C ARG K 594 56.18 15.92 30.04
N VAL K 595 55.33 16.66 29.34
CA VAL K 595 54.04 17.06 29.88
C VAL K 595 52.90 16.22 29.29
N ILE K 596 52.17 15.56 30.18
CA ILE K 596 51.04 14.72 29.83
C ILE K 596 49.72 15.46 30.03
N GLU K 597 48.92 15.49 28.96
CA GLU K 597 47.58 16.06 28.97
C GLU K 597 47.55 17.51 29.46
N GLU K 598 48.64 18.22 29.21
CA GLU K 598 48.79 19.64 29.56
C GLU K 598 48.61 19.87 31.05
N CYS K 599 48.80 18.83 31.84
CA CYS K 599 48.59 18.90 33.29
C CYS K 599 49.76 18.30 34.06
N HIS K 600 49.98 16.99 33.86
CA HIS K 600 50.91 16.23 34.70
C HIS K 600 52.31 16.22 34.11
N TYR K 601 53.33 16.22 34.96
CA TYR K 601 54.69 16.27 34.45
C TYR K 601 55.52 15.04 34.86
N THR K 602 56.17 14.44 33.87
CA THR K 602 56.95 13.23 34.08
C THR K 602 58.39 13.44 33.62
N VAL K 603 59.28 12.54 34.03
CA VAL K 603 60.69 12.64 33.64
C VAL K 603 61.13 11.42 32.83
N LEU K 604 61.93 11.66 31.80
CA LEU K 604 62.43 10.58 30.94
C LEU K 604 63.93 10.39 31.16
N GLY K 605 64.38 9.15 30.94
CA GLY K 605 65.79 8.82 31.08
C GLY K 605 66.07 8.03 32.34
N ASP K 606 67.15 7.26 32.31
CA ASP K 606 67.53 6.41 33.44
C ASP K 606 68.34 7.19 34.47
N ALA K 607 68.79 8.37 34.09
CA ALA K 607 69.59 9.21 34.98
C ALA K 607 68.78 9.67 36.19
N PHE K 608 67.51 9.99 35.95
CA PHE K 608 66.62 10.46 37.00
C PHE K 608 66.16 9.31 37.89
N LYS K 609 66.11 8.11 37.32
CA LYS K 609 65.61 6.94 38.03
C LYS K 609 66.45 6.60 39.26
N GLU K 610 67.72 6.99 39.25
CA GLU K 610 68.61 6.72 40.36
C GLU K 610 68.65 7.88 41.35
N CYS K 611 67.94 8.96 41.02
CA CYS K 611 67.90 10.13 41.88
C CYS K 611 66.74 10.09 42.87
N PHE K 612 65.85 9.11 42.69
CA PHE K 612 64.69 9.00 43.58
C PHE K 612 64.37 7.56 43.95
N VAL K 613 63.68 7.40 45.07
CA VAL K 613 63.20 6.10 45.52
C VAL K 613 61.68 6.11 45.62
N SER K 614 61.06 4.94 45.58
CA SER K 614 59.60 4.86 45.62
C SER K 614 59.10 3.99 46.76
N ARG K 615 58.00 4.40 47.38
CA ARG K 615 57.39 3.60 48.45
C ARG K 615 55.87 3.58 48.29
N PRO K 616 55.22 2.42 48.57
CA PRO K 616 53.79 2.26 48.31
C PRO K 616 52.93 3.37 48.91
N HIS K 617 52.01 3.90 48.10
CA HIS K 617 51.19 5.06 48.48
C HIS K 617 50.24 4.73 49.61
N PRO K 618 50.20 5.58 50.65
CA PRO K 618 49.33 5.37 51.80
C PRO K 618 47.85 5.38 51.43
N LYS K 619 47.46 6.25 50.51
CA LYS K 619 46.08 6.34 50.05
C LYS K 619 46.01 6.33 48.53
N PRO K 620 46.13 5.14 47.92
CA PRO K 620 46.09 5.01 46.45
C PRO K 620 44.71 5.34 45.89
N LYS K 621 44.69 6.16 44.84
CA LYS K 621 43.45 6.53 44.18
C LYS K 621 43.60 6.46 42.67
N GLN K 622 42.47 6.49 41.96
CA GLN K 622 42.48 6.51 40.51
C GLN K 622 41.90 7.82 39.99
N PHE K 623 42.75 8.65 39.42
CA PHE K 623 42.30 9.92 38.85
C PHE K 623 42.52 9.94 37.34
N SER K 624 41.46 10.27 36.61
CA SER K 624 41.49 10.29 35.15
C SER K 624 42.01 8.98 34.57
N SER K 625 43.04 9.07 33.73
CA SER K 625 43.63 7.91 33.09
C SER K 625 44.81 7.35 33.88
N PHE K 626 45.05 7.92 35.06
CA PHE K 626 46.20 7.56 35.88
C PHE K 626 45.82 6.68 37.07
N GLU K 627 46.73 5.80 37.47
CA GLU K 627 46.54 5.01 38.68
C GLU K 627 47.69 5.21 39.66
N LYS K 628 47.40 5.78 40.82
CA LYS K 628 48.42 5.99 41.85
C LYS K 628 48.90 4.67 42.44
N ARG K 629 50.22 4.50 42.51
CA ARG K 629 50.78 3.31 43.13
C ARG K 629 51.81 3.66 44.18
N ALA K 630 52.88 4.35 43.77
CA ALA K 630 53.96 4.68 44.70
C ALA K 630 54.19 6.17 44.86
N LYS K 631 54.85 6.52 45.96
CA LYS K 631 55.28 7.87 46.27
C LYS K 631 56.76 8.03 46.00
N ILE K 632 57.15 9.22 45.53
CA ILE K 632 58.53 9.52 45.16
C ILE K 632 59.25 10.31 46.23
N PHE K 633 60.44 9.86 46.62
CA PHE K 633 61.27 10.58 47.58
C PHE K 633 62.69 10.74 47.06
N CYS K 634 63.44 11.66 47.64
CA CYS K 634 64.81 11.90 47.24
C CYS K 634 65.73 10.77 47.69
N ALA K 635 66.54 10.26 46.76
CA ALA K 635 67.43 9.14 47.04
C ALA K 635 68.75 9.59 47.65
N ARG K 636 69.04 10.89 47.56
CA ARG K 636 70.30 11.43 48.07
C ARG K 636 70.33 11.36 49.59
N GLN K 637 71.36 10.69 50.11
CA GLN K 637 71.60 10.56 51.55
C GLN K 637 70.33 10.23 52.34
N ASN K 638 70.13 10.94 53.44
CA ASN K 638 68.95 10.76 54.28
C ASN K 638 67.84 11.78 54.01
N CYS K 639 68.02 12.61 52.99
CA CYS K 639 67.10 13.70 52.69
C CYS K 639 65.63 13.26 52.58
N SER K 640 65.38 12.31 51.68
CA SER K 640 64.04 11.71 51.52
C SER K 640 62.91 12.73 51.37
N HIS K 641 63.14 13.78 50.59
CA HIS K 641 62.12 14.80 50.36
C HIS K 641 61.09 14.32 49.34
N ASP K 642 59.83 14.70 49.53
CA ASP K 642 58.76 14.20 48.67
C ASP K 642 58.72 14.95 47.34
N TRP K 643 59.01 14.23 46.26
CA TRP K 643 59.01 14.83 44.93
C TRP K 643 57.75 14.64 44.10
N GLY K 644 56.86 13.75 44.51
CA GLY K 644 55.74 13.38 43.66
C GLY K 644 55.23 11.97 43.89
N ILE K 645 54.60 11.40 42.86
CA ILE K 645 54.03 10.06 42.95
C ILE K 645 54.45 9.17 41.77
N HIS K 646 54.30 7.86 41.91
CA HIS K 646 54.55 6.96 40.79
C HIS K 646 53.24 6.32 40.34
N VAL K 647 52.93 6.51 39.06
CA VAL K 647 51.62 6.10 38.56
C VAL K 647 51.67 5.21 37.33
N LYS K 648 50.56 4.53 37.08
CA LYS K 648 50.37 3.76 35.86
C LYS K 648 49.52 4.56 34.89
N TYR K 649 50.09 4.83 33.72
CA TYR K 649 49.44 5.60 32.67
C TYR K 649 49.51 4.82 31.37
N LYS K 650 48.35 4.41 30.86
CA LYS K 650 48.26 3.51 29.72
C LYS K 650 49.01 2.20 30.03
N THR K 651 49.92 1.82 29.16
CA THR K 651 50.75 0.64 29.41
C THR K 651 51.98 1.00 30.23
N PHE K 652 52.29 2.29 30.27
CA PHE K 652 53.52 2.77 30.92
C PHE K 652 53.40 2.87 32.44
N GLU K 653 54.51 2.64 33.11
CA GLU K 653 54.62 2.91 34.54
C GLU K 653 55.64 4.01 34.73
N ILE K 654 55.18 5.21 35.10
CA ILE K 654 56.06 6.37 35.09
C ILE K 654 55.94 7.24 36.35
N PRO K 655 57.00 7.98 36.67
CA PRO K 655 56.98 8.97 37.75
C PRO K 655 56.27 10.25 37.35
N VAL K 656 55.70 10.93 38.33
CA VAL K 656 55.05 12.23 38.14
C VAL K 656 55.53 13.18 39.24
N ILE K 657 56.14 14.27 38.84
CA ILE K 657 56.77 15.20 39.77
C ILE K 657 56.05 16.54 39.85
N LYS K 658 56.15 17.18 41.01
CA LYS K 658 55.57 18.50 41.20
C LYS K 658 56.67 19.54 41.38
N ILE K 659 56.57 20.64 40.62
CA ILE K 659 57.56 21.71 40.67
C ILE K 659 57.57 22.38 42.04
N GLU K 660 56.52 22.14 42.81
CA GLU K 660 56.41 22.66 44.18
C GLU K 660 57.55 22.14 45.06
N SER K 661 58.03 20.95 44.75
CA SER K 661 59.08 20.31 45.55
C SER K 661 60.48 20.56 44.98
N PHE K 662 60.58 21.33 43.90
CA PHE K 662 61.87 21.60 43.28
C PHE K 662 62.17 23.09 43.19
N VAL K 663 63.46 23.41 43.13
CA VAL K 663 63.93 24.76 42.88
C VAL K 663 64.61 24.80 41.52
N VAL K 664 64.22 25.76 40.69
CA VAL K 664 64.73 25.83 39.31
C VAL K 664 65.94 26.73 39.21
N GLU K 665 67.05 26.17 38.74
CA GLU K 665 68.26 26.95 38.51
C GLU K 665 68.59 27.01 37.03
N ASP K 666 68.87 28.20 36.53
CA ASP K 666 69.28 28.37 35.14
C ASP K 666 70.79 28.28 35.02
N ILE K 667 71.26 27.42 34.13
CA ILE K 667 72.67 27.10 34.02
C ILE K 667 73.53 28.31 33.66
N ALA K 668 73.03 29.14 32.74
CA ALA K 668 73.76 30.30 32.28
C ALA K 668 73.82 31.40 33.35
N THR K 669 72.66 31.81 33.86
CA THR K 669 72.63 32.97 34.75
C THR K 669 73.02 32.62 36.20
N GLY K 670 72.56 31.49 36.70
CA GLY K 670 72.85 31.09 38.07
C GLY K 670 71.73 31.33 39.06
N VAL K 671 70.71 32.10 38.65
CA VAL K 671 69.61 32.41 39.56
C VAL K 671 68.77 31.17 39.90
N GLN K 672 68.37 31.07 41.16
CA GLN K 672 67.49 29.99 41.59
C GLN K 672 66.12 30.55 41.98
N THR K 673 65.09 30.03 41.34
CA THR K 673 63.73 30.52 41.58
C THR K 673 62.77 29.38 41.94
N LEU K 674 61.77 29.72 42.74
CA LEU K 674 60.79 28.75 43.23
C LEU K 674 59.44 28.94 42.55
N TYR K 675 58.82 27.82 42.17
CA TYR K 675 57.49 27.86 41.56
C TYR K 675 56.53 26.96 42.33
N SER K 676 55.37 27.51 42.67
CA SER K 676 54.36 26.74 43.40
C SER K 676 53.60 25.81 42.47
N LYS K 677 53.29 26.32 41.27
CA LYS K 677 52.53 25.55 40.29
C LYS K 677 53.30 25.42 38.98
N TRP K 678 53.00 24.38 38.21
CA TRP K 678 53.64 24.18 36.93
C TRP K 678 53.21 25.23 35.91
N LYS K 679 51.99 25.71 36.06
CA LYS K 679 51.43 26.69 35.13
C LYS K 679 52.13 28.04 35.23
N ASP K 680 52.74 28.31 36.38
CA ASP K 680 53.46 29.56 36.59
C ASP K 680 54.91 29.44 36.11
N PHE K 681 55.34 28.21 35.83
CA PHE K 681 56.67 27.96 35.31
C PHE K 681 56.62 27.94 33.79
N HIS K 682 57.21 28.96 33.17
CA HIS K 682 57.16 29.07 31.72
C HIS K 682 58.48 28.66 31.08
N PHE K 683 58.46 27.51 30.42
CA PHE K 683 59.61 27.02 29.67
C PHE K 683 59.07 26.24 28.49
N GLU K 684 59.96 25.66 27.68
CA GLU K 684 59.48 24.90 26.53
C GLU K 684 58.99 23.55 27.01
N LYS K 685 57.70 23.30 26.84
CA LYS K 685 57.09 22.09 27.36
C LYS K 685 56.85 21.09 26.24
N ILE K 686 57.63 20.01 26.25
CA ILE K 686 57.53 19.01 25.20
C ILE K 686 56.45 18.00 25.54
N PRO K 687 55.46 17.85 24.65
CA PRO K 687 54.37 16.90 24.81
C PRO K 687 54.88 15.47 24.98
N PHE K 688 54.13 14.64 25.72
CA PHE K 688 54.55 13.28 25.99
C PHE K 688 54.24 12.35 24.81
N ASP K 689 55.27 11.67 24.33
CA ASP K 689 55.12 10.72 23.22
C ASP K 689 55.36 9.29 23.68
N PRO K 690 54.36 8.42 23.49
CA PRO K 690 54.46 7.00 23.82
C PRO K 690 55.57 6.27 23.06
N ALA K 691 56.03 6.87 21.95
CA ALA K 691 57.03 6.24 21.10
C ALA K 691 58.44 6.32 21.69
N GLU K 692 58.65 7.25 22.61
CA GLU K 692 59.95 7.42 23.24
C GLU K 692 60.11 6.53 24.46
#